data_8JHZ
#
_entry.id   8JHZ
#
_cell.length_a   1.00
_cell.length_b   1.00
_cell.length_c   1.00
_cell.angle_alpha   90.00
_cell.angle_beta   90.00
_cell.angle_gamma   90.00
#
_symmetry.space_group_name_H-M   'P 1'
#
loop_
_entity.id
_entity.type
_entity.pdbx_description
1 polymer 'Hemorrhagic toxin'
2 polymer 'Transmembrane protease serine 2'
3 non-polymer 'ZINC ION'
#
loop_
_entity_poly.entity_id
_entity_poly.type
_entity_poly.pdbx_seq_one_letter_code
_entity_poly.pdbx_strand_id
1 'polypeptide(L)'
;MSLISKDELIKLAYSIKPREDEYKTILTNLDEYNKLVTINNKDKYLQLKKLNDSIDIFINKYKKSSRNRALFNLKKDISK
EVILIKNSNISPVEKNLHFVWIGGEVSDTALEYINQWADINRDYNIRVWYDGEAFLVNTLKKAIVEHSTTDTLQLFEEDI
KNPQFDNMKFYKKRMEFIYERQNRFINYYKSEINKPIKPTIDDIIKSHLVSEYNKNSESLELYRRTSFEKISNNNGVDIR
NNNLFTEQELLNIYNQELLDRENLAAASDLVRLLALKDFGGVYLDVDMLPGIQPDLFKTISRPSSIGVDSWEMIKLEAIM
KYKKYIKNYTSKNFDKLDQQLKDDFQITLESKSEKSEIFSKLGNLDVSDLEIKIAFALGSVINQALISKKGSYLTNLVIE
QVKNRYKFLNQHLNPAIELGGNFSDTTKNFHDSLFNSATSENSMFLTKIASYLQVGFMPEARATISLSGPGAYSSAYYDF
INLQDNTIEKTLNASDLMEFKFPESNLSQFTEQEIN(SEP)LWSFDQASAKYQFEKYVRDYTQESLSEDSELDFNKNTVL
DKNYLLNNKIPSNNVEETGSKNYVHYIIQLQGDDISYESACNLFSKNPKNSVIIQRNMNESAKSYFLSDNGESISELNKY
RIPQRLKNKEKIKVTFIGHGKDEFNTSEFAKLSVDSLSNEISSFLDIMKLDISPKNVEINLLGCNMFSYNVNVEETYPGK
LLLNNIDKIISTLPNVNKDNITIGANQYEVRINNEGRKELLDHSGQWLNKEEAIMNDLSSKEYIFFDSIENRPKAKSKNL
IELASISDNIKTLLLDTNIDPETKFILNNLKLNIESSIDNNIYYEKLEPVKNIIHNSIDNLTNEFNLIENVSDELYELKK
INNLDDNYLISFEDISKNDSTYTIRFINKNSGESVHIQTEKEIFLKYGEHITQEINTIKNNIIIDVNGNLIGNIELEHAP
QVNTLNAAFFIQSLIDYSNNKDVLNNLRTSVKVQLYAQLFSTGLNTIYDSIQLVNLISNAINDAINVLPTLTEGVPILAT
ILDGISLGAAIKELSETNDPLLKKELEAKVGIIAINMSLSLASMISTVIGVGSELAIFLLPIAGISAGIPSLVNNELILH
DKATSVVNYFTHLSESKKYGPFKLEDDKILSPIDDLVISEIDFNTDSIKLGTCDILSMEGGSGYTVTNDIDHFFSSPYIN
SNIPPLSIYPVMNIQTTNLDFSKDLMMLPNAPSRLLWWETGAVPGLRSLETDGTRLLDSIRDFYPGKFYWRFYAWFDFAI
TTLKPVYENTNIKIKLDKNTRNFIMPTITTDVIRNNLSYSFTGSGGTYSLLLSSHPISTNINLSKDDLWIFNIDNKVREI
SIQNGTIKKGNLVRNALSNLDINKNKLTIDNQIINFSGDVDNKYRYIFLNCSLDDEISLMIEINLFAKSYNLILSGNKDY
LISNLSTIINKINNLGLNSKNISYNYTDEFNNKYFGVISKTNQKSIICYKKGSKNILELYNGNMLLFDSKDFIADDINIF
MKDDINTITGKYYIDNNLDISVDFSISLISKNKVKVNGLYLNEYGYASFLEFIKNSDGHHNTSNFINLFLDNIGFWKLFG
FNNIEFVIDKYFAITGKTDMGYIEFICDNNKNIDIYFGEWKTSSTKNTIFSGNGRNLIVEPIYDINAGDNISTSIDFSYE
YISGIDIYINKILIVPNLYTELVNINTDYSSNKYFPEIIVLNTDTFHDKVNINLDSSSLDYEWAIDGSDFILSRYLEENN
RKILQKIRIKDILSNTKSFNKMMIDFKDIKNISLDHIMNNFKSFNSESELDRDHFGFKTIDSKTYYYNEVGKLVKGSINI
NDSLFYFDTIESNLVTGWKTINGKTYYFDINNGVAYIGYKTIDGKNFYFDGNGIMQIGVFKVPDGFKYFAPANTYNNNEE
GQTIVYQNKFLTINGKKYYFDNNSKAVTGWQIINGNKYYFDTNTGIAAVGLQIINNNKYYFNPHTAIAATGWQSINNAKY
YFDINTYIGTTGYKTIDSKNFYFDSNCIMQIGVFKVSDGFKYFAPANTYNNNEEGQAIVYQNKFLTINGKRYYFDNNSKA
VTGWHTIDGKKYYFNPNTAIAATGWHTIDDKKYYFNPDTAIAATGWHTIDDKKYYFNPNTGITSTGETTINNKSFYFNDK
GIMQIGVFKVPDGFKYFAPANTHNNNLEGQAIVYQNKFLTINGKKYYFDNNSKAITGWQVIDDKKYYFNSNTAVADTNLC
TINNEKYYFSYDGILQNGYITIGRLNFYFDSNNDSKMTTGVFKGPNGFEYFAPANTYNNNLEGQAIVYQNKFLTINGKKY
YFDNKSKAVTGWQTIDGKKYYFNPNTAIAAMGWQAIDGKKYYFNPNTAIATTGWQTIDGKKYYFNPNTAIAATGWQAIDG
KKYYFNPNTATTSIGYTTINSKNFYFNNDGIMQLGVFKGPDGFEYFAPANTHNNNEEGQSITYQNKFLIFNEDVYYFDSS
SKAVTGWRTIDDHRFYFEPNTGIGANGYKTLDGKNFYFRNGLPQFGVFKGPDGFEYFAPANTHNNNEEGQSITYQNKFLV
FLGNRYYFDSSSKAVTGWQTINGNTYYFMPDTAIAAAGGFFTIDGAIYFFGIDGVKQPGIYGHHHHHHHH
;
A
2 'polypeptide(L)'
;MGILPSPGMPALLSLVSLLSVLLMGCVAETGHHHHHHWKFMGSKCSNSGIECDSSGTCINPSNWCDGVSHCPGGEDENRC
VRLYGPNFILQVYSSQRKSWHPVCQDDWNENYGRAACRDMGYKNNFYSSQGIVDDSGSTSFMKLNTSAGNVDIYKKLYHS
DACSSKAVVSLRCIACGVNLNSSRQSQIVGGESALPGAWPWQVSLHVQNVHVCGGSIITPEWIVTAAHCVEKPLNNPWHW
TAFAGILRQSFMFYGAGYQVEKVISHPNYDSKTKNNDIALMKLQKPLTFNDLVKPVCLPNPGMMLQPEQLCWISGWGATE
EKGKTSEVLNAAKVLLIETQRCNSRYVYDNLITPAMICAGFLQGNVDSCQGDSGGPLVTSKNNIWWLIGDTSWGSGCAKA
YRPGVYGNVMVFTDWIYRQMRADG
;
B
#
loop_
_chem_comp.id
_chem_comp.type
_chem_comp.name
_chem_comp.formula
ZN non-polymer 'ZINC ION' 'Zn 2'
#
# COMPACT_ATOMS: atom_id res chain seq x y z
N SER A 2 -7.33 -53.98 32.44
CA SER A 2 -7.48 -55.33 31.91
C SER A 2 -6.83 -55.44 30.54
N LEU A 3 -7.11 -56.57 29.87
CA LEU A 3 -6.64 -56.78 28.50
C LEU A 3 -7.41 -55.92 27.51
N ILE A 4 -6.86 -55.75 26.31
CA ILE A 4 -7.60 -55.14 25.22
C ILE A 4 -8.79 -56.01 24.86
N SER A 5 -9.84 -55.39 24.33
CA SER A 5 -11.03 -56.15 23.98
C SER A 5 -10.89 -56.79 22.60
N LYS A 6 -11.90 -57.56 22.23
CA LYS A 6 -11.83 -58.44 21.07
C LYS A 6 -11.54 -57.68 19.77
N ASP A 7 -12.35 -56.67 19.46
CA ASP A 7 -12.26 -56.07 18.13
C ASP A 7 -10.97 -55.28 17.95
N GLU A 8 -10.44 -54.65 19.00
CA GLU A 8 -9.14 -54.00 18.87
C GLU A 8 -8.06 -55.01 18.53
N LEU A 9 -8.12 -56.20 19.11
CA LEU A 9 -7.19 -57.25 18.71
C LEU A 9 -7.42 -57.62 17.25
N ILE A 10 -8.68 -57.72 16.84
CA ILE A 10 -9.00 -58.06 15.45
C ILE A 10 -8.34 -57.07 14.50
N LYS A 11 -8.34 -55.78 14.86
CA LYS A 11 -7.66 -54.79 14.06
C LYS A 11 -6.14 -54.95 14.13
N LEU A 12 -5.62 -55.21 15.33
CA LEU A 12 -4.18 -55.30 15.51
C LEU A 12 -3.60 -56.53 14.83
N ALA A 13 -4.24 -57.68 14.98
CA ALA A 13 -3.67 -58.95 14.51
C ALA A 13 -4.05 -59.23 13.07
N TYR A 14 -4.10 -58.17 12.26
CA TYR A 14 -4.56 -58.31 10.88
C TYR A 14 -3.54 -59.05 10.02
N SER A 15 -4.04 -59.91 9.16
CA SER A 15 -3.24 -60.60 8.16
C SER A 15 -4.12 -60.87 6.94
N ILE A 16 -3.48 -61.03 5.78
CA ILE A 16 -4.22 -61.22 4.54
C ILE A 16 -4.98 -62.54 4.53
N LYS A 17 -4.46 -63.55 5.20
CA LYS A 17 -5.06 -64.88 5.16
C LYS A 17 -6.33 -64.94 6.01
N PRO A 18 -7.24 -65.86 5.71
CA PRO A 18 -8.46 -65.98 6.52
C PRO A 18 -8.12 -66.30 7.97
N ARG A 19 -9.12 -66.19 8.85
CA ARG A 19 -8.92 -66.56 10.24
C ARG A 19 -8.85 -68.07 10.37
N GLU A 20 -7.69 -68.56 10.82
CA GLU A 20 -7.53 -69.97 11.12
C GLU A 20 -8.40 -70.37 12.32
N ASP A 21 -8.48 -71.67 12.58
CA ASP A 21 -9.27 -72.13 13.70
C ASP A 21 -8.71 -71.63 15.03
N GLU A 22 -7.39 -71.67 15.17
CA GLU A 22 -6.76 -71.27 16.43
C GLU A 22 -6.95 -69.79 16.71
N TYR A 23 -6.98 -68.97 15.67
CA TYR A 23 -7.26 -67.56 15.89
C TYR A 23 -8.68 -67.34 16.39
N LYS A 24 -9.63 -68.13 15.87
CA LYS A 24 -10.98 -68.09 16.41
C LYS A 24 -11.01 -68.50 17.89
N THR A 25 -10.26 -69.55 18.24
CA THR A 25 -10.23 -69.99 19.63
C THR A 25 -9.65 -68.91 20.54
N ILE A 26 -8.59 -68.24 20.09
CA ILE A 26 -8.01 -67.16 20.86
C ILE A 26 -9.01 -66.05 21.08
N LEU A 27 -9.72 -65.65 20.02
CA LEU A 27 -10.72 -64.60 20.16
C LEU A 27 -11.82 -65.02 21.13
N THR A 28 -12.25 -66.27 21.07
CA THR A 28 -13.29 -66.74 21.97
C THR A 28 -12.84 -66.67 23.42
N ASN A 29 -11.64 -67.17 23.72
CA ASN A 29 -11.15 -67.14 25.10
C ASN A 29 -10.93 -65.72 25.58
N LEU A 30 -10.45 -64.84 24.71
CA LEU A 30 -10.24 -63.46 25.13
C LEU A 30 -11.54 -62.78 25.48
N ASP A 31 -12.57 -62.95 24.64
CA ASP A 31 -13.86 -62.34 24.96
C ASP A 31 -14.48 -62.97 26.21
N GLU A 32 -14.37 -64.29 26.36
CA GLU A 32 -14.88 -64.92 27.57
C GLU A 32 -14.23 -64.34 28.81
N TYR A 33 -12.92 -64.08 28.76
CA TYR A 33 -12.26 -63.49 29.91
C TYR A 33 -12.75 -62.07 30.17
N ASN A 34 -12.85 -61.27 29.11
CA ASN A 34 -13.15 -59.85 29.31
C ASN A 34 -14.46 -59.61 30.02
N LYS A 35 -15.37 -60.58 30.03
CA LYS A 35 -16.69 -60.42 30.61
C LYS A 35 -16.84 -61.12 31.96
N LEU A 36 -15.79 -61.75 32.46
CA LEU A 36 -15.89 -62.62 33.64
C LEU A 36 -16.01 -61.76 34.89
N VAL A 37 -17.23 -61.65 35.42
CA VAL A 37 -17.51 -60.92 36.65
C VAL A 37 -17.64 -61.88 37.83
N THR A 38 -16.58 -62.05 38.59
CA THR A 38 -16.58 -62.85 39.81
C THR A 38 -15.58 -62.27 40.80
N ILE A 39 -15.87 -62.41 42.09
CA ILE A 39 -14.91 -61.98 43.11
C ILE A 39 -13.92 -63.08 43.48
N ASN A 40 -14.18 -64.32 43.09
CA ASN A 40 -13.27 -65.43 43.31
C ASN A 40 -12.11 -65.33 42.32
N ASN A 41 -10.96 -64.83 42.79
CA ASN A 41 -9.83 -64.61 41.89
C ASN A 41 -9.36 -65.89 41.21
N LYS A 42 -9.65 -67.04 41.80
CA LYS A 42 -9.18 -68.29 41.22
C LYS A 42 -9.76 -68.52 39.84
N ASP A 43 -11.02 -68.13 39.63
CA ASP A 43 -11.62 -68.32 38.31
C ASP A 43 -11.02 -67.37 37.28
N LYS A 44 -10.77 -66.12 37.67
CA LYS A 44 -10.08 -65.20 36.78
C LYS A 44 -8.73 -65.77 36.37
N TYR A 45 -7.99 -66.31 37.35
CA TYR A 45 -6.66 -66.83 37.05
C TYR A 45 -6.74 -68.03 36.13
N LEU A 46 -7.71 -68.92 36.35
CA LEU A 46 -7.83 -70.07 35.47
C LEU A 46 -8.22 -69.67 34.05
N GLN A 47 -9.01 -68.60 33.92
CA GLN A 47 -9.33 -68.10 32.58
C GLN A 47 -8.10 -67.52 31.90
N LEU A 48 -7.29 -66.77 32.64
CA LEU A 48 -6.03 -66.31 32.06
C LEU A 48 -5.16 -67.49 31.62
N LYS A 49 -5.13 -68.55 32.43
CA LYS A 49 -4.33 -69.72 32.09
C LYS A 49 -4.80 -70.34 30.78
N LYS A 50 -6.12 -70.48 30.62
CA LYS A 50 -6.65 -71.08 29.40
C LYS A 50 -6.34 -70.22 28.18
N LEU A 51 -6.52 -68.90 28.31
CA LEU A 51 -6.20 -68.00 27.20
C LEU A 51 -4.73 -68.12 26.81
N ASN A 52 -3.84 -68.13 27.80
CA ASN A 52 -2.41 -68.21 27.52
C ASN A 52 -2.04 -69.51 26.83
N ASP A 53 -2.63 -70.62 27.27
CA ASP A 53 -2.37 -71.89 26.61
C ASP A 53 -2.77 -71.84 25.14
N SER A 54 -3.94 -71.28 24.85
CA SER A 54 -4.38 -71.20 23.45
C SER A 54 -3.46 -70.34 22.61
N ILE A 55 -3.01 -69.21 23.15
CA ILE A 55 -2.09 -68.34 22.42
C ILE A 55 -0.81 -69.08 22.11
N ASP A 56 -0.29 -69.82 23.08
CA ASP A 56 0.97 -70.54 22.85
C ASP A 56 0.80 -71.58 21.75
N ILE A 57 -0.33 -72.31 21.76
CA ILE A 57 -0.57 -73.29 20.71
C ILE A 57 -0.50 -72.64 19.34
N PHE A 58 -1.24 -71.55 19.15
CA PHE A 58 -1.25 -70.94 17.82
C PHE A 58 0.14 -70.44 17.44
N ILE A 59 0.82 -69.73 18.33
CA ILE A 59 2.12 -69.16 17.98
C ILE A 59 3.09 -70.27 17.59
N ASN A 60 3.01 -71.42 18.25
CA ASN A 60 3.90 -72.51 17.89
C ASN A 60 3.53 -73.15 16.56
N LYS A 61 2.25 -73.09 16.17
CA LYS A 61 1.88 -73.80 14.94
C LYS A 61 2.18 -72.99 13.67
N TYR A 62 2.19 -71.66 13.77
CA TYR A 62 2.33 -70.81 12.59
C TYR A 62 3.46 -69.80 12.75
N LYS A 63 4.66 -70.28 13.03
CA LYS A 63 5.78 -69.44 13.42
C LYS A 63 6.06 -68.30 12.44
N LYS A 64 5.62 -68.43 11.19
CA LYS A 64 5.96 -67.44 10.17
C LYS A 64 4.86 -66.43 9.93
N SER A 65 3.76 -66.47 10.67
CA SER A 65 2.62 -65.64 10.35
C SER A 65 2.88 -64.19 10.69
N SER A 66 2.04 -63.31 10.16
CA SER A 66 2.21 -61.87 10.38
C SER A 66 1.51 -61.39 11.63
N ARG A 67 0.53 -62.13 12.14
CA ARG A 67 -0.21 -61.65 13.30
C ARG A 67 0.58 -61.82 14.60
N ASN A 68 1.56 -62.73 14.61
CA ASN A 68 2.21 -63.10 15.87
C ASN A 68 2.69 -61.90 16.65
N ARG A 69 3.18 -60.87 15.97
CA ARG A 69 3.62 -59.68 16.68
C ARG A 69 2.59 -59.26 17.71
N ALA A 70 1.38 -58.93 17.25
CA ALA A 70 0.33 -58.54 18.19
C ALA A 70 0.12 -59.60 19.24
N LEU A 71 -0.05 -60.86 18.82
CA LEU A 71 -0.29 -61.92 19.79
C LEU A 71 0.82 -61.99 20.82
N PHE A 72 2.06 -61.80 20.38
CA PHE A 72 3.15 -61.90 21.34
C PHE A 72 3.00 -60.85 22.42
N ASN A 73 2.72 -59.61 22.04
CA ASN A 73 2.54 -58.58 23.06
C ASN A 73 1.40 -58.93 23.99
N LEU A 74 0.35 -59.57 23.44
CA LEU A 74 -0.76 -60.01 24.28
C LEU A 74 -0.24 -60.87 25.43
N LYS A 75 0.63 -61.83 25.13
CA LYS A 75 1.20 -62.65 26.19
C LYS A 75 1.87 -61.79 27.23
N LYS A 76 2.73 -60.86 26.80
CA LYS A 76 3.35 -59.95 27.74
C LYS A 76 2.30 -59.34 28.66
N ASP A 77 1.24 -58.79 28.07
CA ASP A 77 0.25 -58.09 28.88
C ASP A 77 -0.39 -59.02 29.88
N ILE A 78 -0.66 -60.26 29.48
CA ILE A 78 -1.29 -61.21 30.39
C ILE A 78 -0.47 -61.32 31.66
N SER A 79 0.85 -61.39 31.51
CA SER A 79 1.70 -61.49 32.70
C SER A 79 1.45 -60.33 33.64
N LYS A 80 1.49 -59.10 33.12
CA LYS A 80 1.22 -57.94 33.97
C LYS A 80 -0.16 -58.03 34.56
N GLU A 81 -1.12 -58.52 33.78
CA GLU A 81 -2.49 -58.67 34.26
C GLU A 81 -2.53 -59.48 35.54
N VAL A 82 -1.70 -60.51 35.65
CA VAL A 82 -1.74 -61.37 36.82
C VAL A 82 -1.53 -60.54 38.08
N ILE A 83 -0.57 -59.61 38.03
CA ILE A 83 -0.30 -58.79 39.21
C ILE A 83 -1.54 -58.03 39.64
N LEU A 84 -2.28 -57.49 38.68
CA LEU A 84 -3.49 -56.74 39.03
C LEU A 84 -4.51 -57.64 39.72
N ILE A 85 -4.59 -58.90 39.32
CA ILE A 85 -5.47 -59.82 40.02
C ILE A 85 -4.96 -60.05 41.44
N LYS A 86 -3.65 -60.14 41.60
CA LYS A 86 -3.08 -60.47 42.89
C LYS A 86 -3.30 -59.34 43.89
N ASN A 87 -3.14 -58.09 43.44
CA ASN A 87 -3.14 -56.94 44.31
C ASN A 87 -4.53 -56.39 44.60
N SER A 88 -5.59 -57.13 44.28
CA SER A 88 -6.94 -56.78 44.65
C SER A 88 -7.49 -57.76 45.67
N ASN A 89 -8.58 -57.36 46.33
CA ASN A 89 -9.29 -58.22 47.27
C ASN A 89 -8.39 -58.75 48.38
N ILE A 90 -7.43 -57.92 48.80
CA ILE A 90 -6.56 -58.33 49.91
C ILE A 90 -7.35 -58.29 51.20
N SER A 91 -7.06 -59.23 52.08
CA SER A 91 -7.76 -59.35 53.36
C SER A 91 -6.78 -59.85 54.40
N PRO A 92 -7.01 -59.54 55.68
CA PRO A 92 -6.07 -59.96 56.73
C PRO A 92 -5.92 -61.47 56.82
N VAL A 93 -4.69 -61.90 57.09
CA VAL A 93 -4.40 -63.32 57.25
C VAL A 93 -5.04 -63.82 58.55
N GLU A 94 -5.30 -65.13 58.60
CA GLU A 94 -5.81 -65.77 59.81
C GLU A 94 -4.89 -65.49 60.99
N LYS A 95 -5.45 -65.48 62.19
CA LYS A 95 -4.67 -65.20 63.40
C LYS A 95 -4.02 -66.49 63.93
N ASN A 96 -3.03 -66.97 63.19
CA ASN A 96 -2.27 -68.15 63.59
C ASN A 96 -0.79 -67.87 63.48
N LEU A 97 0.00 -68.49 64.35
CA LEU A 97 1.46 -68.40 64.33
C LEU A 97 2.03 -69.80 64.51
N HIS A 98 2.81 -70.26 63.54
CA HIS A 98 3.30 -71.63 63.53
C HIS A 98 4.81 -71.65 63.78
N PHE A 99 5.26 -72.61 64.58
CA PHE A 99 6.67 -72.97 64.70
C PHE A 99 6.75 -74.49 64.58
N VAL A 100 7.93 -75.01 64.31
CA VAL A 100 8.11 -76.45 64.10
C VAL A 100 9.38 -76.91 64.81
N TRP A 101 9.26 -77.98 65.59
CA TRP A 101 10.42 -78.60 66.23
C TRP A 101 10.21 -80.10 66.30
N ILE A 102 10.99 -80.85 65.54
CA ILE A 102 10.85 -82.30 65.40
C ILE A 102 12.15 -82.98 65.77
N GLY A 103 12.03 -84.17 66.35
CA GLY A 103 13.16 -85.06 66.50
C GLY A 103 13.90 -84.99 67.81
N GLY A 104 13.50 -84.13 68.73
CA GLY A 104 14.20 -84.05 70.00
C GLY A 104 13.53 -83.08 70.93
N GLU A 105 14.13 -82.92 72.11
CA GLU A 105 13.60 -81.99 73.09
C GLU A 105 13.88 -80.56 72.65
N VAL A 106 12.88 -79.69 72.81
CA VAL A 106 13.03 -78.30 72.39
C VAL A 106 13.90 -77.55 73.40
N SER A 107 14.86 -76.79 72.88
CA SER A 107 15.80 -76.09 73.74
C SER A 107 15.15 -74.87 74.37
N ASP A 108 15.73 -74.42 75.49
CA ASP A 108 15.15 -73.29 76.22
C ASP A 108 15.30 -71.98 75.46
N THR A 109 16.39 -71.81 74.72
CA THR A 109 16.60 -70.57 73.98
C THR A 109 15.50 -70.38 72.94
N ALA A 110 15.17 -71.46 72.22
CA ALA A 110 14.05 -71.40 71.30
C ALA A 110 12.78 -70.97 72.01
N LEU A 111 12.55 -71.49 73.21
CA LEU A 111 11.33 -71.14 73.93
C LEU A 111 11.32 -69.67 74.34
N GLU A 112 12.49 -69.11 74.65
CA GLU A 112 12.52 -67.68 74.96
C GLU A 112 12.20 -66.86 73.71
N TYR A 113 12.78 -67.22 72.57
CA TYR A 113 12.45 -66.52 71.33
C TYR A 113 10.97 -66.63 71.02
N ILE A 114 10.35 -67.77 71.37
CA ILE A 114 8.93 -67.96 71.11
C ILE A 114 8.09 -67.10 72.03
N ASN A 115 8.44 -67.06 73.32
CA ASN A 115 7.69 -66.24 74.27
C ASN A 115 7.76 -64.77 73.90
N GLN A 116 8.86 -64.32 73.31
CA GLN A 116 8.90 -62.94 72.84
C GLN A 116 7.81 -62.67 71.80
N TRP A 117 7.48 -63.68 70.99
CA TRP A 117 6.40 -63.51 70.02
C TRP A 117 5.05 -63.62 70.69
N ALA A 118 4.93 -64.52 71.66
CA ALA A 118 3.64 -64.74 72.31
C ALA A 118 3.20 -63.53 73.11
N ASP A 119 4.14 -62.81 73.71
CA ASP A 119 3.77 -61.79 74.69
C ASP A 119 3.17 -60.55 74.02
N ILE A 120 3.70 -60.13 72.88
CA ILE A 120 3.25 -58.86 72.32
C ILE A 120 2.18 -59.08 71.26
N ASN A 121 1.95 -60.34 70.90
CA ASN A 121 0.97 -60.70 69.87
C ASN A 121 -0.12 -61.61 70.43
N ARG A 122 -0.74 -61.21 71.54
CA ARG A 122 -1.65 -62.07 72.28
C ARG A 122 -2.93 -62.42 71.54
N ASP A 123 -3.23 -61.79 70.41
CA ASP A 123 -4.40 -62.18 69.64
C ASP A 123 -4.11 -63.26 68.60
N TYR A 124 -2.90 -63.83 68.60
CA TYR A 124 -2.48 -64.85 67.66
C TYR A 124 -2.33 -66.20 68.34
N ASN A 125 -2.82 -67.25 67.69
CA ASN A 125 -2.76 -68.60 68.26
C ASN A 125 -1.37 -69.19 68.01
N ILE A 126 -0.59 -69.38 69.06
CA ILE A 126 0.72 -69.98 68.91
C ILE A 126 0.59 -71.50 68.86
N ARG A 127 1.30 -72.12 67.90
CA ARG A 127 1.34 -73.57 67.76
C ARG A 127 2.80 -73.97 67.56
N VAL A 128 3.27 -74.95 68.32
CA VAL A 128 4.59 -75.53 68.11
C VAL A 128 4.36 -76.97 67.66
N TRP A 129 4.55 -77.22 66.37
CA TRP A 129 4.30 -78.55 65.84
C TRP A 129 5.43 -79.49 66.23
N TYR A 130 5.08 -80.71 66.62
CA TYR A 130 6.09 -81.69 66.97
C TYR A 130 5.59 -83.07 66.58
N ASP A 131 6.52 -84.02 66.53
CA ASP A 131 6.21 -85.39 66.16
C ASP A 131 6.26 -86.25 67.41
N GLY A 132 5.10 -86.60 67.94
CA GLY A 132 5.03 -87.29 69.21
C GLY A 132 5.61 -88.68 69.23
N GLU A 133 5.90 -89.24 68.06
CA GLU A 133 6.44 -90.59 67.98
C GLU A 133 7.88 -90.63 67.50
N ALA A 134 8.58 -89.51 67.49
CA ALA A 134 9.95 -89.48 66.99
C ALA A 134 10.84 -88.63 67.86
N PHE A 135 10.76 -88.83 69.18
CA PHE A 135 11.57 -88.02 70.08
C PHE A 135 13.00 -88.49 70.20
N LEU A 136 13.31 -89.70 69.73
CA LEU A 136 14.64 -90.28 69.90
C LEU A 136 15.45 -90.32 68.61
N VAL A 137 14.99 -89.68 67.53
CA VAL A 137 15.68 -89.79 66.25
C VAL A 137 17.05 -89.14 66.30
N ASN A 138 17.12 -87.93 66.84
CA ASN A 138 18.41 -87.24 66.88
C ASN A 138 19.43 -87.99 67.72
N THR A 139 18.99 -88.68 68.78
CA THR A 139 19.91 -89.50 69.55
C THR A 139 20.44 -90.65 68.72
N LEU A 140 19.60 -91.29 67.92
CA LEU A 140 20.05 -92.33 67.02
C LEU A 140 21.11 -91.80 66.05
N LYS A 141 20.84 -90.64 65.46
CA LYS A 141 21.81 -90.07 64.53
C LYS A 141 23.14 -89.79 65.22
N LYS A 142 23.10 -89.19 66.40
CA LYS A 142 24.33 -88.88 67.11
C LYS A 142 25.10 -90.15 67.46
N ALA A 143 24.39 -91.21 67.84
CA ALA A 143 25.07 -92.46 68.15
C ALA A 143 25.76 -93.04 66.92
N ILE A 144 25.06 -93.01 65.78
CA ILE A 144 25.67 -93.50 64.54
C ILE A 144 26.95 -92.73 64.24
N VAL A 145 26.88 -91.41 64.32
CA VAL A 145 28.04 -90.58 63.99
C VAL A 145 29.18 -90.85 64.98
N GLU A 146 28.86 -90.99 66.27
CA GLU A 146 29.92 -91.19 67.26
C GLU A 146 30.66 -92.49 67.03
N HIS A 147 29.92 -93.58 66.85
CA HIS A 147 30.58 -94.87 66.67
C HIS A 147 31.37 -94.92 65.37
N SER A 148 30.81 -94.40 64.28
CA SER A 148 31.55 -94.42 63.02
C SER A 148 32.80 -93.55 63.11
N THR A 149 32.71 -92.40 63.80
CA THR A 149 33.87 -91.55 63.98
C THR A 149 34.98 -92.27 64.73
N THR A 150 34.61 -92.95 65.82
CA THR A 150 35.63 -93.64 66.61
C THR A 150 36.25 -94.78 65.80
N ASP A 151 35.45 -95.56 65.10
CA ASP A 151 36.00 -96.63 64.27
C ASP A 151 36.97 -96.08 63.23
N THR A 152 36.63 -94.96 62.59
CA THR A 152 37.48 -94.44 61.54
C THR A 152 38.77 -93.86 62.11
N LEU A 153 38.69 -93.16 63.24
CA LEU A 153 39.91 -92.67 63.86
C LEU A 153 40.81 -93.83 64.27
N GLN A 154 40.21 -94.93 64.74
CA GLN A 154 41.01 -96.09 65.11
C GLN A 154 41.72 -96.68 63.89
N LEU A 155 41.01 -96.76 62.76
CA LEU A 155 41.59 -97.41 61.58
C LEU A 155 42.76 -96.62 61.02
N PHE A 156 42.67 -95.29 61.05
CA PHE A 156 43.75 -94.44 60.57
C PHE A 156 44.72 -94.02 61.66
N GLU A 157 44.75 -94.76 62.78
CA GLU A 157 45.46 -94.30 63.97
C GLU A 157 46.93 -94.04 63.72
N GLU A 158 47.54 -94.73 62.76
CA GLU A 158 48.95 -94.51 62.48
C GLU A 158 49.14 -93.25 61.64
N ASP A 159 48.19 -92.97 60.74
CA ASP A 159 48.34 -91.88 59.79
C ASP A 159 47.93 -90.54 60.39
N ILE A 160 46.98 -90.56 61.34
CA ILE A 160 46.34 -89.33 61.79
C ILE A 160 47.31 -88.37 62.45
N LYS A 161 48.45 -88.84 62.92
CA LYS A 161 49.43 -87.93 63.49
C LYS A 161 50.33 -87.32 62.43
N ASN A 162 50.26 -87.81 61.19
CA ASN A 162 50.98 -87.20 60.09
C ASN A 162 50.28 -85.92 59.66
N PRO A 163 50.93 -84.75 59.74
CA PRO A 163 50.27 -83.51 59.33
C PRO A 163 49.88 -83.48 57.86
N GLN A 164 50.45 -84.35 57.03
CA GLN A 164 50.07 -84.46 55.62
C GLN A 164 48.71 -85.09 55.40
N PHE A 165 47.94 -85.31 56.47
CA PHE A 165 46.69 -86.04 56.33
C PHE A 165 45.66 -85.20 55.57
N ASP A 166 45.10 -85.79 54.50
CA ASP A 166 43.99 -85.20 53.78
C ASP A 166 42.70 -85.71 54.41
N ASN A 167 42.04 -84.85 55.20
CA ASN A 167 40.90 -85.29 55.98
C ASN A 167 39.75 -85.78 55.13
N MET A 168 39.78 -85.55 53.80
CA MET A 168 38.75 -86.11 52.95
C MET A 168 38.77 -87.64 52.97
N LYS A 169 39.95 -88.23 53.16
CA LYS A 169 39.99 -89.68 53.36
C LYS A 169 39.25 -90.07 54.62
N PHE A 170 39.47 -89.33 55.70
CA PHE A 170 38.75 -89.58 56.94
C PHE A 170 37.25 -89.51 56.71
N TYR A 171 36.80 -88.47 55.99
CA TYR A 171 35.37 -88.27 55.81
C TYR A 171 34.76 -89.33 54.91
N LYS A 172 35.46 -89.75 53.87
CA LYS A 172 34.92 -90.81 53.02
C LYS A 172 34.80 -92.11 53.79
N LYS A 173 35.83 -92.46 54.56
CA LYS A 173 35.75 -93.68 55.36
C LYS A 173 34.59 -93.61 56.35
N ARG A 174 34.47 -92.47 57.04
CA ARG A 174 33.37 -92.31 57.99
C ARG A 174 32.04 -92.46 57.29
N MET A 175 31.91 -91.91 56.08
CA MET A 175 30.62 -91.97 55.39
C MET A 175 30.30 -93.40 54.98
N GLU A 176 31.33 -94.19 54.64
CA GLU A 176 31.09 -95.60 54.35
C GLU A 176 30.54 -96.33 55.57
N PHE A 177 31.14 -96.07 56.73
CA PHE A 177 30.62 -96.69 57.95
C PHE A 177 29.18 -96.25 58.23
N ILE A 178 28.89 -94.97 58.04
CA ILE A 178 27.55 -94.46 58.33
C ILE A 178 26.54 -95.05 57.38
N TYR A 179 26.93 -95.25 56.12
CA TYR A 179 26.01 -95.86 55.16
C TYR A 179 25.70 -97.28 55.54
N GLU A 180 26.73 -98.03 55.97
CA GLU A 180 26.50 -99.38 56.48
C GLU A 180 25.49 -99.38 57.63
N ARG A 181 25.70 -98.52 58.62
CA ARG A 181 24.81 -98.54 59.78
C ARG A 181 23.40 -98.10 59.42
N GLN A 182 23.26 -97.16 58.49
CA GLN A 182 21.95 -96.72 58.07
C GLN A 182 21.18 -97.85 57.39
N ASN A 183 21.84 -98.58 56.50
CA ASN A 183 21.17 -99.74 55.91
C ASN A 183 20.78 -100.76 56.98
N ARG A 184 21.63 -100.94 57.98
CA ARG A 184 21.29 -101.88 59.05
C ARG A 184 19.99 -101.48 59.74
N PHE A 185 19.91 -100.22 60.18
CA PHE A 185 18.71 -99.78 60.87
C PHE A 185 17.49 -99.85 59.96
N ILE A 186 17.65 -99.54 58.68
CA ILE A 186 16.51 -99.56 57.78
C ILE A 186 15.96 -100.97 57.65
N ASN A 187 16.85 -101.96 57.51
CA ASN A 187 16.38 -103.34 57.44
C ASN A 187 15.70 -103.77 58.73
N TYR A 188 16.26 -103.36 59.87
CA TYR A 188 15.63 -103.68 61.15
C TYR A 188 14.22 -103.09 61.23
N TYR A 189 14.08 -101.83 60.84
CA TYR A 189 12.78 -101.17 60.90
C TYR A 189 11.79 -101.83 59.96
N LYS A 190 12.23 -102.20 58.76
CA LYS A 190 11.34 -102.88 57.84
C LYS A 190 10.89 -104.23 58.38
N SER A 191 11.77 -104.92 59.11
CA SER A 191 11.36 -106.20 59.68
C SER A 191 10.43 -106.02 60.87
N GLU A 192 10.60 -104.94 61.63
CA GLU A 192 9.82 -104.74 62.85
C GLU A 192 8.43 -104.18 62.59
N ILE A 193 8.32 -103.16 61.72
CA ILE A 193 7.03 -102.50 61.57
C ILE A 193 5.99 -103.41 60.93
N ASN A 194 6.42 -104.51 60.31
CA ASN A 194 5.50 -105.37 59.56
C ASN A 194 4.79 -106.38 60.45
N LYS A 195 4.96 -106.29 61.76
CA LYS A 195 4.34 -107.24 62.67
C LYS A 195 2.82 -107.03 62.72
N PRO A 196 2.07 -108.03 63.18
CA PRO A 196 0.63 -107.83 63.39
C PRO A 196 0.30 -106.73 64.39
N ILE A 197 1.08 -106.59 65.46
CA ILE A 197 0.97 -105.48 66.38
C ILE A 197 2.06 -104.46 66.05
N LYS A 198 1.64 -103.23 65.76
CA LYS A 198 2.54 -102.16 65.37
C LYS A 198 3.15 -101.46 66.57
N PRO A 199 4.46 -101.55 66.76
CA PRO A 199 5.14 -100.66 67.71
C PRO A 199 5.42 -99.30 67.07
N THR A 200 5.55 -98.30 67.92
CA THR A 200 5.85 -96.97 67.45
C THR A 200 7.33 -96.84 67.10
N ILE A 201 7.68 -95.74 66.44
CA ILE A 201 9.05 -95.54 65.98
C ILE A 201 10.00 -95.42 67.17
N ASP A 202 9.55 -94.77 68.23
CA ASP A 202 10.42 -94.57 69.39
C ASP A 202 10.77 -95.89 70.05
N ASP A 203 9.84 -96.84 70.10
CA ASP A 203 10.13 -98.13 70.70
C ASP A 203 11.15 -98.89 69.87
N ILE A 204 11.03 -98.83 68.55
CA ILE A 204 11.99 -99.50 67.68
C ILE A 204 13.37 -98.88 67.83
N ILE A 205 13.44 -97.56 67.88
CA ILE A 205 14.72 -96.89 68.07
C ILE A 205 15.33 -97.27 69.41
N LYS A 206 14.50 -97.36 70.46
CA LYS A 206 15.01 -97.70 71.78
C LYS A 206 15.55 -99.12 71.81
N SER A 207 14.79 -100.07 71.25
CA SER A 207 15.28 -101.44 71.17
C SER A 207 16.59 -101.52 70.40
N HIS A 208 16.67 -100.83 69.27
CA HIS A 208 17.88 -100.93 68.45
C HIS A 208 19.06 -100.27 69.15
N LEU A 209 18.84 -99.14 69.81
CA LEU A 209 19.93 -98.47 70.52
C LEU A 209 20.46 -99.34 71.65
N VAL A 210 19.56 -99.89 72.48
CA VAL A 210 19.99 -100.70 73.62
C VAL A 210 20.65 -101.98 73.13
N SER A 211 20.18 -102.52 72.00
CA SER A 211 20.75 -103.76 71.51
C SER A 211 22.13 -103.55 70.91
N GLU A 212 22.34 -102.43 70.21
CA GLU A 212 23.54 -102.31 69.39
C GLU A 212 24.58 -101.36 69.97
N TYR A 213 24.18 -100.20 70.49
CA TYR A 213 25.15 -99.20 70.95
C TYR A 213 25.22 -99.11 72.47
N ASN A 214 24.59 -100.05 73.18
CA ASN A 214 24.71 -100.16 74.63
C ASN A 214 24.18 -98.94 75.36
N LYS A 215 22.99 -98.48 74.97
CA LYS A 215 22.33 -97.42 75.73
C LYS A 215 21.48 -98.02 76.85
N ASN A 216 21.32 -97.26 77.92
CA ASN A 216 20.47 -97.67 79.04
C ASN A 216 19.01 -97.39 78.70
N SER A 217 18.18 -98.42 78.72
CA SER A 217 16.78 -98.26 78.30
C SER A 217 16.03 -97.30 79.21
N GLU A 218 16.30 -97.36 80.52
CA GLU A 218 15.59 -96.48 81.44
C GLU A 218 15.92 -95.02 81.17
N SER A 219 17.16 -94.72 80.80
CA SER A 219 17.52 -93.34 80.49
C SER A 219 16.77 -92.85 79.26
N LEU A 220 16.65 -93.70 78.24
CA LEU A 220 15.91 -93.32 77.04
C LEU A 220 14.45 -93.06 77.36
N GLU A 221 13.85 -93.91 78.20
CA GLU A 221 12.46 -93.69 78.56
C GLU A 221 12.28 -92.39 79.32
N LEU A 222 13.19 -92.10 80.24
CA LEU A 222 13.11 -90.83 80.98
C LEU A 222 13.24 -89.64 80.04
N TYR A 223 14.16 -89.74 79.08
CA TYR A 223 14.37 -88.67 78.12
C TYR A 223 13.11 -88.42 77.29
N ARG A 224 12.52 -89.50 76.78
CA ARG A 224 11.28 -89.36 76.03
C ARG A 224 10.21 -88.68 76.88
N ARG A 225 10.08 -89.09 78.15
CA ARG A 225 9.01 -88.54 78.97
C ARG A 225 9.22 -87.05 79.23
N THR A 226 10.44 -86.65 79.57
CA THR A 226 10.66 -85.23 79.86
C THR A 226 10.46 -84.38 78.62
N SER A 227 10.95 -84.83 77.46
CA SER A 227 10.74 -84.07 76.23
C SER A 227 9.25 -83.90 75.95
N PHE A 228 8.49 -84.99 76.08
CA PHE A 228 7.07 -84.91 75.80
C PHE A 228 6.38 -83.91 76.70
N GLU A 229 6.61 -84.03 78.01
CA GLU A 229 5.88 -83.16 78.93
C GLU A 229 6.25 -81.70 78.73
N LYS A 230 7.53 -81.43 78.44
CA LYS A 230 7.94 -80.05 78.18
C LYS A 230 7.19 -79.46 76.99
N ILE A 231 7.27 -80.12 75.83
CA ILE A 231 6.66 -79.53 74.65
C ILE A 231 5.15 -79.49 74.79
N SER A 232 4.57 -80.43 75.56
CA SER A 232 3.14 -80.38 75.79
C SER A 232 2.75 -79.18 76.64
N ASN A 233 3.58 -78.83 77.62
CA ASN A 233 3.30 -77.65 78.43
C ASN A 233 3.63 -76.35 77.72
N ASN A 234 4.23 -76.39 76.53
CA ASN A 234 4.55 -75.14 75.82
C ASN A 234 3.80 -75.02 74.49
N ASN A 235 2.49 -75.27 74.51
CA ASN A 235 1.61 -75.13 73.34
C ASN A 235 1.88 -76.17 72.26
N GLY A 236 2.38 -77.34 72.63
CA GLY A 236 2.70 -78.36 71.65
C GLY A 236 1.49 -78.86 70.89
N VAL A 237 1.65 -79.12 69.59
CA VAL A 237 0.60 -79.69 68.75
C VAL A 237 1.20 -80.88 68.02
N ASP A 238 0.53 -82.03 68.10
CA ASP A 238 1.05 -83.24 67.49
C ASP A 238 0.74 -83.28 66.01
N ILE A 239 1.72 -83.73 65.21
CA ILE A 239 1.51 -83.87 63.78
C ILE A 239 0.53 -84.99 63.46
N ARG A 240 0.71 -86.14 64.07
CA ARG A 240 -0.07 -87.32 63.71
C ARG A 240 -1.50 -87.22 64.24
N ASN A 241 -1.70 -86.49 65.33
CA ASN A 241 -3.05 -86.30 65.87
C ASN A 241 -3.88 -85.35 65.02
N ASN A 242 -3.25 -84.46 64.25
CA ASN A 242 -3.99 -83.47 63.50
C ASN A 242 -4.17 -83.81 62.03
N ASN A 243 -3.81 -85.03 61.62
CA ASN A 243 -4.15 -85.55 60.29
C ASN A 243 -3.58 -84.65 59.20
N LEU A 244 -2.26 -84.48 59.20
CA LEU A 244 -1.63 -83.58 58.24
C LEU A 244 -1.39 -84.27 56.90
N PHE A 245 -0.85 -85.49 56.91
CA PHE A 245 -0.43 -86.17 55.68
C PHE A 245 -1.59 -86.98 55.15
N THR A 246 -2.42 -86.35 54.31
CA THR A 246 -3.56 -87.05 53.72
C THR A 246 -3.20 -87.81 52.46
N GLU A 247 -2.10 -87.43 51.80
CA GLU A 247 -1.63 -88.10 50.59
C GLU A 247 -0.54 -89.08 50.97
N GLN A 248 -0.56 -90.27 50.38
CA GLN A 248 0.47 -91.26 50.68
C GLN A 248 1.84 -90.81 50.21
N GLU A 249 1.90 -90.02 49.13
CA GLU A 249 3.19 -89.64 48.57
C GLU A 249 3.95 -88.71 49.50
N LEU A 250 3.27 -87.72 50.06
CA LEU A 250 3.92 -86.83 51.01
C LEU A 250 4.37 -87.58 52.25
N LEU A 251 3.58 -88.55 52.71
CA LEU A 251 3.98 -89.33 53.87
C LEU A 251 5.21 -90.16 53.56
N ASN A 252 5.30 -90.70 52.34
CA ASN A 252 6.49 -91.43 51.94
C ASN A 252 7.71 -90.52 51.93
N ILE A 253 7.56 -89.29 51.42
CA ILE A 253 8.69 -88.36 51.43
C ILE A 253 9.11 -88.06 52.85
N TYR A 254 8.15 -87.81 53.74
CA TYR A 254 8.46 -87.51 55.13
C TYR A 254 9.19 -88.65 55.80
N ASN A 255 8.74 -89.89 55.56
CA ASN A 255 9.43 -91.03 56.15
C ASN A 255 10.83 -91.18 55.61
N GLN A 256 10.99 -91.05 54.28
CA GLN A 256 12.31 -91.18 53.67
C GLN A 256 13.29 -90.16 54.25
N GLU A 257 12.80 -88.95 54.55
CA GLU A 257 13.70 -87.94 55.09
C GLU A 257 13.96 -88.15 56.58
N LEU A 258 12.95 -88.55 57.33
CA LEU A 258 13.11 -88.63 58.78
C LEU A 258 13.90 -89.86 59.18
N LEU A 259 13.54 -91.02 58.65
CA LEU A 259 14.07 -92.29 59.12
C LEU A 259 15.28 -92.78 58.33
N ASP A 260 15.21 -92.77 57.01
CA ASP A 260 16.29 -93.33 56.22
C ASP A 260 17.53 -92.46 56.21
N ARG A 261 17.39 -91.16 56.42
CA ARG A 261 18.51 -90.24 56.36
C ARG A 261 18.70 -89.44 57.63
N GLU A 262 17.72 -89.43 58.54
CA GLU A 262 17.75 -88.61 59.75
C GLU A 262 17.97 -87.14 59.43
N ASN A 263 17.34 -86.68 58.35
CA ASN A 263 17.45 -85.29 57.92
C ASN A 263 16.26 -84.51 58.47
N LEU A 264 16.46 -83.94 59.66
CA LEU A 264 15.37 -83.21 60.31
C LEU A 264 14.99 -81.94 59.56
N ALA A 265 15.93 -81.37 58.81
CA ALA A 265 15.64 -80.12 58.11
C ALA A 265 14.61 -80.32 57.00
N ALA A 266 14.76 -81.36 56.20
CA ALA A 266 13.80 -81.60 55.13
C ALA A 266 12.43 -81.98 55.68
N ALA A 267 12.41 -82.75 56.76
CA ALA A 267 11.15 -83.04 57.43
C ALA A 267 10.46 -81.76 57.86
N SER A 268 11.21 -80.83 58.45
CA SER A 268 10.63 -79.55 58.84
C SER A 268 10.13 -78.77 57.64
N ASP A 269 10.80 -78.86 56.49
CA ASP A 269 10.31 -78.15 55.31
C ASP A 269 8.95 -78.66 54.88
N LEU A 270 8.82 -79.99 54.72
CA LEU A 270 7.52 -80.52 54.37
C LEU A 270 6.46 -80.11 55.39
N VAL A 271 6.79 -80.20 56.68
CA VAL A 271 5.77 -79.97 57.70
C VAL A 271 5.35 -78.50 57.72
N ARG A 272 6.29 -77.59 57.48
CA ARG A 272 5.93 -76.18 57.45
C ARG A 272 4.96 -75.91 56.30
N LEU A 273 5.22 -76.51 55.14
CA LEU A 273 4.34 -76.27 54.00
C LEU A 273 2.94 -76.82 54.27
N LEU A 274 2.86 -78.03 54.81
CA LEU A 274 1.55 -78.65 55.01
C LEU A 274 0.77 -77.95 56.12
N ALA A 275 1.45 -77.47 57.15
CA ALA A 275 0.77 -76.70 58.19
C ALA A 275 0.18 -75.41 57.61
N LEU A 276 0.97 -74.67 56.82
CA LEU A 276 0.41 -73.48 56.20
C LEU A 276 -0.76 -73.82 55.29
N LYS A 277 -0.68 -74.93 54.56
CA LYS A 277 -1.76 -75.29 53.64
C LYS A 277 -3.04 -75.64 54.39
N ASP A 278 -2.94 -76.35 55.50
CA ASP A 278 -4.13 -76.81 56.21
C ASP A 278 -4.72 -75.75 57.13
N PHE A 279 -3.93 -74.86 57.69
CA PHE A 279 -4.46 -73.90 58.66
C PHE A 279 -4.34 -72.44 58.25
N GLY A 280 -3.37 -72.07 57.44
CA GLY A 280 -3.16 -70.67 57.12
C GLY A 280 -2.53 -69.94 58.28
N GLY A 281 -1.93 -68.78 58.00
CA GLY A 281 -1.28 -68.00 59.03
C GLY A 281 0.12 -67.58 58.65
N VAL A 282 0.98 -67.49 59.66
CA VAL A 282 2.36 -67.05 59.50
C VAL A 282 3.27 -68.13 60.09
N TYR A 283 4.20 -68.60 59.29
CA TYR A 283 5.24 -69.51 59.78
C TYR A 283 6.50 -68.73 60.08
N LEU A 284 7.16 -69.10 61.17
CA LEU A 284 8.38 -68.44 61.63
C LEU A 284 9.37 -69.47 62.13
N ASP A 285 10.65 -69.22 61.88
CA ASP A 285 11.69 -70.04 62.49
C ASP A 285 11.72 -69.82 63.99
N VAL A 286 12.44 -70.68 64.69
CA VAL A 286 12.52 -70.59 66.15
C VAL A 286 13.57 -69.58 66.55
N ASP A 287 14.15 -68.88 65.59
CA ASP A 287 15.06 -67.81 66.00
C ASP A 287 14.88 -66.55 65.20
N MET A 288 13.64 -66.21 64.94
CA MET A 288 13.25 -64.88 64.47
C MET A 288 12.58 -64.11 65.61
N LEU A 289 12.90 -62.82 65.70
CA LEU A 289 12.36 -61.94 66.73
C LEU A 289 11.55 -60.81 66.12
N PRO A 290 10.60 -60.23 66.88
CA PRO A 290 9.73 -59.21 66.30
C PRO A 290 10.49 -57.96 65.89
N GLY A 291 9.93 -57.23 64.94
CA GLY A 291 10.59 -56.03 64.45
C GLY A 291 10.61 -54.93 65.50
N ILE A 292 11.74 -54.22 65.56
CA ILE A 292 11.85 -53.07 66.46
C ILE A 292 11.10 -51.90 65.86
N GLN A 293 10.53 -51.06 66.73
CA GLN A 293 9.79 -49.88 66.31
C GLN A 293 10.64 -49.00 65.40
N PRO A 294 10.06 -48.41 64.35
CA PRO A 294 10.88 -47.68 63.38
C PRO A 294 11.57 -46.46 63.96
N ASP A 295 10.97 -45.81 64.94
CA ASP A 295 11.41 -44.52 65.42
C ASP A 295 12.22 -44.58 66.71
N LEU A 296 12.47 -45.76 67.25
CA LEU A 296 13.08 -45.85 68.57
C LEU A 296 14.48 -45.26 68.56
N PHE A 297 15.34 -45.73 67.64
CA PHE A 297 16.70 -45.22 67.54
C PHE A 297 16.90 -44.31 66.33
N LYS A 298 15.84 -43.65 65.86
CA LYS A 298 15.94 -42.79 64.69
C LYS A 298 16.93 -41.64 64.91
N THR A 299 17.35 -41.41 66.14
CA THR A 299 18.15 -40.25 66.48
C THR A 299 19.65 -40.52 66.54
N ILE A 300 20.08 -41.78 66.57
CA ILE A 300 21.49 -42.13 66.67
C ILE A 300 22.00 -42.42 65.27
N SER A 301 23.11 -41.79 64.91
CA SER A 301 23.69 -41.98 63.59
C SER A 301 24.68 -43.14 63.58
N ARG A 302 24.59 -43.96 62.55
CA ARG A 302 25.48 -45.11 62.41
C ARG A 302 26.88 -44.65 62.03
N PRO A 303 27.92 -45.05 62.76
CA PRO A 303 29.28 -44.68 62.38
C PRO A 303 29.64 -45.27 61.01
N SER A 304 30.61 -44.63 60.35
CA SER A 304 31.06 -45.14 59.06
C SER A 304 31.77 -46.48 59.17
N SER A 305 32.25 -46.84 60.36
CA SER A 305 33.05 -48.04 60.52
C SER A 305 32.23 -49.30 60.77
N ILE A 306 30.90 -49.22 60.73
CA ILE A 306 30.04 -50.38 60.97
C ILE A 306 29.04 -50.51 59.83
N GLY A 307 28.91 -51.72 59.31
CA GLY A 307 27.94 -52.01 58.28
C GLY A 307 26.54 -52.11 58.83
N VAL A 308 25.58 -52.32 57.92
CA VAL A 308 24.17 -52.24 58.29
C VAL A 308 23.76 -53.45 59.13
N ASP A 309 24.18 -54.64 58.73
CA ASP A 309 23.78 -55.84 59.45
C ASP A 309 24.31 -55.84 60.87
N SER A 310 25.57 -55.46 61.04
CA SER A 310 26.12 -55.33 62.38
C SER A 310 25.37 -54.26 63.18
N TRP A 311 24.84 -53.25 62.48
CA TRP A 311 24.07 -52.22 63.18
C TRP A 311 22.77 -52.79 63.73
N GLU A 312 22.05 -53.57 62.93
CA GLU A 312 20.83 -54.21 63.44
C GLU A 312 21.15 -55.17 64.60
N MET A 313 22.22 -55.94 64.46
CA MET A 313 22.60 -56.85 65.53
C MET A 313 22.92 -56.08 66.80
N ILE A 314 23.64 -54.96 66.68
CA ILE A 314 23.97 -54.16 67.84
C ILE A 314 22.72 -53.62 68.50
N LYS A 315 21.74 -53.19 67.72
CA LYS A 315 20.52 -52.67 68.32
C LYS A 315 19.81 -53.73 69.14
N LEU A 316 19.69 -54.94 68.60
CA LEU A 316 19.06 -56.01 69.38
C LEU A 316 19.87 -56.32 70.63
N GLU A 317 21.19 -56.31 70.54
CA GLU A 317 22.02 -56.60 71.71
C GLU A 317 21.82 -55.55 72.78
N ALA A 318 21.74 -54.27 72.40
CA ALA A 318 21.53 -53.21 73.37
C ALA A 318 20.20 -53.38 74.09
N ILE A 319 19.14 -53.65 73.31
CA ILE A 319 17.83 -53.88 73.92
C ILE A 319 17.90 -55.02 74.92
N MET A 320 18.42 -56.17 74.49
CA MET A 320 18.40 -57.34 75.35
C MET A 320 19.33 -57.19 76.55
N LYS A 321 20.34 -56.33 76.45
CA LYS A 321 21.20 -56.08 77.60
C LYS A 321 20.50 -55.20 78.62
N TYR A 322 19.89 -54.11 78.18
CA TYR A 322 19.33 -53.15 79.12
C TYR A 322 17.99 -53.59 79.70
N LYS A 323 17.16 -54.29 78.93
CA LYS A 323 15.87 -54.74 79.44
C LYS A 323 15.90 -56.18 79.95
N LYS A 324 16.85 -56.99 79.50
CA LYS A 324 17.00 -58.36 79.97
C LYS A 324 15.73 -59.18 79.75
N TYR A 325 15.19 -59.11 78.53
CA TYR A 325 14.07 -59.99 78.19
C TYR A 325 14.52 -61.44 78.06
N ILE A 326 15.70 -61.68 77.51
CA ILE A 326 16.18 -63.02 77.22
C ILE A 326 17.43 -63.27 78.04
N LYS A 327 17.57 -64.49 78.54
CA LYS A 327 18.73 -64.87 79.33
C LYS A 327 19.92 -65.18 78.44
N ASN A 328 21.10 -64.76 78.87
CA ASN A 328 22.38 -65.11 78.25
C ASN A 328 22.53 -64.55 76.84
N TYR A 329 21.77 -63.53 76.49
CA TYR A 329 22.02 -62.83 75.23
C TYR A 329 23.34 -62.09 75.32
N THR A 330 24.27 -62.42 74.43
CA THR A 330 25.61 -61.86 74.50
C THR A 330 25.61 -60.38 74.16
N SER A 331 26.70 -59.71 74.50
CA SER A 331 26.90 -58.30 74.19
C SER A 331 28.24 -58.04 73.51
N LYS A 332 28.78 -59.05 72.81
CA LYS A 332 30.16 -58.97 72.33
C LYS A 332 30.35 -57.80 71.37
N ASN A 333 29.40 -57.59 70.46
CA ASN A 333 29.52 -56.50 69.51
C ASN A 333 29.23 -55.15 70.17
N PHE A 334 28.32 -55.15 71.15
CA PHE A 334 27.88 -53.90 71.74
C PHE A 334 29.00 -53.23 72.53
N ASP A 335 29.82 -54.03 73.22
CA ASP A 335 30.84 -53.46 74.10
C ASP A 335 31.94 -52.73 73.35
N LYS A 336 32.15 -53.02 72.07
CA LYS A 336 33.21 -52.39 71.32
C LYS A 336 32.84 -50.98 70.85
N LEU A 337 31.58 -50.58 71.01
CA LEU A 337 31.15 -49.25 70.60
C LEU A 337 31.83 -48.17 71.43
N ASP A 338 31.75 -46.94 70.93
CA ASP A 338 32.18 -45.78 71.69
C ASP A 338 31.27 -45.58 72.90
N GLN A 339 31.74 -44.78 73.86
CA GLN A 339 30.94 -44.55 75.07
C GLN A 339 29.72 -43.67 74.79
N GLN A 340 29.84 -42.69 73.90
CA GLN A 340 28.71 -41.82 73.61
C GLN A 340 27.54 -42.61 73.05
N LEU A 341 27.81 -43.49 72.09
CA LEU A 341 26.73 -44.29 71.51
C LEU A 341 26.10 -45.19 72.57
N LYS A 342 26.91 -45.76 73.45
CA LYS A 342 26.36 -46.60 74.51
C LYS A 342 25.43 -45.80 75.43
N ASP A 343 25.84 -44.58 75.80
CA ASP A 343 24.98 -43.77 76.65
C ASP A 343 23.70 -43.35 75.95
N ASP A 344 23.79 -43.04 74.65
CA ASP A 344 22.57 -42.74 73.90
C ASP A 344 21.63 -43.94 73.88
N PHE A 345 22.19 -45.14 73.71
CA PHE A 345 21.36 -46.34 73.73
C PHE A 345 20.65 -46.48 75.07
N GLN A 346 21.41 -46.36 76.16
CA GLN A 346 20.80 -46.54 77.49
C GLN A 346 19.74 -45.46 77.76
N ILE A 347 20.05 -44.22 77.42
CA ILE A 347 19.08 -43.12 77.59
C ILE A 347 17.80 -43.44 76.84
N THR A 348 17.90 -43.67 75.53
CA THR A 348 16.70 -43.89 74.72
C THR A 348 15.92 -45.09 75.22
N LEU A 349 16.60 -46.07 75.81
CA LEU A 349 15.90 -47.28 76.25
C LEU A 349 15.15 -47.06 77.55
N GLU A 350 15.82 -46.56 78.59
CA GLU A 350 15.24 -46.61 79.92
C GLU A 350 14.01 -45.71 80.06
N SER A 351 13.82 -44.77 79.14
CA SER A 351 12.56 -44.03 79.08
C SER A 351 11.38 -44.89 78.66
N LYS A 352 11.64 -46.05 78.05
CA LYS A 352 10.60 -46.90 77.47
C LYS A 352 10.25 -48.00 78.45
N SER A 353 8.97 -48.09 78.82
CA SER A 353 8.53 -49.06 79.83
C SER A 353 7.88 -50.30 79.23
N GLU A 354 6.88 -50.12 78.36
CA GLU A 354 6.11 -51.23 77.83
C GLU A 354 6.89 -51.97 76.76
N LYS A 355 6.83 -53.30 76.79
CA LYS A 355 7.43 -54.08 75.72
C LYS A 355 6.86 -53.67 74.37
N SER A 356 5.61 -53.21 74.33
CA SER A 356 5.02 -52.78 73.07
C SER A 356 5.61 -51.48 72.57
N GLU A 357 6.34 -50.74 73.41
CA GLU A 357 7.03 -49.55 72.95
C GLU A 357 8.31 -49.85 72.19
N ILE A 358 8.81 -51.08 72.29
CA ILE A 358 10.09 -51.46 71.70
C ILE A 358 9.91 -52.39 70.50
N PHE A 359 9.10 -53.44 70.66
CA PHE A 359 8.79 -54.37 69.59
C PHE A 359 7.43 -54.07 68.99
N SER A 360 7.31 -54.30 67.68
CA SER A 360 6.12 -53.95 66.92
C SER A 360 5.19 -55.16 66.81
N LYS A 361 3.90 -54.95 67.04
CA LYS A 361 2.92 -55.99 66.83
C LYS A 361 2.77 -56.32 65.35
N LEU A 362 2.26 -57.52 65.06
CA LEU A 362 1.95 -57.87 63.68
C LEU A 362 0.70 -57.14 63.20
N GLY A 363 -0.39 -57.25 63.94
CA GLY A 363 -1.60 -56.65 63.44
C GLY A 363 -2.21 -57.47 62.32
N ASN A 364 -2.89 -56.77 61.42
CA ASN A 364 -3.55 -57.40 60.29
C ASN A 364 -2.64 -57.32 59.07
N LEU A 365 -2.16 -58.46 58.60
CA LEU A 365 -1.37 -58.56 57.38
C LEU A 365 -2.29 -58.87 56.22
N ASP A 366 -2.37 -57.97 55.25
CA ASP A 366 -3.27 -58.15 54.11
C ASP A 366 -2.58 -58.96 53.03
N VAL A 367 -3.15 -60.10 52.65
CA VAL A 367 -2.65 -60.92 51.55
C VAL A 367 -3.84 -61.48 50.77
N SER A 368 -3.62 -61.70 49.48
CA SER A 368 -4.66 -62.27 48.64
C SER A 368 -4.70 -63.79 48.77
N ASP A 369 -5.73 -64.40 48.19
CA ASP A 369 -5.90 -65.84 48.27
C ASP A 369 -5.12 -66.60 47.20
N LEU A 370 -4.28 -65.92 46.42
CA LEU A 370 -3.42 -66.58 45.45
C LEU A 370 -1.96 -66.58 45.86
N GLU A 371 -1.56 -65.70 46.76
CA GLU A 371 -0.18 -65.37 46.98
C GLU A 371 0.35 -66.02 48.26
N ILE A 372 1.66 -66.27 48.29
CA ILE A 372 2.39 -66.62 49.49
C ILE A 372 3.62 -65.72 49.57
N LYS A 373 3.90 -65.18 50.75
CA LYS A 373 5.01 -64.25 50.91
C LYS A 373 6.14 -64.89 51.72
N ILE A 374 7.37 -64.61 51.30
CA ILE A 374 8.54 -65.32 51.78
C ILE A 374 9.67 -64.33 52.06
N ALA A 375 10.52 -64.64 53.03
CA ALA A 375 11.45 -63.62 53.49
C ALA A 375 12.57 -63.48 52.47
N PHE A 376 13.32 -62.38 52.56
CA PHE A 376 14.43 -62.13 51.66
C PHE A 376 15.73 -62.01 52.42
N ALA A 377 16.78 -62.61 51.87
CA ALA A 377 18.11 -62.50 52.45
C ALA A 377 19.12 -62.49 51.33
N LEU A 378 20.06 -61.54 51.38
CA LEU A 378 21.11 -61.41 50.38
C LEU A 378 20.53 -61.28 48.97
N GLY A 379 19.33 -60.72 48.87
CA GLY A 379 18.68 -60.52 47.59
C GLY A 379 17.93 -61.73 47.05
N SER A 380 17.94 -62.86 47.75
CA SER A 380 17.28 -64.06 47.27
C SER A 380 16.28 -64.54 48.31
N VAL A 381 15.31 -65.34 47.86
CA VAL A 381 14.24 -65.76 48.74
C VAL A 381 14.79 -66.73 49.78
N ILE A 382 14.15 -66.77 50.94
CA ILE A 382 14.46 -67.75 51.96
C ILE A 382 13.21 -68.01 52.78
N ASN A 383 13.07 -69.24 53.24
CA ASN A 383 11.86 -69.71 53.91
C ASN A 383 11.93 -69.56 55.42
N GLN A 384 12.64 -68.55 55.90
CA GLN A 384 12.64 -68.27 57.32
C GLN A 384 11.24 -67.89 57.82
N ALA A 385 10.51 -67.10 57.05
CA ALA A 385 9.21 -66.60 57.46
C ALA A 385 8.26 -66.59 56.27
N LEU A 386 7.04 -67.06 56.48
CA LEU A 386 6.07 -67.28 55.41
C LEU A 386 4.70 -66.77 55.83
N ILE A 387 3.95 -66.22 54.89
CA ILE A 387 2.57 -65.77 55.11
C ILE A 387 1.69 -66.44 54.08
N SER A 388 0.57 -67.02 54.52
CA SER A 388 -0.32 -67.63 53.55
C SER A 388 -1.71 -67.76 54.11
N LYS A 389 -2.71 -67.59 53.27
CA LYS A 389 -4.07 -67.90 53.69
C LYS A 389 -4.27 -69.40 53.66
N LYS A 390 -5.42 -69.84 54.16
CA LYS A 390 -5.79 -71.24 54.07
C LYS A 390 -6.09 -71.61 52.64
N GLY A 391 -5.41 -72.65 52.14
CA GLY A 391 -5.70 -73.10 50.80
C GLY A 391 -5.24 -72.19 49.69
N SER A 392 -4.16 -71.44 49.89
CA SER A 392 -3.63 -70.57 48.86
C SER A 392 -3.31 -71.38 47.61
N TYR A 393 -3.28 -70.69 46.47
CA TYR A 393 -2.91 -71.36 45.22
C TYR A 393 -1.41 -71.63 45.17
N LEU A 394 -0.61 -70.63 45.51
CA LEU A 394 0.83 -70.79 45.43
C LEU A 394 1.35 -71.84 46.39
N THR A 395 0.68 -72.07 47.51
CA THR A 395 1.12 -73.14 48.40
C THR A 395 1.00 -74.50 47.73
N ASN A 396 -0.11 -74.73 47.03
CA ASN A 396 -0.25 -75.99 46.32
C ASN A 396 0.74 -76.08 45.17
N LEU A 397 1.06 -74.95 44.54
CA LEU A 397 2.11 -74.96 43.52
C LEU A 397 3.44 -75.40 44.12
N VAL A 398 3.80 -74.86 45.29
CA VAL A 398 5.07 -75.22 45.92
C VAL A 398 5.09 -76.69 46.29
N ILE A 399 3.97 -77.22 46.79
CA ILE A 399 3.94 -78.62 47.18
C ILE A 399 4.07 -79.51 45.94
N GLU A 400 3.45 -79.13 44.83
CA GLU A 400 3.62 -79.90 43.62
C GLU A 400 5.07 -79.88 43.14
N GLN A 401 5.75 -78.75 43.32
CA GLN A 401 7.17 -78.69 42.95
C GLN A 401 8.00 -79.62 43.82
N VAL A 402 7.75 -79.63 45.12
CA VAL A 402 8.50 -80.53 46.01
C VAL A 402 8.28 -81.97 45.60
N LYS A 403 7.02 -82.34 45.36
CA LYS A 403 6.71 -83.71 44.99
C LYS A 403 7.37 -84.09 43.68
N ASN A 404 7.40 -83.18 42.70
CA ASN A 404 8.04 -83.49 41.43
C ASN A 404 9.53 -83.71 41.59
N ARG A 405 10.22 -82.82 42.32
CA ARG A 405 11.66 -82.98 42.46
C ARG A 405 12.00 -84.25 43.22
N TYR A 406 11.20 -84.60 44.22
CA TYR A 406 11.47 -85.82 44.97
C TYR A 406 11.18 -87.06 44.14
N LYS A 407 10.16 -87.02 43.29
CA LYS A 407 9.93 -88.14 42.38
C LYS A 407 11.08 -88.29 41.41
N PHE A 408 11.63 -87.25 40.83
CA PHE A 408 12.77 -87.46 39.89
C PHE A 408 13.92 -87.94 40.68
N LEU A 409 14.12 -87.51 41.91
CA LEU A 409 15.24 -88.10 42.63
C LEU A 409 15.04 -89.59 42.88
N ASN A 410 13.90 -89.95 43.46
CA ASN A 410 13.67 -91.34 43.83
C ASN A 410 13.75 -92.27 42.63
N GLN A 411 13.27 -91.82 41.48
CA GLN A 411 13.26 -92.66 40.28
C GLN A 411 14.64 -93.19 39.94
N HIS A 412 15.69 -92.42 40.22
CA HIS A 412 17.06 -92.85 39.98
C HIS A 412 17.71 -93.45 41.22
N LEU A 413 17.31 -93.02 42.42
CA LEU A 413 17.98 -93.49 43.61
C LEU A 413 17.55 -94.89 44.00
N ASN A 414 16.25 -95.19 43.93
CA ASN A 414 15.77 -96.46 44.45
C ASN A 414 16.35 -97.67 43.72
N PRO A 415 16.35 -97.75 42.38
CA PRO A 415 17.01 -98.90 41.74
C PRO A 415 18.47 -99.04 42.10
N ALA A 416 19.17 -97.94 42.35
CA ALA A 416 20.58 -98.04 42.72
C ALA A 416 20.74 -98.58 44.13
N ILE A 417 19.81 -98.25 45.03
CA ILE A 417 19.88 -98.78 46.38
C ILE A 417 19.53 -100.26 46.39
N GLU A 418 18.57 -100.67 45.57
CA GLU A 418 18.03 -102.02 45.65
C GLU A 418 19.07 -103.10 45.41
N LEU A 419 20.17 -102.79 44.72
CA LEU A 419 21.20 -103.80 44.48
C LEU A 419 21.86 -104.26 45.78
N GLY A 420 21.72 -103.50 46.86
CA GLY A 420 22.30 -103.88 48.13
C GLY A 420 23.80 -103.70 48.23
N GLY A 421 24.39 -102.84 47.40
CA GLY A 421 25.82 -102.63 47.44
C GLY A 421 26.26 -101.76 48.60
N ASN A 422 27.57 -101.62 48.72
CA ASN A 422 28.15 -100.71 49.69
C ASN A 422 28.00 -99.27 49.22
N PHE A 423 28.60 -98.35 49.98
CA PHE A 423 28.47 -96.93 49.68
C PHE A 423 29.02 -96.58 48.30
N SER A 424 30.19 -97.09 47.96
CA SER A 424 30.84 -96.68 46.72
C SER A 424 30.07 -97.19 45.51
N ASP A 425 29.59 -98.43 45.56
CA ASP A 425 28.86 -98.99 44.42
C ASP A 425 27.51 -98.31 44.24
N THR A 426 26.82 -98.04 45.35
CA THR A 426 25.59 -97.27 45.27
C THR A 426 25.84 -95.90 44.66
N THR A 427 26.92 -95.24 45.10
CA THR A 427 27.27 -93.94 44.55
C THR A 427 27.46 -94.02 43.04
N LYS A 428 28.25 -94.98 42.57
CA LYS A 428 28.57 -95.07 41.15
C LYS A 428 27.31 -95.38 40.32
N ASN A 429 26.50 -96.33 40.77
CA ASN A 429 25.30 -96.66 40.02
C ASN A 429 24.32 -95.49 40.01
N PHE A 430 24.15 -94.82 41.16
CA PHE A 430 23.29 -93.65 41.22
C PHE A 430 23.76 -92.58 40.24
N HIS A 431 25.06 -92.28 40.24
CA HIS A 431 25.57 -91.23 39.36
C HIS A 431 25.36 -91.57 37.90
N ASP A 432 25.59 -92.83 37.53
CA ASP A 432 25.41 -93.19 36.12
C ASP A 432 23.94 -93.12 35.71
N SER A 433 23.05 -93.70 36.52
CA SER A 433 21.62 -93.61 36.19
C SER A 433 21.17 -92.16 36.14
N LEU A 434 21.83 -91.29 36.92
CA LEU A 434 21.49 -89.88 36.95
C LEU A 434 21.91 -89.20 35.65
N PHE A 435 23.20 -89.21 35.37
CA PHE A 435 23.72 -88.45 34.25
C PHE A 435 23.44 -89.10 32.91
N ASN A 436 22.80 -90.28 32.90
CA ASN A 436 22.30 -90.78 31.63
C ASN A 436 21.10 -90.01 31.10
N SER A 437 20.42 -89.24 31.95
CA SER A 437 19.18 -88.57 31.57
C SER A 437 19.32 -87.06 31.46
N ALA A 438 20.54 -86.54 31.42
CA ALA A 438 20.73 -85.10 31.38
C ALA A 438 20.29 -84.52 30.04
N THR A 439 19.51 -83.46 30.09
CA THR A 439 19.16 -82.66 28.92
C THR A 439 19.50 -81.20 29.18
N SER A 440 19.05 -80.33 28.28
CA SER A 440 19.37 -78.91 28.42
C SER A 440 18.59 -78.22 29.53
N GLU A 441 17.50 -78.80 30.01
CA GLU A 441 16.65 -78.11 30.98
C GLU A 441 16.97 -78.46 32.43
N ASN A 442 17.47 -79.65 32.71
CA ASN A 442 17.74 -80.04 34.08
C ASN A 442 19.20 -80.35 34.35
N SER A 443 20.14 -79.85 33.54
CA SER A 443 21.55 -80.10 33.78
C SER A 443 21.98 -79.58 35.14
N MET A 444 21.61 -78.34 35.47
CA MET A 444 22.01 -77.77 36.76
C MET A 444 21.34 -78.50 37.91
N PHE A 445 20.07 -78.88 37.75
CA PHE A 445 19.38 -79.58 38.82
C PHE A 445 20.04 -80.93 39.09
N LEU A 446 20.31 -81.70 38.04
CA LEU A 446 20.96 -83.00 38.21
C LEU A 446 22.34 -82.84 38.84
N THR A 447 23.10 -81.85 38.39
CA THR A 447 24.41 -81.63 38.99
C THR A 447 24.27 -81.34 40.48
N LYS A 448 23.23 -80.61 40.87
CA LYS A 448 23.09 -80.24 42.28
C LYS A 448 22.68 -81.41 43.15
N ILE A 449 21.72 -82.22 42.72
CA ILE A 449 21.22 -83.28 43.62
C ILE A 449 22.07 -84.55 43.59
N ALA A 450 23.22 -84.53 42.92
CA ALA A 450 24.05 -85.73 42.86
C ALA A 450 24.61 -86.11 44.23
N SER A 451 24.80 -85.16 45.12
CA SER A 451 25.38 -85.40 46.43
C SER A 451 24.33 -85.64 47.50
N TYR A 452 23.21 -86.27 47.15
CA TYR A 452 22.12 -86.48 48.09
C TYR A 452 22.52 -87.40 49.23
N LEU A 453 23.34 -88.41 48.96
CA LEU A 453 23.67 -89.41 49.96
C LEU A 453 24.56 -88.87 51.07
N GLN A 454 25.17 -87.70 50.89
CA GLN A 454 26.18 -87.20 51.81
C GLN A 454 25.73 -86.01 52.62
N VAL A 455 24.46 -85.63 52.55
CA VAL A 455 24.00 -84.41 53.20
C VAL A 455 24.16 -84.52 54.69
N GLY A 456 24.98 -83.65 55.27
CA GLY A 456 25.17 -83.58 56.70
C GLY A 456 26.31 -84.39 57.26
N PHE A 457 27.04 -85.13 56.43
CA PHE A 457 28.13 -85.95 56.94
C PHE A 457 29.45 -85.55 56.30
N MET A 458 29.44 -85.28 55.01
CA MET A 458 30.66 -84.89 54.32
C MET A 458 30.56 -83.43 53.92
N PRO A 459 31.66 -82.70 53.89
CA PRO A 459 31.58 -81.27 53.61
C PRO A 459 31.10 -80.99 52.20
N GLU A 460 30.31 -79.92 52.06
CA GLU A 460 29.86 -79.30 50.82
C GLU A 460 28.74 -80.05 50.12
N ALA A 461 27.96 -80.88 50.81
CA ALA A 461 26.77 -81.52 50.25
C ALA A 461 25.58 -80.59 50.40
N ARG A 462 24.91 -80.24 49.29
CA ARG A 462 23.85 -79.23 49.33
C ARG A 462 22.62 -79.61 48.52
N ALA A 463 22.14 -80.84 48.62
CA ALA A 463 20.94 -81.21 47.88
C ALA A 463 19.68 -80.62 48.48
N THR A 464 19.70 -80.29 49.76
CA THR A 464 18.49 -79.81 50.42
C THR A 464 18.00 -78.50 49.84
N ILE A 465 18.92 -77.66 49.37
CA ILE A 465 18.51 -76.38 48.79
C ILE A 465 17.67 -76.59 47.55
N SER A 466 17.99 -77.62 46.77
CA SER A 466 17.26 -77.88 45.54
C SER A 466 16.03 -78.74 45.73
N LEU A 467 15.98 -79.58 46.76
CA LEU A 467 14.87 -80.53 46.86
C LEU A 467 13.64 -79.89 47.49
N SER A 468 13.75 -79.37 48.70
CA SER A 468 12.63 -78.71 49.36
C SER A 468 12.93 -77.28 49.78
N GLY A 469 14.14 -76.80 49.60
CA GLY A 469 14.49 -75.47 50.00
C GLY A 469 14.02 -74.42 49.03
N PRO A 470 14.72 -73.29 48.99
CA PRO A 470 14.27 -72.15 48.17
C PRO A 470 14.15 -72.41 46.68
N GLY A 471 14.79 -73.47 46.15
CA GLY A 471 14.62 -73.77 44.76
C GLY A 471 13.18 -74.01 44.38
N ALA A 472 12.46 -74.76 45.20
CA ALA A 472 11.05 -75.01 44.94
C ALA A 472 10.24 -73.72 44.96
N TYR A 473 10.59 -72.79 45.83
CA TYR A 473 9.83 -71.54 45.93
C TYR A 473 10.05 -70.66 44.72
N SER A 474 11.30 -70.51 44.28
CA SER A 474 11.55 -69.72 43.08
C SER A 474 10.88 -70.33 41.86
N SER A 475 10.95 -71.66 41.73
CA SER A 475 10.27 -72.31 40.61
C SER A 475 8.76 -72.10 40.69
N ALA A 476 8.18 -72.14 41.89
CA ALA A 476 6.74 -71.92 42.02
C ALA A 476 6.36 -70.52 41.62
N TYR A 477 7.18 -69.53 41.97
CA TYR A 477 6.86 -68.16 41.59
C TYR A 477 6.91 -67.98 40.09
N TYR A 478 7.91 -68.58 39.43
CA TYR A 478 7.95 -68.51 37.97
C TYR A 478 6.72 -69.17 37.35
N ASP A 479 6.36 -70.37 37.82
CA ASP A 479 5.18 -71.04 37.30
C ASP A 479 3.94 -70.21 37.49
N PHE A 480 3.87 -69.48 38.61
CA PHE A 480 2.70 -68.65 38.87
C PHE A 480 2.61 -67.52 37.87
N ILE A 481 3.66 -66.70 37.77
CA ILE A 481 3.54 -65.49 36.97
C ILE A 481 3.49 -65.81 35.48
N ASN A 482 4.22 -66.84 35.04
CA ASN A 482 4.21 -67.19 33.63
C ASN A 482 3.24 -68.33 33.29
N LEU A 483 2.29 -68.61 34.17
CA LEU A 483 1.11 -69.41 33.86
C LEU A 483 1.45 -70.79 33.29
N GLN A 484 2.57 -71.36 33.70
CA GLN A 484 2.94 -72.73 33.37
C GLN A 484 2.87 -73.62 34.60
N ASP A 485 3.41 -74.83 34.46
CA ASP A 485 3.51 -75.77 35.57
C ASP A 485 4.77 -76.62 35.43
N ASN A 486 5.46 -76.82 36.54
CA ASN A 486 6.59 -77.76 36.65
C ASN A 486 7.80 -77.31 35.85
N THR A 487 8.14 -76.03 35.94
CA THR A 487 9.42 -75.59 35.43
C THR A 487 10.51 -75.89 36.45
N ILE A 488 11.68 -76.29 35.93
CA ILE A 488 12.84 -76.57 36.76
C ILE A 488 13.95 -75.62 36.37
N GLU A 489 14.46 -74.88 37.34
CA GLU A 489 15.59 -73.97 37.15
C GLU A 489 15.30 -72.90 36.10
N LYS A 490 14.12 -72.29 36.22
CA LYS A 490 13.84 -70.98 35.64
C LYS A 490 13.64 -69.99 36.77
N THR A 491 13.82 -68.71 36.49
CA THR A 491 13.74 -67.69 37.53
C THR A 491 13.04 -66.42 37.05
N LEU A 492 12.42 -65.72 37.99
CA LEU A 492 11.90 -64.39 37.71
C LEU A 492 12.99 -63.35 37.94
N ASN A 493 12.84 -62.21 37.29
CA ASN A 493 13.75 -61.11 37.53
C ASN A 493 13.43 -60.47 38.88
N ALA A 494 14.42 -59.78 39.45
CA ALA A 494 14.28 -59.29 40.82
C ALA A 494 13.12 -58.31 40.95
N SER A 495 12.82 -57.58 39.88
CA SER A 495 11.73 -56.61 39.93
C SER A 495 10.39 -57.31 40.17
N ASP A 496 10.23 -58.54 39.65
CA ASP A 496 9.01 -59.29 39.91
C ASP A 496 9.04 -59.99 41.26
N LEU A 497 10.21 -60.45 41.71
CA LEU A 497 10.28 -61.07 43.02
C LEU A 497 10.00 -60.07 44.13
N MET A 498 10.24 -58.78 43.87
CA MET A 498 9.95 -57.77 44.88
C MET A 498 8.47 -57.71 45.24
N GLU A 499 7.60 -58.32 44.43
CA GLU A 499 6.17 -58.30 44.72
C GLU A 499 5.82 -59.14 45.94
N PHE A 500 6.53 -60.25 46.15
CA PHE A 500 6.14 -61.24 47.14
C PHE A 500 6.94 -61.13 48.44
N LYS A 501 7.50 -59.98 48.73
CA LYS A 501 8.39 -59.85 49.88
C LYS A 501 7.60 -59.79 51.17
N PHE A 502 8.03 -60.56 52.17
CA PHE A 502 7.51 -60.42 53.51
C PHE A 502 7.81 -59.02 54.02
N PRO A 503 6.82 -58.31 54.56
CA PRO A 503 7.06 -56.93 55.03
C PRO A 503 8.17 -56.85 56.05
N GLU A 504 9.29 -56.22 55.68
CA GLU A 504 10.50 -56.31 56.48
C GLU A 504 10.32 -55.71 57.87
N SER A 505 9.41 -54.75 58.00
CA SER A 505 9.23 -54.06 59.27
C SER A 505 8.74 -54.98 60.38
N ASN A 506 8.31 -56.20 60.06
CA ASN A 506 7.76 -57.11 61.05
C ASN A 506 8.75 -58.16 61.52
N LEU A 507 9.94 -58.23 60.93
CA LEU A 507 10.87 -59.32 61.15
C LEU A 507 12.26 -58.75 61.40
N SER A 508 12.92 -59.23 62.44
CA SER A 508 14.30 -58.87 62.74
C SER A 508 15.14 -60.12 62.56
N GLN A 509 15.72 -60.28 61.38
CA GLN A 509 16.32 -61.55 61.01
C GLN A 509 17.71 -61.75 61.60
N PHE A 510 18.37 -60.67 61.99
CA PHE A 510 19.77 -60.73 62.41
C PHE A 510 19.89 -60.95 63.91
N THR A 511 19.31 -62.04 64.40
CA THR A 511 19.45 -62.42 65.79
C THR A 511 20.73 -63.21 65.99
N GLU A 512 21.03 -63.59 67.19
CA GLU A 512 22.33 -64.18 67.44
C GLU A 512 22.24 -65.62 67.17
N GLN A 513 21.12 -66.21 67.47
CA GLN A 513 20.99 -67.62 67.13
C GLN A 513 20.95 -67.73 65.65
N GLU A 514 20.33 -66.85 64.95
CA GLU A 514 20.33 -66.97 63.52
C GLU A 514 21.70 -66.86 62.94
N ILE A 515 22.62 -66.07 63.38
CA ILE A 515 23.94 -66.10 62.73
C ILE A 515 24.62 -67.41 63.02
N ASN A 516 24.48 -67.93 64.22
CA ASN A 516 25.12 -69.24 64.38
C ASN A 516 24.43 -70.25 63.47
N SEP A 517 23.12 -70.24 63.24
CA SEP A 517 22.52 -71.23 62.32
CB SEP A 517 21.03 -71.17 62.32
OG SEP A 517 20.52 -70.59 61.09
C SEP A 517 23.09 -71.08 60.94
O SEP A 517 23.46 -71.98 60.40
P SEP A 517 18.90 -70.49 60.70
O1P SEP A 517 18.26 -69.16 60.79
O2P SEP A 517 18.89 -70.89 59.29
O3P SEP A 517 18.21 -71.46 61.55
N LEU A 518 23.28 -69.88 60.49
CA LEU A 518 23.80 -69.53 59.16
C LEU A 518 25.18 -70.06 58.83
N TRP A 519 26.10 -70.36 59.75
CA TRP A 519 27.41 -70.88 59.19
C TRP A 519 27.35 -72.26 58.51
N SER A 520 27.74 -72.49 57.24
CA SER A 520 27.64 -73.72 56.47
C SER A 520 28.80 -74.66 56.77
N PHE A 521 28.61 -75.94 56.45
CA PHE A 521 29.61 -76.97 56.68
C PHE A 521 30.59 -76.98 55.52
N ASP A 522 31.46 -75.96 55.50
CA ASP A 522 32.40 -75.71 54.43
C ASP A 522 33.67 -76.53 54.63
N GLN A 523 34.73 -76.14 53.92
CA GLN A 523 36.02 -76.79 54.13
C GLN A 523 36.71 -76.30 55.39
N ALA A 524 36.52 -75.03 55.76
CA ALA A 524 37.14 -74.48 56.96
C ALA A 524 36.64 -75.19 58.21
N SER A 525 35.32 -75.24 58.39
CA SER A 525 34.77 -75.94 59.52
C SER A 525 35.13 -77.41 59.49
N ALA A 526 35.24 -78.00 58.31
CA ALA A 526 35.63 -79.40 58.22
C ALA A 526 37.02 -79.63 58.79
N LYS A 527 37.99 -78.82 58.37
CA LYS A 527 39.35 -78.97 58.87
C LYS A 527 39.39 -78.79 60.38
N TYR A 528 38.84 -77.71 60.89
CA TYR A 528 38.88 -77.36 62.33
C TYR A 528 38.01 -78.22 63.20
N GLN A 529 37.06 -78.96 62.69
CA GLN A 529 36.33 -79.97 63.42
C GLN A 529 37.09 -81.30 63.44
N PHE A 530 37.74 -81.65 62.34
CA PHE A 530 38.56 -82.86 62.34
C PHE A 530 39.71 -82.73 63.32
N GLU A 531 40.33 -81.56 63.37
CA GLU A 531 41.38 -81.34 64.36
C GLU A 531 40.86 -81.55 65.77
N LYS A 532 39.65 -81.08 66.04
CA LYS A 532 39.05 -81.29 67.36
C LYS A 532 38.87 -82.78 67.64
N TYR A 533 38.36 -83.53 66.66
CA TYR A 533 38.21 -84.97 66.84
C TYR A 533 39.53 -85.61 67.22
N VAL A 534 40.59 -85.30 66.47
CA VAL A 534 41.87 -85.98 66.70
C VAL A 534 42.45 -85.58 68.04
N ARG A 535 42.36 -84.31 68.42
CA ARG A 535 42.82 -83.91 69.75
C ARG A 535 42.08 -84.67 70.84
N ASP A 536 40.76 -84.79 70.71
CA ASP A 536 39.99 -85.42 71.79
C ASP A 536 40.12 -86.93 71.78
N TYR A 537 40.66 -87.52 70.71
CA TYR A 537 40.78 -88.97 70.68
C TYR A 537 42.10 -89.50 71.23
N THR A 538 43.19 -88.76 71.07
CA THR A 538 44.50 -89.19 71.57
C THR A 538 44.95 -88.40 72.78
N GLN A 539 44.18 -87.41 73.20
CA GLN A 539 44.54 -86.52 74.30
C GLN A 539 45.96 -85.98 74.13
N GLU A 540 46.13 -85.20 73.07
CA GLU A 540 47.43 -84.69 72.67
C GLU A 540 47.33 -83.20 72.38
N SER A 541 48.46 -82.59 72.07
CA SER A 541 48.54 -81.23 71.56
C SER A 541 49.17 -81.29 70.18
N LEU A 542 48.55 -80.68 69.20
CA LEU A 542 49.25 -80.65 67.90
C LEU A 542 49.10 -79.26 67.32
N SER A 543 50.08 -78.86 66.55
CA SER A 543 49.92 -77.58 65.85
C SER A 543 50.70 -77.70 64.56
N GLU A 544 50.26 -77.02 63.54
CA GLU A 544 50.98 -77.17 62.29
C GLU A 544 52.35 -76.56 62.50
N ASP A 545 52.41 -75.38 63.12
CA ASP A 545 53.66 -74.63 63.34
C ASP A 545 53.88 -74.56 64.82
N SER A 546 53.90 -75.70 65.45
CA SER A 546 54.17 -75.73 66.90
C SER A 546 55.59 -75.24 67.10
N GLU A 547 56.51 -75.79 66.32
CA GLU A 547 57.94 -75.50 66.59
C GLU A 547 58.64 -74.92 65.37
N LEU A 548 58.42 -73.64 65.18
CA LEU A 548 58.99 -72.84 64.09
C LEU A 548 59.61 -71.63 64.77
N ASP A 549 60.57 -70.96 64.13
CA ASP A 549 61.13 -69.80 64.86
C ASP A 549 60.59 -68.52 64.31
N PHE A 550 60.02 -67.70 65.17
CA PHE A 550 59.41 -66.45 64.69
C PHE A 550 60.36 -65.29 64.89
N ASN A 551 61.62 -65.61 65.15
CA ASN A 551 62.73 -64.67 65.40
C ASN A 551 63.94 -64.91 64.48
N LYS A 552 64.04 -66.02 63.71
CA LYS A 552 65.24 -66.30 62.93
C LYS A 552 65.69 -65.07 62.15
N ASN A 553 64.75 -64.37 61.52
CA ASN A 553 65.03 -63.09 60.87
C ASN A 553 66.13 -63.22 59.82
N THR A 554 66.05 -64.27 59.00
CA THR A 554 67.01 -64.45 57.92
C THR A 554 66.92 -63.28 56.95
N VAL A 555 68.06 -62.63 56.70
CA VAL A 555 68.08 -61.51 55.78
C VAL A 555 68.00 -62.03 54.35
N LEU A 556 67.41 -61.22 53.47
CA LEU A 556 67.27 -61.57 52.07
C LEU A 556 68.62 -61.85 51.41
N ASP A 557 68.82 -63.07 50.92
CA ASP A 557 70.01 -63.44 50.16
C ASP A 557 69.78 -63.08 48.70
N LYS A 558 70.38 -61.97 48.26
CA LYS A 558 70.10 -61.48 46.91
C LYS A 558 70.47 -62.49 45.84
N ASN A 559 71.55 -63.25 46.05
CA ASN A 559 71.96 -64.21 45.04
C ASN A 559 71.05 -65.42 45.00
N TYR A 560 70.54 -65.84 46.16
CA TYR A 560 69.57 -66.92 46.17
C TYR A 560 68.33 -66.55 45.38
N LEU A 561 67.88 -65.32 45.51
CA LEU A 561 66.75 -64.84 44.72
C LEU A 561 67.11 -64.77 43.25
N LEU A 562 68.30 -64.25 42.94
CA LEU A 562 68.60 -63.82 41.58
C LEU A 562 69.03 -64.97 40.68
N ASN A 563 69.82 -65.91 41.19
CA ASN A 563 70.33 -66.99 40.36
C ASN A 563 69.51 -68.27 40.42
N ASN A 564 68.67 -68.44 41.43
CA ASN A 564 67.91 -69.67 41.62
C ASN A 564 66.41 -69.46 41.50
N LYS A 565 65.86 -68.46 42.17
CA LYS A 565 64.41 -68.30 42.20
C LYS A 565 63.88 -67.73 40.89
N ILE A 566 64.54 -66.71 40.35
CA ILE A 566 64.04 -66.06 39.14
C ILE A 566 64.08 -66.97 37.93
N PRO A 567 65.20 -67.62 37.58
CA PRO A 567 65.23 -68.39 36.34
C PRO A 567 64.49 -69.71 36.39
N SER A 568 64.16 -70.22 37.58
CA SER A 568 63.51 -71.52 37.69
C SER A 568 61.99 -71.44 37.67
N ASN A 569 61.42 -70.25 37.52
CA ASN A 569 59.99 -70.06 37.64
C ASN A 569 59.32 -70.32 36.29
N ASN A 570 58.26 -71.14 36.30
CA ASN A 570 57.52 -71.52 35.10
C ASN A 570 56.14 -70.88 35.02
N VAL A 571 55.80 -69.95 35.91
CA VAL A 571 54.44 -69.46 36.02
C VAL A 571 54.45 -68.00 35.57
N GLU A 572 54.09 -67.75 34.31
CA GLU A 572 53.91 -66.38 33.83
C GLU A 572 52.43 -66.02 33.86
N GLU A 573 52.12 -64.91 34.53
CA GLU A 573 50.75 -64.41 34.57
C GLU A 573 50.38 -63.79 33.23
N THR A 574 49.17 -64.09 32.76
CA THR A 574 48.64 -63.51 31.54
C THR A 574 47.64 -62.39 31.87
N GLY A 575 47.45 -61.49 30.90
CA GLY A 575 46.59 -60.34 31.10
C GLY A 575 47.37 -59.04 31.20
N SER A 576 46.73 -58.04 31.78
CA SER A 576 47.31 -56.70 31.93
C SER A 576 48.44 -56.68 32.94
N LYS A 577 49.61 -56.20 32.53
CA LYS A 577 50.78 -56.06 33.40
C LYS A 577 50.81 -54.70 34.08
N ASN A 578 49.65 -54.10 34.29
CA ASN A 578 49.54 -52.68 34.66
C ASN A 578 49.49 -52.46 36.17
N TYR A 579 50.13 -53.29 36.98
CA TYR A 579 50.08 -53.16 38.43
C TYR A 579 51.48 -53.20 39.01
N VAL A 580 51.60 -52.76 40.27
CA VAL A 580 52.81 -52.92 41.06
C VAL A 580 52.46 -53.71 42.31
N HIS A 581 53.25 -54.73 42.61
CA HIS A 581 52.92 -55.73 43.62
C HIS A 581 53.87 -55.62 44.80
N TYR A 582 53.42 -55.02 45.89
CA TYR A 582 54.21 -54.97 47.11
C TYR A 582 54.17 -56.34 47.78
N ILE A 583 55.28 -56.77 48.33
CA ILE A 583 55.33 -58.00 49.11
C ILE A 583 55.82 -57.65 50.50
N ILE A 584 54.93 -57.62 51.47
CA ILE A 584 55.25 -57.20 52.83
C ILE A 584 55.26 -58.45 53.69
N GLN A 585 56.44 -58.96 54.01
CA GLN A 585 56.57 -60.11 54.89
C GLN A 585 56.48 -59.63 56.33
N LEU A 586 55.61 -60.26 57.13
CA LEU A 586 55.37 -59.81 58.49
C LEU A 586 56.10 -60.63 59.54
N GLN A 587 56.24 -61.93 59.35
CA GLN A 587 56.85 -62.80 60.35
C GLN A 587 58.16 -63.37 59.83
N GLY A 588 59.05 -63.69 60.77
CA GLY A 588 60.42 -64.05 60.45
C GLY A 588 60.74 -65.51 60.35
N ASP A 589 59.75 -66.39 60.32
CA ASP A 589 60.04 -67.81 60.22
C ASP A 589 60.61 -68.16 58.85
N ASP A 590 60.92 -69.44 58.67
CA ASP A 590 61.50 -69.87 57.39
C ASP A 590 60.46 -69.91 56.29
N ILE A 591 59.22 -70.28 56.63
CA ILE A 591 58.19 -70.44 55.62
C ILE A 591 57.77 -69.09 55.06
N SER A 592 57.64 -68.09 55.94
CA SER A 592 57.33 -66.74 55.46
C SER A 592 58.40 -66.25 54.50
N TYR A 593 59.66 -66.49 54.82
CA TYR A 593 60.74 -66.06 53.93
C TYR A 593 60.66 -66.75 52.59
N GLU A 594 60.48 -68.07 52.60
CA GLU A 594 60.45 -68.81 51.34
C GLU A 594 59.27 -68.39 50.48
N SER A 595 58.10 -68.20 51.10
CA SER A 595 56.91 -67.79 50.35
C SER A 595 57.08 -66.40 49.78
N ALA A 596 57.65 -65.47 50.56
CA ALA A 596 57.89 -64.14 50.02
C ALA A 596 58.81 -64.20 48.81
N CYS A 597 59.88 -65.01 48.89
CA CYS A 597 60.81 -65.09 47.78
C CYS A 597 60.17 -65.69 46.54
N ASN A 598 59.39 -66.75 46.70
CA ASN A 598 58.73 -67.35 45.54
C ASN A 598 57.71 -66.40 44.93
N LEU A 599 56.92 -65.73 45.77
CA LEU A 599 55.93 -64.80 45.27
C LEU A 599 56.58 -63.65 44.52
N PHE A 600 57.77 -63.24 44.94
CA PHE A 600 58.52 -62.25 44.18
C PHE A 600 59.01 -62.85 42.86
N SER A 601 59.45 -64.10 42.88
CA SER A 601 59.94 -64.74 41.67
C SER A 601 58.85 -64.88 40.61
N LYS A 602 57.58 -64.89 40.99
CA LYS A 602 56.54 -65.06 39.97
C LYS A 602 56.51 -63.89 38.98
N ASN A 603 56.83 -62.68 39.44
CA ASN A 603 56.92 -61.50 38.59
C ASN A 603 57.98 -60.56 39.13
N PRO A 604 59.23 -60.75 38.70
CA PRO A 604 60.33 -59.97 39.28
C PRO A 604 60.31 -58.51 38.88
N LYS A 605 59.73 -58.15 37.75
CA LYS A 605 59.89 -56.79 37.25
C LYS A 605 58.97 -55.80 37.95
N ASN A 606 57.76 -56.23 38.34
CA ASN A 606 56.78 -55.34 38.92
C ASN A 606 56.67 -55.44 40.44
N SER A 607 57.40 -56.34 41.07
CA SER A 607 57.25 -56.59 42.49
C SER A 607 58.39 -55.97 43.30
N VAL A 608 58.09 -55.61 44.54
CA VAL A 608 59.07 -55.12 45.49
C VAL A 608 58.91 -55.94 46.77
N ILE A 609 60.00 -56.21 47.44
CA ILE A 609 59.97 -56.92 48.71
C ILE A 609 60.21 -55.93 49.83
N ILE A 610 59.50 -56.09 50.94
CA ILE A 610 59.79 -55.39 52.18
C ILE A 610 59.81 -56.43 53.28
N GLN A 611 60.92 -56.50 54.03
CA GLN A 611 60.99 -57.41 55.17
C GLN A 611 60.70 -56.61 56.43
N ARG A 612 59.40 -56.51 56.74
CA ARG A 612 58.94 -55.69 57.86
C ARG A 612 59.39 -56.23 59.21
N ASN A 613 59.44 -57.56 59.36
CA ASN A 613 59.79 -58.16 60.65
C ASN A 613 61.04 -57.56 61.25
N MET A 614 62.01 -57.20 60.43
CA MET A 614 63.13 -56.37 60.85
C MET A 614 62.75 -54.90 60.95
N ASN A 615 61.89 -54.56 61.92
CA ASN A 615 61.14 -53.31 62.01
C ASN A 615 61.85 -52.06 61.50
N GLU A 616 62.99 -51.71 62.09
CA GLU A 616 63.65 -50.47 61.71
C GLU A 616 64.50 -50.60 60.45
N SER A 617 65.03 -51.80 60.18
CA SER A 617 65.95 -51.99 59.07
C SER A 617 65.27 -52.42 57.78
N ALA A 618 63.96 -52.25 57.67
CA ALA A 618 63.24 -52.69 56.48
C ALA A 618 63.57 -51.80 55.29
N LYS A 619 63.93 -52.43 54.17
CA LYS A 619 64.24 -51.73 52.93
C LYS A 619 63.51 -52.39 51.77
N SER A 620 63.32 -51.66 50.68
CA SER A 620 62.63 -52.17 49.52
C SER A 620 63.64 -52.71 48.50
N TYR A 621 63.64 -54.01 48.29
CA TYR A 621 64.52 -54.65 47.31
C TYR A 621 63.77 -54.89 46.02
N PHE A 622 64.31 -54.39 44.91
CA PHE A 622 63.65 -54.63 43.63
C PHE A 622 64.69 -54.84 42.55
N LEU A 623 64.28 -55.56 41.51
CA LEU A 623 65.16 -55.86 40.40
C LEU A 623 65.51 -54.59 39.65
N SER A 624 66.81 -54.36 39.46
CA SER A 624 67.29 -53.14 38.80
C SER A 624 66.83 -53.10 37.35
N ASP A 625 66.97 -51.92 36.74
CA ASP A 625 66.38 -51.68 35.42
C ASP A 625 67.01 -52.55 34.34
N ASN A 626 68.27 -52.93 34.49
CA ASN A 626 68.90 -53.80 33.50
C ASN A 626 68.52 -55.26 33.68
N GLY A 627 67.87 -55.60 34.78
CA GLY A 627 67.48 -56.98 35.03
C GLY A 627 68.58 -57.89 35.51
N GLU A 628 69.73 -57.33 35.92
CA GLU A 628 70.87 -58.14 36.32
C GLU A 628 71.20 -58.04 37.80
N SER A 629 70.56 -57.13 38.54
CA SER A 629 70.99 -56.91 39.92
C SER A 629 69.79 -56.49 40.77
N ILE A 630 69.94 -56.70 42.07
CA ILE A 630 68.88 -56.38 43.04
C ILE A 630 69.25 -55.06 43.71
N SER A 631 68.62 -53.98 43.29
CA SER A 631 68.83 -52.69 43.91
C SER A 631 67.97 -52.58 45.16
N GLU A 632 68.29 -51.61 46.00
CA GLU A 632 67.56 -51.40 47.25
C GLU A 632 67.30 -49.92 47.46
N LEU A 633 66.14 -49.61 48.03
CA LEU A 633 65.79 -48.26 48.43
C LEU A 633 65.25 -48.28 49.85
N ASN A 634 64.94 -47.08 50.35
CA ASN A 634 64.33 -46.95 51.67
C ASN A 634 62.98 -47.65 51.73
N LYS A 635 62.49 -47.85 52.94
CA LYS A 635 61.27 -48.59 53.21
C LYS A 635 60.07 -48.01 52.45
N TYR A 636 59.31 -48.89 51.81
CA TYR A 636 58.07 -48.62 51.08
C TYR A 636 58.27 -47.74 49.86
N ARG A 637 59.49 -47.49 49.42
CA ARG A 637 59.73 -46.66 48.25
C ARG A 637 60.03 -47.53 47.02
N ILE A 638 59.65 -47.02 45.85
CA ILE A 638 59.74 -47.78 44.61
C ILE A 638 60.55 -47.03 43.56
N PRO A 639 61.20 -47.72 42.62
CA PRO A 639 61.93 -47.02 41.57
C PRO A 639 61.00 -46.24 40.66
N GLN A 640 61.62 -45.43 39.80
CA GLN A 640 60.85 -44.53 38.94
C GLN A 640 60.04 -45.31 37.90
N ARG A 641 60.57 -46.44 37.42
CA ARG A 641 59.95 -47.10 36.28
C ARG A 641 58.57 -47.65 36.60
N LEU A 642 58.20 -47.71 37.89
CA LEU A 642 56.91 -48.26 38.30
C LEU A 642 55.94 -47.20 38.80
N LYS A 643 56.29 -45.92 38.74
CA LYS A 643 55.44 -44.90 39.30
C LYS A 643 54.25 -44.58 38.40
N ASN A 644 54.23 -45.08 37.18
CA ASN A 644 53.15 -44.77 36.25
C ASN A 644 52.09 -45.87 36.19
N LYS A 645 52.17 -46.85 37.08
CA LYS A 645 51.21 -47.94 37.07
C LYS A 645 49.85 -47.47 37.58
N GLU A 646 48.81 -48.19 37.20
CA GLU A 646 47.44 -47.80 37.51
C GLU A 646 46.87 -48.47 38.75
N LYS A 647 47.40 -49.62 39.16
CA LYS A 647 46.80 -50.42 40.21
C LYS A 647 47.86 -50.89 41.19
N ILE A 648 47.49 -50.99 42.46
CA ILE A 648 48.35 -51.50 43.52
C ILE A 648 47.84 -52.87 43.94
N LYS A 649 48.76 -53.79 44.21
CA LYS A 649 48.44 -55.05 44.85
C LYS A 649 49.45 -55.31 45.94
N VAL A 650 48.99 -55.47 47.17
CA VAL A 650 49.88 -55.63 48.33
C VAL A 650 49.54 -56.94 49.01
N THR A 651 50.58 -57.67 49.44
CA THR A 651 50.43 -59.00 50.01
C THR A 651 51.09 -59.05 51.37
N PHE A 652 50.30 -59.24 52.42
CA PHE A 652 50.85 -59.50 53.74
C PHE A 652 51.05 -61.00 53.90
N ILE A 653 52.17 -61.40 54.49
CA ILE A 653 52.49 -62.81 54.70
C ILE A 653 52.67 -63.05 56.19
N GLY A 654 52.09 -64.13 56.69
CA GLY A 654 52.14 -64.43 58.10
C GLY A 654 51.47 -65.76 58.36
N HIS A 655 51.29 -66.07 59.63
CA HIS A 655 50.57 -67.26 60.05
C HIS A 655 49.32 -66.87 60.84
N GLY A 656 48.20 -67.53 60.54
CA GLY A 656 46.96 -67.24 61.25
C GLY A 656 46.71 -68.19 62.40
N LYS A 657 46.12 -67.66 63.47
CA LYS A 657 45.89 -68.42 64.69
C LYS A 657 44.88 -69.53 64.45
N ASP A 658 45.17 -70.71 64.99
CA ASP A 658 44.36 -71.90 64.71
C ASP A 658 43.05 -71.89 65.48
N GLU A 659 42.04 -71.21 64.94
CA GLU A 659 40.71 -71.23 65.52
C GLU A 659 39.72 -70.97 64.39
N PHE A 660 38.50 -71.47 64.54
CA PHE A 660 37.49 -71.18 63.54
C PHE A 660 37.20 -69.69 63.53
N ASN A 661 37.13 -69.11 62.34
CA ASN A 661 36.92 -67.67 62.18
C ASN A 661 38.01 -66.89 62.90
N THR A 662 39.24 -67.13 62.44
CA THR A 662 40.43 -66.63 63.11
C THR A 662 40.36 -65.13 63.34
N SER A 663 40.85 -64.70 64.50
CA SER A 663 40.84 -63.29 64.87
C SER A 663 42.22 -62.65 64.88
N GLU A 664 43.28 -63.42 64.77
CA GLU A 664 44.63 -62.88 64.81
C GLU A 664 45.46 -63.41 63.65
N PHE A 665 46.10 -62.51 62.92
CA PHE A 665 46.94 -62.85 61.78
C PHE A 665 48.33 -62.28 62.01
N ALA A 666 49.31 -63.17 62.05
CA ALA A 666 50.68 -62.80 62.44
C ALA A 666 50.69 -62.10 63.79
N LYS A 667 49.91 -62.63 64.73
CA LYS A 667 49.80 -62.10 66.09
C LYS A 667 49.35 -60.65 66.13
N LEU A 668 48.66 -60.20 65.09
CA LEU A 668 48.08 -58.86 65.07
C LEU A 668 46.56 -58.95 64.92
N SER A 669 45.85 -58.23 65.77
CA SER A 669 44.41 -58.13 65.62
C SER A 669 44.08 -57.27 64.41
N VAL A 670 42.78 -56.96 64.27
CA VAL A 670 42.35 -56.16 63.12
C VAL A 670 42.89 -54.74 63.22
N ASP A 671 42.87 -54.16 64.42
CA ASP A 671 43.24 -52.75 64.56
C ASP A 671 44.74 -52.55 64.43
N SER A 672 45.54 -53.50 64.93
CA SER A 672 46.98 -53.39 64.72
C SER A 672 47.33 -53.41 63.24
N LEU A 673 46.71 -54.32 62.49
CA LEU A 673 46.98 -54.36 61.06
C LEU A 673 46.43 -53.14 60.34
N SER A 674 45.35 -52.55 60.86
CA SER A 674 44.86 -51.32 60.28
C SER A 674 45.85 -50.18 60.48
N ASN A 675 46.46 -50.12 61.66
CA ASN A 675 47.53 -49.15 61.88
C ASN A 675 48.70 -49.40 60.93
N GLU A 676 49.04 -50.66 60.70
CA GLU A 676 50.09 -50.99 59.75
C GLU A 676 49.74 -50.49 58.35
N ILE A 677 48.50 -50.68 57.92
CA ILE A 677 48.07 -50.20 56.61
C ILE A 677 48.16 -48.68 56.54
N SER A 678 47.75 -48.00 57.61
CA SER A 678 47.81 -46.55 57.61
C SER A 678 49.25 -46.05 57.52
N SER A 679 50.15 -46.69 58.26
CA SER A 679 51.57 -46.33 58.18
C SER A 679 52.11 -46.58 56.78
N PHE A 680 51.70 -47.68 56.15
CA PHE A 680 52.12 -47.95 54.78
C PHE A 680 51.62 -46.89 53.83
N LEU A 681 50.35 -46.49 53.98
CA LEU A 681 49.74 -45.54 53.05
C LEU A 681 50.37 -44.17 53.15
N ASP A 682 50.61 -43.68 54.37
CA ASP A 682 51.07 -42.29 54.49
C ASP A 682 52.43 -42.09 53.84
N ILE A 683 53.22 -43.16 53.74
CA ILE A 683 54.49 -43.10 53.01
C ILE A 683 54.28 -43.38 51.53
N MET A 684 53.45 -44.36 51.20
CA MET A 684 53.29 -44.79 49.82
C MET A 684 52.71 -43.68 48.96
N LYS A 685 51.83 -42.85 49.52
CA LYS A 685 51.13 -41.87 48.70
C LYS A 685 52.06 -40.86 48.06
N LEU A 686 53.35 -40.90 48.40
CA LEU A 686 54.30 -39.95 47.84
C LEU A 686 54.69 -40.28 46.40
N ASP A 687 54.52 -41.52 45.97
CA ASP A 687 55.05 -41.94 44.67
C ASP A 687 53.98 -42.27 43.64
N ILE A 688 52.85 -42.82 44.05
CA ILE A 688 51.88 -43.34 43.08
C ILE A 688 50.47 -42.99 43.56
N SER A 689 49.59 -42.71 42.61
CA SER A 689 48.17 -42.43 42.88
C SER A 689 47.33 -43.38 42.03
N PRO A 690 47.16 -44.63 42.47
CA PRO A 690 46.49 -45.63 41.65
C PRO A 690 45.00 -45.42 41.61
N LYS A 691 44.34 -46.25 40.81
CA LYS A 691 42.89 -46.28 40.73
C LYS A 691 42.26 -47.51 41.36
N ASN A 692 43.05 -48.51 41.76
CA ASN A 692 42.53 -49.70 42.42
C ASN A 692 43.50 -50.15 43.49
N VAL A 693 42.96 -50.76 44.55
CA VAL A 693 43.77 -51.36 45.60
C VAL A 693 43.22 -52.75 45.87
N GLU A 694 44.10 -53.75 45.82
CA GLU A 694 43.74 -55.12 46.08
C GLU A 694 44.68 -55.69 47.13
N ILE A 695 44.14 -55.99 48.30
CA ILE A 695 44.93 -56.47 49.43
C ILE A 695 44.76 -57.96 49.55
N ASN A 696 45.83 -58.66 49.90
CA ASN A 696 45.78 -60.09 50.14
C ASN A 696 46.25 -60.37 51.55
N LEU A 697 45.72 -61.43 52.14
CA LEU A 697 46.28 -62.01 53.36
C LEU A 697 46.65 -63.45 53.04
N LEU A 698 47.93 -63.77 53.14
CA LEU A 698 48.42 -65.10 52.78
C LEU A 698 49.00 -65.74 54.03
N GLY A 699 48.64 -67.00 54.26
CA GLY A 699 49.13 -67.71 55.42
C GLY A 699 48.16 -68.79 55.80
N CYS A 700 48.59 -69.63 56.73
CA CYS A 700 47.76 -70.71 57.21
C CYS A 700 46.54 -70.17 57.93
N ASN A 701 45.45 -70.94 57.90
CA ASN A 701 44.22 -70.67 58.63
C ASN A 701 43.51 -69.41 58.18
N MET A 702 43.97 -68.76 57.11
CA MET A 702 43.26 -67.63 56.53
C MET A 702 42.38 -68.15 55.40
N PHE A 703 41.09 -68.26 55.68
CA PHE A 703 40.12 -68.75 54.71
C PHE A 703 39.32 -67.59 54.15
N SER A 704 38.65 -67.84 53.04
CA SER A 704 37.70 -66.89 52.46
C SER A 704 36.28 -67.42 52.66
N TYR A 705 35.54 -66.81 53.57
CA TYR A 705 34.14 -67.16 53.79
C TYR A 705 33.26 -66.25 52.95
N ASN A 706 32.17 -66.80 52.42
CA ASN A 706 31.25 -66.04 51.60
C ASN A 706 29.92 -65.79 52.27
N VAL A 707 29.69 -66.38 53.44
CA VAL A 707 28.51 -66.09 54.24
C VAL A 707 28.97 -65.47 55.55
N ASN A 708 28.19 -64.52 56.06
CA ASN A 708 28.56 -63.75 57.24
C ASN A 708 29.88 -63.00 56.99
N VAL A 709 29.89 -62.19 55.94
CA VAL A 709 31.12 -61.51 55.56
C VAL A 709 31.60 -60.57 56.66
N GLU A 710 30.69 -59.78 57.24
CA GLU A 710 31.10 -58.76 58.20
C GLU A 710 31.62 -59.36 59.49
N GLU A 711 31.42 -60.65 59.71
CA GLU A 711 31.91 -61.31 60.92
C GLU A 711 33.34 -61.81 60.76
N THR A 712 33.83 -61.94 59.54
CA THR A 712 35.11 -62.56 59.28
C THR A 712 36.22 -61.52 59.29
N TYR A 713 37.46 -62.00 59.30
CA TYR A 713 38.61 -61.11 59.34
C TYR A 713 38.70 -60.18 58.14
N PRO A 714 38.60 -60.66 56.89
CA PRO A 714 38.65 -59.71 55.76
C PRO A 714 37.51 -58.69 55.76
N GLY A 715 36.31 -59.07 56.17
CA GLY A 715 35.23 -58.10 56.21
C GLY A 715 35.50 -56.97 57.18
N LYS A 716 35.94 -57.32 58.40
CA LYS A 716 36.32 -56.30 59.37
C LYS A 716 37.45 -55.43 58.84
N LEU A 717 38.45 -56.05 58.21
CA LEU A 717 39.59 -55.29 57.71
C LEU A 717 39.15 -54.25 56.68
N LEU A 718 38.28 -54.67 55.75
CA LEU A 718 37.80 -53.74 54.73
C LEU A 718 37.01 -52.62 55.37
N LEU A 719 36.08 -52.95 56.27
CA LEU A 719 35.26 -51.91 56.89
C LEU A 719 36.10 -50.91 57.66
N ASN A 720 37.19 -51.38 58.29
CA ASN A 720 38.01 -50.45 59.07
C ASN A 720 38.93 -49.60 58.21
N ASN A 721 39.39 -50.10 57.07
CA ASN A 721 40.40 -49.37 56.32
C ASN A 721 39.89 -48.66 55.08
N ILE A 722 38.62 -48.83 54.72
CA ILE A 722 38.12 -48.23 53.48
C ILE A 722 38.19 -46.70 53.56
N ASP A 723 37.88 -46.14 54.73
CA ASP A 723 37.90 -44.68 54.85
C ASP A 723 39.31 -44.12 54.74
N LYS A 724 40.28 -44.75 55.40
CA LYS A 724 41.66 -44.30 55.26
C LYS A 724 42.12 -44.38 53.82
N ILE A 725 41.86 -45.51 53.15
CA ILE A 725 42.36 -45.70 51.80
C ILE A 725 41.75 -44.68 50.85
N ILE A 726 40.45 -44.42 50.99
CA ILE A 726 39.83 -43.49 50.06
C ILE A 726 40.24 -42.05 50.38
N SER A 727 40.48 -41.74 51.66
CA SER A 727 40.86 -40.38 52.01
C SER A 727 42.30 -40.07 51.61
N THR A 728 43.19 -41.07 51.60
CA THR A 728 44.58 -40.81 51.28
C THR A 728 44.85 -40.78 49.77
N LEU A 729 44.16 -41.63 49.00
CA LEU A 729 44.36 -41.72 47.55
C LEU A 729 43.08 -41.22 46.90
N PRO A 730 43.11 -40.03 46.31
CA PRO A 730 41.85 -39.37 45.92
C PRO A 730 41.13 -40.01 44.73
N ASN A 731 41.81 -40.77 43.88
CA ASN A 731 41.19 -41.27 42.66
C ASN A 731 40.44 -42.58 42.86
N VAL A 732 40.50 -43.17 44.05
CA VAL A 732 40.05 -44.53 44.28
C VAL A 732 38.58 -44.51 44.69
N ASN A 733 37.76 -45.28 43.98
CA ASN A 733 36.38 -45.48 44.40
C ASN A 733 36.28 -46.59 45.44
N LYS A 734 35.17 -46.58 46.17
CA LYS A 734 34.92 -47.66 47.14
C LYS A 734 34.82 -49.00 46.44
N ASP A 735 34.23 -49.05 45.25
CA ASP A 735 34.06 -50.29 44.52
C ASP A 735 35.35 -50.77 43.86
N ASN A 736 36.46 -50.07 44.06
CA ASN A 736 37.75 -50.45 43.49
C ASN A 736 38.70 -51.03 44.52
N ILE A 737 38.26 -51.25 45.74
CA ILE A 737 39.09 -51.76 46.83
C ILE A 737 38.59 -53.15 47.17
N THR A 738 39.46 -54.16 47.00
CA THR A 738 39.08 -55.54 47.24
C THR A 738 40.06 -56.19 48.22
N ILE A 739 39.57 -57.17 48.97
CA ILE A 739 40.37 -57.87 49.97
C ILE A 739 40.18 -59.36 49.77
N GLY A 740 41.28 -60.10 49.72
CA GLY A 740 41.22 -61.54 49.59
C GLY A 740 42.06 -62.26 50.61
N ALA A 741 41.85 -63.56 50.77
CA ALA A 741 42.65 -64.35 51.69
C ALA A 741 42.92 -65.71 51.08
N ASN A 742 44.16 -66.16 51.18
CA ASN A 742 44.58 -67.48 50.69
C ASN A 742 45.25 -68.26 51.80
N GLN A 743 45.42 -69.56 51.58
CA GLN A 743 46.10 -70.38 52.57
C GLN A 743 47.46 -70.86 52.06
N TYR A 744 47.55 -71.31 50.82
CA TYR A 744 48.69 -72.06 50.32
C TYR A 744 49.46 -71.26 49.29
N GLU A 745 50.78 -71.49 49.24
CA GLU A 745 51.62 -70.93 48.19
C GLU A 745 51.94 -71.99 47.15
N VAL A 746 51.64 -71.71 45.89
CA VAL A 746 51.68 -72.70 44.83
C VAL A 746 52.72 -72.30 43.79
N ARG A 747 53.53 -73.27 43.38
CA ARG A 747 54.45 -73.10 42.26
C ARG A 747 54.24 -74.24 41.27
N ILE A 748 54.88 -74.12 40.11
CA ILE A 748 54.85 -75.16 39.08
C ILE A 748 56.29 -75.62 38.86
N ASN A 749 56.51 -76.93 38.96
CA ASN A 749 57.84 -77.47 38.76
C ASN A 749 58.14 -77.55 37.27
N ASN A 750 59.33 -78.08 36.95
CA ASN A 750 59.73 -78.26 35.56
C ASN A 750 58.91 -79.32 34.86
N GLU A 751 58.22 -80.20 35.60
CA GLU A 751 57.44 -81.27 35.01
C GLU A 751 56.04 -80.86 34.61
N GLY A 752 55.61 -79.65 34.97
CA GLY A 752 54.28 -79.17 34.63
C GLY A 752 53.23 -79.39 35.68
N ARG A 753 53.58 -79.90 36.86
CA ARG A 753 52.63 -80.11 37.93
C ARG A 753 52.77 -79.03 39.01
N LYS A 754 51.68 -78.77 39.71
CA LYS A 754 51.69 -77.77 40.78
C LYS A 754 52.10 -78.38 42.10
N GLU A 755 52.88 -77.65 42.88
CA GLU A 755 53.32 -78.07 44.20
C GLU A 755 53.20 -76.91 45.18
N LEU A 756 52.86 -77.17 46.46
CA LEU A 756 52.63 -76.05 47.40
C LEU A 756 53.60 -76.00 48.57
N LEU A 757 54.18 -74.86 48.91
CA LEU A 757 55.20 -74.95 49.99
C LEU A 757 54.55 -75.18 51.32
N ASP A 758 54.63 -76.39 51.76
CA ASP A 758 54.05 -76.98 52.98
C ASP A 758 54.68 -76.40 54.22
N HIS A 759 54.09 -76.45 55.41
CA HIS A 759 54.56 -75.84 56.69
C HIS A 759 55.78 -76.58 57.26
N SER A 760 56.21 -77.69 56.67
CA SER A 760 57.39 -78.52 57.04
C SER A 760 58.62 -78.20 56.20
N GLY A 761 58.58 -77.19 55.34
CA GLY A 761 59.77 -76.70 54.61
C GLY A 761 59.99 -77.20 53.22
N GLN A 762 59.20 -78.15 52.70
CA GLN A 762 59.49 -78.71 51.36
C GLN A 762 58.25 -78.76 50.49
N TRP A 763 58.36 -78.66 49.18
CA TRP A 763 57.14 -78.60 48.34
C TRP A 763 56.55 -79.94 47.98
N LEU A 764 55.44 -80.37 48.53
CA LEU A 764 54.87 -81.64 48.04
C LEU A 764 53.90 -81.36 46.90
N ASN A 765 53.36 -82.38 46.26
CA ASN A 765 52.40 -82.12 45.16
C ASN A 765 51.09 -82.77 45.54
N LYS A 766 50.29 -82.04 46.29
CA LYS A 766 48.97 -82.35 46.83
C LYS A 766 47.93 -81.75 45.89
N GLU A 767 47.54 -82.51 44.88
CA GLU A 767 46.68 -81.95 43.84
C GLU A 767 45.29 -81.64 44.35
N GLU A 768 44.72 -82.49 45.20
CA GLU A 768 43.38 -82.22 45.69
C GLU A 768 43.34 -80.93 46.49
N ALA A 769 44.31 -80.74 47.39
CA ALA A 769 44.34 -79.53 48.19
C ALA A 769 44.57 -78.28 47.35
N ILE A 770 45.45 -78.38 46.36
CA ILE A 770 45.70 -77.24 45.47
C ILE A 770 44.41 -76.87 44.74
N MET A 771 43.78 -77.83 44.09
CA MET A 771 42.55 -77.54 43.36
C MET A 771 41.51 -76.93 44.28
N ASN A 772 41.33 -77.49 45.48
CA ASN A 772 40.26 -77.04 46.35
C ASN A 772 40.51 -75.61 46.84
N ASP A 773 41.74 -75.35 47.29
CA ASP A 773 42.07 -74.01 47.78
C ASP A 773 42.02 -72.98 46.66
N LEU A 774 42.42 -73.35 45.44
CA LEU A 774 42.33 -72.40 44.33
C LEU A 774 40.87 -72.07 44.03
N SER A 775 40.03 -73.09 43.92
CA SER A 775 38.65 -72.86 43.53
C SER A 775 37.84 -72.19 44.62
N SER A 776 38.30 -72.21 45.87
CA SER A 776 37.50 -71.65 46.94
C SER A 776 37.75 -70.16 47.23
N LYS A 777 38.72 -69.52 46.59
CA LYS A 777 39.08 -68.15 46.95
C LYS A 777 38.02 -67.15 46.52
N GLU A 778 37.73 -66.18 47.40
CA GLU A 778 36.75 -65.13 47.15
C GLU A 778 37.34 -63.77 47.42
N TYR A 779 37.03 -62.79 46.56
CA TYR A 779 37.45 -61.40 46.75
C TYR A 779 36.26 -60.59 47.25
N ILE A 780 36.45 -59.89 48.36
CA ILE A 780 35.37 -59.14 49.00
C ILE A 780 35.55 -57.66 48.69
N PHE A 781 34.47 -56.98 48.32
CA PHE A 781 34.49 -55.55 48.09
C PHE A 781 33.29 -54.91 48.77
N PHE A 782 33.20 -53.58 48.68
CA PHE A 782 32.16 -52.83 49.40
C PHE A 782 31.09 -52.36 48.43
N ASP A 783 29.94 -53.02 48.42
CA ASP A 783 28.84 -52.62 47.55
C ASP A 783 28.24 -51.32 48.06
N SER A 784 28.37 -50.26 47.25
CA SER A 784 27.92 -48.93 47.62
C SER A 784 26.42 -48.74 47.44
N ILE A 785 25.77 -49.55 46.60
CA ILE A 785 24.33 -49.42 46.43
C ILE A 785 23.59 -49.90 47.68
N GLU A 786 23.83 -51.14 48.08
CA GLU A 786 23.26 -51.69 49.30
C GLU A 786 24.11 -51.42 50.53
N ASN A 787 25.30 -50.84 50.36
CA ASN A 787 26.12 -50.35 51.47
C ASN A 787 26.58 -51.48 52.39
N ARG A 788 27.10 -52.55 51.81
CA ARG A 788 27.60 -53.64 52.65
C ARG A 788 28.64 -54.47 51.92
N PRO A 789 29.46 -55.24 52.62
CA PRO A 789 30.46 -56.08 51.95
C PRO A 789 29.81 -57.19 51.14
N LYS A 790 30.31 -57.38 49.93
CA LYS A 790 29.83 -58.40 49.01
C LYS A 790 31.00 -59.18 48.45
N ALA A 791 30.80 -60.49 48.27
CA ALA A 791 31.81 -61.30 47.61
C ALA A 791 31.70 -61.13 46.11
N LYS A 792 32.82 -60.90 45.46
CA LYS A 792 32.84 -60.66 44.03
C LYS A 792 32.74 -61.98 43.26
N SER A 793 32.09 -61.93 42.10
CA SER A 793 31.83 -63.13 41.32
C SER A 793 33.11 -63.82 40.91
N LYS A 794 33.07 -65.15 40.85
CA LYS A 794 34.27 -65.94 40.61
C LYS A 794 34.72 -65.84 39.15
N ASN A 795 36.00 -66.13 38.94
CA ASN A 795 36.62 -66.15 37.61
C ASN A 795 36.28 -67.45 36.93
N LEU A 796 35.45 -67.40 35.88
CA LEU A 796 34.98 -68.65 35.27
C LEU A 796 36.07 -69.33 34.44
N ILE A 797 37.00 -68.56 33.91
CA ILE A 797 38.06 -69.16 33.10
C ILE A 797 38.96 -70.04 33.95
N GLU A 798 39.32 -69.56 35.14
CA GLU A 798 40.13 -70.35 36.06
C GLU A 798 39.41 -71.62 36.49
N LEU A 799 38.11 -71.53 36.75
CA LEU A 799 37.36 -72.70 37.15
C LEU A 799 37.30 -73.72 36.03
N ALA A 800 37.14 -73.26 34.79
CA ALA A 800 37.14 -74.19 33.67
C ALA A 800 38.49 -74.86 33.51
N SER A 801 39.58 -74.11 33.70
CA SER A 801 40.90 -74.71 33.63
C SER A 801 41.08 -75.78 34.69
N ILE A 802 40.62 -75.51 35.91
CA ILE A 802 40.71 -76.49 36.99
C ILE A 802 39.94 -77.75 36.61
N SER A 803 38.73 -77.59 36.08
CA SER A 803 37.94 -78.75 35.73
C SER A 803 38.61 -79.58 34.64
N ASP A 804 39.23 -78.91 33.66
CA ASP A 804 39.94 -79.63 32.60
C ASP A 804 41.11 -80.42 33.18
N ASN A 805 41.87 -79.79 34.08
CA ASN A 805 42.97 -80.49 34.75
C ASN A 805 42.46 -81.72 35.49
N ILE A 806 41.31 -81.60 36.15
CA ILE A 806 40.77 -82.74 36.89
C ILE A 806 40.41 -83.87 35.95
N LYS A 807 39.83 -83.54 34.79
CA LYS A 807 39.49 -84.60 33.83
C LYS A 807 40.74 -85.30 33.33
N THR A 808 41.80 -84.54 33.03
CA THR A 808 43.04 -85.16 32.60
C THR A 808 43.63 -86.06 33.68
N LEU A 809 43.57 -85.61 34.94
CA LEU A 809 44.05 -86.47 36.02
C LEU A 809 43.24 -87.75 36.13
N LEU A 810 41.93 -87.67 35.91
CA LEU A 810 41.11 -88.87 35.98
C LEU A 810 41.39 -89.81 34.82
N LEU A 811 41.93 -89.29 33.72
CA LEU A 811 42.38 -90.20 32.66
C LEU A 811 43.63 -90.97 33.09
N ASP A 812 44.49 -90.36 33.89
CA ASP A 812 45.71 -91.03 34.32
C ASP A 812 45.38 -92.17 35.28
N THR A 813 45.64 -93.40 34.85
CA THR A 813 45.25 -94.56 35.64
C THR A 813 46.17 -94.84 36.82
N ASN A 814 47.26 -94.09 36.98
CA ASN A 814 48.16 -94.29 38.10
C ASN A 814 47.59 -93.77 39.41
N ILE A 815 46.44 -93.10 39.37
CA ILE A 815 45.81 -92.57 40.57
C ILE A 815 44.98 -93.67 41.23
N ASP A 816 45.13 -93.80 42.54
CA ASP A 816 44.45 -94.85 43.29
C ASP A 816 42.97 -94.51 43.50
N PRO A 817 42.12 -95.53 43.70
CA PRO A 817 40.66 -95.31 43.65
C PRO A 817 40.12 -94.31 44.66
N GLU A 818 40.71 -94.21 45.85
CA GLU A 818 40.28 -93.20 46.81
C GLU A 818 40.41 -91.82 46.22
N THR A 819 41.56 -91.52 45.62
CA THR A 819 41.75 -90.23 45.01
C THR A 819 40.85 -90.05 43.79
N LYS A 820 40.46 -91.15 43.14
CA LYS A 820 39.50 -91.03 42.06
C LYS A 820 38.14 -90.57 42.57
N PHE A 821 37.66 -91.16 43.67
CA PHE A 821 36.41 -90.68 44.24
C PHE A 821 36.52 -89.22 44.67
N ILE A 822 37.63 -88.85 45.30
CA ILE A 822 37.79 -87.48 45.76
C ILE A 822 37.77 -86.52 44.58
N LEU A 823 38.48 -86.87 43.50
CA LEU A 823 38.54 -85.98 42.35
C LEU A 823 37.18 -85.86 41.68
N ASN A 824 36.41 -86.94 41.66
CA ASN A 824 35.09 -86.85 41.05
C ASN A 824 34.18 -85.93 41.84
N ASN A 825 34.21 -86.03 43.17
CA ASN A 825 33.43 -85.09 43.97
C ASN A 825 33.88 -83.65 43.74
N LEU A 826 35.18 -83.43 43.63
CA LEU A 826 35.66 -82.07 43.40
C LEU A 826 35.16 -81.54 42.07
N LYS A 827 35.13 -82.39 41.04
CA LYS A 827 34.62 -81.97 39.74
C LYS A 827 33.15 -81.56 39.85
N LEU A 828 32.36 -82.35 40.57
CA LEU A 828 30.97 -81.99 40.75
C LEU A 828 30.82 -80.65 41.45
N ASN A 829 31.65 -80.38 42.46
CA ASN A 829 31.54 -79.12 43.17
C ASN A 829 31.92 -77.93 42.29
N ILE A 830 32.92 -78.10 41.43
CA ILE A 830 33.30 -76.99 40.56
C ILE A 830 32.22 -76.70 39.52
N GLU A 831 31.64 -77.75 38.95
CA GLU A 831 30.52 -77.54 38.03
C GLU A 831 29.37 -76.83 38.72
N SER A 832 29.09 -77.22 39.98
CA SER A 832 28.04 -76.53 40.72
C SER A 832 28.38 -75.07 40.96
N SER A 833 29.66 -74.75 41.16
CA SER A 833 30.02 -73.36 41.38
C SER A 833 29.84 -72.52 40.12
N ILE A 834 30.21 -73.07 38.97
CA ILE A 834 29.96 -72.36 37.71
C ILE A 834 28.46 -72.11 37.55
N ASP A 835 27.66 -73.15 37.72
CA ASP A 835 26.22 -73.02 37.52
C ASP A 835 25.60 -72.05 38.51
N ASN A 836 26.17 -71.96 39.72
CA ASN A 836 25.68 -70.97 40.68
C ASN A 836 26.04 -69.56 40.26
N ASN A 837 27.22 -69.36 39.69
CA ASN A 837 27.59 -68.02 39.25
C ASN A 837 26.70 -67.54 38.12
N ILE A 838 26.23 -68.45 37.27
CA ILE A 838 25.34 -68.01 36.20
C ILE A 838 23.89 -67.91 36.69
N TYR A 839 23.46 -68.84 37.53
CA TYR A 839 22.06 -68.97 37.90
C TYR A 839 21.61 -67.82 38.79
N TYR A 840 22.43 -67.43 39.76
CA TYR A 840 22.10 -66.34 40.68
C TYR A 840 22.38 -64.97 40.11
N GLU A 841 22.73 -64.87 38.83
CA GLU A 841 22.99 -63.59 38.18
C GLU A 841 24.02 -62.75 38.93
N LYS A 842 25.23 -63.28 39.01
CA LYS A 842 26.31 -62.62 39.73
C LYS A 842 27.35 -61.98 38.83
N LEU A 843 27.20 -62.10 37.51
CA LEU A 843 28.19 -61.56 36.59
C LEU A 843 27.81 -60.14 36.20
N GLU A 844 28.70 -59.20 36.49
CA GLU A 844 28.52 -57.75 36.38
C GLU A 844 28.87 -57.27 34.97
N PRO A 845 28.07 -56.37 34.41
CA PRO A 845 28.30 -55.94 33.03
C PRO A 845 29.57 -55.13 32.87
N VAL A 846 29.92 -54.89 31.60
CA VAL A 846 31.25 -54.38 31.27
C VAL A 846 31.35 -52.88 31.53
N LYS A 847 30.29 -52.15 31.16
CA LYS A 847 30.23 -50.70 31.34
C LYS A 847 31.31 -49.94 30.56
N ASN A 848 31.24 -49.97 29.22
CA ASN A 848 31.98 -49.06 28.37
C ASN A 848 30.98 -48.37 27.44
N ILE A 849 31.51 -47.66 26.43
CA ILE A 849 30.69 -46.69 25.71
C ILE A 849 29.54 -47.36 24.95
N ILE A 850 29.83 -48.42 24.20
CA ILE A 850 28.76 -49.06 23.43
C ILE A 850 27.72 -49.65 24.37
N HIS A 851 28.17 -50.15 25.52
CA HIS A 851 27.23 -50.74 26.47
C HIS A 851 26.38 -49.66 27.13
N ASN A 852 26.95 -48.47 27.35
CA ASN A 852 26.14 -47.36 27.83
C ASN A 852 25.10 -46.96 26.80
N SER A 853 25.51 -46.87 25.53
CA SER A 853 24.57 -46.50 24.47
C SER A 853 23.38 -47.45 24.39
N ILE A 854 23.66 -48.75 24.31
CA ILE A 854 22.57 -49.71 24.15
C ILE A 854 21.66 -49.71 25.38
N ASP A 855 22.26 -49.54 26.56
CA ASP A 855 21.47 -49.52 27.78
C ASP A 855 20.56 -48.29 27.82
N ASN A 856 21.06 -47.15 27.33
CA ASN A 856 20.22 -45.96 27.27
C ASN A 856 19.07 -46.16 26.29
N LEU A 857 19.33 -46.86 25.18
CA LEU A 857 18.24 -47.18 24.25
C LEU A 857 17.16 -48.01 24.93
N THR A 858 17.56 -49.02 25.70
CA THR A 858 16.57 -49.85 26.38
C THR A 858 15.83 -49.05 27.45
N ASN A 859 16.54 -48.19 28.17
CA ASN A 859 15.89 -47.36 29.18
C ASN A 859 14.86 -46.43 28.54
N GLU A 860 15.15 -45.93 27.34
CA GLU A 860 14.15 -45.13 26.63
C GLU A 860 12.97 -45.99 26.20
N PHE A 861 13.22 -47.23 25.77
CA PHE A 861 12.12 -48.09 25.36
C PHE A 861 11.24 -48.53 26.52
N ASN A 862 11.72 -48.39 27.77
CA ASN A 862 10.86 -48.68 28.92
C ASN A 862 9.82 -47.58 29.14
N LEU A 863 10.27 -46.33 29.08
CA LEU A 863 9.39 -45.19 29.32
C LEU A 863 8.20 -45.19 28.37
N ILE A 864 8.44 -45.54 27.11
CA ILE A 864 7.37 -45.49 26.12
C ILE A 864 6.25 -46.45 26.49
N GLU A 865 6.58 -47.67 26.90
CA GLU A 865 5.54 -48.63 27.25
C GLU A 865 4.83 -48.20 28.53
N ASN A 866 5.58 -47.65 29.49
CA ASN A 866 4.93 -47.12 30.69
C ASN A 866 3.88 -46.06 30.34
N VAL A 867 4.28 -45.09 29.52
CA VAL A 867 3.38 -44.01 29.14
C VAL A 867 2.22 -44.56 28.33
N SER A 868 2.46 -45.56 27.49
CA SER A 868 1.40 -46.13 26.68
C SER A 868 0.34 -46.78 27.55
N ASP A 869 0.76 -47.55 28.56
CA ASP A 869 -0.21 -48.14 29.47
C ASP A 869 -1.00 -47.06 30.21
N GLU A 870 -0.30 -46.02 30.68
CA GLU A 870 -1.01 -44.96 31.40
C GLU A 870 -2.01 -44.25 30.51
N LEU A 871 -1.66 -44.05 29.24
CA LEU A 871 -2.57 -43.37 28.32
C LEU A 871 -3.78 -44.23 28.02
N TYR A 872 -3.57 -45.53 27.79
CA TYR A 872 -4.70 -46.44 27.67
C TYR A 872 -5.65 -46.31 28.85
N GLU A 873 -5.10 -46.36 30.07
CA GLU A 873 -5.92 -46.22 31.26
C GLU A 873 -6.71 -44.91 31.27
N LEU A 874 -6.02 -43.80 31.04
CA LEU A 874 -6.66 -42.49 31.15
C LEU A 874 -7.75 -42.32 30.11
N LYS A 875 -7.44 -42.63 28.84
CA LYS A 875 -8.43 -42.49 27.79
C LYS A 875 -9.59 -43.45 27.98
N LYS A 876 -9.36 -44.61 28.57
CA LYS A 876 -10.45 -45.54 28.80
C LYS A 876 -11.36 -45.06 29.93
N ILE A 877 -10.79 -44.49 30.98
CA ILE A 877 -11.61 -44.02 32.09
C ILE A 877 -12.52 -42.87 31.66
N ASN A 878 -11.97 -41.83 31.04
CA ASN A 878 -12.74 -40.67 30.65
C ASN A 878 -13.50 -40.89 29.36
N ASN A 879 -13.60 -42.13 28.90
CA ASN A 879 -14.42 -42.50 27.76
C ASN A 879 -14.08 -41.66 26.54
N LEU A 880 -12.79 -41.39 26.35
CA LEU A 880 -12.30 -40.72 25.15
C LEU A 880 -11.91 -41.79 24.13
N ASP A 881 -12.45 -41.67 22.92
CA ASP A 881 -12.23 -42.68 21.90
C ASP A 881 -10.86 -42.49 21.24
N ASP A 882 -10.62 -43.28 20.20
CA ASP A 882 -9.36 -43.26 19.48
C ASP A 882 -9.18 -42.04 18.59
N ASN A 883 -10.21 -41.22 18.42
CA ASN A 883 -10.08 -40.05 17.56
C ASN A 883 -9.40 -38.88 18.26
N TYR A 884 -9.27 -38.93 19.58
CA TYR A 884 -8.61 -37.87 20.32
C TYR A 884 -7.10 -38.09 20.34
N LEU A 885 -6.36 -37.07 19.96
CA LEU A 885 -4.91 -37.05 20.09
C LEU A 885 -4.53 -36.19 21.29
N ILE A 886 -3.61 -36.69 22.09
CA ILE A 886 -3.14 -35.95 23.26
C ILE A 886 -2.04 -35.00 22.83
N SER A 887 -2.10 -33.76 23.32
CA SER A 887 -1.07 -32.76 23.05
C SER A 887 -0.18 -32.63 24.28
N PHE A 888 1.07 -33.06 24.17
CA PHE A 888 1.97 -33.06 25.30
C PHE A 888 2.47 -31.68 25.68
N GLU A 889 2.10 -30.63 24.93
CA GLU A 889 2.54 -29.28 25.28
C GLU A 889 1.57 -28.58 26.23
N ASP A 890 0.40 -29.15 26.47
CA ASP A 890 -0.66 -28.44 27.17
C ASP A 890 -1.03 -29.16 28.47
N ILE A 891 -0.03 -29.50 29.26
CA ILE A 891 -0.23 -30.09 30.58
C ILE A 891 0.01 -29.01 31.62
N SER A 892 -0.97 -28.79 32.49
CA SER A 892 -0.91 -27.73 33.48
C SER A 892 -1.07 -28.31 34.88
N LYS A 893 -0.22 -27.87 35.81
CA LYS A 893 -0.19 -28.45 37.15
C LYS A 893 -1.04 -27.62 38.11
N ASN A 894 -1.89 -28.29 38.87
CA ASN A 894 -2.62 -27.67 39.99
C ASN A 894 -2.44 -28.54 41.24
N ASP A 895 -1.29 -28.38 41.88
CA ASP A 895 -1.03 -28.64 43.30
C ASP A 895 -1.26 -30.08 43.74
N SER A 896 -2.04 -30.83 42.98
CA SER A 896 -2.08 -32.28 43.07
C SER A 896 -2.33 -32.93 41.73
N THR A 897 -2.83 -32.18 40.76
CA THR A 897 -3.34 -32.75 39.51
C THR A 897 -2.66 -32.10 38.32
N TYR A 898 -2.95 -32.65 37.16
CA TYR A 898 -2.48 -32.12 35.88
C TYR A 898 -3.62 -32.18 34.89
N THR A 899 -3.87 -31.06 34.21
CA THR A 899 -4.89 -30.97 33.18
C THR A 899 -4.23 -31.07 31.82
N ILE A 900 -4.73 -31.99 30.99
CA ILE A 900 -4.19 -32.30 29.68
C ILE A 900 -5.27 -32.02 28.65
N ARG A 901 -4.89 -31.36 27.56
CA ARG A 901 -5.82 -31.05 26.49
C ARG A 901 -5.78 -32.11 25.40
N PHE A 902 -6.95 -32.66 25.10
CA PHE A 902 -7.12 -33.63 24.03
C PHE A 902 -7.76 -32.92 22.84
N ILE A 903 -7.33 -33.31 21.64
CA ILE A 903 -7.76 -32.67 20.40
C ILE A 903 -8.49 -33.71 19.56
N ASN A 904 -9.70 -33.39 19.12
CA ASN A 904 -10.39 -34.28 18.20
C ASN A 904 -9.82 -34.11 16.81
N LYS A 905 -9.53 -35.22 16.14
CA LYS A 905 -8.98 -35.12 14.79
C LYS A 905 -10.07 -34.91 13.73
N ASN A 906 -11.34 -34.94 14.11
CA ASN A 906 -12.43 -34.72 13.16
C ASN A 906 -13.01 -33.31 13.23
N SER A 907 -13.17 -32.75 14.42
CA SER A 907 -13.79 -31.44 14.56
C SER A 907 -12.86 -30.36 15.08
N GLY A 908 -11.72 -30.73 15.65
CA GLY A 908 -10.84 -29.75 16.25
C GLY A 908 -11.25 -29.28 17.63
N GLU A 909 -12.38 -29.75 18.16
CA GLU A 909 -12.79 -29.35 19.49
C GLU A 909 -11.85 -29.92 20.54
N SER A 910 -11.51 -29.11 21.52
CA SER A 910 -10.51 -29.45 22.54
C SER A 910 -11.19 -29.75 23.86
N VAL A 911 -10.79 -30.85 24.50
CA VAL A 911 -11.31 -31.30 25.78
C VAL A 911 -10.19 -31.19 26.81
N HIS A 912 -10.55 -31.00 28.07
CA HIS A 912 -9.58 -30.94 29.15
C HIS A 912 -9.88 -32.04 30.17
N ILE A 913 -8.87 -32.87 30.45
CA ILE A 913 -9.00 -33.97 31.39
C ILE A 913 -7.98 -33.81 32.51
N GLN A 914 -8.40 -34.06 33.74
CA GLN A 914 -7.49 -34.00 34.87
C GLN A 914 -7.04 -35.40 35.28
N THR A 915 -5.78 -35.51 35.70
CA THR A 915 -5.23 -36.78 36.15
C THR A 915 -4.24 -36.53 37.27
N GLU A 916 -3.96 -37.60 38.02
CA GLU A 916 -3.02 -37.56 39.13
C GLU A 916 -1.61 -38.03 38.76
N LYS A 917 -1.45 -38.67 37.60
CA LYS A 917 -0.18 -39.28 37.22
C LYS A 917 0.80 -38.21 36.76
N GLU A 918 1.93 -38.10 37.46
CA GLU A 918 2.97 -37.13 37.08
C GLU A 918 3.69 -37.53 35.80
N ILE A 919 3.67 -38.83 35.47
CA ILE A 919 4.46 -39.34 34.33
C ILE A 919 4.14 -38.58 33.06
N PHE A 920 2.86 -38.33 32.79
CA PHE A 920 2.47 -37.63 31.56
C PHE A 920 3.18 -36.29 31.44
N LEU A 921 3.42 -35.61 32.56
CA LEU A 921 4.19 -34.38 32.49
C LEU A 921 5.66 -34.67 32.23
N LYS A 922 6.26 -35.57 33.02
CA LYS A 922 7.70 -35.81 32.91
C LYS A 922 8.09 -36.21 31.50
N TYR A 923 7.31 -37.10 30.88
CA TYR A 923 7.56 -37.49 29.51
C TYR A 923 7.22 -36.36 28.55
N GLY A 924 6.14 -35.63 28.81
CA GLY A 924 5.68 -34.63 27.87
C GLY A 924 6.69 -33.54 27.61
N GLU A 925 7.40 -33.12 28.67
CA GLU A 925 8.46 -32.14 28.48
C GLU A 925 9.65 -32.77 27.75
N HIS A 926 9.92 -34.03 28.03
CA HIS A 926 11.07 -34.72 27.45
C HIS A 926 11.04 -34.65 25.93
N ILE A 927 9.96 -35.17 25.33
CA ILE A 927 9.75 -35.06 23.90
C ILE A 927 9.81 -33.60 23.46
N THR A 928 9.26 -32.69 24.28
CA THR A 928 9.27 -31.28 23.93
C THR A 928 10.70 -30.77 23.72
N GLN A 929 11.67 -31.32 24.47
CA GLN A 929 13.04 -30.91 24.27
C GLN A 929 13.63 -31.50 22.99
N GLU A 930 13.24 -32.73 22.65
CA GLU A 930 13.84 -33.39 21.50
C GLU A 930 13.52 -32.66 20.21
N ILE A 931 12.25 -32.28 20.03
CA ILE A 931 11.85 -31.58 18.82
C ILE A 931 12.43 -30.17 18.86
N ASN A 932 13.08 -29.83 19.96
CA ASN A 932 13.73 -28.53 20.10
C ASN A 932 15.21 -28.61 19.76
N THR A 933 15.68 -29.77 19.29
CA THR A 933 17.01 -29.88 18.71
C THR A 933 16.96 -30.14 17.21
N ILE A 934 16.05 -30.99 16.74
CA ILE A 934 15.81 -31.11 15.31
C ILE A 934 15.47 -29.76 14.71
N LYS A 935 14.65 -28.98 15.41
CA LYS A 935 14.25 -27.66 14.94
C LYS A 935 15.32 -26.62 15.17
N ASN A 936 16.42 -26.98 15.82
CA ASN A 936 17.48 -26.02 16.12
C ASN A 936 18.60 -26.08 15.11
N ASN A 937 18.57 -27.04 14.18
CA ASN A 937 19.50 -27.08 13.05
C ASN A 937 18.75 -27.02 11.73
N ILE A 938 17.53 -26.50 11.72
CA ILE A 938 16.76 -26.29 10.51
C ILE A 938 16.84 -24.80 10.18
N ILE A 939 17.07 -24.49 8.92
CA ILE A 939 17.11 -23.13 8.42
C ILE A 939 15.91 -22.93 7.51
N ILE A 940 15.43 -21.68 7.42
CA ILE A 940 14.07 -21.39 6.97
C ILE A 940 13.72 -22.21 5.73
N ASP A 941 12.59 -22.90 5.80
CA ASP A 941 12.08 -23.69 4.70
C ASP A 941 11.51 -22.79 3.61
N VAL A 942 11.39 -23.34 2.41
CA VAL A 942 10.91 -22.52 1.30
C VAL A 942 9.67 -23.09 0.62
N ASN A 943 9.82 -24.20 -0.11
CA ASN A 943 8.73 -24.76 -0.91
C ASN A 943 8.08 -25.92 -0.14
N GLY A 944 7.59 -25.59 1.05
CA GLY A 944 7.08 -26.65 1.92
C GLY A 944 8.09 -27.74 2.17
N ASN A 945 9.37 -27.36 2.22
CA ASN A 945 10.46 -28.32 2.27
C ASN A 945 11.60 -27.67 3.03
N LEU A 946 12.35 -28.48 3.76
CA LEU A 946 13.33 -27.97 4.70
C LEU A 946 14.70 -27.94 4.04
N ILE A 947 15.46 -26.89 4.34
CA ILE A 947 16.85 -26.77 3.94
C ILE A 947 17.66 -26.58 5.22
N GLY A 948 18.30 -27.65 5.67
CA GLY A 948 18.91 -27.65 6.99
C GLY A 948 20.36 -27.22 7.00
N ASN A 949 20.94 -27.27 8.20
CA ASN A 949 22.32 -26.91 8.43
C ASN A 949 23.15 -28.17 8.59
N ILE A 950 24.46 -28.06 8.37
CA ILE A 950 25.38 -29.18 8.50
C ILE A 950 26.46 -28.79 9.50
N GLU A 951 26.65 -29.65 10.50
CA GLU A 951 27.67 -29.47 11.52
C GLU A 951 28.59 -30.68 11.48
N LEU A 952 29.90 -30.45 11.57
CA LEU A 952 30.88 -31.52 11.46
C LEU A 952 31.81 -31.49 12.67
N GLU A 953 31.22 -31.39 13.85
CA GLU A 953 31.92 -31.59 15.12
C GLU A 953 31.24 -32.75 15.83
N HIS A 954 31.98 -33.47 16.66
CA HIS A 954 31.44 -34.68 17.28
C HIS A 954 30.73 -34.33 18.57
N ALA A 955 30.73 -33.05 18.93
CA ALA A 955 29.98 -32.64 20.11
C ALA A 955 28.50 -32.45 19.78
N PRO A 956 28.14 -31.71 18.72
CA PRO A 956 26.72 -31.55 18.41
C PRO A 956 26.14 -32.60 17.48
N GLN A 957 26.97 -33.46 16.94
CA GLN A 957 26.44 -34.43 15.99
C GLN A 957 25.85 -35.56 16.80
N VAL A 958 26.49 -35.93 17.88
CA VAL A 958 25.90 -37.03 18.66
C VAL A 958 24.56 -36.65 19.21
N ASN A 959 24.36 -35.45 19.75
CA ASN A 959 23.00 -35.19 20.30
C ASN A 959 21.97 -35.19 19.21
N THR A 960 22.29 -34.66 18.06
CA THR A 960 21.26 -34.63 17.04
C THR A 960 20.97 -36.03 16.64
N LEU A 961 21.96 -36.89 16.51
CA LEU A 961 21.55 -38.26 16.16
C LEU A 961 20.69 -38.85 17.25
N ASN A 962 20.97 -38.66 18.52
CA ASN A 962 20.05 -39.28 19.50
C ASN A 962 18.68 -38.68 19.38
N ALA A 963 18.56 -37.37 19.19
CA ALA A 963 17.20 -36.81 19.11
C ALA A 963 16.47 -37.42 17.93
N ALA A 964 17.10 -37.51 16.79
CA ALA A 964 16.38 -38.10 15.66
C ALA A 964 16.04 -39.56 15.91
N PHE A 965 16.91 -40.36 16.47
CA PHE A 965 16.51 -41.76 16.71
C PHE A 965 15.36 -41.84 17.69
N PHE A 966 15.42 -41.07 18.76
CA PHE A 966 14.32 -41.14 19.73
C PHE A 966 13.02 -40.74 19.08
N ILE A 967 12.97 -39.63 18.37
CA ILE A 967 11.63 -39.28 17.83
C ILE A 967 11.24 -40.25 16.77
N GLN A 968 12.15 -40.73 15.97
CA GLN A 968 11.72 -41.65 14.91
C GLN A 968 11.16 -42.89 15.53
N SER A 969 11.74 -43.38 16.60
CA SER A 969 11.17 -44.58 17.23
C SER A 969 9.77 -44.25 17.71
N LEU A 970 9.53 -43.09 18.31
CA LEU A 970 8.13 -42.85 18.74
C LEU A 970 7.19 -42.86 17.56
N ILE A 971 7.57 -42.22 16.47
CA ILE A 971 6.68 -42.17 15.27
C ILE A 971 6.64 -43.48 14.53
N ASP A 972 7.48 -44.47 14.79
CA ASP A 972 7.28 -45.73 14.05
C ASP A 972 6.99 -46.86 15.01
N TYR A 973 6.73 -46.53 16.27
CA TYR A 973 6.49 -47.52 17.34
C TYR A 973 5.21 -48.28 17.10
N SER A 974 5.15 -49.57 16.72
CA SER A 974 3.78 -50.04 16.63
C SER A 974 3.55 -51.04 17.76
N ASN A 975 3.17 -50.51 18.93
CA ASN A 975 2.86 -51.35 20.06
C ASN A 975 1.44 -51.91 19.95
N ASN A 976 1.15 -52.87 20.81
CA ASN A 976 -0.21 -53.14 21.17
C ASN A 976 -0.71 -51.99 22.03
N LYS A 977 -2.02 -51.89 22.22
CA LYS A 977 -2.60 -50.77 22.95
C LYS A 977 -2.17 -49.44 22.36
N ASP A 978 -2.05 -49.39 21.04
CA ASP A 978 -1.84 -48.15 20.32
C ASP A 978 -3.02 -47.86 19.41
N VAL A 979 -4.18 -48.43 19.74
CA VAL A 979 -5.39 -48.21 18.96
C VAL A 979 -6.43 -47.41 19.72
N LEU A 980 -6.57 -47.60 21.03
CA LEU A 980 -7.46 -46.75 21.81
C LEU A 980 -6.82 -45.38 22.03
N ASN A 981 -5.50 -45.34 22.13
CA ASN A 981 -4.79 -44.09 22.08
C ASN A 981 -4.04 -44.07 20.75
N ASN A 982 -3.43 -42.94 20.44
CA ASN A 982 -2.63 -42.80 19.24
C ASN A 982 -1.41 -41.96 19.57
N LEU A 983 -0.25 -42.60 19.61
CA LEU A 983 1.00 -41.90 19.87
C LEU A 983 1.84 -41.71 18.61
N ARG A 984 1.67 -42.57 17.61
CA ARG A 984 2.31 -42.30 16.34
C ARG A 984 1.79 -41.04 15.68
N THR A 985 0.62 -40.57 16.08
CA THR A 985 -0.02 -39.41 15.45
C THR A 985 0.09 -38.15 16.28
N SER A 986 -0.02 -38.25 17.60
CA SER A 986 0.19 -37.08 18.44
C SER A 986 1.57 -36.49 18.23
N VAL A 987 2.59 -37.34 18.26
CA VAL A 987 3.97 -36.86 18.09
C VAL A 987 4.17 -36.35 16.68
N LYS A 988 3.59 -37.03 15.69
CA LYS A 988 3.77 -36.59 14.31
C LYS A 988 3.15 -35.23 14.10
N VAL A 989 1.96 -35.00 14.67
CA VAL A 989 1.29 -33.73 14.50
C VAL A 989 2.02 -32.63 15.25
N GLN A 990 2.52 -32.92 16.45
CA GLN A 990 3.31 -31.91 17.15
C GLN A 990 4.55 -31.55 16.36
N LEU A 991 5.23 -32.56 15.80
CA LEU A 991 6.43 -32.32 15.01
C LEU A 991 6.12 -31.45 13.80
N TYR A 992 5.07 -31.80 13.05
CA TYR A 992 4.68 -31.02 11.89
C TYR A 992 4.31 -29.61 12.28
N ALA A 993 3.60 -29.46 13.39
CA ALA A 993 3.17 -28.12 13.80
C ALA A 993 4.36 -27.26 14.18
N GLN A 994 5.35 -27.82 14.86
CA GLN A 994 6.49 -27.01 15.26
C GLN A 994 7.47 -26.80 14.12
N LEU A 995 7.43 -27.65 13.09
CA LEU A 995 8.36 -27.47 11.98
C LEU A 995 7.80 -26.56 10.89
N PHE A 996 6.52 -26.68 10.57
CA PHE A 996 5.90 -25.90 9.50
C PHE A 996 4.98 -24.80 10.00
N SER A 997 4.90 -24.59 11.31
CA SER A 997 3.98 -23.61 11.88
C SER A 997 4.62 -23.05 13.15
N THR A 998 3.82 -22.46 14.02
CA THR A 998 4.31 -21.95 15.29
C THR A 998 4.05 -22.88 16.47
N GLY A 999 3.42 -24.03 16.25
CA GLY A 999 3.20 -24.98 17.30
C GLY A 999 1.71 -25.16 17.61
N LEU A 1000 1.38 -26.32 18.17
CA LEU A 1000 -0.01 -26.59 18.52
C LEU A 1000 -0.48 -25.78 19.71
N ASN A 1001 0.43 -25.39 20.61
CA ASN A 1001 0.03 -24.71 21.83
C ASN A 1001 -0.63 -23.36 21.57
N THR A 1002 -0.29 -22.68 20.48
CA THR A 1002 -0.88 -21.38 20.19
C THR A 1002 -2.00 -21.43 19.15
N ILE A 1003 -2.34 -22.61 18.65
CA ILE A 1003 -3.36 -22.76 17.61
C ILE A 1003 -4.63 -23.28 18.26
N TYR A 1004 -5.71 -22.49 18.19
CA TYR A 1004 -6.99 -22.88 18.76
C TYR A 1004 -8.13 -22.94 17.76
N ASP A 1005 -7.99 -22.31 16.59
CA ASP A 1005 -9.06 -22.32 15.60
C ASP A 1005 -9.24 -23.72 15.05
N SER A 1006 -10.45 -24.27 15.22
CA SER A 1006 -10.68 -25.68 14.90
C SER A 1006 -10.46 -25.97 13.42
N ILE A 1007 -10.73 -25.01 12.54
CA ILE A 1007 -10.49 -25.25 11.12
C ILE A 1007 -8.99 -25.37 10.85
N GLN A 1008 -8.20 -24.47 11.43
CA GLN A 1008 -6.75 -24.61 11.33
C GLN A 1008 -6.29 -25.95 11.87
N LEU A 1009 -6.87 -26.39 12.99
CA LEU A 1009 -6.48 -27.66 13.57
C LEU A 1009 -6.75 -28.81 12.61
N VAL A 1010 -7.94 -28.83 12.00
CA VAL A 1010 -8.28 -29.93 11.12
C VAL A 1010 -7.39 -29.94 9.88
N ASN A 1011 -7.14 -28.75 9.31
CA ASN A 1011 -6.29 -28.71 8.12
C ASN A 1011 -4.87 -29.13 8.44
N LEU A 1012 -4.33 -28.67 9.58
CA LEU A 1012 -2.97 -29.02 9.95
C LEU A 1012 -2.85 -30.51 10.28
N ILE A 1013 -3.87 -31.07 10.91
CA ILE A 1013 -3.86 -32.51 11.21
C ILE A 1013 -3.87 -33.32 9.92
N SER A 1014 -4.72 -32.94 8.97
CA SER A 1014 -4.73 -33.64 7.69
C SER A 1014 -3.38 -33.53 6.99
N ASN A 1015 -2.80 -32.31 6.99
CA ASN A 1015 -1.50 -32.12 6.35
C ASN A 1015 -0.44 -33.00 7.00
N ALA A 1016 -0.37 -33.00 8.34
CA ALA A 1016 0.62 -33.80 9.03
C ALA A 1016 0.44 -35.29 8.75
N ILE A 1017 -0.79 -35.79 8.83
CA ILE A 1017 -0.99 -37.22 8.67
C ILE A 1017 -0.67 -37.66 7.25
N ASN A 1018 -1.02 -36.84 6.25
CA ASN A 1018 -0.73 -37.25 4.88
C ASN A 1018 0.73 -37.06 4.52
N ASP A 1019 1.41 -36.08 5.12
CA ASP A 1019 2.80 -35.80 4.80
C ASP A 1019 3.72 -36.62 5.69
N ALA A 1020 4.73 -37.23 5.07
CA ALA A 1020 5.75 -37.97 5.80
C ALA A 1020 7.00 -37.11 5.98
N ILE A 1021 7.49 -37.05 7.21
CA ILE A 1021 8.65 -36.24 7.56
C ILE A 1021 9.82 -37.15 7.90
N ASN A 1022 11.02 -36.71 7.54
CA ASN A 1022 12.24 -37.46 7.85
C ASN A 1022 13.18 -36.56 8.61
N VAL A 1023 13.69 -37.06 9.74
CA VAL A 1023 14.46 -36.26 10.66
C VAL A 1023 15.88 -36.77 10.87
N LEU A 1024 16.17 -38.03 10.62
CA LEU A 1024 17.49 -38.58 10.93
C LEU A 1024 18.51 -38.10 9.91
N PRO A 1025 19.72 -37.75 10.34
CA PRO A 1025 20.60 -36.91 9.52
C PRO A 1025 21.11 -37.60 8.27
N THR A 1026 20.85 -36.98 7.12
CA THR A 1026 21.44 -37.34 5.84
C THR A 1026 21.77 -36.03 5.13
N LEU A 1027 22.30 -36.14 3.92
CA LEU A 1027 22.70 -34.97 3.15
C LEU A 1027 21.71 -34.63 2.05
N THR A 1028 20.98 -35.61 1.54
CA THR A 1028 20.01 -35.48 0.46
C THR A 1028 18.83 -36.37 0.85
N GLU A 1029 17.83 -35.74 1.47
CA GLU A 1029 16.73 -36.44 2.11
C GLU A 1029 16.13 -37.51 1.21
N GLY A 1030 16.28 -38.78 1.61
CA GLY A 1030 15.80 -39.88 0.80
C GLY A 1030 16.82 -40.47 -0.14
N VAL A 1031 16.83 -39.99 -1.38
CA VAL A 1031 17.57 -40.63 -2.47
C VAL A 1031 18.97 -40.04 -2.59
N PRO A 1032 19.88 -40.67 -3.36
CA PRO A 1032 21.18 -40.06 -3.61
C PRO A 1032 21.18 -39.17 -4.85
N ILE A 1033 21.62 -37.92 -4.72
CA ILE A 1033 21.68 -37.08 -5.91
C ILE A 1033 23.02 -36.37 -6.05
N LEU A 1034 23.29 -35.40 -5.18
CA LEU A 1034 24.51 -34.60 -5.23
C LEU A 1034 24.53 -33.68 -4.03
N ALA A 1035 25.71 -33.48 -3.45
CA ALA A 1035 25.87 -32.64 -2.27
C ALA A 1035 26.58 -31.36 -2.67
N THR A 1036 25.93 -30.23 -2.47
CA THR A 1036 26.56 -28.92 -2.62
C THR A 1036 26.36 -28.18 -1.30
N ILE A 1037 27.28 -28.39 -0.36
CA ILE A 1037 27.20 -27.76 0.94
C ILE A 1037 28.03 -26.48 0.88
N LEU A 1038 27.35 -25.34 0.78
CA LEU A 1038 28.00 -24.06 0.96
C LEU A 1038 28.28 -23.90 2.46
N ASP A 1039 28.67 -22.70 2.88
CA ASP A 1039 29.08 -22.55 4.27
C ASP A 1039 27.97 -23.00 5.21
N GLY A 1040 28.16 -24.16 5.82
CA GLY A 1040 27.21 -24.75 6.74
C GLY A 1040 25.75 -24.78 6.29
N ILE A 1041 25.49 -24.91 4.99
CA ILE A 1041 24.13 -24.91 4.48
C ILE A 1041 24.03 -25.95 3.38
N SER A 1042 23.01 -26.80 3.44
CA SER A 1042 22.81 -27.82 2.43
C SER A 1042 21.88 -27.30 1.35
N LEU A 1043 22.26 -27.46 0.10
CA LEU A 1043 21.48 -26.91 -1.01
C LEU A 1043 21.42 -27.85 -2.20
N GLY A 1044 21.49 -29.16 -1.95
CA GLY A 1044 21.39 -30.10 -3.06
C GLY A 1044 19.97 -30.21 -3.59
N ALA A 1045 19.01 -30.40 -2.68
CA ALA A 1045 17.63 -30.61 -3.09
C ALA A 1045 17.03 -29.35 -3.71
N ALA A 1046 17.28 -28.18 -3.10
CA ALA A 1046 16.75 -26.94 -3.66
C ALA A 1046 17.34 -26.67 -5.03
N ILE A 1047 18.63 -26.91 -5.22
CA ILE A 1047 19.25 -26.68 -6.52
C ILE A 1047 18.67 -27.62 -7.55
N LYS A 1048 18.51 -28.91 -7.21
CA LYS A 1048 17.95 -29.81 -8.19
C LYS A 1048 16.48 -29.52 -8.46
N GLU A 1049 15.79 -28.85 -7.53
CA GLU A 1049 14.42 -28.44 -7.79
C GLU A 1049 14.37 -27.24 -8.73
N LEU A 1050 15.31 -26.31 -8.57
CA LEU A 1050 15.33 -25.07 -9.33
C LEU A 1050 15.81 -25.24 -10.77
N SER A 1051 16.46 -26.33 -11.10
CA SER A 1051 16.99 -26.55 -12.44
C SER A 1051 16.01 -27.26 -13.35
N GLU A 1052 14.78 -27.49 -12.89
CA GLU A 1052 13.75 -28.05 -13.77
C GLU A 1052 12.35 -27.50 -13.49
N THR A 1053 12.20 -26.50 -12.62
CA THR A 1053 10.90 -26.23 -12.01
C THR A 1053 9.88 -25.75 -13.02
N ASN A 1054 10.26 -24.81 -13.89
CA ASN A 1054 9.32 -24.14 -14.80
C ASN A 1054 8.17 -23.50 -14.03
N ASP A 1055 8.46 -23.00 -12.84
CA ASP A 1055 7.45 -22.37 -11.98
C ASP A 1055 7.99 -21.04 -11.46
N PRO A 1056 7.38 -19.92 -11.83
CA PRO A 1056 7.90 -18.63 -11.36
C PRO A 1056 7.76 -18.41 -9.87
N LEU A 1057 6.73 -18.97 -9.23
CA LEU A 1057 6.56 -18.77 -7.79
C LEU A 1057 7.69 -19.43 -7.00
N LEU A 1058 8.07 -20.65 -7.39
CA LEU A 1058 9.15 -21.34 -6.71
C LEU A 1058 10.48 -20.64 -6.90
N LYS A 1059 10.74 -20.16 -8.12
CA LYS A 1059 11.95 -19.39 -8.38
C LYS A 1059 11.98 -18.12 -7.53
N LYS A 1060 10.84 -17.46 -7.38
CA LYS A 1060 10.79 -16.25 -6.57
C LYS A 1060 11.04 -16.56 -5.10
N GLU A 1061 10.45 -17.63 -4.59
CA GLU A 1061 10.70 -18.01 -3.20
C GLU A 1061 12.18 -18.31 -2.97
N LEU A 1062 12.77 -19.12 -3.87
CA LEU A 1062 14.17 -19.47 -3.71
C LEU A 1062 15.08 -18.25 -3.82
N GLU A 1063 14.73 -17.28 -4.66
CA GLU A 1063 15.55 -16.08 -4.76
C GLU A 1063 15.40 -15.20 -3.53
N ALA A 1064 14.19 -15.14 -2.97
CA ALA A 1064 13.94 -14.21 -1.87
C ALA A 1064 14.50 -14.73 -0.56
N LYS A 1065 14.27 -16.01 -0.26
CA LYS A 1065 14.66 -16.55 1.03
C LYS A 1065 16.06 -17.12 1.07
N VAL A 1066 16.61 -17.54 -0.07
CA VAL A 1066 17.95 -18.11 -0.13
C VAL A 1066 18.93 -17.20 -0.86
N GLY A 1067 18.70 -16.96 -2.14
CA GLY A 1067 19.60 -16.12 -2.91
C GLY A 1067 20.09 -16.76 -4.20
N ILE A 1068 19.48 -17.87 -4.60
CA ILE A 1068 19.91 -18.60 -5.78
C ILE A 1068 19.38 -17.94 -7.04
N ILE A 1069 20.21 -17.89 -8.08
CA ILE A 1069 19.90 -17.19 -9.33
C ILE A 1069 20.42 -18.05 -10.47
N ALA A 1070 19.52 -18.61 -11.27
CA ALA A 1070 19.93 -19.43 -12.40
C ALA A 1070 20.21 -18.55 -13.62
N ILE A 1071 20.68 -19.18 -14.70
CA ILE A 1071 21.07 -18.42 -15.88
C ILE A 1071 19.99 -18.47 -16.96
N ASN A 1072 19.22 -19.56 -17.02
CA ASN A 1072 18.10 -19.68 -17.95
C ASN A 1072 18.54 -19.76 -19.40
N MET A 1073 19.45 -20.63 -19.76
CA MET A 1073 20.02 -20.78 -21.12
C MET A 1073 19.00 -21.42 -22.06
N SER A 1074 17.84 -20.81 -22.27
CA SER A 1074 16.75 -21.32 -23.09
C SER A 1074 16.73 -20.61 -24.43
N LEU A 1075 16.51 -21.38 -25.50
CA LEU A 1075 16.50 -20.81 -26.84
C LEU A 1075 15.25 -19.96 -27.07
N SER A 1076 14.12 -20.39 -26.52
CA SER A 1076 12.87 -19.67 -26.72
C SER A 1076 12.99 -18.22 -26.25
N LEU A 1077 13.52 -18.03 -25.03
CA LEU A 1077 13.66 -16.69 -24.49
C LEU A 1077 14.61 -15.85 -25.33
N ALA A 1078 15.69 -16.46 -25.81
CA ALA A 1078 16.63 -15.77 -26.68
C ALA A 1078 15.92 -15.25 -27.92
N SER A 1079 15.09 -16.10 -28.51
CA SER A 1079 14.31 -15.70 -29.68
C SER A 1079 13.34 -14.56 -29.33
N MET A 1080 12.67 -14.68 -28.19
CA MET A 1080 11.70 -13.68 -27.79
C MET A 1080 12.37 -12.33 -27.61
N ILE A 1081 13.53 -12.30 -26.97
CA ILE A 1081 14.22 -11.04 -26.73
C ILE A 1081 14.76 -10.47 -28.04
N SER A 1082 15.20 -11.34 -28.95
CA SER A 1082 15.61 -10.83 -30.26
C SER A 1082 14.44 -10.13 -30.96
N THR A 1083 13.26 -10.74 -30.94
CA THR A 1083 12.11 -10.10 -31.58
C THR A 1083 11.72 -8.81 -30.85
N VAL A 1084 11.83 -8.79 -29.52
CA VAL A 1084 11.47 -7.59 -28.77
C VAL A 1084 12.38 -6.43 -29.15
N ILE A 1085 13.68 -6.68 -29.26
CA ILE A 1085 14.56 -5.59 -29.64
C ILE A 1085 14.32 -5.19 -31.09
N GLY A 1086 14.08 -6.17 -31.97
CA GLY A 1086 13.77 -5.85 -33.34
C GLY A 1086 12.55 -4.96 -33.47
N VAL A 1087 11.56 -5.17 -32.59
CA VAL A 1087 10.38 -4.32 -32.58
C VAL A 1087 10.73 -2.93 -32.04
N GLY A 1088 11.42 -2.87 -30.91
CA GLY A 1088 11.63 -1.60 -30.25
C GLY A 1088 12.53 -0.65 -31.04
N SER A 1089 13.62 -1.19 -31.60
CA SER A 1089 14.54 -0.34 -32.35
C SER A 1089 13.86 0.24 -33.57
N GLU A 1090 13.01 -0.55 -34.23
CA GLU A 1090 12.28 -0.06 -35.39
C GLU A 1090 11.25 0.99 -34.99
N LEU A 1091 10.57 0.77 -33.87
CA LEU A 1091 9.58 1.74 -33.42
C LEU A 1091 10.22 3.07 -33.07
N ALA A 1092 11.43 3.04 -32.50
CA ALA A 1092 11.99 4.22 -31.85
C ALA A 1092 12.60 5.23 -32.82
N ILE A 1093 12.53 4.98 -34.13
CA ILE A 1093 13.21 5.87 -35.06
C ILE A 1093 12.36 7.04 -35.56
N PHE A 1094 11.06 6.86 -35.70
CA PHE A 1094 10.24 7.82 -36.44
C PHE A 1094 9.89 9.02 -35.57
N LEU A 1095 10.12 10.22 -36.10
CA LEU A 1095 9.73 11.47 -35.44
C LEU A 1095 8.26 11.75 -35.76
N LEU A 1096 7.41 11.38 -34.80
CA LEU A 1096 5.97 11.40 -35.04
C LEU A 1096 5.39 12.79 -34.77
N PRO A 1097 4.38 13.22 -35.52
CA PRO A 1097 3.78 14.53 -35.28
C PRO A 1097 2.94 14.52 -34.02
N ILE A 1098 2.80 15.70 -33.40
CA ILE A 1098 1.85 15.88 -32.31
C ILE A 1098 0.44 15.83 -32.87
N ALA A 1099 -0.43 15.07 -32.22
CA ALA A 1099 -1.78 14.89 -32.71
C ALA A 1099 -2.52 16.21 -32.76
N GLY A 1100 -3.22 16.45 -33.87
CA GLY A 1100 -3.93 17.69 -34.05
C GLY A 1100 -3.15 18.77 -34.76
N ILE A 1101 -2.00 18.45 -35.33
CA ILE A 1101 -1.15 19.48 -35.94
C ILE A 1101 -1.78 20.02 -37.21
N SER A 1102 -2.25 19.12 -38.09
CA SER A 1102 -2.83 19.55 -39.35
C SER A 1102 -4.26 20.04 -39.18
N ALA A 1103 -5.04 19.40 -38.31
CA ALA A 1103 -6.42 19.80 -38.09
C ALA A 1103 -6.54 21.02 -37.19
N GLY A 1104 -5.48 21.37 -36.47
CA GLY A 1104 -5.52 22.51 -35.58
C GLY A 1104 -5.83 22.11 -34.14
N ILE A 1105 -5.00 22.54 -33.21
CA ILE A 1105 -5.24 22.26 -31.79
C ILE A 1105 -6.14 23.37 -31.26
N PRO A 1106 -7.15 23.04 -30.47
CA PRO A 1106 -8.01 24.10 -29.93
C PRO A 1106 -7.26 24.96 -28.92
N SER A 1107 -7.46 26.27 -29.02
CA SER A 1107 -6.83 27.24 -28.13
C SER A 1107 -7.89 27.78 -27.18
N LEU A 1108 -7.67 27.56 -25.88
CA LEU A 1108 -8.69 27.87 -24.87
C LEU A 1108 -8.77 29.37 -24.63
N VAL A 1109 -9.53 30.04 -25.48
CA VAL A 1109 -10.10 31.34 -25.13
C VAL A 1109 -11.07 31.07 -24.00
N ASN A 1110 -11.15 32.02 -23.05
CA ASN A 1110 -11.71 31.82 -21.69
C ASN A 1110 -12.93 30.90 -21.75
N ASN A 1111 -13.95 31.21 -22.55
CA ASN A 1111 -15.11 30.33 -22.67
C ASN A 1111 -14.99 29.46 -23.91
N GLU A 1112 -15.37 28.18 -23.78
CA GLU A 1112 -15.65 27.34 -24.94
C GLU A 1112 -14.48 27.25 -25.91
N LEU A 1113 -13.41 26.55 -25.50
CA LEU A 1113 -12.18 26.46 -26.27
C LEU A 1113 -12.46 26.42 -27.76
N ILE A 1114 -11.91 27.38 -28.48
CA ILE A 1114 -12.19 27.59 -29.89
C ILE A 1114 -11.33 26.67 -30.72
N LEU A 1115 -11.82 26.34 -31.92
CA LEU A 1115 -11.08 25.56 -32.90
C LEU A 1115 -10.54 26.42 -34.03
N HIS A 1116 -11.38 27.25 -34.62
CA HIS A 1116 -10.99 28.21 -35.64
C HIS A 1116 -11.88 29.44 -35.51
N ASP A 1117 -11.35 30.59 -35.91
CA ASP A 1117 -12.07 31.85 -35.73
C ASP A 1117 -12.11 32.73 -36.98
N LYS A 1118 -11.97 32.15 -38.16
CA LYS A 1118 -12.08 32.89 -39.41
C LYS A 1118 -12.91 32.08 -40.38
N ALA A 1119 -13.31 32.72 -41.48
CA ALA A 1119 -14.01 31.99 -42.53
C ALA A 1119 -13.09 30.98 -43.22
N THR A 1120 -11.92 31.43 -43.66
CA THR A 1120 -11.04 30.55 -44.41
C THR A 1120 -10.42 29.48 -43.52
N SER A 1121 -10.29 29.76 -42.22
CA SER A 1121 -9.83 28.71 -41.33
C SER A 1121 -10.82 27.55 -41.26
N VAL A 1122 -12.11 27.86 -41.16
CA VAL A 1122 -13.11 26.80 -41.12
C VAL A 1122 -13.19 26.09 -42.46
N VAL A 1123 -13.06 26.83 -43.55
CA VAL A 1123 -13.02 26.19 -44.85
C VAL A 1123 -11.84 25.24 -44.96
N ASN A 1124 -10.69 25.61 -44.38
CA ASN A 1124 -9.53 24.72 -44.42
C ASN A 1124 -9.76 23.48 -43.57
N TYR A 1125 -10.36 23.64 -42.40
CA TYR A 1125 -10.66 22.46 -41.59
C TYR A 1125 -11.57 21.50 -42.34
N PHE A 1126 -12.54 22.04 -43.06
CA PHE A 1126 -13.44 21.17 -43.81
C PHE A 1126 -12.75 20.55 -45.02
N THR A 1127 -11.76 21.23 -45.60
CA THR A 1127 -10.92 20.59 -46.62
C THR A 1127 -10.17 19.40 -46.02
N HIS A 1128 -9.57 19.60 -44.85
CA HIS A 1128 -8.89 18.50 -44.19
C HIS A 1128 -9.83 17.32 -43.95
N LEU A 1129 -11.05 17.62 -43.51
CA LEU A 1129 -12.03 16.54 -43.35
C LEU A 1129 -12.30 15.84 -44.67
N SER A 1130 -12.52 16.61 -45.74
CA SER A 1130 -12.89 16.00 -47.01
C SER A 1130 -11.76 15.19 -47.63
N GLU A 1131 -10.51 15.39 -47.17
CA GLU A 1131 -9.43 14.55 -47.65
C GLU A 1131 -9.69 13.05 -47.43
N SER A 1132 -10.53 12.72 -46.45
CA SER A 1132 -10.77 11.31 -46.14
C SER A 1132 -11.58 10.61 -47.22
N LYS A 1133 -12.32 11.36 -48.03
CA LYS A 1133 -12.95 10.75 -49.20
C LYS A 1133 -11.92 10.27 -50.21
N LYS A 1134 -10.85 11.04 -50.38
CA LYS A 1134 -9.83 10.75 -51.38
C LYS A 1134 -8.82 9.70 -50.93
N TYR A 1135 -8.38 9.75 -49.68
CA TYR A 1135 -7.39 8.79 -49.21
C TYR A 1135 -7.99 7.61 -48.46
N GLY A 1136 -9.28 7.63 -48.18
CA GLY A 1136 -9.87 6.61 -47.35
C GLY A 1136 -9.56 6.88 -45.89
N PRO A 1137 -10.04 6.02 -45.00
CA PRO A 1137 -9.92 6.32 -43.56
C PRO A 1137 -8.50 6.27 -43.04
N PHE A 1138 -7.56 5.66 -43.76
CA PHE A 1138 -6.19 5.55 -43.28
C PHE A 1138 -5.21 5.93 -44.38
N LYS A 1139 -4.12 6.58 -43.98
CA LYS A 1139 -3.10 7.05 -44.90
C LYS A 1139 -1.77 6.39 -44.54
N LEU A 1140 -1.03 5.99 -45.56
CA LEU A 1140 0.25 5.31 -45.36
C LEU A 1140 1.38 6.34 -45.33
N GLU A 1141 1.99 6.50 -44.17
CA GLU A 1141 3.15 7.38 -44.01
C GLU A 1141 4.42 6.56 -44.11
N ASP A 1142 5.36 7.03 -44.93
CA ASP A 1142 6.68 6.42 -45.07
C ASP A 1142 6.59 4.97 -45.55
N ASP A 1143 5.42 4.58 -46.04
CA ASP A 1143 5.09 3.19 -46.34
C ASP A 1143 5.31 2.28 -45.15
N LYS A 1144 5.38 2.83 -43.94
CA LYS A 1144 5.64 2.02 -42.77
C LYS A 1144 4.59 2.18 -41.69
N ILE A 1145 4.01 3.37 -41.53
CA ILE A 1145 3.04 3.63 -40.48
C ILE A 1145 1.68 3.89 -41.10
N LEU A 1146 0.69 3.11 -40.68
CA LEU A 1146 -0.69 3.23 -41.17
C LEU A 1146 -1.44 4.20 -40.27
N SER A 1147 -1.37 5.49 -40.57
CA SER A 1147 -1.85 6.52 -39.65
C SER A 1147 -3.24 7.00 -40.04
N PRO A 1148 -4.16 7.17 -39.10
CA PRO A 1148 -5.50 7.64 -39.47
C PRO A 1148 -5.49 9.10 -39.89
N ILE A 1149 -6.53 9.50 -40.63
CA ILE A 1149 -6.71 10.91 -40.95
C ILE A 1149 -6.80 11.72 -39.66
N ASP A 1150 -6.15 12.87 -39.64
CA ASP A 1150 -6.06 13.65 -38.41
C ASP A 1150 -7.42 14.22 -38.05
N ASP A 1151 -7.81 14.00 -36.79
CA ASP A 1151 -9.10 14.44 -36.25
C ASP A 1151 -10.26 13.82 -37.02
N LEU A 1152 -10.27 12.50 -37.02
CA LEU A 1152 -11.43 11.73 -37.47
C LEU A 1152 -11.86 10.82 -36.34
N VAL A 1153 -13.17 10.69 -36.17
CA VAL A 1153 -13.73 10.04 -34.99
C VAL A 1153 -13.99 8.58 -35.34
N ILE A 1154 -12.99 7.74 -35.14
CA ILE A 1154 -13.11 6.30 -35.35
C ILE A 1154 -13.31 5.65 -33.99
N SER A 1155 -14.43 4.94 -33.82
CA SER A 1155 -14.76 4.38 -32.53
C SER A 1155 -14.45 2.89 -32.40
N GLU A 1156 -14.27 2.19 -33.51
CA GLU A 1156 -14.06 0.75 -33.41
C GLU A 1156 -13.30 0.25 -34.62
N ILE A 1157 -12.36 -0.65 -34.37
CA ILE A 1157 -11.59 -1.32 -35.43
C ILE A 1157 -11.66 -2.82 -35.17
N ASP A 1158 -11.84 -3.59 -36.23
CA ASP A 1158 -11.95 -5.04 -36.17
C ASP A 1158 -10.97 -5.63 -37.18
N PHE A 1159 -9.83 -6.12 -36.69
CA PHE A 1159 -8.84 -6.70 -37.58
C PHE A 1159 -9.25 -8.07 -38.11
N ASN A 1160 -10.25 -8.71 -37.51
CA ASN A 1160 -10.66 -10.03 -37.97
C ASN A 1160 -11.44 -9.98 -39.28
N THR A 1161 -12.18 -8.89 -39.51
CA THR A 1161 -12.94 -8.72 -40.74
C THR A 1161 -12.59 -7.43 -41.47
N ASP A 1162 -11.60 -6.67 -40.98
CA ASP A 1162 -11.13 -5.46 -41.63
C ASP A 1162 -12.26 -4.45 -41.81
N SER A 1163 -12.97 -4.16 -40.72
CA SER A 1163 -14.07 -3.20 -40.75
C SER A 1163 -13.94 -2.25 -39.56
N ILE A 1164 -14.43 -1.03 -39.75
CA ILE A 1164 -14.38 0.01 -38.75
C ILE A 1164 -15.76 0.65 -38.60
N LYS A 1165 -15.95 1.33 -37.49
CA LYS A 1165 -17.15 2.09 -37.20
C LYS A 1165 -16.76 3.52 -36.87
N LEU A 1166 -17.39 4.49 -37.51
CA LEU A 1166 -17.08 5.88 -37.24
C LEU A 1166 -17.92 6.40 -36.07
N GLY A 1167 -17.41 7.43 -35.43
CA GLY A 1167 -18.14 8.09 -34.37
C GLY A 1167 -19.10 9.12 -34.94
N THR A 1168 -19.62 9.98 -34.07
CA THR A 1168 -20.60 10.97 -34.44
C THR A 1168 -19.98 12.36 -34.42
N CYS A 1169 -20.12 13.09 -35.53
CA CYS A 1169 -19.64 14.46 -35.65
C CYS A 1169 -20.81 15.31 -36.14
N ASP A 1170 -21.59 15.86 -35.22
CA ASP A 1170 -22.79 16.59 -35.55
C ASP A 1170 -22.58 18.09 -35.37
N ILE A 1171 -23.30 18.87 -36.16
CA ILE A 1171 -23.15 20.32 -36.20
C ILE A 1171 -24.53 20.97 -36.13
N LEU A 1172 -24.62 22.09 -35.41
CA LEU A 1172 -25.90 22.74 -35.14
C LEU A 1172 -26.60 23.12 -36.44
N SER A 1173 -27.90 22.82 -36.49
CA SER A 1173 -28.70 23.09 -37.67
C SER A 1173 -29.41 24.43 -37.57
N MET A 1174 -29.57 25.08 -38.71
CA MET A 1174 -30.30 26.33 -38.80
C MET A 1174 -31.78 26.06 -39.00
N GLU A 1175 -32.60 27.10 -38.82
CA GLU A 1175 -34.01 27.01 -39.12
C GLU A 1175 -34.55 28.41 -39.39
N GLY A 1176 -35.78 28.47 -39.92
CA GLY A 1176 -36.39 29.73 -40.26
C GLY A 1176 -35.96 30.20 -41.65
N GLY A 1177 -35.99 31.52 -41.83
CA GLY A 1177 -35.60 32.11 -43.10
C GLY A 1177 -36.71 32.10 -44.13
N SER A 1178 -36.82 33.17 -44.90
CA SER A 1178 -37.88 33.32 -45.89
C SER A 1178 -37.30 33.80 -47.21
N GLY A 1179 -37.97 33.43 -48.29
CA GLY A 1179 -37.55 33.85 -49.61
C GLY A 1179 -36.34 33.11 -50.16
N TYR A 1180 -36.31 31.79 -50.01
CA TYR A 1180 -35.16 31.02 -50.43
C TYR A 1180 -34.99 31.07 -51.94
N THR A 1181 -33.80 31.47 -52.39
CA THR A 1181 -33.51 31.64 -53.80
C THR A 1181 -32.08 31.17 -54.07
N VAL A 1182 -31.84 30.63 -55.25
CA VAL A 1182 -30.50 30.20 -55.66
C VAL A 1182 -30.09 31.02 -56.87
N THR A 1183 -28.87 31.55 -56.83
CA THR A 1183 -28.33 32.36 -57.92
C THR A 1183 -26.82 32.16 -57.98
N ASN A 1184 -26.35 31.47 -59.01
CA ASN A 1184 -24.93 31.08 -59.13
C ASN A 1184 -24.47 30.30 -57.91
N ASP A 1185 -25.29 29.34 -57.49
CA ASP A 1185 -25.08 28.58 -56.26
C ASP A 1185 -24.89 29.48 -55.04
N ILE A 1186 -25.35 30.73 -55.12
CA ILE A 1186 -25.36 31.66 -54.00
C ILE A 1186 -26.78 31.72 -53.46
N ASP A 1187 -26.93 31.41 -52.18
CA ASP A 1187 -28.25 31.44 -51.58
C ASP A 1187 -28.63 32.86 -51.22
N HIS A 1188 -29.80 33.30 -51.67
CA HIS A 1188 -30.37 34.59 -51.31
C HIS A 1188 -31.61 34.36 -50.47
N PHE A 1189 -31.80 35.20 -49.46
CA PHE A 1189 -32.93 35.10 -48.57
C PHE A 1189 -33.62 36.45 -48.45
N PHE A 1190 -34.86 36.42 -47.97
CA PHE A 1190 -35.49 37.65 -47.50
C PHE A 1190 -35.13 37.93 -46.05
N SER A 1191 -34.93 36.87 -45.28
CA SER A 1191 -34.45 36.96 -43.91
C SER A 1191 -33.45 35.83 -43.68
N SER A 1192 -32.37 36.15 -42.97
CA SER A 1192 -31.37 35.13 -42.68
C SER A 1192 -31.96 34.07 -41.74
N PRO A 1193 -31.76 32.79 -42.02
CA PRO A 1193 -32.12 31.77 -41.03
C PRO A 1193 -31.28 31.92 -39.78
N TYR A 1194 -31.82 31.42 -38.67
CA TYR A 1194 -31.19 31.54 -37.37
C TYR A 1194 -30.85 30.16 -36.83
N ILE A 1195 -29.82 30.09 -36.01
CA ILE A 1195 -29.30 28.82 -35.53
C ILE A 1195 -30.03 28.42 -34.24
N ASN A 1196 -30.49 27.16 -34.19
CA ASN A 1196 -31.28 26.66 -33.08
C ASN A 1196 -30.59 25.44 -32.48
N SER A 1197 -30.27 25.52 -31.20
CA SER A 1197 -29.66 24.40 -30.50
C SER A 1197 -30.65 23.27 -30.19
N ASN A 1198 -31.93 23.49 -30.40
CA ASN A 1198 -32.95 22.54 -29.96
C ASN A 1198 -33.30 21.50 -31.00
N ILE A 1199 -32.96 21.73 -32.27
CA ILE A 1199 -33.27 20.76 -33.34
C ILE A 1199 -32.20 19.69 -33.32
N PRO A 1200 -32.54 18.42 -33.52
CA PRO A 1200 -31.51 17.38 -33.63
C PRO A 1200 -30.48 17.74 -34.68
N PRO A 1201 -29.21 17.85 -34.30
CA PRO A 1201 -28.21 18.36 -35.22
C PRO A 1201 -27.96 17.42 -36.39
N LEU A 1202 -27.24 17.94 -37.37
CA LEU A 1202 -26.99 17.25 -38.63
C LEU A 1202 -25.74 16.41 -38.49
N SER A 1203 -25.83 15.12 -38.82
CA SER A 1203 -24.68 14.25 -38.85
C SER A 1203 -23.97 14.38 -40.19
N ILE A 1204 -22.63 14.45 -40.15
CA ILE A 1204 -21.88 14.72 -41.37
C ILE A 1204 -21.49 13.42 -42.08
N TYR A 1205 -21.21 12.37 -41.31
CA TYR A 1205 -20.54 11.21 -41.90
C TYR A 1205 -21.36 10.49 -42.97
N PRO A 1206 -22.69 10.32 -42.84
CA PRO A 1206 -23.45 9.83 -44.00
C PRO A 1206 -23.31 10.70 -45.24
N VAL A 1207 -23.07 12.00 -45.08
CA VAL A 1207 -22.91 12.85 -46.25
C VAL A 1207 -21.59 12.56 -46.95
N MET A 1208 -20.63 11.96 -46.25
CA MET A 1208 -19.30 11.76 -46.79
C MET A 1208 -19.15 10.43 -47.55
N ASN A 1209 -19.90 9.40 -47.17
CA ASN A 1209 -19.76 8.06 -47.75
C ASN A 1209 -18.33 7.55 -47.63
N ILE A 1210 -17.84 7.54 -46.39
CA ILE A 1210 -16.50 7.02 -46.11
C ILE A 1210 -16.55 5.50 -46.04
N GLN A 1211 -15.56 4.84 -46.64
CA GLN A 1211 -15.50 3.39 -46.63
C GLN A 1211 -15.30 2.87 -45.20
N THR A 1212 -16.10 1.89 -44.81
CA THR A 1212 -15.98 1.28 -43.49
C THR A 1212 -15.82 -0.23 -43.54
N THR A 1213 -15.62 -0.81 -44.71
CA THR A 1213 -15.42 -2.26 -44.82
C THR A 1213 -14.37 -2.56 -45.88
N ASN A 1214 -13.80 -3.76 -45.77
CA ASN A 1214 -12.80 -4.25 -46.73
C ASN A 1214 -11.60 -3.31 -46.79
N LEU A 1215 -10.96 -3.12 -45.65
CA LEU A 1215 -9.80 -2.24 -45.57
C LEU A 1215 -8.50 -3.04 -45.63
N ASP A 1216 -7.47 -2.43 -46.21
CA ASP A 1216 -6.16 -3.07 -46.31
C ASP A 1216 -5.38 -2.75 -45.04
N PHE A 1217 -5.43 -3.66 -44.07
CA PHE A 1217 -4.70 -3.52 -42.82
C PHE A 1217 -3.45 -4.40 -42.78
N SER A 1218 -2.74 -4.52 -43.90
CA SER A 1218 -1.64 -5.47 -44.00
C SER A 1218 -0.42 -5.06 -43.20
N LYS A 1219 -0.28 -3.79 -42.84
CA LYS A 1219 0.87 -3.33 -42.09
C LYS A 1219 0.74 -3.77 -40.64
N ASP A 1220 1.88 -4.09 -40.03
CA ASP A 1220 1.91 -4.39 -38.60
C ASP A 1220 1.88 -3.14 -37.74
N LEU A 1221 2.14 -1.98 -38.33
CA LEU A 1221 2.31 -0.72 -37.61
C LEU A 1221 1.10 0.17 -37.85
N MET A 1222 0.49 0.67 -36.78
CA MET A 1222 -0.62 1.60 -36.88
C MET A 1222 -0.58 2.57 -35.71
N MET A 1223 -0.68 3.86 -36.01
CA MET A 1223 -0.85 4.85 -34.95
C MET A 1223 -2.33 4.93 -34.60
N LEU A 1224 -2.63 4.93 -33.31
CA LEU A 1224 -4.01 4.84 -32.88
C LEU A 1224 -4.77 6.15 -33.15
N PRO A 1225 -6.08 6.07 -33.35
CA PRO A 1225 -6.86 7.29 -33.55
C PRO A 1225 -6.84 8.17 -32.30
N ASN A 1226 -7.05 9.48 -32.50
CA ASN A 1226 -6.90 10.43 -31.43
C ASN A 1226 -8.05 11.41 -31.26
N ALA A 1227 -9.18 11.19 -31.94
CA ALA A 1227 -10.26 12.18 -31.92
C ALA A 1227 -11.50 11.60 -31.26
N PRO A 1228 -12.08 12.26 -30.27
CA PRO A 1228 -13.33 11.77 -29.68
C PRO A 1228 -14.56 12.31 -30.39
N SER A 1229 -15.70 11.68 -30.11
CA SER A 1229 -16.97 12.17 -30.63
C SER A 1229 -17.23 13.58 -30.14
N ARG A 1230 -17.90 14.39 -30.97
CA ARG A 1230 -18.02 15.81 -30.66
C ARG A 1230 -19.19 16.43 -31.40
N LEU A 1231 -19.73 17.49 -30.81
CA LEU A 1231 -20.77 18.32 -31.42
C LEU A 1231 -20.18 19.70 -31.67
N LEU A 1232 -20.28 20.18 -32.91
CA LEU A 1232 -19.65 21.43 -33.33
C LEU A 1232 -20.66 22.57 -33.25
N TRP A 1233 -20.51 23.44 -32.26
CA TRP A 1233 -21.26 24.69 -32.29
C TRP A 1233 -20.60 25.63 -33.29
N TRP A 1234 -21.39 26.54 -33.85
CA TRP A 1234 -20.82 27.44 -34.83
C TRP A 1234 -21.55 28.78 -34.80
N GLU A 1235 -20.91 29.79 -35.35
CA GLU A 1235 -21.44 31.14 -35.39
C GLU A 1235 -21.20 31.76 -36.75
N THR A 1236 -22.19 32.53 -37.21
CA THR A 1236 -22.15 33.26 -38.47
C THR A 1236 -21.91 34.74 -38.24
N GLY A 1237 -21.15 35.35 -39.14
CA GLY A 1237 -20.96 36.78 -39.12
C GLY A 1237 -20.88 37.32 -40.54
N ALA A 1238 -20.95 38.63 -40.66
CA ALA A 1238 -20.85 39.27 -41.97
C ALA A 1238 -19.41 39.23 -42.45
N VAL A 1239 -19.16 38.51 -43.53
CA VAL A 1239 -17.82 38.31 -44.05
C VAL A 1239 -17.82 38.61 -45.55
N PRO A 1240 -17.35 39.77 -45.97
CA PRO A 1240 -17.32 40.08 -47.40
C PRO A 1240 -16.22 39.32 -48.13
N GLY A 1241 -16.42 39.15 -49.43
CA GLY A 1241 -15.41 38.60 -50.31
C GLY A 1241 -15.42 37.10 -50.48
N LEU A 1242 -16.42 36.41 -49.94
CA LEU A 1242 -16.38 34.96 -49.94
C LEU A 1242 -17.12 34.33 -51.13
N ARG A 1243 -17.66 35.14 -52.04
CA ARG A 1243 -18.48 34.57 -53.11
C ARG A 1243 -17.67 33.69 -54.06
N SER A 1244 -16.37 33.92 -54.16
CA SER A 1244 -15.54 33.23 -55.15
C SER A 1244 -14.74 32.08 -54.56
N LEU A 1245 -14.92 31.77 -53.28
CA LEU A 1245 -14.11 30.74 -52.64
C LEU A 1245 -14.56 29.36 -53.11
N GLU A 1246 -13.66 28.64 -53.77
CA GLU A 1246 -13.95 27.29 -54.25
C GLU A 1246 -12.79 26.37 -53.89
N THR A 1247 -12.94 25.63 -52.78
CA THR A 1247 -12.03 24.55 -52.44
C THR A 1247 -12.87 23.36 -52.01
N ASP A 1248 -12.18 22.23 -51.78
CA ASP A 1248 -12.91 20.99 -51.50
C ASP A 1248 -13.77 21.10 -50.25
N GLY A 1249 -13.35 21.95 -49.30
CA GLY A 1249 -14.18 22.19 -48.13
C GLY A 1249 -15.51 22.81 -48.50
N THR A 1250 -15.50 23.71 -49.49
CA THR A 1250 -16.76 24.29 -49.94
C THR A 1250 -17.69 23.23 -50.51
N ARG A 1251 -17.13 22.27 -51.24
CA ARG A 1251 -17.95 21.22 -51.83
C ARG A 1251 -18.52 20.30 -50.76
N LEU A 1252 -17.72 19.98 -49.73
CA LEU A 1252 -18.26 19.19 -48.62
C LEU A 1252 -19.36 19.96 -47.89
N LEU A 1253 -19.18 21.26 -47.70
CA LEU A 1253 -20.21 22.06 -47.04
C LEU A 1253 -21.48 22.12 -47.87
N ASP A 1254 -21.35 22.29 -49.19
CA ASP A 1254 -22.53 22.26 -50.04
C ASP A 1254 -23.21 20.90 -49.99
N SER A 1255 -22.44 19.83 -49.88
CA SER A 1255 -23.04 18.50 -49.76
C SER A 1255 -23.84 18.38 -48.48
N ILE A 1256 -23.29 18.89 -47.38
CA ILE A 1256 -24.05 18.93 -46.14
C ILE A 1256 -25.35 19.70 -46.33
N ARG A 1257 -25.29 20.80 -47.09
CA ARG A 1257 -26.49 21.60 -47.32
C ARG A 1257 -27.53 20.81 -48.12
N ASP A 1258 -27.10 20.17 -49.21
CA ASP A 1258 -28.04 19.46 -50.07
C ASP A 1258 -28.65 18.26 -49.39
N PHE A 1259 -27.86 17.51 -48.62
CA PHE A 1259 -28.39 16.33 -47.95
C PHE A 1259 -29.48 16.69 -46.95
N TYR A 1260 -29.39 17.85 -46.31
CA TYR A 1260 -30.42 18.34 -45.39
C TYR A 1260 -30.94 19.68 -45.92
N PRO A 1261 -31.88 19.65 -46.85
CA PRO A 1261 -32.34 20.91 -47.45
C PRO A 1261 -33.06 21.79 -46.44
N GLY A 1262 -32.69 23.07 -46.44
CA GLY A 1262 -33.32 24.05 -45.59
C GLY A 1262 -32.83 24.11 -44.16
N LYS A 1263 -31.82 23.31 -43.81
CA LYS A 1263 -31.36 23.23 -42.43
C LYS A 1263 -29.96 23.78 -42.22
N PHE A 1264 -29.18 24.00 -43.27
CA PHE A 1264 -27.79 24.36 -43.12
C PHE A 1264 -27.39 25.24 -44.27
N TYR A 1265 -27.10 26.51 -43.99
CA TYR A 1265 -26.69 27.47 -45.02
C TYR A 1265 -25.39 28.11 -44.55
N TRP A 1266 -24.29 27.73 -45.20
CA TRP A 1266 -22.98 28.11 -44.68
C TRP A 1266 -22.54 29.49 -45.18
N ARG A 1267 -22.97 29.91 -46.36
CA ARG A 1267 -22.80 31.30 -46.76
C ARG A 1267 -24.03 31.73 -47.56
N PHE A 1268 -24.46 32.96 -47.33
CA PHE A 1268 -25.67 33.42 -48.01
C PHE A 1268 -25.69 34.93 -48.06
N TYR A 1269 -26.38 35.47 -49.04
CA TYR A 1269 -26.55 36.91 -49.18
C TYR A 1269 -27.95 37.30 -48.74
N ALA A 1270 -28.05 38.05 -47.64
CA ALA A 1270 -29.30 38.69 -47.23
C ALA A 1270 -28.97 40.13 -46.83
N TRP A 1271 -28.91 41.01 -47.84
CA TRP A 1271 -28.55 42.42 -47.71
C TRP A 1271 -27.06 42.52 -47.37
N PHE A 1272 -26.44 41.40 -47.06
CA PHE A 1272 -25.05 41.31 -46.65
C PHE A 1272 -24.56 39.90 -46.90
N ASP A 1273 -23.25 39.76 -47.08
CA ASP A 1273 -22.66 38.45 -47.24
C ASP A 1273 -22.38 37.87 -45.85
N PHE A 1274 -23.12 36.84 -45.47
CA PHE A 1274 -22.88 36.12 -44.23
C PHE A 1274 -22.19 34.80 -44.53
N ALA A 1275 -21.34 34.37 -43.62
CA ALA A 1275 -20.63 33.11 -43.80
C ALA A 1275 -20.35 32.47 -42.44
N ILE A 1276 -19.97 31.20 -42.47
CA ILE A 1276 -19.57 30.53 -41.23
C ILE A 1276 -18.34 31.23 -40.68
N THR A 1277 -18.44 31.71 -39.45
CA THR A 1277 -17.34 32.46 -38.86
C THR A 1277 -16.57 31.67 -37.81
N THR A 1278 -17.24 30.91 -36.97
CA THR A 1278 -16.56 30.33 -35.81
C THR A 1278 -17.01 28.90 -35.56
N LEU A 1279 -16.06 28.02 -35.23
CA LEU A 1279 -16.30 26.64 -34.82
C LEU A 1279 -15.84 26.45 -33.39
N LYS A 1280 -16.67 25.80 -32.57
CA LYS A 1280 -16.34 25.49 -31.18
C LYS A 1280 -16.80 24.07 -30.89
N PRO A 1281 -15.88 23.12 -30.75
CA PRO A 1281 -16.29 21.72 -30.56
C PRO A 1281 -16.47 21.41 -29.09
N VAL A 1282 -17.51 20.63 -28.77
CA VAL A 1282 -17.70 20.10 -27.42
C VAL A 1282 -17.63 18.57 -27.52
N TYR A 1283 -16.73 17.96 -26.76
CA TYR A 1283 -16.41 16.55 -26.93
C TYR A 1283 -17.22 15.66 -26.00
N GLU A 1284 -17.48 14.43 -26.45
CA GLU A 1284 -18.14 13.40 -25.64
C GLU A 1284 -17.18 12.24 -25.40
N ASN A 1285 -17.29 11.62 -24.24
CA ASN A 1285 -16.46 10.47 -23.90
C ASN A 1285 -16.54 9.41 -24.99
N THR A 1286 -15.38 9.00 -25.50
CA THR A 1286 -15.28 8.06 -26.61
C THR A 1286 -14.44 6.87 -26.17
N ASN A 1287 -14.98 5.66 -26.29
CA ASN A 1287 -14.25 4.44 -25.98
C ASN A 1287 -13.91 3.75 -27.30
N ILE A 1288 -12.64 3.75 -27.66
CA ILE A 1288 -12.19 3.19 -28.93
C ILE A 1288 -11.96 1.70 -28.74
N LYS A 1289 -12.86 0.88 -29.29
CA LYS A 1289 -12.75 -0.56 -29.13
C LYS A 1289 -11.96 -1.16 -30.29
N ILE A 1290 -10.92 -1.91 -29.98
CA ILE A 1290 -10.05 -2.51 -30.98
C ILE A 1290 -10.09 -4.02 -30.77
N LYS A 1291 -10.44 -4.75 -31.82
CA LYS A 1291 -10.50 -6.20 -31.77
C LYS A 1291 -9.31 -6.78 -32.55
N LEU A 1292 -8.41 -7.44 -31.84
CA LEU A 1292 -7.17 -7.92 -32.42
C LEU A 1292 -7.34 -9.26 -33.11
N ASP A 1293 -6.38 -9.58 -33.97
CA ASP A 1293 -6.25 -10.90 -34.55
C ASP A 1293 -4.98 -11.54 -34.02
N LYS A 1294 -4.64 -12.72 -34.55
CA LYS A 1294 -3.52 -13.47 -34.03
C LYS A 1294 -2.19 -13.11 -34.69
N ASN A 1295 -2.18 -12.20 -35.64
CA ASN A 1295 -0.92 -11.79 -36.27
C ASN A 1295 -0.17 -10.81 -35.39
N THR A 1296 1.03 -10.46 -35.84
CA THR A 1296 1.87 -9.51 -35.11
C THR A 1296 1.38 -8.08 -35.35
N ARG A 1297 1.13 -7.34 -34.28
CA ARG A 1297 0.65 -5.97 -34.40
C ARG A 1297 1.48 -5.03 -33.54
N ASN A 1298 1.80 -3.86 -34.08
CA ASN A 1298 2.53 -2.82 -33.36
C ASN A 1298 1.70 -1.53 -33.40
N PHE A 1299 1.42 -0.98 -32.23
CA PHE A 1299 0.63 0.24 -32.11
C PHE A 1299 1.45 1.35 -31.49
N ILE A 1300 1.11 2.58 -31.83
CA ILE A 1300 1.74 3.77 -31.28
C ILE A 1300 0.64 4.61 -30.63
N MET A 1301 0.89 5.07 -29.41
CA MET A 1301 -0.08 5.92 -28.72
C MET A 1301 0.09 7.36 -29.15
N PRO A 1302 -0.97 8.08 -29.50
CA PRO A 1302 -0.82 9.46 -29.95
C PRO A 1302 -0.61 10.43 -28.80
N THR A 1303 0.14 11.49 -29.06
CA THR A 1303 0.42 12.52 -28.07
C THR A 1303 -0.60 13.66 -28.23
N ILE A 1304 -1.54 13.74 -27.30
CA ILE A 1304 -2.57 14.77 -27.32
C ILE A 1304 -2.28 15.77 -26.21
N THR A 1305 -2.05 17.03 -26.60
CA THR A 1305 -1.62 18.03 -25.64
C THR A 1305 -2.77 18.70 -24.90
N THR A 1306 -4.00 18.59 -25.42
CA THR A 1306 -5.15 19.22 -24.78
C THR A 1306 -5.77 18.25 -23.78
N ASP A 1307 -5.87 18.69 -22.52
CA ASP A 1307 -6.31 17.81 -21.44
C ASP A 1307 -7.71 17.28 -21.69
N VAL A 1308 -8.60 18.10 -22.22
CA VAL A 1308 -10.00 17.70 -22.39
C VAL A 1308 -10.09 16.53 -23.37
N ILE A 1309 -9.33 16.60 -24.45
CA ILE A 1309 -9.39 15.56 -25.47
C ILE A 1309 -8.89 14.24 -24.91
N ARG A 1310 -7.79 14.27 -24.16
CA ARG A 1310 -7.29 13.05 -23.55
C ARG A 1310 -8.29 12.48 -22.55
N ASN A 1311 -8.80 13.32 -21.66
CA ASN A 1311 -9.72 12.84 -20.64
C ASN A 1311 -11.02 12.31 -21.23
N ASN A 1312 -11.35 12.72 -22.45
CA ASN A 1312 -12.51 12.18 -23.14
C ASN A 1312 -12.17 11.01 -24.05
N LEU A 1313 -11.04 10.34 -23.83
CA LEU A 1313 -10.57 9.27 -24.71
C LEU A 1313 -10.12 8.08 -23.88
N SER A 1314 -10.40 6.88 -24.36
CA SER A 1314 -9.99 5.66 -23.69
C SER A 1314 -9.91 4.52 -24.70
N TYR A 1315 -8.95 3.62 -24.50
CA TYR A 1315 -8.73 2.51 -25.41
C TYR A 1315 -9.09 1.19 -24.75
N SER A 1316 -9.62 0.25 -25.52
CA SER A 1316 -9.98 -1.07 -25.03
C SER A 1316 -9.60 -2.13 -26.07
N PHE A 1317 -8.52 -2.86 -25.79
CA PHE A 1317 -8.06 -3.92 -26.68
C PHE A 1317 -8.68 -5.26 -26.29
N THR A 1318 -8.90 -6.11 -27.28
CA THR A 1318 -9.31 -7.50 -27.07
C THR A 1318 -8.36 -8.42 -27.82
N GLY A 1319 -7.51 -9.13 -27.08
CA GLY A 1319 -6.52 -9.98 -27.71
C GLY A 1319 -7.08 -11.33 -28.11
N SER A 1320 -6.30 -12.03 -28.95
CA SER A 1320 -6.70 -13.35 -29.40
C SER A 1320 -5.56 -14.35 -29.45
N GLY A 1321 -4.36 -13.98 -29.01
CA GLY A 1321 -3.24 -14.92 -28.98
C GLY A 1321 -2.11 -14.64 -29.94
N GLY A 1322 -1.81 -13.37 -30.24
CA GLY A 1322 -0.70 -13.02 -31.09
C GLY A 1322 0.44 -12.35 -30.33
N THR A 1323 1.30 -11.68 -31.09
CA THR A 1323 2.36 -10.84 -30.54
C THR A 1323 1.98 -9.38 -30.79
N TYR A 1324 1.82 -8.62 -29.71
CA TYR A 1324 1.33 -7.25 -29.77
C TYR A 1324 2.27 -6.34 -29.01
N SER A 1325 2.62 -5.20 -29.62
CA SER A 1325 3.46 -4.20 -28.98
C SER A 1325 2.73 -2.86 -28.97
N LEU A 1326 3.01 -2.05 -27.95
CA LEU A 1326 2.32 -0.78 -27.75
C LEU A 1326 3.29 0.27 -27.23
N LEU A 1327 3.64 1.25 -28.06
CA LEU A 1327 4.55 2.32 -27.64
C LEU A 1327 3.78 3.34 -26.82
N LEU A 1328 4.19 3.54 -25.56
CA LEU A 1328 3.49 4.46 -24.68
C LEU A 1328 3.86 5.90 -24.96
N SER A 1329 2.88 6.79 -24.82
CA SER A 1329 3.06 8.21 -25.09
C SER A 1329 3.37 8.97 -23.80
N SER A 1330 4.01 10.13 -23.99
CA SER A 1330 4.42 10.96 -22.85
C SER A 1330 3.23 11.47 -22.06
N HIS A 1331 2.07 11.65 -22.71
CA HIS A 1331 0.88 12.09 -22.02
C HIS A 1331 -0.08 10.92 -21.82
N PRO A 1332 -0.47 10.63 -20.59
CA PRO A 1332 -1.15 9.35 -20.31
C PRO A 1332 -2.58 9.31 -20.81
N ILE A 1333 -2.97 8.14 -21.32
CA ILE A 1333 -4.33 7.86 -21.77
C ILE A 1333 -4.77 6.54 -21.15
N SER A 1334 -6.05 6.44 -20.78
CA SER A 1334 -6.56 5.22 -20.18
C SER A 1334 -6.57 4.07 -21.19
N THR A 1335 -5.99 2.94 -20.79
CA THR A 1335 -5.90 1.75 -21.63
C THR A 1335 -6.41 0.55 -20.85
N ASN A 1336 -7.28 -0.26 -21.47
CA ASN A 1336 -7.73 -1.52 -20.90
C ASN A 1336 -7.46 -2.63 -21.90
N ILE A 1337 -7.01 -3.78 -21.40
CA ILE A 1337 -6.62 -4.90 -22.25
C ILE A 1337 -7.35 -6.14 -21.78
N ASN A 1338 -7.97 -6.86 -22.73
CA ASN A 1338 -8.64 -8.13 -22.43
C ASN A 1338 -7.69 -9.26 -22.80
N LEU A 1339 -7.12 -9.91 -21.79
CA LEU A 1339 -6.12 -10.94 -22.03
C LEU A 1339 -6.77 -12.23 -22.49
N SER A 1340 -6.22 -12.81 -23.56
CA SER A 1340 -6.54 -14.17 -23.96
C SER A 1340 -5.39 -15.08 -23.55
N LYS A 1341 -5.55 -16.38 -23.83
CA LYS A 1341 -4.67 -17.39 -23.27
C LYS A 1341 -3.19 -17.17 -23.57
N ASP A 1342 -2.86 -16.82 -24.81
CA ASP A 1342 -1.45 -16.80 -25.25
C ASP A 1342 -0.96 -15.41 -25.66
N ASP A 1343 -1.55 -14.35 -25.13
CA ASP A 1343 -1.11 -13.02 -25.50
C ASP A 1343 0.32 -12.77 -25.04
N LEU A 1344 1.13 -12.23 -25.94
CA LEU A 1344 2.46 -11.76 -25.61
C LEU A 1344 2.53 -10.27 -25.91
N TRP A 1345 2.52 -9.46 -24.86
CA TRP A 1345 2.41 -8.01 -24.99
C TRP A 1345 3.73 -7.36 -24.62
N ILE A 1346 4.13 -6.35 -25.39
CA ILE A 1346 5.38 -5.64 -25.18
C ILE A 1346 5.08 -4.15 -25.11
N PHE A 1347 5.41 -3.52 -24.00
CA PHE A 1347 5.11 -2.12 -23.77
C PHE A 1347 6.40 -1.32 -23.77
N ASN A 1348 6.69 -0.63 -24.87
CA ASN A 1348 7.84 0.25 -24.93
C ASN A 1348 7.54 1.50 -24.11
N ILE A 1349 8.45 1.86 -23.20
CA ILE A 1349 8.22 2.96 -22.28
C ILE A 1349 9.28 4.05 -22.41
N ASP A 1350 9.96 4.16 -23.55
CA ASP A 1350 11.01 5.16 -23.70
C ASP A 1350 10.53 6.55 -23.36
N ASN A 1351 9.34 6.93 -23.81
CA ASN A 1351 8.84 8.28 -23.58
C ASN A 1351 8.51 8.55 -22.12
N LYS A 1352 8.56 7.53 -21.27
CA LYS A 1352 8.28 7.70 -19.84
C LYS A 1352 9.52 8.05 -19.03
N VAL A 1353 10.71 7.63 -19.48
CA VAL A 1353 11.92 7.74 -18.68
C VAL A 1353 12.85 8.85 -19.15
N ARG A 1354 12.48 9.60 -20.17
CA ARG A 1354 13.34 10.64 -20.72
C ARG A 1354 12.62 11.98 -20.72
N GLU A 1355 13.40 13.06 -20.67
CA GLU A 1355 12.83 14.39 -20.79
C GLU A 1355 12.31 14.61 -22.19
N ILE A 1356 11.02 14.94 -22.30
CA ILE A 1356 10.33 15.05 -23.58
C ILE A 1356 10.08 16.53 -23.86
N SER A 1357 10.48 16.98 -25.05
CA SER A 1357 10.25 18.35 -25.47
C SER A 1357 9.54 18.36 -26.83
N ILE A 1358 8.85 19.45 -27.11
CA ILE A 1358 8.09 19.61 -28.35
C ILE A 1358 8.75 20.69 -29.18
N GLN A 1359 9.20 20.32 -30.38
CA GLN A 1359 9.91 21.22 -31.28
C GLN A 1359 9.31 21.09 -32.67
N ASN A 1360 8.70 22.18 -33.15
CA ASN A 1360 8.17 22.24 -34.51
C ASN A 1360 7.20 21.10 -34.78
N GLY A 1361 6.31 20.84 -33.82
CA GLY A 1361 5.34 19.78 -33.98
C GLY A 1361 5.91 18.38 -33.91
N THR A 1362 7.17 18.23 -33.52
CA THR A 1362 7.81 16.93 -33.40
C THR A 1362 8.25 16.71 -31.96
N ILE A 1363 8.43 15.45 -31.60
CA ILE A 1363 8.80 15.07 -30.24
C ILE A 1363 10.31 14.85 -30.19
N LYS A 1364 10.98 15.42 -29.20
CA LYS A 1364 12.41 15.24 -28.99
C LYS A 1364 12.65 14.64 -27.62
N LYS A 1365 13.37 13.52 -27.59
CA LYS A 1365 13.72 12.84 -26.34
C LYS A 1365 15.03 13.38 -25.79
N GLY A 1366 15.07 13.65 -24.50
CA GLY A 1366 16.23 14.22 -23.84
C GLY A 1366 17.00 13.22 -23.00
N ASN A 1367 17.58 13.71 -21.91
CA ASN A 1367 18.33 12.86 -21.01
C ASN A 1367 17.38 12.04 -20.14
N LEU A 1368 17.93 10.99 -19.52
CA LEU A 1368 17.13 10.17 -18.63
C LEU A 1368 16.66 10.98 -17.44
N VAL A 1369 15.34 11.03 -17.24
CA VAL A 1369 14.78 11.74 -16.10
C VAL A 1369 14.90 10.87 -14.86
N ARG A 1370 15.22 11.48 -13.74
CA ARG A 1370 15.55 10.71 -12.54
C ARG A 1370 14.31 10.11 -11.89
N ASN A 1371 14.45 8.87 -11.42
CA ASN A 1371 13.47 8.19 -10.57
C ASN A 1371 12.15 7.92 -11.28
N ALA A 1372 12.17 7.83 -12.61
CA ALA A 1372 10.94 7.67 -13.36
C ALA A 1372 10.25 6.35 -13.05
N LEU A 1373 11.00 5.33 -12.67
CA LEU A 1373 10.45 4.00 -12.43
C LEU A 1373 10.31 3.69 -10.95
N SER A 1374 10.41 4.69 -10.07
CA SER A 1374 10.31 4.42 -8.65
C SER A 1374 8.91 3.96 -8.25
N ASN A 1375 7.89 4.29 -9.03
CA ASN A 1375 6.50 4.08 -8.66
C ASN A 1375 5.90 2.85 -9.34
N LEU A 1376 6.74 1.88 -9.71
CA LEU A 1376 6.28 0.72 -10.45
C LEU A 1376 5.40 -0.18 -9.59
N ASP A 1377 4.10 -0.18 -9.85
CA ASP A 1377 3.12 -0.89 -9.04
C ASP A 1377 2.56 -2.04 -9.86
N ILE A 1378 2.55 -3.24 -9.27
CA ILE A 1378 1.94 -4.42 -9.86
C ILE A 1378 0.80 -4.88 -8.96
N ASN A 1379 -0.40 -4.97 -9.51
CA ASN A 1379 -1.49 -5.73 -8.92
C ASN A 1379 -1.97 -6.74 -9.96
N LYS A 1380 -2.60 -7.81 -9.48
CA LYS A 1380 -2.98 -8.91 -10.36
C LYS A 1380 -3.68 -8.42 -11.63
N ASN A 1381 -4.38 -7.29 -11.56
CA ASN A 1381 -5.13 -6.78 -12.70
C ASN A 1381 -4.79 -5.34 -13.04
N LYS A 1382 -3.75 -4.76 -12.45
CA LYS A 1382 -3.51 -3.35 -12.69
C LYS A 1382 -2.01 -3.06 -12.62
N LEU A 1383 -1.45 -2.62 -13.74
CA LEU A 1383 -0.04 -2.28 -13.83
C LEU A 1383 0.11 -0.76 -13.92
N THR A 1384 0.77 -0.16 -12.94
CA THR A 1384 0.87 1.29 -12.87
C THR A 1384 2.33 1.70 -12.98
N ILE A 1385 2.63 2.53 -13.98
CA ILE A 1385 3.89 3.24 -14.11
C ILE A 1385 3.56 4.67 -13.71
N ASP A 1386 4.60 5.51 -13.53
CA ASP A 1386 4.53 6.75 -12.78
C ASP A 1386 3.21 7.51 -12.92
N ASN A 1387 2.74 7.71 -14.15
CA ASN A 1387 1.42 8.29 -14.37
C ASN A 1387 0.54 7.47 -15.30
N GLN A 1388 1.05 6.38 -15.88
CA GLN A 1388 0.30 5.59 -16.83
C GLN A 1388 -0.27 4.35 -16.14
N ILE A 1389 -1.58 4.17 -16.21
CA ILE A 1389 -2.25 3.02 -15.60
C ILE A 1389 -2.75 2.12 -16.71
N ILE A 1390 -2.53 0.81 -16.57
CA ILE A 1390 -3.00 -0.18 -17.52
C ILE A 1390 -3.83 -1.20 -16.76
N ASN A 1391 -5.10 -1.31 -17.09
CA ASN A 1391 -5.97 -2.32 -16.49
C ASN A 1391 -6.03 -3.54 -17.40
N PHE A 1392 -6.04 -4.72 -16.80
CA PHE A 1392 -6.11 -5.97 -17.52
C PHE A 1392 -7.42 -6.68 -17.23
N SER A 1393 -7.96 -7.36 -18.23
CA SER A 1393 -9.20 -8.11 -18.09
C SER A 1393 -9.06 -9.45 -18.80
N GLY A 1394 -10.05 -10.32 -18.61
CA GLY A 1394 -10.03 -11.62 -19.23
C GLY A 1394 -9.33 -12.70 -18.41
N ASP A 1395 -8.39 -13.40 -19.03
CA ASP A 1395 -7.69 -14.49 -18.36
C ASP A 1395 -6.66 -13.96 -17.38
N VAL A 1396 -7.11 -13.40 -16.26
CA VAL A 1396 -6.21 -12.86 -15.24
C VAL A 1396 -5.71 -13.92 -14.28
N ASP A 1397 -6.35 -15.10 -14.25
CA ASP A 1397 -6.02 -16.11 -13.25
C ASP A 1397 -4.70 -16.80 -13.58
N ASN A 1398 -4.29 -16.79 -14.85
CA ASN A 1398 -3.07 -17.45 -15.27
C ASN A 1398 -1.88 -17.00 -14.43
N LYS A 1399 -1.00 -17.96 -14.13
CA LYS A 1399 0.25 -17.68 -13.44
C LYS A 1399 1.47 -18.17 -14.21
N TYR A 1400 1.30 -18.46 -15.50
CA TYR A 1400 2.36 -18.99 -16.34
C TYR A 1400 2.74 -18.04 -17.47
N ARG A 1401 2.29 -16.78 -17.43
CA ARG A 1401 2.39 -15.87 -18.55
C ARG A 1401 3.25 -14.67 -18.19
N TYR A 1402 4.22 -14.34 -19.04
CA TYR A 1402 5.10 -13.20 -18.83
C TYR A 1402 4.74 -12.04 -19.73
N ILE A 1403 5.04 -10.82 -19.26
CA ILE A 1403 4.80 -9.59 -19.99
C ILE A 1403 6.09 -8.79 -20.00
N PHE A 1404 6.47 -8.25 -21.15
CA PHE A 1404 7.75 -7.57 -21.28
C PHE A 1404 7.56 -6.07 -21.32
N LEU A 1405 8.45 -5.34 -20.64
CA LEU A 1405 8.62 -3.91 -20.81
C LEU A 1405 9.99 -3.65 -21.40
N ASN A 1406 10.14 -2.53 -22.11
CA ASN A 1406 11.30 -2.25 -22.91
C ASN A 1406 11.77 -0.83 -22.67
N CYS A 1407 13.08 -0.60 -22.75
CA CYS A 1407 13.61 0.76 -22.73
C CYS A 1407 15.06 0.74 -23.19
N SER A 1408 15.44 1.74 -23.98
CA SER A 1408 16.79 1.78 -24.53
C SER A 1408 17.68 2.71 -23.73
N LEU A 1409 18.93 2.30 -23.51
CA LEU A 1409 19.90 3.18 -22.87
C LEU A 1409 20.89 3.79 -23.86
N ASP A 1410 21.17 3.12 -24.98
CA ASP A 1410 22.00 3.67 -26.03
C ASP A 1410 21.65 2.97 -27.34
N ASP A 1411 22.56 3.06 -28.30
CA ASP A 1411 22.30 2.46 -29.60
C ASP A 1411 22.43 0.95 -29.59
N GLU A 1412 23.14 0.38 -28.61
CA GLU A 1412 23.37 -1.07 -28.61
C GLU A 1412 22.87 -1.79 -27.36
N ILE A 1413 22.87 -1.15 -26.20
CA ILE A 1413 22.53 -1.81 -24.94
C ILE A 1413 21.14 -1.38 -24.52
N SER A 1414 20.20 -2.32 -24.52
CA SER A 1414 18.82 -2.07 -24.15
C SER A 1414 18.49 -2.82 -22.87
N LEU A 1415 17.47 -2.35 -22.17
CA LEU A 1415 17.07 -2.87 -20.87
C LEU A 1415 15.63 -3.33 -20.96
N MET A 1416 15.39 -4.59 -20.59
CA MET A 1416 14.06 -5.17 -20.58
C MET A 1416 13.62 -5.38 -19.14
N ILE A 1417 12.33 -5.58 -18.95
CA ILE A 1417 11.79 -5.98 -17.65
C ILE A 1417 10.78 -7.09 -17.92
N GLU A 1418 11.06 -8.29 -17.42
CA GLU A 1418 10.14 -9.41 -17.55
C GLU A 1418 9.26 -9.45 -16.31
N ILE A 1419 7.95 -9.38 -16.49
CA ILE A 1419 7.00 -9.30 -15.38
C ILE A 1419 6.09 -10.52 -15.39
N ASN A 1420 5.85 -11.09 -14.22
CA ASN A 1420 4.75 -12.01 -14.02
C ASN A 1420 3.75 -11.32 -13.10
N LEU A 1421 2.52 -11.18 -13.58
CA LEU A 1421 1.48 -10.47 -12.84
C LEU A 1421 1.07 -11.23 -11.59
N PHE A 1422 0.77 -12.52 -11.72
CA PHE A 1422 0.21 -13.24 -10.59
C PHE A 1422 1.21 -13.37 -9.45
N ALA A 1423 2.51 -13.42 -9.77
CA ALA A 1423 3.55 -13.50 -8.77
C ALA A 1423 4.06 -12.14 -8.33
N LYS A 1424 3.59 -11.07 -8.98
CA LYS A 1424 4.07 -9.71 -8.71
C LYS A 1424 5.58 -9.64 -8.83
N SER A 1425 6.12 -10.29 -9.87
CA SER A 1425 7.56 -10.49 -9.97
C SER A 1425 8.10 -9.80 -11.20
N TYR A 1426 9.30 -9.23 -11.09
CA TYR A 1426 9.99 -8.72 -12.25
C TYR A 1426 11.49 -8.81 -12.04
N ASN A 1427 12.21 -9.17 -13.09
CA ASN A 1427 13.65 -9.29 -13.03
C ASN A 1427 14.26 -8.68 -14.28
N LEU A 1428 15.25 -7.82 -14.08
CA LEU A 1428 15.81 -7.05 -15.18
C LEU A 1428 16.64 -7.93 -16.10
N ILE A 1429 16.82 -7.46 -17.33
CA ILE A 1429 17.66 -8.11 -18.32
C ILE A 1429 18.40 -7.02 -19.07
N LEU A 1430 19.56 -7.37 -19.62
CA LEU A 1430 20.29 -6.50 -20.52
C LEU A 1430 20.50 -7.23 -21.83
N SER A 1431 21.00 -6.50 -22.83
CA SER A 1431 21.19 -7.09 -24.15
C SER A 1431 22.11 -6.18 -24.97
N GLY A 1432 23.02 -6.79 -25.71
CA GLY A 1432 23.55 -6.12 -26.90
C GLY A 1432 25.02 -6.20 -27.22
N ASN A 1433 25.91 -6.19 -26.25
CA ASN A 1433 27.34 -6.28 -26.52
C ASN A 1433 28.07 -6.79 -25.29
N LYS A 1434 28.88 -7.84 -25.48
CA LYS A 1434 29.66 -8.35 -24.37
C LYS A 1434 30.74 -7.36 -23.95
N ASP A 1435 31.62 -7.00 -24.88
CA ASP A 1435 32.78 -6.18 -24.55
C ASP A 1435 32.38 -4.76 -24.16
N TYR A 1436 31.41 -4.17 -24.85
CA TYR A 1436 30.97 -2.83 -24.49
C TYR A 1436 30.36 -2.80 -23.10
N LEU A 1437 29.49 -3.78 -22.80
CA LEU A 1437 28.88 -3.83 -21.48
C LEU A 1437 29.93 -4.03 -20.39
N ILE A 1438 30.85 -4.97 -20.62
CA ILE A 1438 31.88 -5.24 -19.62
C ILE A 1438 32.75 -4.01 -19.39
N SER A 1439 33.08 -3.29 -20.46
CA SER A 1439 33.93 -2.12 -20.31
C SER A 1439 33.22 -0.99 -19.57
N ASN A 1440 31.92 -0.81 -19.78
CA ASN A 1440 31.18 0.30 -19.21
C ASN A 1440 30.21 -0.15 -18.13
N LEU A 1441 30.51 -1.24 -17.42
CA LEU A 1441 29.55 -1.82 -16.50
C LEU A 1441 29.16 -0.84 -15.40
N SER A 1442 30.12 -0.07 -14.91
CA SER A 1442 29.84 0.90 -13.85
C SER A 1442 28.78 1.91 -14.29
N THR A 1443 28.93 2.46 -15.49
CA THR A 1443 27.98 3.46 -15.98
C THR A 1443 26.59 2.87 -16.15
N ILE A 1444 26.50 1.66 -16.72
CA ILE A 1444 25.21 1.03 -16.91
C ILE A 1444 24.51 0.81 -15.58
N ILE A 1445 25.26 0.34 -14.58
CA ILE A 1445 24.66 0.09 -13.28
C ILE A 1445 24.24 1.41 -12.63
N ASN A 1446 25.01 2.48 -12.85
CA ASN A 1446 24.62 3.78 -12.33
C ASN A 1446 23.32 4.25 -12.94
N LYS A 1447 23.15 4.05 -14.25
CA LYS A 1447 21.90 4.43 -14.90
C LYS A 1447 20.73 3.61 -14.36
N ILE A 1448 20.93 2.30 -14.20
CA ILE A 1448 19.86 1.45 -13.70
C ILE A 1448 19.46 1.88 -12.30
N ASN A 1449 20.44 2.27 -11.48
CA ASN A 1449 20.11 2.80 -10.16
C ASN A 1449 19.36 4.11 -10.26
N ASN A 1450 19.75 4.97 -11.20
CA ASN A 1450 19.03 6.24 -11.37
C ASN A 1450 17.58 6.02 -11.77
N LEU A 1451 17.30 4.94 -12.51
CA LEU A 1451 15.90 4.63 -12.79
C LEU A 1451 15.13 4.18 -11.57
N GLY A 1452 15.82 3.86 -10.47
CA GLY A 1452 15.14 3.49 -9.25
C GLY A 1452 14.75 2.04 -9.11
N LEU A 1453 15.47 1.12 -9.74
CA LEU A 1453 15.17 -0.30 -9.65
C LEU A 1453 16.16 -0.99 -8.71
N ASN A 1454 15.65 -1.87 -7.86
CA ASN A 1454 16.40 -2.38 -6.70
C ASN A 1454 16.69 -3.88 -6.76
N SER A 1455 16.46 -4.54 -7.89
CA SER A 1455 16.68 -5.98 -7.96
C SER A 1455 18.17 -6.30 -7.86
N LYS A 1456 18.50 -7.36 -7.12
CA LYS A 1456 19.88 -7.58 -6.72
C LYS A 1456 20.75 -8.04 -7.89
N ASN A 1457 20.30 -9.02 -8.65
CA ASN A 1457 21.11 -9.54 -9.76
C ASN A 1457 20.40 -9.29 -11.08
N ILE A 1458 21.20 -9.10 -12.13
CA ILE A 1458 20.73 -8.68 -13.44
C ILE A 1458 21.15 -9.73 -14.45
N SER A 1459 20.18 -10.34 -15.11
CA SER A 1459 20.52 -11.31 -16.13
C SER A 1459 21.09 -10.59 -17.33
N TYR A 1460 21.69 -11.35 -18.24
CA TYR A 1460 22.21 -10.82 -19.49
C TYR A 1460 21.95 -11.82 -20.58
N ASN A 1461 21.34 -11.38 -21.68
CA ASN A 1461 20.96 -12.26 -22.77
C ASN A 1461 21.16 -11.51 -24.07
N TYR A 1462 21.76 -12.16 -25.06
CA TYR A 1462 22.06 -11.45 -26.29
C TYR A 1462 22.25 -12.44 -27.44
N THR A 1463 21.80 -12.05 -28.62
CA THR A 1463 22.01 -12.80 -29.86
C THR A 1463 22.66 -11.86 -30.86
N ASP A 1464 23.86 -12.20 -31.31
CA ASP A 1464 24.56 -11.31 -32.24
C ASP A 1464 24.19 -11.63 -33.68
N GLU A 1465 24.80 -10.88 -34.61
CA GLU A 1465 24.47 -11.01 -36.03
C GLU A 1465 24.82 -12.38 -36.58
N PHE A 1466 25.86 -13.01 -36.04
CA PHE A 1466 26.31 -14.33 -36.48
C PHE A 1466 25.67 -15.44 -35.67
N ASN A 1467 24.67 -15.10 -34.86
CA ASN A 1467 23.81 -16.04 -34.14
C ASN A 1467 24.51 -16.70 -32.96
N ASN A 1468 25.69 -16.24 -32.57
CA ASN A 1468 26.29 -16.70 -31.32
C ASN A 1468 25.58 -16.07 -30.14
N LYS A 1469 25.04 -16.90 -29.26
CA LYS A 1469 24.20 -16.45 -28.16
C LYS A 1469 25.03 -16.34 -26.89
N TYR A 1470 24.92 -15.20 -26.22
CA TYR A 1470 25.65 -14.92 -24.99
C TYR A 1470 24.64 -14.83 -23.85
N PHE A 1471 24.85 -15.55 -22.79
CA PHE A 1471 24.00 -15.39 -21.59
C PHE A 1471 24.86 -15.27 -20.40
N GLY A 1472 24.42 -14.70 -19.36
CA GLY A 1472 25.23 -14.58 -18.16
C GLY A 1472 24.43 -13.95 -17.04
N VAL A 1473 25.04 -13.93 -15.87
CA VAL A 1473 24.49 -13.28 -14.69
C VAL A 1473 25.46 -12.21 -14.24
N ILE A 1474 24.92 -11.07 -13.80
CA ILE A 1474 25.72 -9.94 -13.34
C ILE A 1474 25.25 -9.57 -11.94
N SER A 1475 26.20 -9.35 -11.04
CA SER A 1475 25.87 -8.89 -9.70
C SER A 1475 25.87 -7.36 -9.68
N LYS A 1476 24.77 -6.78 -9.21
CA LYS A 1476 24.66 -5.33 -9.18
C LYS A 1476 25.50 -4.72 -8.05
N THR A 1477 25.83 -5.53 -7.04
CA THR A 1477 26.53 -4.99 -5.88
C THR A 1477 28.05 -5.03 -6.05
N ASN A 1478 28.62 -6.22 -6.14
CA ASN A 1478 30.07 -6.39 -6.21
C ASN A 1478 30.57 -6.56 -7.63
N GLN A 1479 29.70 -6.46 -8.62
CA GLN A 1479 30.07 -6.46 -10.03
C GLN A 1479 30.77 -7.75 -10.45
N LYS A 1480 30.58 -8.82 -9.69
CA LYS A 1480 31.01 -10.14 -10.13
C LYS A 1480 29.98 -10.71 -11.10
N SER A 1481 30.46 -11.20 -12.24
CA SER A 1481 29.55 -11.60 -13.30
C SER A 1481 30.10 -12.79 -14.04
N ILE A 1482 29.26 -13.80 -14.25
CA ILE A 1482 29.62 -14.97 -15.05
C ILE A 1482 28.98 -14.80 -16.41
N ILE A 1483 29.73 -15.14 -17.46
CA ILE A 1483 29.24 -15.04 -18.83
C ILE A 1483 29.59 -16.32 -19.57
N CYS A 1484 28.59 -16.98 -20.13
CA CYS A 1484 28.77 -18.22 -20.88
C CYS A 1484 28.30 -18.03 -22.31
N TYR A 1485 28.95 -18.72 -23.24
CA TYR A 1485 28.50 -18.73 -24.62
C TYR A 1485 29.19 -19.85 -25.38
N LYS A 1486 28.49 -20.41 -26.35
CA LYS A 1486 29.06 -21.48 -27.17
C LYS A 1486 29.65 -20.87 -28.44
N LYS A 1487 30.97 -20.81 -28.51
CA LYS A 1487 31.69 -20.26 -29.64
C LYS A 1487 32.15 -21.43 -30.51
N GLY A 1488 31.65 -21.48 -31.73
CA GLY A 1488 31.88 -22.65 -32.56
C GLY A 1488 31.23 -23.85 -31.93
N SER A 1489 32.03 -24.83 -31.53
CA SER A 1489 31.55 -25.94 -30.73
C SER A 1489 32.05 -25.90 -29.29
N LYS A 1490 32.94 -24.97 -28.96
CA LYS A 1490 33.56 -24.91 -27.65
C LYS A 1490 32.78 -23.97 -26.75
N ASN A 1491 32.41 -24.45 -25.57
CA ASN A 1491 31.73 -23.62 -24.60
C ASN A 1491 32.77 -22.78 -23.87
N ILE A 1492 32.64 -21.46 -23.93
CA ILE A 1492 33.53 -20.57 -23.23
C ILE A 1492 32.79 -19.99 -22.04
N LEU A 1493 33.46 -19.95 -20.91
CA LEU A 1493 32.88 -19.59 -19.62
C LEU A 1493 33.85 -18.64 -18.93
N GLU A 1494 33.44 -17.39 -18.74
CA GLU A 1494 34.32 -16.37 -18.19
C GLU A 1494 33.73 -15.82 -16.91
N LEU A 1495 34.60 -15.43 -15.99
CA LEU A 1495 34.21 -14.74 -14.76
C LEU A 1495 34.89 -13.38 -14.74
N TYR A 1496 34.11 -12.34 -14.48
CA TYR A 1496 34.62 -10.99 -14.36
C TYR A 1496 34.35 -10.46 -12.95
N ASN A 1497 35.29 -9.66 -12.45
CA ASN A 1497 35.10 -8.97 -11.18
C ASN A 1497 35.19 -7.48 -11.48
N GLY A 1498 34.05 -6.90 -11.86
CA GLY A 1498 34.06 -5.53 -12.33
C GLY A 1498 34.29 -5.45 -13.83
N ASN A 1499 35.53 -5.15 -14.23
CA ASN A 1499 35.84 -4.97 -15.64
C ASN A 1499 37.11 -5.67 -16.08
N MET A 1500 37.64 -6.60 -15.29
CA MET A 1500 38.82 -7.36 -15.68
C MET A 1500 38.55 -8.85 -15.52
N LEU A 1501 39.21 -9.63 -16.36
CA LEU A 1501 39.00 -11.07 -16.45
C LEU A 1501 39.57 -11.77 -15.22
N LEU A 1502 39.02 -12.94 -14.93
CA LEU A 1502 39.60 -13.80 -13.90
C LEU A 1502 39.84 -15.20 -14.44
N PHE A 1503 38.88 -15.75 -15.16
CA PHE A 1503 38.97 -17.14 -15.60
C PHE A 1503 38.49 -17.22 -17.04
N ASP A 1504 39.07 -18.13 -17.82
CA ASP A 1504 38.64 -18.31 -19.20
C ASP A 1504 38.88 -19.77 -19.58
N SER A 1505 37.81 -20.55 -19.58
CA SER A 1505 37.87 -21.93 -20.03
C SER A 1505 37.64 -21.96 -21.53
N LYS A 1506 38.67 -22.33 -22.28
CA LYS A 1506 38.55 -22.35 -23.73
C LYS A 1506 37.85 -23.58 -24.25
N ASP A 1507 37.59 -24.58 -23.40
CA ASP A 1507 36.76 -25.70 -23.79
C ASP A 1507 36.18 -26.37 -22.55
N PHE A 1508 34.91 -26.09 -22.25
CA PHE A 1508 34.25 -26.67 -21.08
C PHE A 1508 33.48 -27.91 -21.54
N ILE A 1509 34.08 -29.08 -21.37
CA ILE A 1509 33.49 -30.31 -21.86
C ILE A 1509 32.58 -30.94 -20.81
N ALA A 1510 31.32 -30.53 -20.76
CA ALA A 1510 30.38 -31.04 -19.77
C ALA A 1510 28.96 -30.91 -20.28
N ASP A 1511 28.09 -31.79 -19.79
CA ASP A 1511 26.70 -31.80 -20.19
C ASP A 1511 25.78 -31.46 -19.03
N ASP A 1512 24.57 -31.00 -19.36
CA ASP A 1512 23.60 -30.51 -18.38
C ASP A 1512 24.20 -29.40 -17.51
N ILE A 1513 24.96 -28.51 -18.14
CA ILE A 1513 25.57 -27.41 -17.42
C ILE A 1513 24.49 -26.52 -16.83
N ASN A 1514 24.62 -26.20 -15.55
CA ASN A 1514 23.76 -25.23 -14.88
C ASN A 1514 24.63 -24.29 -14.07
N ILE A 1515 24.29 -23.01 -14.05
CA ILE A 1515 25.07 -22.00 -13.34
C ILE A 1515 24.15 -21.27 -12.37
N PHE A 1516 24.57 -21.18 -11.12
CA PHE A 1516 23.84 -20.49 -10.07
C PHE A 1516 24.76 -19.46 -9.43
N MET A 1517 24.19 -18.49 -8.73
CA MET A 1517 24.99 -17.51 -8.03
C MET A 1517 24.26 -16.92 -6.84
N LYS A 1518 24.97 -16.74 -5.74
CA LYS A 1518 24.65 -15.76 -4.71
C LYS A 1518 25.75 -14.71 -4.83
N ASP A 1519 25.51 -13.50 -4.30
CA ASP A 1519 26.29 -12.31 -4.66
C ASP A 1519 27.76 -12.58 -4.97
N ASP A 1520 28.45 -13.29 -4.08
CA ASP A 1520 29.87 -13.54 -4.28
C ASP A 1520 30.18 -14.97 -4.70
N ILE A 1521 29.31 -15.92 -4.38
CA ILE A 1521 29.60 -17.35 -4.53
C ILE A 1521 28.84 -17.89 -5.73
N ASN A 1522 29.58 -18.34 -6.74
CA ASN A 1522 28.98 -18.89 -7.96
C ASN A 1522 29.19 -20.39 -8.01
N THR A 1523 28.27 -21.10 -8.64
CA THR A 1523 28.28 -22.55 -8.66
C THR A 1523 28.03 -23.04 -10.07
N ILE A 1524 28.84 -23.98 -10.53
CA ILE A 1524 28.69 -24.55 -11.86
C ILE A 1524 28.56 -26.06 -11.70
N THR A 1525 27.38 -26.58 -12.04
CA THR A 1525 27.13 -28.00 -11.91
C THR A 1525 27.02 -28.63 -13.28
N GLY A 1526 27.53 -29.84 -13.41
CA GLY A 1526 27.55 -30.48 -14.71
C GLY A 1526 27.84 -31.95 -14.56
N LYS A 1527 27.87 -32.62 -15.70
CA LYS A 1527 28.12 -34.06 -15.77
C LYS A 1527 29.27 -34.32 -16.73
N TYR A 1528 30.24 -35.12 -16.30
CA TYR A 1528 31.46 -35.35 -17.06
C TYR A 1528 31.61 -36.83 -17.32
N TYR A 1529 31.83 -37.20 -18.57
CA TYR A 1529 31.94 -38.60 -18.97
C TYR A 1529 33.41 -39.01 -19.00
N ILE A 1530 33.78 -39.93 -18.10
CA ILE A 1530 35.19 -40.28 -17.95
C ILE A 1530 35.69 -40.94 -19.22
N ASP A 1531 36.56 -40.26 -19.95
CA ASP A 1531 37.18 -40.78 -21.17
C ASP A 1531 36.15 -41.22 -22.20
N ASN A 1532 35.10 -40.40 -22.37
CA ASN A 1532 34.08 -40.61 -23.40
C ASN A 1532 33.35 -41.93 -23.25
N ASN A 1533 33.50 -42.60 -22.11
CA ASN A 1533 32.76 -43.82 -21.83
C ASN A 1533 31.45 -43.45 -21.16
N LEU A 1534 30.33 -43.71 -21.84
CA LEU A 1534 29.05 -43.26 -21.32
C LEU A 1534 28.66 -43.96 -20.04
N ASP A 1535 29.31 -45.07 -19.70
CA ASP A 1535 28.95 -45.80 -18.49
C ASP A 1535 29.51 -45.16 -17.23
N ILE A 1536 30.62 -44.44 -17.32
CA ILE A 1536 31.34 -43.95 -16.15
C ILE A 1536 31.24 -42.44 -16.16
N SER A 1537 30.27 -41.92 -15.42
CA SER A 1537 30.02 -40.48 -15.36
C SER A 1537 30.29 -39.97 -13.96
N VAL A 1538 30.60 -38.68 -13.86
CA VAL A 1538 30.81 -38.00 -12.60
C VAL A 1538 29.98 -36.73 -12.62
N ASP A 1539 29.04 -36.58 -11.69
CA ASP A 1539 28.37 -35.31 -11.54
C ASP A 1539 29.22 -34.41 -10.66
N PHE A 1540 29.66 -33.28 -11.20
CA PHE A 1540 30.50 -32.38 -10.44
C PHE A 1540 29.75 -31.10 -10.13
N SER A 1541 30.09 -30.50 -8.99
CA SER A 1541 29.67 -29.15 -8.66
C SER A 1541 30.90 -28.39 -8.20
N ILE A 1542 31.31 -27.39 -8.99
CA ILE A 1542 32.55 -26.65 -8.75
C ILE A 1542 32.24 -25.17 -8.66
N SER A 1543 33.28 -24.40 -8.33
CA SER A 1543 33.19 -22.95 -8.19
C SER A 1543 34.50 -22.31 -8.62
N LEU A 1544 34.41 -21.33 -9.52
CA LEU A 1544 35.60 -20.71 -10.10
C LEU A 1544 36.14 -19.64 -9.16
N ILE A 1545 37.44 -19.66 -8.88
CA ILE A 1545 38.06 -18.73 -7.95
C ILE A 1545 39.00 -17.75 -8.64
N SER A 1546 39.98 -18.26 -9.38
CA SER A 1546 40.97 -17.42 -10.04
C SER A 1546 41.50 -18.19 -11.25
N LYS A 1547 42.52 -17.61 -11.90
CA LYS A 1547 42.93 -18.06 -13.23
C LYS A 1547 43.21 -19.56 -13.31
N ASN A 1548 43.85 -20.13 -12.30
CA ASN A 1548 44.09 -21.56 -12.29
C ASN A 1548 43.59 -22.22 -11.00
N LYS A 1549 42.54 -21.67 -10.40
CA LYS A 1549 42.05 -22.13 -9.12
C LYS A 1549 40.57 -22.47 -9.28
N VAL A 1550 40.23 -23.73 -9.14
CA VAL A 1550 38.85 -24.20 -9.27
C VAL A 1550 38.51 -24.98 -8.03
N LYS A 1551 37.68 -24.41 -7.17
CA LYS A 1551 37.32 -25.05 -5.92
C LYS A 1551 36.20 -26.04 -6.15
N VAL A 1552 36.38 -27.28 -5.71
CA VAL A 1552 35.38 -28.33 -5.91
C VAL A 1552 34.46 -28.35 -4.70
N ASN A 1553 33.16 -28.26 -4.95
CA ASN A 1553 32.17 -28.28 -3.88
C ASN A 1553 31.62 -29.68 -3.66
N GLY A 1554 31.49 -30.47 -4.72
CA GLY A 1554 30.96 -31.81 -4.52
C GLY A 1554 31.11 -32.68 -5.75
N LEU A 1555 31.03 -33.99 -5.52
CA LEU A 1555 31.09 -35.00 -6.56
C LEU A 1555 30.00 -36.03 -6.33
N TYR A 1556 29.58 -36.69 -7.40
CA TYR A 1556 28.65 -37.81 -7.32
C TYR A 1556 29.05 -38.85 -8.34
N LEU A 1557 29.45 -40.02 -7.86
CA LEU A 1557 30.00 -41.08 -8.68
C LEU A 1557 28.98 -42.19 -8.84
N ASN A 1558 28.68 -42.55 -10.08
CA ASN A 1558 27.75 -43.64 -10.31
C ASN A 1558 28.44 -44.98 -10.13
N GLU A 1559 27.73 -46.06 -10.47
CA GLU A 1559 28.13 -47.41 -10.08
C GLU A 1559 29.56 -47.75 -10.51
N TYR A 1560 29.87 -47.60 -11.80
CA TYR A 1560 31.22 -47.93 -12.25
C TYR A 1560 32.24 -46.95 -11.71
N GLY A 1561 31.87 -45.66 -11.64
CA GLY A 1561 32.75 -44.69 -11.04
C GLY A 1561 33.05 -45.02 -9.59
N TYR A 1562 32.04 -45.50 -8.87
CA TYR A 1562 32.25 -45.84 -7.47
C TYR A 1562 33.12 -47.10 -7.33
N ALA A 1563 32.93 -48.08 -8.19
CA ALA A 1563 33.82 -49.25 -8.14
C ALA A 1563 35.26 -48.83 -8.40
N SER A 1564 35.48 -47.90 -9.33
CA SER A 1564 36.82 -47.38 -9.56
C SER A 1564 37.35 -46.63 -8.33
N PHE A 1565 36.49 -45.86 -7.67
CA PHE A 1565 36.90 -45.18 -6.45
C PHE A 1565 37.32 -46.16 -5.38
N LEU A 1566 36.56 -47.24 -5.20
CA LEU A 1566 36.91 -48.23 -4.20
C LEU A 1566 38.22 -48.92 -4.53
N GLU A 1567 38.45 -49.20 -5.80
CA GLU A 1567 39.74 -49.77 -6.18
C GLU A 1567 40.88 -48.81 -5.86
N PHE A 1568 40.66 -47.51 -6.08
CA PHE A 1568 41.69 -46.53 -5.78
C PHE A 1568 41.97 -46.47 -4.28
N ILE A 1569 40.91 -46.53 -3.46
CA ILE A 1569 41.11 -46.62 -2.01
C ILE A 1569 41.96 -47.84 -1.68
N LYS A 1570 41.61 -48.96 -2.30
CA LYS A 1570 42.20 -50.25 -1.95
C LYS A 1570 43.68 -50.29 -2.26
N ASN A 1571 44.08 -49.67 -3.37
CA ASN A 1571 45.48 -49.73 -3.80
C ASN A 1571 46.39 -48.71 -3.15
N SER A 1572 45.86 -47.65 -2.54
CA SER A 1572 46.75 -46.74 -1.84
C SER A 1572 46.98 -47.24 -0.41
N ASP A 1573 48.25 -47.37 -0.05
CA ASP A 1573 48.63 -48.09 1.15
C ASP A 1573 48.63 -47.23 2.40
N GLY A 1574 47.50 -46.63 2.73
CA GLY A 1574 47.36 -45.90 3.97
C GLY A 1574 47.21 -44.41 3.82
N HIS A 1575 47.12 -43.92 2.59
CA HIS A 1575 46.83 -42.52 2.33
C HIS A 1575 45.36 -42.33 1.96
N HIS A 1576 44.45 -42.66 2.86
CA HIS A 1576 43.04 -42.50 2.51
C HIS A 1576 42.30 -41.60 3.50
N ASN A 1577 42.99 -41.01 4.46
CA ASN A 1577 42.29 -40.20 5.48
C ASN A 1577 42.53 -38.70 5.30
N THR A 1578 42.92 -38.23 4.12
CA THR A 1578 43.26 -36.83 3.95
C THR A 1578 42.78 -36.34 2.59
N SER A 1579 42.70 -35.01 2.45
CA SER A 1579 42.18 -34.42 1.22
C SER A 1579 43.13 -34.61 0.04
N ASN A 1580 44.44 -34.64 0.28
CA ASN A 1580 45.36 -34.86 -0.81
C ASN A 1580 45.09 -36.20 -1.48
N PHE A 1581 44.47 -37.12 -0.75
CA PHE A 1581 43.97 -38.34 -1.37
C PHE A 1581 42.94 -38.02 -2.44
N ILE A 1582 42.02 -37.11 -2.16
CA ILE A 1582 41.03 -36.73 -3.16
C ILE A 1582 41.70 -36.05 -4.35
N ASN A 1583 42.68 -35.19 -4.09
CA ASN A 1583 43.38 -34.54 -5.20
C ASN A 1583 44.06 -35.56 -6.09
N LEU A 1584 44.71 -36.56 -5.49
CA LEU A 1584 45.33 -37.61 -6.28
C LEU A 1584 44.29 -38.38 -7.07
N PHE A 1585 43.10 -38.57 -6.50
CA PHE A 1585 42.05 -39.27 -7.23
C PHE A 1585 41.59 -38.47 -8.44
N LEU A 1586 41.33 -37.18 -8.24
CA LEU A 1586 40.94 -36.32 -9.35
C LEU A 1586 42.00 -36.33 -10.44
N ASP A 1587 43.27 -36.40 -10.06
CA ASP A 1587 44.32 -36.55 -11.04
C ASP A 1587 44.24 -37.92 -11.72
N ASN A 1588 43.69 -38.91 -11.02
CA ASN A 1588 43.62 -40.26 -11.58
C ASN A 1588 42.62 -40.35 -12.73
N ILE A 1589 41.39 -39.89 -12.52
CA ILE A 1589 40.35 -40.00 -13.54
C ILE A 1589 40.46 -38.94 -14.62
N GLY A 1590 41.48 -38.10 -14.57
CA GLY A 1590 41.62 -37.08 -15.60
C GLY A 1590 40.57 -36.01 -15.54
N PHE A 1591 40.32 -35.44 -14.36
CA PHE A 1591 39.31 -34.41 -14.24
C PHE A 1591 39.72 -33.13 -14.94
N TRP A 1592 41.04 -32.88 -15.05
CA TRP A 1592 41.48 -31.63 -15.65
C TRP A 1592 41.11 -31.53 -17.12
N LYS A 1593 40.93 -32.66 -17.80
CA LYS A 1593 40.44 -32.64 -19.18
C LYS A 1593 39.14 -31.88 -19.30
N LEU A 1594 38.40 -31.73 -18.20
CA LEU A 1594 37.18 -30.94 -18.22
C LEU A 1594 37.42 -29.55 -18.78
N PHE A 1595 38.55 -28.93 -18.45
CA PHE A 1595 38.89 -27.61 -18.96
C PHE A 1595 39.83 -27.64 -20.14
N GLY A 1596 40.30 -28.82 -20.56
CA GLY A 1596 41.20 -28.92 -21.69
C GLY A 1596 42.65 -28.59 -21.41
N PHE A 1597 42.98 -28.06 -20.23
CA PHE A 1597 44.37 -27.79 -19.93
C PHE A 1597 44.70 -28.30 -18.52
N ASN A 1598 45.91 -28.81 -18.38
CA ASN A 1598 46.32 -29.55 -17.17
C ASN A 1598 47.04 -28.69 -16.15
N ASN A 1599 47.09 -27.38 -16.34
CA ASN A 1599 47.62 -26.50 -15.32
C ASN A 1599 46.51 -25.94 -14.45
N ILE A 1600 45.74 -26.83 -13.81
CA ILE A 1600 44.64 -26.44 -12.94
C ILE A 1600 44.93 -26.95 -11.54
N GLU A 1601 44.76 -26.09 -10.55
CA GLU A 1601 44.90 -26.48 -9.14
C GLU A 1601 43.52 -26.50 -8.50
N PHE A 1602 43.05 -27.69 -8.14
CA PHE A 1602 41.76 -27.81 -7.47
C PHE A 1602 41.94 -27.60 -5.97
N VAL A 1603 40.99 -26.92 -5.36
CA VAL A 1603 41.01 -26.64 -3.93
C VAL A 1603 39.92 -27.49 -3.27
N ILE A 1604 40.33 -28.43 -2.43
CA ILE A 1604 39.37 -29.24 -1.68
C ILE A 1604 39.07 -28.55 -0.36
N ASP A 1605 37.85 -28.05 -0.21
CA ASP A 1605 37.49 -27.19 0.90
C ASP A 1605 37.28 -28.03 2.15
N LYS A 1606 36.78 -27.39 3.21
CA LYS A 1606 36.49 -28.12 4.44
C LYS A 1606 35.06 -28.64 4.50
N TYR A 1607 34.27 -28.48 3.44
CA TYR A 1607 32.95 -29.09 3.37
C TYR A 1607 32.78 -30.00 2.17
N PHE A 1608 33.87 -30.38 1.51
CA PHE A 1608 33.77 -31.21 0.32
C PHE A 1608 33.08 -32.52 0.65
N ALA A 1609 31.97 -32.80 -0.01
CA ALA A 1609 31.22 -34.03 0.20
C ALA A 1609 31.10 -34.80 -1.09
N ILE A 1610 31.33 -36.10 -1.03
CA ILE A 1610 31.33 -36.97 -2.20
C ILE A 1610 30.36 -38.11 -1.97
N THR A 1611 29.43 -38.30 -2.88
CA THR A 1611 28.43 -39.34 -2.82
C THR A 1611 28.76 -40.41 -3.84
N GLY A 1612 28.86 -41.66 -3.40
CA GLY A 1612 29.06 -42.78 -4.29
C GLY A 1612 27.88 -43.71 -4.20
N LYS A 1613 27.33 -44.07 -5.35
CA LYS A 1613 26.23 -45.01 -5.39
C LYS A 1613 26.71 -46.39 -5.80
N THR A 1614 26.23 -47.40 -5.10
CA THR A 1614 26.45 -48.78 -5.48
C THR A 1614 25.14 -49.41 -5.92
N ASP A 1615 25.18 -50.71 -6.18
CA ASP A 1615 24.02 -51.38 -6.73
C ASP A 1615 22.87 -51.46 -5.72
N MET A 1616 23.17 -51.48 -4.43
CA MET A 1616 22.15 -51.65 -3.41
C MET A 1616 21.78 -50.36 -2.69
N GLY A 1617 22.70 -49.40 -2.60
CA GLY A 1617 22.45 -48.19 -1.84
C GLY A 1617 23.52 -47.17 -2.14
N TYR A 1618 23.78 -46.30 -1.17
CA TYR A 1618 24.74 -45.23 -1.38
C TYR A 1618 25.56 -44.97 -0.12
N ILE A 1619 26.64 -44.21 -0.29
CA ILE A 1619 27.51 -43.81 0.81
C ILE A 1619 27.97 -42.38 0.56
N GLU A 1620 27.91 -41.53 1.58
CA GLU A 1620 28.35 -40.14 1.49
C GLU A 1620 29.49 -39.92 2.46
N PHE A 1621 30.62 -39.44 1.92
CA PHE A 1621 31.79 -39.02 2.69
C PHE A 1621 31.85 -37.50 2.75
N ILE A 1622 32.37 -36.96 3.84
CA ILE A 1622 32.46 -35.52 4.02
C ILE A 1622 33.77 -35.17 4.71
N CYS A 1623 34.26 -33.96 4.44
CA CYS A 1623 35.51 -33.49 5.02
C CYS A 1623 35.27 -32.73 6.32
N ASP A 1624 36.05 -33.02 7.35
CA ASP A 1624 35.88 -32.40 8.65
C ASP A 1624 36.71 -31.12 8.72
N ASN A 1625 36.77 -30.54 9.93
CA ASN A 1625 37.48 -29.29 10.12
C ASN A 1625 38.98 -29.44 9.99
N ASN A 1626 39.53 -30.62 10.27
CA ASN A 1626 40.95 -30.89 10.11
C ASN A 1626 41.28 -31.37 8.71
N LYS A 1627 40.28 -31.47 7.83
CA LYS A 1627 40.42 -31.98 6.47
C LYS A 1627 40.73 -33.48 6.45
N ASN A 1628 40.06 -34.25 7.31
CA ASN A 1628 40.08 -35.69 7.21
C ASN A 1628 38.75 -36.19 6.69
N ILE A 1629 38.80 -37.14 5.76
CA ILE A 1629 37.58 -37.71 5.17
C ILE A 1629 37.07 -38.84 6.04
N ASP A 1630 35.75 -38.87 6.23
CA ASP A 1630 35.10 -39.94 6.98
C ASP A 1630 33.73 -40.18 6.39
N ILE A 1631 33.20 -41.38 6.64
CA ILE A 1631 31.84 -41.70 6.21
C ILE A 1631 30.87 -40.80 6.97
N TYR A 1632 30.03 -40.09 6.24
CA TYR A 1632 28.98 -39.32 6.88
C TYR A 1632 27.69 -40.11 6.97
N PHE A 1633 27.33 -40.82 5.92
CA PHE A 1633 26.09 -41.58 5.95
C PHE A 1633 26.07 -42.62 4.86
N GLY A 1634 25.81 -43.86 5.22
CA GLY A 1634 25.75 -44.92 4.23
C GLY A 1634 24.58 -45.83 4.49
N GLU A 1635 23.90 -46.27 3.44
CA GLU A 1635 22.71 -47.11 3.58
C GLU A 1635 22.62 -48.08 2.42
N TRP A 1636 22.34 -49.34 2.71
CA TRP A 1636 22.06 -50.28 1.63
C TRP A 1636 21.25 -51.46 2.14
N LYS A 1637 20.41 -52.00 1.27
CA LYS A 1637 19.48 -53.05 1.63
C LYS A 1637 19.69 -54.27 0.75
N THR A 1638 19.82 -55.43 1.37
CA THR A 1638 19.81 -56.69 0.65
C THR A 1638 18.37 -57.20 0.62
N SER A 1639 18.16 -58.45 0.20
CA SER A 1639 16.81 -58.99 0.08
C SER A 1639 16.13 -59.18 1.42
N SER A 1640 16.91 -59.39 2.48
CA SER A 1640 16.35 -59.65 3.80
C SER A 1640 16.94 -58.80 4.90
N THR A 1641 17.85 -57.89 4.60
CA THR A 1641 18.64 -57.22 5.61
C THR A 1641 18.85 -55.76 5.24
N LYS A 1642 18.87 -54.89 6.23
CA LYS A 1642 19.08 -53.46 6.04
C LYS A 1642 20.30 -53.01 6.83
N ASN A 1643 21.27 -52.42 6.15
CA ASN A 1643 22.52 -52.01 6.78
C ASN A 1643 22.63 -50.49 6.72
N THR A 1644 22.88 -49.86 7.85
CA THR A 1644 23.02 -48.41 7.91
C THR A 1644 24.25 -48.04 8.73
N ILE A 1645 24.82 -46.90 8.41
CA ILE A 1645 25.93 -46.35 9.18
C ILE A 1645 25.86 -44.83 9.10
N PHE A 1646 26.09 -44.17 10.23
CA PHE A 1646 26.21 -42.72 10.20
C PHE A 1646 27.15 -42.25 11.29
N SER A 1647 27.71 -41.06 11.07
CA SER A 1647 28.76 -40.55 11.94
C SER A 1647 28.23 -40.21 13.32
N GLY A 1648 26.91 -40.22 13.50
CA GLY A 1648 26.35 -39.90 14.80
C GLY A 1648 26.70 -40.91 15.87
N ASN A 1649 26.66 -42.20 15.53
CA ASN A 1649 26.93 -43.24 16.51
C ASN A 1649 28.35 -43.79 16.43
N GLY A 1650 29.26 -43.08 15.76
CA GLY A 1650 30.61 -43.58 15.63
C GLY A 1650 30.79 -44.61 14.53
N ARG A 1651 30.01 -44.50 13.46
CA ARG A 1651 30.13 -45.36 12.29
C ARG A 1651 29.94 -46.83 12.61
N ASN A 1652 29.17 -47.15 13.64
CA ASN A 1652 28.85 -48.54 13.92
C ASN A 1652 27.86 -49.02 12.87
N LEU A 1653 28.22 -50.07 12.15
CA LEU A 1653 27.37 -50.57 11.08
C LEU A 1653 26.24 -51.37 11.68
N ILE A 1654 25.03 -50.84 11.64
CA ILE A 1654 23.86 -51.48 12.24
C ILE A 1654 23.17 -52.32 11.19
N VAL A 1655 22.96 -53.59 11.51
CA VAL A 1655 22.45 -54.58 10.56
C VAL A 1655 21.14 -55.12 11.12
N GLU A 1656 20.02 -54.78 10.49
CA GLU A 1656 18.74 -55.21 11.00
C GLU A 1656 18.05 -56.12 9.99
N PRO A 1657 17.09 -56.92 10.43
CA PRO A 1657 16.21 -57.59 9.47
C PRO A 1657 15.22 -56.59 8.91
N ILE A 1658 14.82 -56.84 7.67
CA ILE A 1658 13.94 -55.93 6.94
C ILE A 1658 12.50 -56.30 7.31
N TYR A 1659 11.75 -55.32 7.80
CA TYR A 1659 10.45 -55.55 8.42
C TYR A 1659 9.35 -55.00 7.53
N ASP A 1660 8.68 -55.88 6.80
CA ASP A 1660 7.51 -55.53 6.00
C ASP A 1660 6.29 -55.98 6.78
N ILE A 1661 5.54 -55.02 7.33
CA ILE A 1661 4.61 -55.31 8.41
C ILE A 1661 3.53 -56.29 7.97
N ASN A 1662 2.92 -56.05 6.81
CA ASN A 1662 1.78 -56.84 6.37
C ASN A 1662 2.13 -57.77 5.20
N ALA A 1663 3.30 -58.40 5.24
CA ALA A 1663 3.77 -59.18 4.10
C ALA A 1663 3.04 -60.52 3.96
N GLY A 1664 2.41 -61.02 5.01
CA GLY A 1664 1.80 -62.33 4.97
C GLY A 1664 2.74 -63.41 5.47
N ASP A 1665 2.36 -64.65 5.20
CA ASP A 1665 3.05 -65.81 5.75
C ASP A 1665 4.36 -66.05 5.00
N ASN A 1666 5.20 -65.02 4.99
CA ASN A 1666 6.52 -65.14 4.40
C ASN A 1666 7.56 -64.35 5.19
N ILE A 1667 7.24 -63.95 6.42
CA ILE A 1667 8.15 -63.12 7.19
C ILE A 1667 9.47 -63.85 7.35
N SER A 1668 10.55 -63.15 7.04
CA SER A 1668 11.86 -63.79 7.01
C SER A 1668 12.39 -63.97 8.42
N THR A 1669 12.88 -65.17 8.71
CA THR A 1669 13.60 -65.46 9.94
C THR A 1669 15.03 -65.79 9.52
N SER A 1670 15.81 -64.74 9.32
CA SER A 1670 17.21 -64.84 8.93
C SER A 1670 17.84 -63.47 8.88
N ILE A 1671 19.09 -63.36 9.28
CA ILE A 1671 19.92 -62.19 9.03
C ILE A 1671 21.20 -62.68 8.38
N ASP A 1672 21.45 -62.24 7.16
CA ASP A 1672 22.57 -62.75 6.38
C ASP A 1672 23.59 -61.63 6.23
N PHE A 1673 24.75 -61.82 6.83
CA PHE A 1673 25.83 -60.85 6.79
C PHE A 1673 27.04 -61.48 6.13
N SER A 1674 27.81 -60.66 5.41
CA SER A 1674 29.00 -61.13 4.73
C SER A 1674 30.10 -60.09 4.89
N TYR A 1675 31.32 -60.57 5.11
CA TYR A 1675 32.46 -59.68 5.29
C TYR A 1675 32.95 -59.12 3.99
N GLU A 1676 32.17 -59.25 2.93
CA GLU A 1676 32.58 -58.87 1.59
C GLU A 1676 31.80 -57.71 1.02
N TYR A 1677 30.67 -57.34 1.62
CA TYR A 1677 29.92 -56.18 1.18
C TYR A 1677 30.43 -54.88 1.78
N ILE A 1678 31.29 -54.94 2.78
CA ILE A 1678 31.94 -53.76 3.31
C ILE A 1678 33.37 -53.65 2.82
N SER A 1679 33.73 -54.40 1.78
CA SER A 1679 35.09 -54.32 1.26
C SER A 1679 35.35 -52.93 0.74
N GLY A 1680 36.57 -52.44 0.95
CA GLY A 1680 36.91 -51.10 0.58
C GLY A 1680 36.75 -50.10 1.71
N ILE A 1681 35.58 -50.09 2.36
CA ILE A 1681 35.29 -49.10 3.38
C ILE A 1681 35.40 -49.70 4.77
N ASP A 1682 36.06 -50.84 4.90
CA ASP A 1682 36.17 -51.45 6.21
C ASP A 1682 37.20 -50.77 7.10
N ILE A 1683 37.94 -49.80 6.57
CA ILE A 1683 38.82 -49.00 7.42
C ILE A 1683 38.10 -47.83 8.06
N TYR A 1684 36.86 -47.57 7.66
CA TYR A 1684 36.07 -46.48 8.23
C TYR A 1684 35.00 -46.94 9.20
N ILE A 1685 34.99 -48.21 9.60
CA ILE A 1685 33.91 -48.76 10.41
C ILE A 1685 34.47 -49.13 11.77
N ASN A 1686 33.74 -48.81 12.83
CA ASN A 1686 34.16 -49.12 14.18
C ASN A 1686 33.82 -50.55 14.57
N LYS A 1687 32.54 -50.90 14.61
CA LYS A 1687 32.08 -52.22 14.97
C LYS A 1687 30.82 -52.54 14.19
N ILE A 1688 30.53 -53.83 14.05
CA ILE A 1688 29.37 -54.30 13.32
C ILE A 1688 28.35 -54.79 14.35
N LEU A 1689 27.13 -54.31 14.25
CA LEU A 1689 26.18 -54.38 15.35
C LEU A 1689 24.90 -55.06 14.88
N ILE A 1690 24.82 -56.37 14.99
CA ILE A 1690 23.67 -57.12 14.51
C ILE A 1690 22.55 -57.03 15.54
N VAL A 1691 21.35 -56.70 15.08
CA VAL A 1691 20.20 -56.48 15.96
C VAL A 1691 19.03 -57.36 15.55
N PRO A 1692 18.87 -58.55 16.12
CA PRO A 1692 17.71 -59.38 15.78
C PRO A 1692 16.42 -58.80 16.35
N ASN A 1693 15.29 -59.26 15.81
CA ASN A 1693 13.97 -58.95 16.34
C ASN A 1693 13.22 -60.24 16.68
N LEU A 1694 11.91 -60.10 16.90
CA LEU A 1694 11.11 -61.22 17.41
C LEU A 1694 11.21 -62.46 16.54
N TYR A 1695 11.29 -62.29 15.22
CA TYR A 1695 11.18 -63.41 14.31
C TYR A 1695 12.52 -64.08 14.04
N THR A 1696 13.62 -63.43 14.37
CA THR A 1696 14.94 -63.91 13.96
C THR A 1696 15.24 -65.25 14.61
N GLU A 1697 15.46 -66.27 13.79
CA GLU A 1697 15.77 -67.60 14.26
C GLU A 1697 17.15 -68.07 13.84
N LEU A 1698 17.67 -67.57 12.73
CA LEU A 1698 18.96 -67.97 12.19
C LEU A 1698 19.77 -66.72 11.93
N VAL A 1699 21.06 -66.77 12.21
CA VAL A 1699 21.97 -65.67 11.92
C VAL A 1699 23.10 -66.25 11.09
N ASN A 1700 23.09 -65.98 9.79
CA ASN A 1700 24.13 -66.46 8.89
C ASN A 1700 25.26 -65.45 8.85
N ILE A 1701 26.46 -65.89 9.19
CA ILE A 1701 27.65 -65.06 9.11
C ILE A 1701 28.64 -65.76 8.20
N ASN A 1702 28.79 -65.25 6.98
CA ASN A 1702 29.72 -65.83 6.03
C ASN A 1702 31.11 -65.30 6.32
N THR A 1703 32.04 -66.08 6.80
CA THR A 1703 33.31 -65.51 7.25
C THR A 1703 34.18 -64.93 6.17
N ASP A 1704 35.06 -65.69 5.54
CA ASP A 1704 35.96 -65.31 4.41
C ASP A 1704 37.05 -64.31 4.65
N TYR A 1705 37.89 -64.05 3.68
CA TYR A 1705 38.90 -63.00 3.87
C TYR A 1705 39.57 -62.66 2.58
N SER A 1706 39.21 -63.34 1.54
CA SER A 1706 39.83 -63.00 0.26
C SER A 1706 38.84 -62.03 -0.30
N SER A 1707 39.00 -60.75 0.01
CA SER A 1707 38.22 -59.54 -0.36
C SER A 1707 38.60 -58.51 0.66
N ASN A 1708 38.29 -58.74 1.91
CA ASN A 1708 38.58 -57.70 2.89
C ASN A 1708 40.00 -57.63 3.34
N LYS A 1709 40.32 -56.62 4.10
CA LYS A 1709 41.66 -56.55 4.62
C LYS A 1709 41.57 -56.31 6.10
N TYR A 1710 40.61 -55.60 6.64
CA TYR A 1710 40.50 -55.50 8.10
C TYR A 1710 39.14 -55.98 8.49
N PHE A 1711 38.94 -56.84 9.47
CA PHE A 1711 37.60 -57.33 9.74
C PHE A 1711 37.21 -56.81 11.07
N PRO A 1712 36.22 -55.77 11.34
CA PRO A 1712 35.64 -55.21 12.56
C PRO A 1712 34.98 -56.27 13.42
N GLU A 1713 34.94 -56.04 14.72
CA GLU A 1713 34.37 -57.00 15.65
C GLU A 1713 32.87 -57.01 15.59
N ILE A 1714 32.26 -58.18 15.48
CA ILE A 1714 30.82 -58.32 15.38
C ILE A 1714 30.24 -58.40 16.78
N ILE A 1715 29.09 -57.78 17.00
CA ILE A 1715 28.38 -57.82 18.28
C ILE A 1715 26.96 -58.27 18.00
N VAL A 1716 26.55 -59.40 18.59
CA VAL A 1716 25.22 -59.96 18.35
C VAL A 1716 24.34 -59.67 19.56
N LEU A 1717 23.35 -58.80 19.39
CA LEU A 1717 22.55 -58.34 20.51
C LEU A 1717 21.42 -59.33 20.82
N ASN A 1718 21.07 -59.42 22.10
CA ASN A 1718 20.16 -60.43 22.63
C ASN A 1718 18.81 -59.78 22.94
N THR A 1719 17.79 -60.10 22.15
CA THR A 1719 16.45 -59.57 22.32
C THR A 1719 15.44 -60.64 22.70
N ASP A 1720 14.28 -60.21 23.18
CA ASP A 1720 13.17 -61.13 23.44
C ASP A 1720 12.58 -61.65 22.14
N THR A 1721 12.26 -62.93 22.12
CA THR A 1721 11.66 -63.56 20.96
C THR A 1721 10.90 -64.81 21.40
N PHE A 1722 10.02 -65.30 20.54
CA PHE A 1722 9.25 -66.49 20.87
C PHE A 1722 9.89 -67.78 20.35
N HIS A 1723 11.14 -67.73 19.91
CA HIS A 1723 11.84 -68.94 19.53
C HIS A 1723 12.64 -69.50 20.71
N ASP A 1724 12.68 -70.82 20.82
CA ASP A 1724 13.38 -71.44 21.93
C ASP A 1724 14.88 -71.44 21.72
N LYS A 1725 15.34 -71.58 20.48
CA LYS A 1725 16.76 -71.60 20.18
C LYS A 1725 17.03 -70.64 19.03
N VAL A 1726 18.14 -69.92 19.13
CA VAL A 1726 18.61 -69.04 18.07
C VAL A 1726 19.96 -69.56 17.60
N ASN A 1727 20.07 -69.86 16.32
CA ASN A 1727 21.29 -70.40 15.74
C ASN A 1727 22.17 -69.28 15.22
N ILE A 1728 23.45 -69.33 15.53
CA ILE A 1728 24.46 -68.54 14.84
C ILE A 1728 25.22 -69.49 13.93
N ASN A 1729 25.13 -69.25 12.62
CA ASN A 1729 25.63 -70.18 11.62
C ASN A 1729 26.91 -69.65 11.01
N LEU A 1730 28.04 -70.20 11.42
CA LEU A 1730 29.35 -69.81 10.90
C LEU A 1730 29.79 -70.82 9.86
N ASP A 1731 30.37 -70.34 8.76
CA ASP A 1731 30.77 -71.22 7.67
C ASP A 1731 32.21 -71.66 7.73
N SER A 1732 32.87 -71.56 8.89
CA SER A 1732 34.30 -71.82 9.00
C SER A 1732 34.56 -73.07 9.82
N SER A 1733 35.83 -73.46 9.85
CA SER A 1733 36.22 -74.66 10.57
C SER A 1733 36.27 -74.40 12.07
N SER A 1734 35.76 -75.35 12.85
CA SER A 1734 35.70 -75.19 14.30
C SER A 1734 37.08 -75.28 14.94
N LEU A 1735 38.10 -75.63 14.17
CA LEU A 1735 39.42 -75.92 14.72
C LEU A 1735 40.19 -74.67 15.12
N ASP A 1736 39.79 -73.50 14.65
CA ASP A 1736 40.59 -72.29 14.86
C ASP A 1736 40.08 -71.41 15.98
N TYR A 1737 38.98 -71.78 16.63
CA TYR A 1737 38.27 -70.88 17.53
C TYR A 1737 38.72 -71.03 18.96
N GLU A 1738 38.63 -69.94 19.71
CA GLU A 1738 38.84 -69.92 21.15
C GLU A 1738 37.76 -69.06 21.78
N TRP A 1739 37.50 -69.26 23.07
CA TRP A 1739 36.46 -68.53 23.76
C TRP A 1739 37.01 -67.78 24.96
N ALA A 1740 36.28 -66.75 25.38
CA ALA A 1740 36.57 -66.02 26.61
C ALA A 1740 35.28 -65.38 27.10
N ILE A 1741 35.32 -64.86 28.31
CA ILE A 1741 34.18 -64.11 28.84
C ILE A 1741 34.66 -62.73 29.26
N ASP A 1742 33.75 -61.76 29.16
CA ASP A 1742 34.04 -60.40 29.61
C ASP A 1742 32.77 -59.86 30.26
N GLY A 1743 32.76 -59.80 31.59
CA GLY A 1743 31.53 -59.45 32.26
C GLY A 1743 30.47 -60.48 31.97
N SER A 1744 29.44 -60.07 31.25
CA SER A 1744 28.40 -61.01 30.84
C SER A 1744 28.49 -61.40 29.37
N ASP A 1745 29.47 -60.92 28.62
CA ASP A 1745 29.54 -61.23 27.20
C ASP A 1745 30.39 -62.46 26.96
N PHE A 1746 30.01 -63.24 25.95
CA PHE A 1746 30.74 -64.42 25.53
C PHE A 1746 31.44 -64.13 24.22
N ILE A 1747 32.76 -64.28 24.19
CA ILE A 1747 33.57 -63.86 23.06
C ILE A 1747 34.14 -65.10 22.38
N LEU A 1748 33.94 -65.21 21.07
CA LEU A 1748 34.59 -66.20 20.24
C LEU A 1748 35.60 -65.50 19.34
N SER A 1749 36.77 -66.11 19.19
CA SER A 1749 37.84 -65.52 18.41
C SER A 1749 38.43 -66.56 17.47
N ARG A 1750 38.62 -66.17 16.21
CA ARG A 1750 39.17 -67.05 15.18
C ARG A 1750 40.50 -66.49 14.71
N TYR A 1751 41.51 -67.35 14.65
CA TYR A 1751 42.85 -66.98 14.22
C TYR A 1751 43.31 -67.93 13.12
N LEU A 1752 43.77 -67.37 12.01
CA LEU A 1752 44.34 -68.14 10.90
C LEU A 1752 45.61 -67.47 10.40
N GLU A 1753 46.43 -68.24 9.69
CA GLU A 1753 47.62 -67.70 9.04
C GLU A 1753 47.62 -68.13 7.58
N GLU A 1754 47.45 -67.16 6.67
CA GLU A 1754 47.40 -67.43 5.25
C GLU A 1754 48.20 -66.37 4.50
N ASN A 1755 49.21 -66.81 3.73
CA ASN A 1755 49.99 -65.93 2.87
C ASN A 1755 50.68 -64.83 3.68
N ASN A 1756 51.30 -65.22 4.80
CA ASN A 1756 51.93 -64.30 5.73
C ASN A 1756 50.97 -63.26 6.28
N ARG A 1757 49.67 -63.48 6.14
CA ARG A 1757 48.67 -62.60 6.71
C ARG A 1757 48.02 -63.30 7.89
N LYS A 1758 48.01 -62.62 9.03
CA LYS A 1758 47.32 -63.09 10.22
C LYS A 1758 45.88 -62.63 10.17
N ILE A 1759 44.95 -63.56 10.23
CA ILE A 1759 43.52 -63.31 10.14
C ILE A 1759 42.93 -63.47 11.52
N LEU A 1760 42.38 -62.38 12.05
CA LEU A 1760 41.85 -62.37 13.42
C LEU A 1760 40.44 -61.79 13.39
N GLN A 1761 39.45 -62.62 13.69
CA GLN A 1761 38.05 -62.21 13.68
C GLN A 1761 37.42 -62.46 15.04
N LYS A 1762 36.65 -61.50 15.52
CA LYS A 1762 36.04 -61.60 16.84
C LYS A 1762 34.53 -61.41 16.77
N ILE A 1763 33.82 -62.27 17.48
CA ILE A 1763 32.37 -62.27 17.57
C ILE A 1763 32.01 -62.22 19.05
N ARG A 1764 31.30 -61.19 19.47
CA ARG A 1764 30.90 -61.04 20.86
C ARG A 1764 29.40 -61.19 20.97
N ILE A 1765 28.94 -62.16 21.74
CA ILE A 1765 27.52 -62.36 22.03
C ILE A 1765 27.26 -61.62 23.33
N LYS A 1766 26.38 -60.62 23.27
CA LYS A 1766 26.25 -59.65 24.35
C LYS A 1766 25.27 -60.13 25.41
N ASP A 1767 25.73 -60.11 26.66
CA ASP A 1767 24.92 -60.41 27.85
C ASP A 1767 24.28 -61.77 27.78
N ILE A 1768 24.94 -62.74 27.16
CA ILE A 1768 24.38 -64.08 27.10
C ILE A 1768 24.53 -64.81 28.42
N LEU A 1769 25.43 -64.36 29.29
CA LEU A 1769 25.66 -65.01 30.56
C LEU A 1769 24.84 -64.41 31.70
N SER A 1770 23.87 -63.57 31.40
CA SER A 1770 23.18 -62.85 32.47
C SER A 1770 22.28 -63.78 33.29
N ASN A 1771 21.69 -64.79 32.67
CA ASN A 1771 20.83 -65.70 33.41
C ASN A 1771 20.73 -67.02 32.66
N THR A 1772 20.01 -67.97 33.25
CA THR A 1772 19.96 -69.32 32.69
C THR A 1772 19.23 -69.37 31.36
N LYS A 1773 18.16 -68.58 31.20
CA LYS A 1773 17.41 -68.59 29.95
C LYS A 1773 18.27 -68.11 28.79
N SER A 1774 18.88 -66.94 28.95
CA SER A 1774 19.75 -66.40 27.90
C SER A 1774 20.91 -67.34 27.64
N PHE A 1775 21.46 -67.93 28.70
CA PHE A 1775 22.60 -68.83 28.54
C PHE A 1775 22.22 -70.04 27.70
N ASN A 1776 21.02 -70.58 27.91
CA ASN A 1776 20.64 -71.80 27.20
C ASN A 1776 20.06 -71.52 25.83
N LYS A 1777 19.66 -70.29 25.52
CA LYS A 1777 18.90 -70.05 24.31
C LYS A 1777 19.74 -70.05 23.03
N MET A 1778 21.02 -69.76 23.10
CA MET A 1778 21.83 -69.59 21.89
C MET A 1778 22.56 -70.87 21.52
N MET A 1779 22.50 -71.26 20.25
CA MET A 1779 23.21 -72.41 19.72
C MET A 1779 24.09 -71.96 18.55
N ILE A 1780 25.15 -72.71 18.29
CA ILE A 1780 26.17 -72.33 17.32
C ILE A 1780 26.40 -73.48 16.36
N ASP A 1781 26.57 -73.16 15.07
CA ASP A 1781 26.78 -74.16 14.03
C ASP A 1781 28.07 -73.85 13.30
N PHE A 1782 29.07 -74.72 13.46
CA PHE A 1782 30.29 -74.63 12.68
C PHE A 1782 30.14 -75.47 11.41
N LYS A 1783 31.23 -75.58 10.65
CA LYS A 1783 31.15 -76.30 9.38
C LYS A 1783 31.15 -77.81 9.58
N ASP A 1784 32.04 -78.31 10.43
CA ASP A 1784 32.15 -79.75 10.65
C ASP A 1784 31.36 -80.25 11.85
N ILE A 1785 30.97 -79.37 12.77
CA ILE A 1785 30.10 -79.74 13.88
C ILE A 1785 28.85 -78.87 13.80
N LYS A 1786 27.71 -79.41 14.21
CA LYS A 1786 26.47 -78.67 14.21
C LYS A 1786 25.85 -78.69 15.60
N ASN A 1787 25.11 -77.63 15.91
CA ASN A 1787 24.38 -77.51 17.17
C ASN A 1787 25.32 -77.66 18.36
N ILE A 1788 26.21 -76.70 18.52
CA ILE A 1788 27.14 -76.68 19.64
C ILE A 1788 26.64 -75.64 20.64
N SER A 1789 26.32 -76.09 21.84
CA SER A 1789 25.85 -75.17 22.85
C SER A 1789 27.01 -74.36 23.41
N LEU A 1790 26.68 -73.34 24.22
CA LEU A 1790 27.74 -72.53 24.83
C LEU A 1790 28.42 -73.30 25.96
N ASP A 1791 27.68 -74.12 26.68
CA ASP A 1791 28.27 -74.95 27.72
C ASP A 1791 29.25 -75.96 27.12
N HIS A 1792 28.86 -76.57 26.00
CA HIS A 1792 29.77 -77.49 25.31
C HIS A 1792 31.03 -76.78 24.86
N ILE A 1793 30.91 -75.54 24.38
CA ILE A 1793 32.09 -74.78 23.99
C ILE A 1793 32.98 -74.54 25.19
N MET A 1794 32.38 -74.13 26.31
CA MET A 1794 33.16 -73.91 27.52
C MET A 1794 33.90 -75.18 27.94
N ASN A 1795 33.31 -76.34 27.69
CA ASN A 1795 33.91 -77.57 28.18
C ASN A 1795 34.96 -78.16 27.23
N ASN A 1796 34.83 -77.96 25.91
CA ASN A 1796 35.68 -78.68 24.97
C ASN A 1796 36.67 -77.84 24.17
N PHE A 1797 36.57 -76.51 24.18
CA PHE A 1797 37.45 -75.68 23.37
C PHE A 1797 38.56 -75.10 24.23
N LYS A 1798 39.63 -74.68 23.57
CA LYS A 1798 40.67 -73.94 24.28
C LYS A 1798 40.14 -72.57 24.66
N SER A 1799 40.80 -71.94 25.62
CA SER A 1799 40.38 -70.65 26.13
C SER A 1799 41.51 -69.65 26.05
N PHE A 1800 41.17 -68.37 25.90
CA PHE A 1800 42.15 -67.31 25.91
C PHE A 1800 41.69 -66.22 26.85
N ASN A 1801 42.55 -65.23 27.08
CA ASN A 1801 42.28 -64.15 27.99
C ASN A 1801 42.01 -62.87 27.21
N SER A 1802 40.91 -62.20 27.54
CA SER A 1802 40.46 -61.03 26.80
C SER A 1802 40.60 -59.80 27.67
N GLU A 1803 41.81 -59.24 27.71
CA GLU A 1803 42.04 -57.94 28.32
C GLU A 1803 43.41 -57.42 27.93
N SER A 1804 43.49 -56.13 27.63
CA SER A 1804 44.71 -55.50 27.17
C SER A 1804 44.49 -54.00 27.17
N GLU A 1805 45.58 -53.25 27.33
CA GLU A 1805 45.47 -51.80 27.36
C GLU A 1805 45.02 -51.22 26.03
N LEU A 1806 45.26 -51.94 24.92
CA LEU A 1806 44.82 -51.46 23.61
C LEU A 1806 43.31 -51.54 23.43
N ASP A 1807 42.59 -52.13 24.37
CA ASP A 1807 41.15 -52.28 24.25
C ASP A 1807 40.41 -51.33 25.17
N ARG A 1808 41.11 -50.41 25.82
CA ARG A 1808 40.49 -49.47 26.73
C ARG A 1808 39.88 -48.31 25.93
N ASP A 1809 39.45 -47.27 26.61
CA ASP A 1809 38.86 -46.09 25.98
C ASP A 1809 39.74 -44.90 26.30
N HIS A 1810 40.39 -44.35 25.28
CA HIS A 1810 41.16 -43.14 25.37
C HIS A 1810 40.66 -42.18 24.30
N PHE A 1811 41.25 -40.99 24.23
CA PHE A 1811 40.85 -40.03 23.21
C PHE A 1811 42.01 -39.24 22.63
N GLY A 1812 43.24 -39.51 23.01
CA GLY A 1812 44.37 -38.84 22.42
C GLY A 1812 45.53 -39.79 22.29
N PHE A 1813 46.75 -39.29 22.41
CA PHE A 1813 47.92 -40.14 22.31
C PHE A 1813 48.04 -41.03 23.54
N LYS A 1814 48.34 -42.30 23.31
CA LYS A 1814 48.64 -43.25 24.37
C LYS A 1814 50.00 -43.86 24.07
N THR A 1815 50.70 -44.27 25.12
CA THR A 1815 52.13 -44.60 25.01
C THR A 1815 52.38 -46.00 25.58
N ILE A 1816 51.72 -47.00 24.99
CA ILE A 1816 51.71 -48.31 25.65
C ILE A 1816 53.06 -48.99 25.46
N ASP A 1817 53.96 -48.67 26.37
CA ASP A 1817 55.18 -49.38 26.74
C ASP A 1817 56.35 -49.33 25.77
N SER A 1818 56.11 -49.07 24.49
CA SER A 1818 57.21 -48.64 23.63
C SER A 1818 56.70 -47.82 22.46
N LYS A 1819 55.39 -47.66 22.37
CA LYS A 1819 54.78 -47.32 21.09
C LYS A 1819 53.55 -46.47 21.31
N THR A 1820 53.38 -45.48 20.45
CA THR A 1820 52.32 -44.50 20.58
C THR A 1820 51.15 -44.86 19.68
N TYR A 1821 49.95 -44.65 20.19
CA TYR A 1821 48.71 -44.93 19.49
C TYR A 1821 47.83 -43.69 19.59
N TYR A 1822 46.89 -43.56 18.67
CA TYR A 1822 45.98 -42.42 18.65
C TYR A 1822 44.57 -42.94 18.52
N TYR A 1823 43.66 -42.42 19.35
CA TYR A 1823 42.27 -42.87 19.39
C TYR A 1823 41.37 -41.75 18.89
N ASN A 1824 40.41 -42.10 18.04
CA ASN A 1824 39.44 -41.12 17.58
C ASN A 1824 38.56 -40.67 18.74
N GLU A 1825 37.64 -39.75 18.45
CA GLU A 1825 36.69 -39.31 19.45
C GLU A 1825 35.75 -40.42 19.90
N VAL A 1826 35.76 -41.56 19.21
CA VAL A 1826 34.92 -42.70 19.56
C VAL A 1826 35.73 -43.84 20.12
N GLY A 1827 37.02 -43.65 20.32
CA GLY A 1827 37.86 -44.64 20.97
C GLY A 1827 38.24 -45.79 20.07
N LYS A 1828 38.67 -45.49 18.85
CA LYS A 1828 39.17 -46.50 17.94
C LYS A 1828 40.54 -46.07 17.44
N LEU A 1829 41.43 -47.04 17.26
CA LEU A 1829 42.78 -46.73 16.81
C LEU A 1829 42.73 -46.16 15.40
N VAL A 1830 43.77 -45.42 15.06
CA VAL A 1830 43.89 -44.76 13.76
C VAL A 1830 44.99 -45.44 12.97
N LYS A 1831 44.71 -45.78 11.71
CA LYS A 1831 45.63 -46.48 10.83
C LYS A 1831 45.75 -45.69 9.54
N GLY A 1832 46.96 -45.48 9.08
CA GLY A 1832 47.12 -44.74 7.85
C GLY A 1832 47.42 -43.31 8.10
N SER A 1833 47.89 -42.57 7.14
CA SER A 1833 48.34 -41.20 7.45
C SER A 1833 47.19 -40.32 7.74
N ILE A 1834 47.25 -39.37 8.62
CA ILE A 1834 46.08 -38.55 8.99
C ILE A 1834 46.53 -37.23 9.55
N ASN A 1835 45.75 -36.16 9.62
CA ASN A 1835 46.26 -34.89 10.13
C ASN A 1835 45.64 -34.62 11.47
N ILE A 1836 46.45 -34.34 12.43
CA ILE A 1836 46.01 -33.93 13.79
C ILE A 1836 46.75 -32.63 14.01
N ASN A 1837 46.17 -31.69 14.68
CA ASN A 1837 46.72 -30.38 15.06
C ASN A 1837 47.55 -29.79 13.92
N ASP A 1838 47.01 -29.89 12.71
CA ASP A 1838 47.63 -29.32 11.52
C ASP A 1838 49.03 -29.91 11.30
N SER A 1839 49.11 -31.23 11.34
CA SER A 1839 50.37 -31.93 11.12
C SER A 1839 50.06 -33.33 10.62
N LEU A 1840 50.94 -33.84 9.77
CA LEU A 1840 50.71 -35.12 9.10
C LEU A 1840 51.48 -36.20 9.83
N PHE A 1841 50.78 -37.02 10.60
CA PHE A 1841 51.34 -38.19 11.23
C PHE A 1841 51.05 -39.40 10.35
N TYR A 1842 51.80 -40.48 10.54
CA TYR A 1842 51.53 -41.72 9.83
C TYR A 1842 51.60 -42.89 10.80
N PHE A 1843 50.45 -43.49 11.10
CA PHE A 1843 50.37 -44.62 12.00
C PHE A 1843 50.36 -45.91 11.20
N ASP A 1844 51.21 -46.86 11.58
CA ASP A 1844 51.39 -48.09 10.83
C ASP A 1844 50.06 -48.76 10.53
N THR A 1845 50.02 -49.48 9.41
CA THR A 1845 48.75 -49.99 8.87
C THR A 1845 48.37 -51.35 9.40
N ILE A 1846 49.14 -51.94 10.30
CA ILE A 1846 48.74 -53.20 10.91
C ILE A 1846 48.75 -53.08 12.42
N GLU A 1847 49.88 -52.67 12.98
CA GLU A 1847 50.02 -52.53 14.42
C GLU A 1847 49.41 -51.25 14.98
N SER A 1848 49.09 -50.28 14.13
CA SER A 1848 48.54 -48.98 14.50
C SER A 1848 49.47 -48.16 15.37
N ASN A 1849 50.76 -48.50 15.42
CA ASN A 1849 51.72 -47.72 16.18
C ASN A 1849 52.33 -46.62 15.32
N LEU A 1850 52.67 -45.50 15.96
CA LEU A 1850 53.21 -44.34 15.26
C LEU A 1850 54.51 -44.68 14.56
N VAL A 1851 54.59 -44.35 13.26
CA VAL A 1851 55.75 -44.66 12.44
C VAL A 1851 56.63 -43.42 12.31
N THR A 1852 57.95 -43.62 12.38
CA THR A 1852 58.93 -42.57 12.16
C THR A 1852 59.87 -42.97 11.03
N GLY A 1853 60.65 -42.01 10.53
CA GLY A 1853 61.67 -42.31 9.54
C GLY A 1853 61.21 -42.10 8.12
N TRP A 1854 61.95 -42.70 7.19
CA TRP A 1854 61.65 -42.58 5.77
C TRP A 1854 60.47 -43.46 5.42
N LYS A 1855 59.56 -42.95 4.57
CA LYS A 1855 58.40 -43.75 4.20
C LYS A 1855 58.01 -43.50 2.75
N THR A 1856 58.04 -44.54 1.93
CA THR A 1856 57.68 -44.44 0.52
C THR A 1856 56.27 -44.98 0.32
N ILE A 1857 55.33 -44.11 -0.01
CA ILE A 1857 53.93 -44.48 -0.21
C ILE A 1857 53.60 -44.32 -1.69
N ASN A 1858 53.27 -45.44 -2.34
CA ASN A 1858 52.83 -45.45 -3.74
C ASN A 1858 53.77 -44.66 -4.65
N GLY A 1859 55.07 -44.75 -4.37
CA GLY A 1859 56.05 -44.14 -5.22
C GLY A 1859 56.39 -42.70 -4.90
N LYS A 1860 55.86 -42.13 -3.83
CA LYS A 1860 56.24 -40.80 -3.38
C LYS A 1860 56.74 -40.87 -1.95
N THR A 1861 57.83 -40.16 -1.67
CA THR A 1861 58.59 -40.36 -0.44
C THR A 1861 58.35 -39.26 0.57
N TYR A 1862 58.19 -39.64 1.83
CA TYR A 1862 57.99 -38.75 2.96
C TYR A 1862 59.07 -39.02 3.99
N TYR A 1863 59.25 -38.07 4.91
CA TYR A 1863 60.10 -38.27 6.08
C TYR A 1863 59.34 -37.83 7.32
N PHE A 1864 59.20 -38.73 8.28
CA PHE A 1864 58.48 -38.45 9.51
C PHE A 1864 59.47 -38.26 10.66
N ASP A 1865 59.35 -37.14 11.36
CA ASP A 1865 60.30 -36.75 12.39
C ASP A 1865 60.35 -37.76 13.51
N ILE A 1866 61.57 -38.04 13.98
CA ILE A 1866 61.74 -39.00 15.07
C ILE A 1866 61.37 -38.42 16.43
N ASN A 1867 61.37 -37.10 16.58
CA ASN A 1867 61.05 -36.51 17.88
C ASN A 1867 59.56 -36.53 18.16
N ASN A 1868 58.75 -36.03 17.22
CA ASN A 1868 57.32 -35.88 17.43
C ASN A 1868 56.48 -36.78 16.56
N GLY A 1869 57.05 -37.36 15.50
CA GLY A 1869 56.27 -38.10 14.53
C GLY A 1869 55.67 -37.29 13.41
N VAL A 1870 55.84 -35.96 13.41
CA VAL A 1870 55.26 -35.12 12.36
C VAL A 1870 56.10 -35.21 11.11
N ALA A 1871 55.44 -35.20 9.95
CA ALA A 1871 56.14 -35.17 8.67
C ALA A 1871 56.84 -33.83 8.47
N TYR A 1872 58.07 -33.87 7.95
CA TYR A 1872 58.78 -32.65 7.60
C TYR A 1872 58.14 -31.97 6.40
N ILE A 1873 58.12 -30.65 6.41
CA ILE A 1873 57.85 -29.87 5.20
C ILE A 1873 58.92 -28.80 5.06
N GLY A 1874 59.07 -28.27 3.85
CA GLY A 1874 60.04 -27.23 3.62
C GLY A 1874 61.43 -27.80 3.37
N TYR A 1875 62.43 -26.93 3.48
CA TYR A 1875 63.81 -27.31 3.23
C TYR A 1875 64.44 -27.82 4.51
N LYS A 1876 64.87 -29.07 4.51
CA LYS A 1876 65.26 -29.75 5.74
C LYS A 1876 66.65 -30.34 5.61
N THR A 1877 67.31 -30.51 6.75
CA THR A 1877 68.62 -31.14 6.82
C THR A 1877 68.49 -32.49 7.51
N ILE A 1878 68.97 -33.55 6.87
CA ILE A 1878 68.92 -34.91 7.40
C ILE A 1878 70.31 -35.51 7.29
N ASP A 1879 70.96 -35.68 8.44
CA ASP A 1879 72.28 -36.34 8.51
C ASP A 1879 73.28 -35.73 7.53
N GLY A 1880 73.33 -34.40 7.50
CA GLY A 1880 74.28 -33.73 6.64
C GLY A 1880 73.93 -33.72 5.16
N LYS A 1881 72.74 -34.15 4.80
CA LYS A 1881 72.26 -34.04 3.43
C LYS A 1881 71.00 -33.18 3.41
N ASN A 1882 70.92 -32.26 2.46
CA ASN A 1882 69.83 -31.29 2.43
C ASN A 1882 68.75 -31.73 1.44
N PHE A 1883 67.52 -31.81 1.92
CA PHE A 1883 66.40 -32.24 1.12
C PHE A 1883 65.36 -31.13 1.09
N TYR A 1884 64.41 -31.26 0.17
CA TYR A 1884 63.32 -30.32 0.06
C TYR A 1884 62.02 -31.08 -0.06
N PHE A 1885 61.05 -30.76 0.81
CA PHE A 1885 59.74 -31.40 0.82
C PHE A 1885 58.68 -30.35 0.56
N ASP A 1886 57.71 -30.65 -0.29
CA ASP A 1886 56.76 -29.62 -0.68
C ASP A 1886 55.78 -29.35 0.45
N GLY A 1887 54.69 -28.66 0.11
CA GLY A 1887 53.71 -28.28 1.11
C GLY A 1887 53.06 -29.43 1.83
N ASN A 1888 53.02 -30.62 1.24
CA ASN A 1888 52.43 -31.79 1.87
C ASN A 1888 53.46 -32.76 2.40
N GLY A 1889 54.74 -32.43 2.32
CA GLY A 1889 55.76 -33.31 2.81
C GLY A 1889 56.28 -34.33 1.82
N ILE A 1890 55.85 -34.29 0.58
CA ILE A 1890 56.37 -35.18 -0.45
C ILE A 1890 57.69 -34.64 -0.94
N MET A 1891 58.73 -35.47 -0.93
CA MET A 1891 60.06 -35.03 -1.32
C MET A 1891 60.07 -34.65 -2.80
N GLN A 1892 60.65 -33.50 -3.11
CA GLN A 1892 60.62 -32.95 -4.45
C GLN A 1892 61.98 -33.05 -5.14
N ILE A 1893 61.95 -33.15 -6.46
CA ILE A 1893 63.15 -33.21 -7.29
C ILE A 1893 63.10 -32.06 -8.29
N GLY A 1894 64.19 -31.31 -8.39
CA GLY A 1894 64.22 -30.19 -9.31
C GLY A 1894 65.09 -29.08 -8.77
N VAL A 1895 64.96 -27.91 -9.39
CA VAL A 1895 65.72 -26.72 -9.02
C VAL A 1895 64.84 -25.83 -8.18
N PHE A 1896 65.19 -25.67 -6.91
CA PHE A 1896 64.30 -25.01 -5.97
C PHE A 1896 65.05 -23.91 -5.23
N LYS A 1897 64.27 -22.94 -4.76
CA LYS A 1897 64.82 -21.83 -3.99
C LYS A 1897 64.88 -22.17 -2.51
N VAL A 1898 66.05 -21.95 -1.92
CA VAL A 1898 66.28 -22.18 -0.50
C VAL A 1898 66.84 -20.89 0.08
N PRO A 1899 66.90 -20.74 1.41
CA PRO A 1899 67.43 -19.51 2.00
C PRO A 1899 68.79 -19.06 1.48
N ASP A 1900 69.53 -19.88 0.74
CA ASP A 1900 70.82 -19.46 0.23
C ASP A 1900 70.88 -19.36 -1.30
N GLY A 1901 69.74 -19.39 -1.99
CA GLY A 1901 69.76 -19.22 -3.43
C GLY A 1901 68.87 -20.21 -4.17
N PHE A 1902 69.31 -20.63 -5.35
CA PHE A 1902 68.65 -21.67 -6.12
C PHE A 1902 69.57 -22.87 -6.22
N LYS A 1903 69.10 -24.03 -5.76
CA LYS A 1903 69.96 -25.20 -5.75
C LYS A 1903 69.26 -26.38 -6.40
N TYR A 1904 70.08 -27.34 -6.82
CA TYR A 1904 69.65 -28.53 -7.55
C TYR A 1904 69.43 -29.66 -6.55
N PHE A 1905 68.22 -30.22 -6.54
CA PHE A 1905 67.90 -31.42 -5.78
C PHE A 1905 67.72 -32.54 -6.79
N ALA A 1906 68.71 -33.41 -6.87
CA ALA A 1906 68.98 -34.22 -8.05
C ALA A 1906 68.43 -35.64 -7.92
N PRO A 1907 68.17 -36.29 -9.06
CA PRO A 1907 67.74 -37.69 -9.05
C PRO A 1907 68.81 -38.64 -8.52
N ALA A 1908 68.46 -39.91 -8.40
CA ALA A 1908 69.40 -40.90 -7.87
C ALA A 1908 70.62 -41.05 -8.78
N ASN A 1909 71.79 -41.04 -8.15
CA ASN A 1909 73.07 -41.30 -8.81
C ASN A 1909 73.35 -40.36 -9.97
N THR A 1910 72.91 -39.10 -9.87
CA THR A 1910 73.29 -38.11 -10.88
C THR A 1910 74.73 -37.68 -10.71
N TYR A 1911 75.19 -37.56 -9.47
CA TYR A 1911 76.55 -37.13 -9.21
C TYR A 1911 77.05 -37.78 -7.92
N ASN A 1912 78.11 -38.57 -8.03
CA ASN A 1912 78.74 -39.23 -6.87
C ASN A 1912 77.73 -40.04 -6.07
N ASN A 1913 76.87 -40.75 -6.79
CA ASN A 1913 75.91 -41.69 -6.18
C ASN A 1913 75.02 -40.99 -5.16
N ASN A 1914 74.68 -39.73 -5.43
CA ASN A 1914 73.81 -38.99 -4.54
C ASN A 1914 72.43 -39.66 -4.48
N GLU A 1915 71.86 -39.68 -3.28
CA GLU A 1915 70.53 -40.25 -3.13
C GLU A 1915 69.51 -39.40 -3.86
N GLU A 1916 68.34 -39.99 -4.11
CA GLU A 1916 67.29 -39.27 -4.79
C GLU A 1916 66.77 -38.14 -3.91
N GLY A 1917 66.80 -36.92 -4.45
CA GLY A 1917 66.31 -35.77 -3.73
C GLY A 1917 67.30 -34.99 -2.90
N GLN A 1918 68.58 -35.32 -2.96
CA GLN A 1918 69.60 -34.57 -2.23
C GLN A 1918 70.22 -33.52 -3.12
N THR A 1919 70.67 -32.40 -2.52
CA THR A 1919 71.43 -31.41 -3.28
C THR A 1919 72.74 -31.99 -3.76
N ILE A 1920 73.22 -31.53 -4.90
CA ILE A 1920 74.49 -32.00 -5.45
C ILE A 1920 75.34 -30.81 -5.86
N VAL A 1921 76.60 -31.11 -6.17
CA VAL A 1921 77.56 -30.11 -6.65
C VAL A 1921 77.44 -30.04 -8.17
N TYR A 1922 77.01 -28.89 -8.67
CA TYR A 1922 76.77 -28.68 -10.10
C TYR A 1922 77.48 -27.38 -10.48
N GLN A 1923 78.60 -27.51 -11.17
CA GLN A 1923 79.44 -26.36 -11.48
C GLN A 1923 79.47 -26.10 -12.98
N ASN A 1924 79.06 -24.90 -13.37
CA ASN A 1924 79.29 -24.38 -14.72
C ASN A 1924 78.72 -25.27 -15.81
N LYS A 1925 77.48 -25.74 -15.64
CA LYS A 1925 76.84 -26.50 -16.70
C LYS A 1925 75.37 -26.11 -16.79
N PHE A 1926 74.85 -26.17 -18.01
CA PHE A 1926 73.44 -25.91 -18.23
C PHE A 1926 72.60 -27.06 -17.71
N LEU A 1927 71.33 -26.79 -17.46
CA LEU A 1927 70.41 -27.79 -16.93
C LEU A 1927 69.09 -27.66 -17.67
N THR A 1928 68.50 -28.79 -18.03
CA THR A 1928 67.22 -28.83 -18.72
C THR A 1928 66.27 -29.75 -17.95
N ILE A 1929 65.14 -29.22 -17.54
CA ILE A 1929 64.16 -29.96 -16.75
C ILE A 1929 62.80 -29.78 -17.40
N ASN A 1930 62.30 -30.84 -18.03
CA ASN A 1930 61.01 -30.83 -18.75
C ASN A 1930 60.83 -29.56 -19.57
N GLY A 1931 61.89 -29.15 -20.27
CA GLY A 1931 61.82 -28.04 -21.19
C GLY A 1931 62.29 -26.70 -20.66
N LYS A 1932 62.56 -26.59 -19.36
CA LYS A 1932 63.05 -25.33 -18.79
C LYS A 1932 64.55 -25.38 -18.65
N LYS A 1933 65.23 -24.28 -18.97
CA LYS A 1933 66.67 -24.20 -18.87
C LYS A 1933 67.11 -23.37 -17.67
N TYR A 1934 68.21 -23.80 -17.06
CA TYR A 1934 68.89 -23.05 -16.01
C TYR A 1934 70.39 -23.13 -16.25
N TYR A 1935 71.13 -22.25 -15.59
CA TYR A 1935 72.58 -22.27 -15.65
C TYR A 1935 73.13 -22.04 -14.26
N PHE A 1936 74.09 -22.85 -13.85
CA PHE A 1936 74.62 -22.84 -12.50
C PHE A 1936 76.07 -22.36 -12.51
N ASP A 1937 76.36 -21.36 -11.70
CA ASP A 1937 77.69 -20.78 -11.69
C ASP A 1937 78.67 -21.68 -10.94
N ASN A 1938 79.82 -21.12 -10.58
CA ASN A 1938 80.84 -21.89 -9.89
C ASN A 1938 80.36 -22.44 -8.56
N ASN A 1939 79.50 -21.71 -7.86
CA ASN A 1939 79.08 -22.09 -6.51
C ASN A 1939 77.82 -22.94 -6.50
N SER A 1940 77.42 -23.50 -7.63
CA SER A 1940 76.24 -24.34 -7.72
C SER A 1940 74.98 -23.60 -7.27
N LYS A 1941 74.94 -22.29 -7.47
CA LYS A 1941 73.73 -21.49 -7.31
C LYS A 1941 73.32 -20.97 -8.68
N ALA A 1942 72.05 -21.13 -9.02
CA ALA A 1942 71.57 -20.74 -10.34
C ALA A 1942 71.74 -19.24 -10.56
N VAL A 1943 72.41 -18.87 -11.65
CA VAL A 1943 72.54 -17.45 -11.98
C VAL A 1943 71.20 -16.92 -12.44
N THR A 1944 70.91 -15.68 -12.08
CA THR A 1944 69.65 -15.03 -12.42
C THR A 1944 69.91 -13.58 -12.82
N GLY A 1945 68.88 -12.93 -13.36
CA GLY A 1945 69.08 -11.60 -13.90
C GLY A 1945 69.72 -11.65 -15.27
N TRP A 1946 70.38 -10.55 -15.64
CA TRP A 1946 71.13 -10.51 -16.88
C TRP A 1946 72.38 -11.37 -16.75
N GLN A 1947 72.62 -12.21 -17.74
CA GLN A 1947 73.85 -12.99 -17.76
C GLN A 1947 74.42 -13.01 -19.17
N ILE A 1948 75.73 -12.96 -19.26
CA ILE A 1948 76.45 -13.12 -20.52
C ILE A 1948 77.20 -14.43 -20.40
N ILE A 1949 76.72 -15.45 -21.10
CA ILE A 1949 77.21 -16.81 -20.93
C ILE A 1949 77.90 -17.22 -22.22
N ASN A 1950 79.20 -17.51 -22.12
CA ASN A 1950 79.99 -17.92 -23.28
C ASN A 1950 79.91 -16.86 -24.38
N GLY A 1951 79.74 -15.61 -23.98
CA GLY A 1951 79.66 -14.50 -24.89
C GLY A 1951 78.29 -14.23 -25.48
N ASN A 1952 77.31 -15.07 -25.22
CA ASN A 1952 75.96 -14.89 -25.74
C ASN A 1952 75.08 -14.28 -24.66
N LYS A 1953 74.05 -13.54 -25.07
CA LYS A 1953 73.24 -12.77 -24.13
C LYS A 1953 72.00 -13.56 -23.79
N TYR A 1954 72.08 -14.34 -22.72
CA TYR A 1954 70.90 -14.98 -22.14
C TYR A 1954 70.26 -14.06 -21.11
N TYR A 1955 69.00 -14.32 -20.79
CA TYR A 1955 68.31 -13.59 -19.75
C TYR A 1955 67.52 -14.56 -18.89
N PHE A 1956 68.01 -14.83 -17.69
CA PHE A 1956 67.31 -15.67 -16.74
C PHE A 1956 66.56 -14.79 -15.74
N ASP A 1957 65.27 -15.03 -15.61
CA ASP A 1957 64.43 -14.10 -14.87
C ASP A 1957 64.80 -14.09 -13.38
N THR A 1958 64.51 -12.98 -12.72
CA THR A 1958 64.89 -12.83 -11.33
C THR A 1958 64.19 -13.84 -10.43
N ASN A 1959 62.90 -14.09 -10.66
CA ASN A 1959 62.10 -14.82 -9.69
C ASN A 1959 62.43 -16.30 -9.70
N THR A 1960 62.54 -16.91 -10.89
CA THR A 1960 62.61 -18.36 -10.98
C THR A 1960 63.76 -18.87 -11.84
N GLY A 1961 64.71 -18.02 -12.20
CA GLY A 1961 65.93 -18.47 -12.85
C GLY A 1961 65.79 -19.20 -14.16
N ILE A 1962 64.58 -19.28 -14.70
CA ILE A 1962 64.34 -19.97 -15.97
C ILE A 1962 64.79 -19.09 -17.12
N ALA A 1963 65.35 -19.70 -18.15
CA ALA A 1963 65.70 -18.95 -19.34
C ALA A 1963 64.43 -18.47 -20.03
N ALA A 1964 64.47 -17.23 -20.54
CA ALA A 1964 63.33 -16.62 -21.17
C ALA A 1964 63.41 -16.82 -22.68
N VAL A 1965 62.32 -17.28 -23.28
CA VAL A 1965 62.31 -17.64 -24.69
C VAL A 1965 61.13 -16.95 -25.37
N GLY A 1966 61.33 -16.54 -26.61
CA GLY A 1966 60.31 -15.86 -27.39
C GLY A 1966 60.51 -14.36 -27.38
N LEU A 1967 59.56 -13.66 -27.99
CA LEU A 1967 59.56 -12.21 -27.92
C LEU A 1967 59.41 -11.75 -26.47
N GLN A 1968 60.42 -11.06 -25.96
CA GLN A 1968 60.43 -10.68 -24.56
C GLN A 1968 60.61 -9.18 -24.40
N ILE A 1969 59.73 -8.59 -23.60
CA ILE A 1969 59.71 -7.15 -23.36
C ILE A 1969 60.31 -6.90 -21.99
N ILE A 1970 61.48 -6.26 -21.96
CA ILE A 1970 62.22 -6.00 -20.74
C ILE A 1970 62.60 -4.52 -20.72
N ASN A 1971 62.21 -3.82 -19.66
CA ASN A 1971 62.48 -2.40 -19.50
C ASN A 1971 62.00 -1.59 -20.70
N ASN A 1972 60.81 -1.92 -21.17
CA ASN A 1972 60.16 -1.26 -22.31
C ASN A 1972 60.93 -1.45 -23.62
N ASN A 1973 61.89 -2.37 -23.66
CA ASN A 1973 62.63 -2.68 -24.86
C ASN A 1973 62.37 -4.12 -25.27
N LYS A 1974 62.18 -4.35 -26.56
CA LYS A 1974 61.83 -5.68 -27.04
C LYS A 1974 63.06 -6.42 -27.52
N TYR A 1975 63.14 -7.70 -27.16
CA TYR A 1975 64.19 -8.60 -27.63
C TYR A 1975 63.53 -9.84 -28.18
N TYR A 1976 64.30 -10.63 -28.92
CA TYR A 1976 63.84 -11.92 -29.39
C TYR A 1976 64.86 -12.97 -29.00
N PHE A 1977 64.47 -13.85 -28.07
CA PHE A 1977 65.31 -14.93 -27.61
C PHE A 1977 64.88 -16.21 -28.33
N ASN A 1978 65.82 -16.87 -28.98
CA ASN A 1978 65.52 -18.04 -29.78
C ASN A 1978 64.75 -19.07 -28.95
N PRO A 1979 63.61 -19.57 -29.45
CA PRO A 1979 62.79 -20.48 -28.63
C PRO A 1979 63.45 -21.80 -28.30
N HIS A 1980 64.54 -22.16 -28.97
CA HIS A 1980 65.22 -23.43 -28.75
C HIS A 1980 66.49 -23.32 -27.93
N THR A 1981 67.29 -22.28 -28.16
CA THR A 1981 68.56 -22.14 -27.48
C THR A 1981 68.55 -21.02 -26.45
N ALA A 1982 67.48 -20.25 -26.36
CA ALA A 1982 67.34 -19.12 -25.45
C ALA A 1982 68.40 -18.05 -25.68
N ILE A 1983 69.02 -18.04 -26.86
CA ILE A 1983 70.00 -17.02 -27.20
C ILE A 1983 69.30 -15.79 -27.76
N ALA A 1984 69.76 -14.61 -27.36
CA ALA A 1984 69.31 -13.37 -27.98
C ALA A 1984 69.83 -13.26 -29.41
N ALA A 1985 68.91 -13.08 -30.36
CA ALA A 1985 69.28 -13.02 -31.77
C ALA A 1985 69.29 -11.58 -32.28
N THR A 1986 69.93 -11.37 -33.43
CA THR A 1986 69.95 -10.08 -34.12
C THR A 1986 69.44 -10.25 -35.55
N GLY A 1987 69.42 -9.13 -36.28
CA GLY A 1987 69.10 -9.16 -37.69
C GLY A 1987 67.61 -9.10 -37.98
N TRP A 1988 67.25 -9.61 -39.15
CA TRP A 1988 65.85 -9.70 -39.56
C TRP A 1988 65.22 -10.96 -38.98
N GLN A 1989 64.04 -10.80 -38.38
CA GLN A 1989 63.38 -11.91 -37.71
C GLN A 1989 61.91 -11.97 -38.10
N SER A 1990 61.43 -13.17 -38.41
CA SER A 1990 60.04 -13.41 -38.76
C SER A 1990 59.35 -14.13 -37.62
N ILE A 1991 58.38 -13.47 -36.99
CA ILE A 1991 57.68 -14.00 -35.84
C ILE A 1991 56.19 -13.91 -36.12
N ASN A 1992 55.54 -15.06 -36.32
CA ASN A 1992 54.13 -15.11 -36.68
C ASN A 1992 53.83 -14.20 -37.87
N ASN A 1993 54.69 -14.28 -38.87
CA ASN A 1993 54.60 -13.53 -40.12
C ASN A 1993 54.78 -12.03 -39.93
N ALA A 1994 55.23 -11.58 -38.77
CA ALA A 1994 55.58 -10.19 -38.56
C ALA A 1994 57.10 -10.04 -38.59
N LYS A 1995 57.57 -9.07 -39.36
CA LYS A 1995 59.01 -8.86 -39.50
C LYS A 1995 59.49 -7.80 -38.53
N TYR A 1996 60.59 -8.11 -37.84
CA TYR A 1996 61.25 -7.16 -36.97
C TYR A 1996 62.72 -7.12 -37.34
N TYR A 1997 63.40 -6.06 -36.92
CA TYR A 1997 64.84 -5.97 -37.10
C TYR A 1997 65.49 -5.57 -35.78
N PHE A 1998 66.33 -6.45 -35.26
CA PHE A 1998 66.98 -6.26 -33.97
C PHE A 1998 68.43 -5.87 -34.19
N ASP A 1999 68.82 -4.73 -33.64
CA ASP A 1999 70.13 -4.15 -33.91
C ASP A 1999 71.24 -5.11 -33.49
N ILE A 2000 72.36 -5.06 -34.22
CA ILE A 2000 73.49 -5.94 -33.95
C ILE A 2000 74.17 -5.60 -32.63
N ASN A 2001 74.02 -4.38 -32.13
CA ASN A 2001 74.76 -3.94 -30.95
C ASN A 2001 73.94 -3.98 -29.67
N THR A 2002 72.78 -3.33 -29.65
CA THR A 2002 71.97 -3.25 -28.45
C THR A 2002 70.88 -4.33 -28.39
N TYR A 2003 70.69 -5.08 -29.47
CA TYR A 2003 69.76 -6.20 -29.51
C TYR A 2003 68.31 -5.76 -29.39
N ILE A 2004 68.06 -4.46 -29.21
CA ILE A 2004 66.71 -3.98 -28.96
C ILE A 2004 65.96 -3.82 -30.27
N GLY A 2005 64.67 -4.14 -30.25
CA GLY A 2005 63.81 -3.91 -31.39
C GLY A 2005 63.80 -2.47 -31.87
N THR A 2006 63.84 -2.29 -33.17
CA THR A 2006 63.90 -0.94 -33.75
C THR A 2006 62.52 -0.31 -33.84
N THR A 2007 62.45 1.00 -33.61
CA THR A 2007 61.23 1.77 -33.84
C THR A 2007 61.53 2.94 -34.76
N GLY A 2008 60.50 3.41 -35.46
CA GLY A 2008 60.66 4.59 -36.29
C GLY A 2008 61.29 4.31 -37.64
N TYR A 2009 61.98 5.30 -38.18
CA TYR A 2009 62.57 5.23 -39.50
C TYR A 2009 64.02 4.77 -39.39
N LYS A 2010 64.40 3.77 -40.20
CA LYS A 2010 65.73 3.18 -40.04
C LYS A 2010 66.35 2.86 -41.39
N THR A 2011 67.66 3.02 -41.47
CA THR A 2011 68.44 2.63 -42.63
C THR A 2011 69.17 1.32 -42.35
N ILE A 2012 68.87 0.29 -43.13
CA ILE A 2012 69.48 -1.03 -43.00
C ILE A 2012 70.08 -1.40 -44.35
N ASP A 2013 71.39 -1.65 -44.38
CA ASP A 2013 72.07 -2.13 -45.58
C ASP A 2013 71.75 -1.23 -46.77
N SER A 2014 71.85 0.08 -46.55
CA SER A 2014 71.65 1.12 -47.55
C SER A 2014 70.23 1.18 -48.10
N LYS A 2015 69.28 0.54 -47.42
CA LYS A 2015 67.87 0.60 -47.80
C LYS A 2015 67.06 1.15 -46.64
N ASN A 2016 65.95 1.82 -46.95
CA ASN A 2016 65.16 2.49 -45.92
C ASN A 2016 63.93 1.66 -45.57
N PHE A 2017 63.66 1.56 -44.26
CA PHE A 2017 62.48 0.87 -43.75
C PHE A 2017 61.86 1.71 -42.62
N TYR A 2018 60.62 1.37 -42.30
CA TYR A 2018 59.88 2.03 -41.23
C TYR A 2018 59.19 0.99 -40.36
N PHE A 2019 59.30 1.16 -39.04
CA PHE A 2019 58.71 0.25 -38.07
C PHE A 2019 57.83 1.04 -37.10
N ASP A 2020 56.67 0.49 -36.78
CA ASP A 2020 55.73 1.17 -35.90
C ASP A 2020 56.20 1.08 -34.46
N SER A 2021 55.32 1.49 -33.53
CA SER A 2021 55.66 1.44 -32.12
C SER A 2021 55.93 0.03 -31.63
N ASN A 2022 55.31 -0.99 -32.22
CA ASN A 2022 55.55 -2.37 -31.83
C ASN A 2022 56.73 -2.99 -32.56
N CYS A 2023 57.59 -2.16 -33.15
CA CYS A 2023 58.80 -2.57 -33.85
C CYS A 2023 58.52 -3.39 -35.11
N ILE A 2024 57.28 -3.41 -35.60
CA ILE A 2024 56.93 -4.23 -36.74
C ILE A 2024 57.17 -3.44 -38.02
N MET A 2025 57.75 -4.09 -39.02
CA MET A 2025 57.98 -3.45 -40.31
C MET A 2025 56.66 -3.05 -40.96
N GLN A 2026 56.48 -1.75 -41.17
CA GLN A 2026 55.25 -1.19 -41.70
C GLN A 2026 55.36 -0.91 -43.19
N ILE A 2027 54.28 -1.17 -43.91
CA ILE A 2027 54.21 -1.03 -45.35
C ILE A 2027 53.20 0.07 -45.69
N GLY A 2028 53.58 0.99 -46.56
CA GLY A 2028 52.65 2.01 -46.99
C GLY A 2028 53.32 3.37 -47.05
N VAL A 2029 52.49 4.41 -47.06
CA VAL A 2029 52.96 5.79 -47.17
C VAL A 2029 53.04 6.38 -45.78
N PHE A 2030 54.19 6.94 -45.44
CA PHE A 2030 54.41 7.43 -44.08
C PHE A 2030 55.30 8.67 -44.08
N LYS A 2031 55.20 9.41 -42.98
CA LYS A 2031 56.08 10.54 -42.72
C LYS A 2031 57.43 10.06 -42.23
N VAL A 2032 58.50 10.54 -42.85
CA VAL A 2032 59.86 10.34 -42.38
C VAL A 2032 60.54 11.69 -42.30
N SER A 2033 61.79 11.67 -41.82
CA SER A 2033 62.48 12.90 -41.43
C SER A 2033 62.59 13.90 -42.58
N ASP A 2034 62.55 13.44 -43.82
CA ASP A 2034 62.72 14.33 -44.96
C ASP A 2034 61.44 14.55 -45.75
N GLY A 2035 60.29 14.14 -45.22
CA GLY A 2035 59.04 14.33 -45.94
C GLY A 2035 58.09 13.17 -45.84
N PHE A 2036 57.48 12.80 -46.96
CA PHE A 2036 56.59 11.65 -47.03
C PHE A 2036 57.12 10.66 -48.06
N LYS A 2037 57.17 9.39 -47.70
CA LYS A 2037 57.68 8.37 -48.61
C LYS A 2037 56.74 7.19 -48.67
N TYR A 2038 56.85 6.43 -49.76
CA TYR A 2038 56.05 5.25 -49.99
C TYR A 2038 56.93 4.00 -49.92
N PHE A 2039 56.75 3.20 -48.87
CA PHE A 2039 57.47 1.95 -48.69
C PHE A 2039 56.61 0.82 -49.25
N ALA A 2040 57.08 0.18 -50.32
CA ALA A 2040 56.30 -0.66 -51.19
C ALA A 2040 56.53 -2.14 -50.91
N PRO A 2041 55.59 -3.01 -51.35
CA PRO A 2041 55.80 -4.46 -51.24
C PRO A 2041 57.07 -4.95 -51.92
N ALA A 2042 57.44 -6.19 -51.63
CA ALA A 2042 58.60 -6.81 -52.24
C ALA A 2042 58.39 -6.99 -53.74
N ASN A 2043 59.46 -6.84 -54.51
CA ASN A 2043 59.46 -7.03 -55.95
C ASN A 2043 58.47 -6.10 -56.66
N THR A 2044 58.22 -4.92 -56.08
CA THR A 2044 57.37 -3.96 -56.74
C THR A 2044 58.14 -3.13 -57.76
N TYR A 2045 59.33 -2.69 -57.42
CA TYR A 2045 60.10 -1.77 -58.25
C TYR A 2045 61.58 -2.01 -58.03
N ASN A 2046 62.29 -2.33 -59.11
CA ASN A 2046 63.74 -2.59 -59.07
C ASN A 2046 64.09 -3.72 -58.11
N ASN A 2047 63.19 -4.71 -58.03
CA ASN A 2047 63.36 -5.86 -57.14
C ASN A 2047 63.63 -5.41 -55.71
N ASN A 2048 62.88 -4.40 -55.26
CA ASN A 2048 63.03 -3.88 -53.92
C ASN A 2048 62.68 -4.95 -52.88
N GLU A 2049 63.25 -4.81 -51.69
CA GLU A 2049 62.89 -5.67 -50.59
C GLU A 2049 61.52 -5.27 -50.02
N GLU A 2050 60.90 -6.22 -49.34
CA GLU A 2050 59.62 -5.96 -48.69
C GLU A 2050 59.77 -4.85 -47.66
N GLY A 2051 58.85 -3.90 -47.70
CA GLY A 2051 58.90 -2.79 -46.75
C GLY A 2051 60.01 -1.80 -47.00
N GLN A 2052 60.67 -1.86 -48.14
CA GLN A 2052 61.75 -0.95 -48.46
C GLN A 2052 61.20 0.31 -49.12
N ALA A 2053 61.82 1.45 -48.83
CA ALA A 2053 61.49 2.68 -49.54
C ALA A 2053 61.98 2.58 -50.99
N ILE A 2054 61.15 3.05 -51.91
CA ILE A 2054 61.42 2.93 -53.34
C ILE A 2054 61.32 4.30 -53.99
N VAL A 2055 61.75 4.37 -55.24
CA VAL A 2055 61.59 5.55 -56.07
C VAL A 2055 60.23 5.50 -56.73
N TYR A 2056 59.49 6.61 -56.66
CA TYR A 2056 58.13 6.64 -57.19
C TYR A 2056 57.82 8.11 -57.49
N GLN A 2057 57.89 8.48 -58.78
CA GLN A 2057 57.85 9.87 -59.18
C GLN A 2057 56.78 10.11 -60.23
N ASN A 2058 56.16 11.29 -60.15
CA ASN A 2058 55.30 11.83 -61.20
C ASN A 2058 54.18 10.86 -61.57
N LYS A 2059 53.45 10.39 -60.56
CA LYS A 2059 52.25 9.60 -60.79
C LYS A 2059 51.44 9.53 -59.50
N PHE A 2060 50.19 9.14 -59.66
CA PHE A 2060 49.30 8.93 -58.53
C PHE A 2060 49.42 7.49 -58.04
N LEU A 2061 49.29 7.32 -56.73
CA LEU A 2061 49.23 6.01 -56.09
C LEU A 2061 47.95 5.90 -55.30
N THR A 2062 47.26 4.78 -55.43
CA THR A 2062 46.06 4.63 -54.60
C THR A 2062 46.20 3.38 -53.75
N ILE A 2063 46.47 3.57 -52.45
CA ILE A 2063 46.70 2.46 -51.48
C ILE A 2063 45.48 2.34 -50.58
N ASN A 2064 44.78 1.22 -50.71
CA ASN A 2064 43.56 1.01 -49.91
C ASN A 2064 42.62 2.22 -49.93
N GLY A 2065 42.22 2.66 -51.12
CA GLY A 2065 41.26 3.75 -51.31
C GLY A 2065 41.70 5.05 -50.72
N LYS A 2066 43.00 5.33 -50.77
CA LYS A 2066 43.55 6.65 -50.37
C LYS A 2066 44.42 7.06 -51.55
N ARG A 2067 44.17 8.22 -52.13
CA ARG A 2067 45.01 8.61 -53.25
C ARG A 2067 46.12 9.55 -52.79
N TYR A 2068 47.28 9.43 -53.43
CA TYR A 2068 48.39 10.35 -53.27
C TYR A 2068 48.94 10.69 -54.64
N TYR A 2069 49.62 11.83 -54.73
CA TYR A 2069 50.34 12.20 -55.93
C TYR A 2069 51.80 12.43 -55.59
N PHE A 2070 52.70 11.92 -56.43
CA PHE A 2070 54.13 12.02 -56.17
C PHE A 2070 54.79 12.94 -57.19
N ASP A 2071 55.68 13.79 -56.70
CA ASP A 2071 56.41 14.72 -57.54
C ASP A 2071 57.77 14.13 -57.91
N ASN A 2072 58.64 14.97 -58.48
CA ASN A 2072 59.96 14.50 -58.91
C ASN A 2072 60.83 14.10 -57.73
N ASN A 2073 60.59 14.70 -56.56
CA ASN A 2073 61.40 14.39 -55.39
C ASN A 2073 60.97 13.14 -54.64
N SER A 2074 59.95 12.43 -55.14
CA SER A 2074 59.43 11.22 -54.51
C SER A 2074 58.91 11.53 -53.11
N LYS A 2075 58.11 12.54 -52.99
CA LYS A 2075 57.46 12.70 -51.69
C LYS A 2075 56.01 12.44 -52.04
N ALA A 2076 55.15 13.20 -51.40
CA ALA A 2076 53.74 13.23 -51.81
C ALA A 2076 53.23 14.61 -51.43
N VAL A 2077 52.41 15.23 -52.27
CA VAL A 2077 52.26 16.71 -52.37
C VAL A 2077 51.12 17.16 -51.47
N THR A 2078 50.92 18.47 -51.26
CA THR A 2078 49.91 19.02 -50.31
C THR A 2078 49.07 20.16 -50.93
N GLY A 2079 48.00 20.60 -50.24
CA GLY A 2079 47.15 21.72 -50.61
C GLY A 2079 46.49 21.52 -51.98
N TRP A 2080 46.12 22.63 -52.62
CA TRP A 2080 45.48 22.65 -53.94
C TRP A 2080 46.47 22.41 -55.07
N HIS A 2081 46.19 21.48 -56.00
CA HIS A 2081 46.96 21.25 -57.23
C HIS A 2081 46.02 21.02 -58.42
N THR A 2082 46.41 21.51 -59.62
CA THR A 2082 45.71 21.19 -60.87
C THR A 2082 46.53 20.16 -61.63
N ILE A 2083 46.00 18.94 -61.80
CA ILE A 2083 46.65 17.82 -62.47
C ILE A 2083 45.77 17.46 -63.67
N ASP A 2084 46.34 17.48 -64.88
CA ASP A 2084 45.61 17.25 -66.15
C ASP A 2084 44.35 18.12 -66.31
N GLY A 2085 44.45 19.39 -65.94
CA GLY A 2085 43.34 20.36 -65.99
C GLY A 2085 42.26 20.17 -64.92
N LYS A 2086 42.43 19.20 -64.01
CA LYS A 2086 41.48 18.90 -62.92
C LYS A 2086 42.05 19.34 -61.58
N LYS A 2087 41.22 19.95 -60.73
CA LYS A 2087 41.64 20.37 -59.39
C LYS A 2087 41.57 19.21 -58.41
N TYR A 2088 42.58 19.11 -57.56
CA TYR A 2088 42.68 18.17 -56.46
C TYR A 2088 43.11 18.92 -55.22
N TYR A 2089 42.74 18.41 -54.05
CA TYR A 2089 43.29 18.86 -52.78
C TYR A 2089 43.88 17.67 -52.05
N PHE A 2090 45.08 17.86 -51.52
CA PHE A 2090 45.79 16.84 -50.75
C PHE A 2090 46.01 17.38 -49.34
N ASN A 2091 45.57 16.62 -48.34
CA ASN A 2091 45.60 17.05 -46.95
C ASN A 2091 47.04 17.44 -46.51
N PRO A 2092 47.29 18.64 -45.95
CA PRO A 2092 48.64 19.07 -45.56
C PRO A 2092 49.33 18.23 -44.47
N ASN A 2093 48.56 17.47 -43.70
CA ASN A 2093 49.02 16.63 -42.60
C ASN A 2093 49.16 15.15 -42.99
N THR A 2094 48.48 14.68 -44.03
CA THR A 2094 48.55 13.27 -44.47
C THR A 2094 48.90 13.05 -45.95
N ALA A 2095 48.92 14.09 -46.77
CA ALA A 2095 48.99 14.10 -48.25
C ALA A 2095 47.94 13.24 -48.97
N ILE A 2096 46.95 12.72 -48.25
CA ILE A 2096 45.85 11.98 -48.84
C ILE A 2096 45.01 12.96 -49.67
N ALA A 2097 44.49 12.55 -50.81
CA ALA A 2097 43.52 13.37 -51.59
C ALA A 2097 42.22 13.43 -50.77
N ALA A 2098 41.46 14.53 -50.80
CA ALA A 2098 40.23 14.82 -50.00
C ALA A 2098 38.94 14.17 -50.54
N THR A 2099 37.79 14.25 -49.83
CA THR A 2099 36.46 14.03 -50.48
C THR A 2099 35.32 14.63 -49.65
N GLY A 2100 34.10 14.68 -50.24
CA GLY A 2100 32.78 15.12 -49.68
C GLY A 2100 32.63 16.62 -49.56
N TRP A 2101 31.48 17.18 -49.14
CA TRP A 2101 31.54 18.62 -48.90
C TRP A 2101 32.65 18.94 -47.91
N HIS A 2102 33.49 19.90 -48.27
CA HIS A 2102 34.56 20.38 -47.41
C HIS A 2102 34.52 21.89 -47.38
N THR A 2103 34.55 22.47 -46.17
CA THR A 2103 34.56 23.92 -46.01
C THR A 2103 36.00 24.38 -45.78
N ILE A 2104 36.51 25.15 -46.71
CA ILE A 2104 37.88 25.67 -46.68
C ILE A 2104 37.79 27.17 -46.80
N ASP A 2105 38.42 27.89 -45.88
CA ASP A 2105 38.33 29.35 -45.78
C ASP A 2105 36.89 29.82 -45.90
N ASP A 2106 36.02 29.15 -45.15
CA ASP A 2106 34.59 29.46 -45.05
C ASP A 2106 33.85 29.31 -46.37
N LYS A 2107 34.45 28.66 -47.35
CA LYS A 2107 33.83 28.44 -48.65
C LYS A 2107 33.70 26.95 -48.90
N LYS A 2108 32.52 26.54 -49.35
CA LYS A 2108 32.24 25.13 -49.56
C LYS A 2108 32.79 24.67 -50.91
N TYR A 2109 33.35 23.46 -50.90
CA TYR A 2109 33.76 22.79 -52.12
C TYR A 2109 33.23 21.37 -52.06
N TYR A 2110 33.00 20.79 -53.22
CA TYR A 2110 32.51 19.42 -53.28
C TYR A 2110 33.48 18.59 -54.11
N PHE A 2111 33.88 17.46 -53.55
CA PHE A 2111 34.82 16.56 -54.22
C PHE A 2111 34.09 15.26 -54.48
N ASN A 2112 34.13 14.81 -55.73
CA ASN A 2112 33.44 13.61 -56.15
C ASN A 2112 33.85 12.43 -55.27
N PRO A 2113 32.90 11.73 -54.65
CA PRO A 2113 33.28 10.67 -53.71
C PRO A 2113 34.12 9.58 -54.34
N ASP A 2114 34.07 9.42 -55.66
CA ASP A 2114 34.81 8.33 -56.29
C ASP A 2114 36.16 8.79 -56.83
N THR A 2115 36.23 9.98 -57.43
CA THR A 2115 37.46 10.42 -58.06
C THR A 2115 38.14 11.57 -57.34
N ALA A 2116 37.45 12.21 -56.39
CA ALA A 2116 37.98 13.29 -55.56
C ALA A 2116 38.30 14.55 -56.35
N ILE A 2117 37.77 14.67 -57.57
CA ILE A 2117 37.94 15.89 -58.35
C ILE A 2117 36.98 16.96 -57.85
N ALA A 2118 37.49 18.17 -57.65
CA ALA A 2118 36.64 19.28 -57.26
C ALA A 2118 35.60 19.55 -58.34
N ALA A 2119 34.33 19.44 -57.97
CA ALA A 2119 33.24 19.55 -58.93
C ALA A 2119 33.20 20.93 -59.56
N THR A 2120 32.79 20.98 -60.82
CA THR A 2120 32.67 22.22 -61.57
C THR A 2120 31.33 22.27 -62.29
N GLY A 2121 30.81 23.49 -62.48
CA GLY A 2121 29.59 23.64 -63.24
C GLY A 2121 28.37 23.18 -62.44
N TRP A 2122 27.35 22.72 -63.18
CA TRP A 2122 26.13 22.25 -62.56
C TRP A 2122 26.30 20.81 -62.11
N HIS A 2123 25.81 20.49 -60.91
CA HIS A 2123 25.86 19.13 -60.41
C HIS A 2123 24.64 18.85 -59.54
N THR A 2124 24.09 17.65 -59.70
CA THR A 2124 23.00 17.17 -58.86
C THR A 2124 23.57 16.25 -57.79
N ILE A 2125 23.30 16.60 -56.54
CA ILE A 2125 23.77 15.84 -55.39
C ILE A 2125 22.57 15.63 -54.48
N ASP A 2126 22.21 14.37 -54.24
CA ASP A 2126 21.05 14.02 -53.43
C ASP A 2126 19.79 14.70 -53.97
N ASP A 2127 19.67 14.72 -55.30
CA ASP A 2127 18.57 15.33 -56.03
C ASP A 2127 18.48 16.84 -55.81
N LYS A 2128 19.54 17.47 -55.32
CA LYS A 2128 19.61 18.92 -55.15
C LYS A 2128 20.62 19.48 -56.14
N LYS A 2129 20.25 20.54 -56.84
CA LYS A 2129 21.15 21.10 -57.84
C LYS A 2129 22.00 22.20 -57.24
N TYR A 2130 23.27 22.21 -57.64
CA TYR A 2130 24.23 23.23 -57.23
C TYR A 2130 25.06 23.64 -58.45
N TYR A 2131 25.65 24.82 -58.36
CA TYR A 2131 26.55 25.32 -59.39
C TYR A 2131 27.86 25.77 -58.75
N PHE A 2132 28.96 25.22 -59.26
CA PHE A 2132 30.30 25.59 -58.84
C PHE A 2132 30.95 26.40 -59.95
N ASN A 2133 31.58 27.51 -59.60
CA ASN A 2133 32.26 28.32 -60.59
C ASN A 2133 33.40 27.53 -61.22
N PRO A 2134 33.43 27.38 -62.55
CA PRO A 2134 34.53 26.63 -63.17
C PRO A 2134 35.90 27.21 -62.91
N ASN A 2135 36.01 28.50 -62.61
CA ASN A 2135 37.31 29.11 -62.38
C ASN A 2135 37.86 28.83 -61.00
N THR A 2136 37.00 28.86 -59.98
CA THR A 2136 37.43 28.70 -58.60
C THR A 2136 36.88 27.46 -57.92
N GLY A 2137 35.77 26.91 -58.42
CA GLY A 2137 35.21 25.69 -57.87
C GLY A 2137 34.21 25.89 -56.76
N ILE A 2138 34.14 27.10 -56.18
CA ILE A 2138 33.26 27.35 -55.05
C ILE A 2138 31.79 27.26 -55.47
N THR A 2139 30.94 26.92 -54.51
CA THR A 2139 29.51 26.90 -54.74
C THR A 2139 29.00 28.31 -55.02
N SER A 2140 27.76 28.37 -55.52
CA SER A 2140 27.14 29.63 -55.91
C SER A 2140 26.18 30.05 -54.81
N THR A 2141 26.32 31.30 -54.36
CA THR A 2141 25.44 31.87 -53.35
C THR A 2141 24.89 33.20 -53.84
N GLY A 2142 23.58 33.36 -53.74
CA GLY A 2142 22.94 34.57 -54.23
C GLY A 2142 22.70 34.51 -55.73
N GLU A 2143 22.23 35.63 -56.26
CA GLU A 2143 21.98 35.68 -57.70
C GLU A 2143 23.29 35.73 -58.46
N THR A 2144 23.45 34.80 -59.40
CA THR A 2144 24.66 34.67 -60.22
C THR A 2144 24.21 34.43 -61.66
N THR A 2145 24.34 35.45 -62.50
CA THR A 2145 23.91 35.33 -63.89
C THR A 2145 24.82 34.40 -64.68
N ILE A 2146 24.22 33.42 -65.34
CA ILE A 2146 24.95 32.40 -66.10
C ILE A 2146 24.43 32.41 -67.53
N ASN A 2147 25.32 32.69 -68.48
CA ASN A 2147 25.00 32.68 -69.91
C ASN A 2147 23.83 33.63 -70.22
N ASN A 2148 23.98 34.87 -69.77
CA ASN A 2148 22.98 35.93 -69.95
C ASN A 2148 21.65 35.58 -69.31
N LYS A 2149 21.62 34.58 -68.43
CA LYS A 2149 20.40 34.17 -67.74
C LYS A 2149 20.66 34.18 -66.25
N SER A 2150 19.81 34.91 -65.51
CA SER A 2150 19.97 35.05 -64.07
C SER A 2150 19.39 33.85 -63.33
N PHE A 2151 20.16 33.34 -62.38
CA PHE A 2151 19.73 32.27 -61.49
C PHE A 2151 19.96 32.69 -60.04
N TYR A 2152 19.19 32.10 -59.14
CA TYR A 2152 19.31 32.41 -57.72
C TYR A 2152 19.65 31.16 -56.93
N PHE A 2153 20.59 31.30 -56.00
CA PHE A 2153 20.98 30.24 -55.08
C PHE A 2153 20.89 30.75 -53.67
N ASN A 2154 20.42 29.91 -52.76
CA ASN A 2154 20.18 30.34 -51.39
C ASN A 2154 21.50 30.60 -50.66
N ASP A 2155 21.37 30.93 -49.38
CA ASP A 2155 22.53 31.18 -48.53
C ASP A 2155 23.47 29.97 -48.50
N LYS A 2156 22.92 28.77 -48.30
CA LYS A 2156 23.74 27.57 -48.24
C LYS A 2156 24.31 27.17 -49.59
N GLY A 2157 23.64 27.51 -50.69
CA GLY A 2157 24.15 27.19 -52.00
C GLY A 2157 23.16 26.46 -52.89
N ILE A 2158 22.04 26.04 -52.31
CA ILE A 2158 21.01 25.33 -53.06
C ILE A 2158 20.26 26.33 -53.92
N MET A 2159 19.49 25.85 -54.89
CA MET A 2159 18.81 26.70 -55.86
C MET A 2159 17.33 26.77 -55.53
N GLN A 2160 16.81 27.99 -55.41
CA GLN A 2160 15.42 28.24 -55.01
C GLN A 2160 14.59 28.69 -56.21
N ILE A 2161 13.27 28.58 -56.06
CA ILE A 2161 12.33 28.92 -57.11
C ILE A 2161 11.35 29.95 -56.57
N GLY A 2162 10.81 30.77 -57.48
CA GLY A 2162 9.78 31.73 -57.13
C GLY A 2162 10.29 33.16 -57.13
N VAL A 2163 9.52 34.01 -56.47
CA VAL A 2163 9.88 35.42 -56.35
C VAL A 2163 10.95 35.58 -55.28
N PHE A 2164 12.01 36.29 -55.62
CA PHE A 2164 13.13 36.49 -54.70
C PHE A 2164 13.75 37.86 -54.90
N LYS A 2165 14.33 38.38 -53.83
CA LYS A 2165 14.95 39.71 -53.86
C LYS A 2165 16.39 39.59 -54.35
N VAL A 2166 16.75 40.44 -55.31
CA VAL A 2166 18.10 40.60 -55.80
C VAL A 2166 18.41 42.09 -55.68
N PRO A 2167 19.66 42.54 -55.84
CA PRO A 2167 19.96 43.96 -55.61
C PRO A 2167 19.07 44.95 -56.34
N ASP A 2168 18.62 44.61 -57.56
CA ASP A 2168 17.78 45.56 -58.29
C ASP A 2168 16.34 45.55 -57.78
N GLY A 2169 15.87 44.43 -57.28
CA GLY A 2169 14.51 44.35 -56.77
C GLY A 2169 14.02 42.91 -56.78
N PHE A 2170 12.71 42.74 -56.85
CA PHE A 2170 12.15 41.40 -56.87
C PHE A 2170 12.18 40.83 -58.28
N LYS A 2171 12.34 39.51 -58.36
CA LYS A 2171 12.38 38.85 -59.66
C LYS A 2171 11.87 37.43 -59.53
N TYR A 2172 11.28 36.94 -60.62
CA TYR A 2172 10.59 35.65 -60.62
C TYR A 2172 11.48 34.60 -61.28
N PHE A 2173 12.26 33.91 -60.45
CA PHE A 2173 13.06 32.77 -60.90
C PHE A 2173 12.14 31.56 -61.07
N ALA A 2174 11.56 31.49 -62.26
CA ALA A 2174 10.45 30.59 -62.55
C ALA A 2174 10.87 29.13 -62.55
N PRO A 2175 9.91 28.22 -62.38
CA PRO A 2175 10.18 26.79 -62.54
C PRO A 2175 10.59 26.43 -63.96
N ALA A 2176 11.00 25.18 -64.15
CA ALA A 2176 11.42 24.71 -65.47
C ALA A 2176 10.26 24.78 -66.47
N ASN A 2177 10.59 25.17 -67.70
CA ASN A 2177 9.66 25.19 -68.83
C ASN A 2177 8.44 26.06 -68.59
N THR A 2178 8.58 27.10 -67.77
CA THR A 2178 7.47 28.03 -67.56
C THR A 2178 7.41 29.08 -68.67
N HIS A 2179 8.57 29.51 -69.16
CA HIS A 2179 8.63 30.59 -70.14
C HIS A 2179 9.87 30.41 -71.00
N ASN A 2180 9.66 30.19 -72.29
CA ASN A 2180 10.74 30.01 -73.26
C ASN A 2180 11.72 28.93 -72.80
N ASN A 2181 11.16 27.82 -72.30
CA ASN A 2181 11.94 26.65 -71.90
C ASN A 2181 13.01 27.00 -70.87
N ASN A 2182 12.67 27.88 -69.94
CA ASN A 2182 13.63 28.33 -68.94
C ASN A 2182 14.00 27.18 -68.01
N LEU A 2183 15.25 27.17 -67.58
CA LEU A 2183 15.72 26.20 -66.59
C LEU A 2183 15.05 26.46 -65.25
N GLU A 2184 15.19 25.50 -64.35
CA GLU A 2184 14.68 25.69 -62.99
C GLU A 2184 15.33 26.89 -62.35
N GLY A 2185 14.52 27.81 -61.84
CA GLY A 2185 15.07 28.98 -61.17
C GLY A 2185 15.64 30.03 -62.10
N GLN A 2186 15.30 30.00 -63.38
CA GLN A 2186 15.79 31.01 -64.30
C GLN A 2186 14.84 32.21 -64.33
N ALA A 2187 15.41 33.40 -64.43
CA ALA A 2187 14.61 34.62 -64.52
C ALA A 2187 13.95 34.73 -65.88
N ILE A 2188 12.64 34.94 -65.90
CA ILE A 2188 11.88 35.02 -67.13
C ILE A 2188 11.24 36.39 -67.27
N VAL A 2189 10.73 36.67 -68.46
CA VAL A 2189 9.92 37.85 -68.74
C VAL A 2189 8.51 37.60 -68.22
N TYR A 2190 8.02 38.48 -67.34
CA TYR A 2190 6.67 38.37 -66.80
C TYR A 2190 6.10 39.78 -66.64
N GLN A 2191 5.25 40.19 -67.58
CA GLN A 2191 4.77 41.57 -67.65
C GLN A 2191 3.26 41.63 -67.52
N ASN A 2192 2.79 42.48 -66.60
CA ASN A 2192 1.38 42.86 -66.49
C ASN A 2192 0.48 41.65 -66.25
N LYS A 2193 0.78 40.88 -65.21
CA LYS A 2193 -0.02 39.71 -64.90
C LYS A 2193 0.17 39.31 -63.44
N PHE A 2194 -0.81 38.56 -62.93
CA PHE A 2194 -0.74 38.03 -61.58
C PHE A 2194 -0.05 36.67 -61.57
N LEU A 2195 0.51 36.33 -60.41
CA LEU A 2195 1.19 35.07 -60.19
C LEU A 2195 0.90 34.61 -58.77
N THR A 2196 0.42 33.38 -58.62
CA THR A 2196 0.14 32.79 -57.31
C THR A 2196 1.10 31.65 -57.06
N ILE A 2197 1.84 31.73 -55.96
CA ILE A 2197 2.82 30.74 -55.56
C ILE A 2197 2.56 30.40 -54.10
N ASN A 2198 2.19 29.14 -53.84
CA ASN A 2198 1.88 28.67 -52.50
C ASN A 2198 0.85 29.58 -51.82
N GLY A 2199 -0.17 29.95 -52.59
CA GLY A 2199 -1.23 30.79 -52.08
C GLY A 2199 -0.88 32.26 -51.93
N LYS A 2200 0.39 32.62 -52.10
CA LYS A 2200 0.82 34.01 -52.02
C LYS A 2200 0.69 34.63 -53.40
N LYS A 2201 0.17 35.84 -53.47
CA LYS A 2201 -0.08 36.49 -54.75
C LYS A 2201 0.91 37.63 -54.99
N TYR A 2202 1.29 37.78 -56.25
CA TYR A 2202 2.08 38.92 -56.70
C TYR A 2202 1.52 39.40 -58.03
N TYR A 2203 1.79 40.65 -58.35
CA TYR A 2203 1.49 41.20 -59.66
C TYR A 2203 2.75 41.82 -60.23
N PHE A 2204 3.00 41.58 -61.51
CA PHE A 2204 4.21 42.05 -62.16
C PHE A 2204 3.88 43.16 -63.15
N ASP A 2205 4.72 44.20 -63.16
CA ASP A 2205 4.56 45.27 -64.13
C ASP A 2205 5.31 44.92 -65.42
N ASN A 2206 5.39 45.90 -66.32
CA ASN A 2206 5.94 45.65 -67.65
C ASN A 2206 7.43 45.32 -67.64
N ASN A 2207 8.14 45.62 -66.55
CA ASN A 2207 9.57 45.40 -66.48
C ASN A 2207 9.92 44.05 -65.86
N SER A 2208 8.96 43.13 -65.76
CA SER A 2208 9.15 41.85 -65.09
C SER A 2208 9.60 42.05 -63.64
N LYS A 2209 9.17 43.14 -63.03
CA LYS A 2209 9.45 43.44 -61.64
C LYS A 2209 8.18 43.27 -60.82
N ALA A 2210 8.30 42.63 -59.66
CA ALA A 2210 7.17 42.52 -58.75
C ALA A 2210 6.91 43.87 -58.11
N ILE A 2211 5.70 44.40 -58.27
CA ILE A 2211 5.40 45.74 -57.77
C ILE A 2211 5.16 45.70 -56.27
N THR A 2212 5.26 46.87 -55.64
CA THR A 2212 5.05 47.02 -54.21
C THR A 2212 4.17 48.24 -53.93
N GLY A 2213 3.78 48.39 -52.67
CA GLY A 2213 3.00 49.53 -52.21
C GLY A 2213 1.52 49.42 -52.49
N TRP A 2214 0.85 50.57 -52.42
CA TRP A 2214 -0.56 50.66 -52.80
C TRP A 2214 -0.68 50.57 -54.31
N GLN A 2215 -1.53 49.66 -54.79
CA GLN A 2215 -1.67 49.45 -56.22
C GLN A 2215 -3.14 49.25 -56.56
N VAL A 2216 -3.51 49.64 -57.77
CA VAL A 2216 -4.86 49.40 -58.28
C VAL A 2216 -4.72 48.62 -59.58
N ILE A 2217 -5.28 47.41 -59.61
CA ILE A 2217 -5.26 46.57 -60.81
C ILE A 2217 -6.68 46.08 -61.06
N ASP A 2218 -7.13 46.21 -62.31
CA ASP A 2218 -8.47 45.77 -62.73
C ASP A 2218 -9.54 46.38 -61.84
N ASP A 2219 -9.38 47.67 -61.54
CA ASP A 2219 -10.31 48.44 -60.72
C ASP A 2219 -10.41 47.88 -59.29
N LYS A 2220 -9.43 47.12 -58.84
CA LYS A 2220 -9.42 46.56 -57.50
C LYS A 2220 -8.16 47.02 -56.77
N LYS A 2221 -8.31 47.37 -55.50
CA LYS A 2221 -7.19 47.91 -54.74
C LYS A 2221 -6.46 46.80 -54.00
N TYR A 2222 -5.14 46.77 -54.13
CA TYR A 2222 -4.28 45.84 -53.42
C TYR A 2222 -3.20 46.62 -52.68
N TYR A 2223 -2.61 45.98 -51.67
CA TYR A 2223 -1.48 46.54 -50.95
C TYR A 2223 -0.38 45.48 -50.88
N PHE A 2224 0.67 45.67 -51.65
CA PHE A 2224 1.80 44.74 -51.68
C PHE A 2224 2.83 45.20 -50.66
N ASN A 2225 3.20 44.30 -49.75
CA ASN A 2225 4.18 44.61 -48.71
C ASN A 2225 5.49 45.11 -49.30
N SER A 2226 6.08 46.12 -48.66
CA SER A 2226 7.28 46.75 -49.19
C SER A 2226 8.52 45.87 -49.06
N ASN A 2227 8.46 44.79 -48.25
CA ASN A 2227 9.59 43.90 -48.09
C ASN A 2227 9.40 42.55 -48.78
N THR A 2228 8.16 42.14 -49.02
CA THR A 2228 7.89 40.84 -49.61
C THR A 2228 7.11 40.93 -50.92
N ALA A 2229 6.56 42.11 -51.25
CA ALA A 2229 5.77 42.30 -52.46
C ALA A 2229 4.61 41.32 -52.54
N VAL A 2230 4.23 40.75 -51.40
CA VAL A 2230 3.17 39.75 -51.33
C VAL A 2230 1.85 40.45 -51.08
N ALA A 2231 0.78 39.93 -51.68
CA ALA A 2231 -0.56 40.52 -51.57
C ALA A 2231 -1.08 40.26 -50.17
N ASP A 2232 -0.91 41.25 -49.29
CA ASP A 2232 -1.45 41.17 -47.94
C ASP A 2232 -2.97 41.06 -48.00
N THR A 2233 -3.52 40.05 -47.32
CA THR A 2233 -4.93 39.75 -47.43
C THR A 2233 -5.54 39.44 -46.07
N ASN A 2234 -5.76 40.49 -45.27
CA ASN A 2234 -6.44 40.37 -44.00
C ASN A 2234 -6.50 41.73 -43.30
N LEU A 2235 -7.12 41.77 -42.12
CA LEU A 2235 -7.10 42.97 -41.28
C LEU A 2235 -5.65 43.32 -40.92
N CYS A 2236 -5.13 44.39 -41.51
CA CYS A 2236 -3.72 44.73 -41.33
C CYS A 2236 -3.55 46.24 -41.23
N THR A 2237 -2.70 46.65 -40.29
CA THR A 2237 -2.49 48.07 -40.01
C THR A 2237 -1.57 48.70 -41.04
N ILE A 2238 -1.86 49.94 -41.40
CA ILE A 2238 -1.05 50.74 -42.31
C ILE A 2238 -1.12 52.18 -41.83
N ASN A 2239 0.04 52.77 -41.51
CA ASN A 2239 0.12 54.14 -41.02
C ASN A 2239 -0.83 54.35 -39.83
N ASN A 2240 -0.79 53.39 -38.90
CA ASN A 2240 -1.61 53.43 -37.69
C ASN A 2240 -3.10 53.52 -38.01
N GLU A 2241 -3.52 52.94 -39.14
CA GLU A 2241 -4.91 52.89 -39.54
C GLU A 2241 -5.21 51.50 -40.09
N LYS A 2242 -6.25 50.86 -39.57
CA LYS A 2242 -6.55 49.49 -39.96
C LYS A 2242 -7.28 49.44 -41.30
N TYR A 2243 -6.98 48.41 -42.08
CA TYR A 2243 -7.70 48.08 -43.30
C TYR A 2243 -8.05 46.60 -43.27
N TYR A 2244 -9.00 46.20 -44.11
CA TYR A 2244 -9.43 44.80 -44.18
C TYR A 2244 -9.42 44.33 -45.63
N PHE A 2245 -8.40 43.57 -46.00
CA PHE A 2245 -8.32 42.97 -47.32
C PHE A 2245 -8.84 41.55 -47.28
N SER A 2246 -9.73 41.23 -48.24
CA SER A 2246 -10.40 39.95 -48.30
C SER A 2246 -9.40 38.81 -48.54
N TYR A 2247 -9.91 37.58 -48.47
CA TYR A 2247 -9.08 36.38 -48.51
C TYR A 2247 -8.07 36.39 -49.65
N ASP A 2248 -8.37 37.06 -50.76
CA ASP A 2248 -7.50 37.07 -51.92
C ASP A 2248 -6.88 38.43 -52.20
N GLY A 2249 -6.88 39.32 -51.21
CA GLY A 2249 -6.14 40.56 -51.28
C GLY A 2249 -6.99 41.81 -51.52
N ILE A 2250 -8.09 41.68 -52.26
CA ILE A 2250 -8.85 42.85 -52.66
C ILE A 2250 -9.34 43.62 -51.45
N LEU A 2251 -9.21 44.94 -51.50
CA LEU A 2251 -9.66 45.80 -50.43
C LEU A 2251 -11.19 45.91 -50.45
N GLN A 2252 -11.82 45.53 -49.34
CA GLN A 2252 -13.27 45.54 -49.22
C GLN A 2252 -13.70 46.43 -48.06
N ASN A 2253 -14.88 47.05 -48.21
CA ASN A 2253 -15.32 48.08 -47.30
C ASN A 2253 -16.80 47.89 -46.98
N GLY A 2254 -17.21 48.42 -45.84
CA GLY A 2254 -18.57 48.27 -45.37
C GLY A 2254 -18.65 47.77 -43.94
N TYR A 2255 -19.67 46.96 -43.64
CA TYR A 2255 -19.85 46.38 -42.32
C TYR A 2255 -19.17 45.02 -42.30
N ILE A 2256 -18.27 44.81 -41.33
CA ILE A 2256 -17.46 43.60 -41.31
C ILE A 2256 -17.31 43.14 -39.86
N THR A 2257 -17.58 41.86 -39.62
CA THR A 2257 -17.45 41.28 -38.29
C THR A 2257 -16.08 40.63 -38.15
N ILE A 2258 -15.41 40.88 -37.04
CA ILE A 2258 -14.12 40.28 -36.70
C ILE A 2258 -14.26 39.70 -35.30
N GLY A 2259 -14.10 38.39 -35.17
CA GLY A 2259 -14.34 37.76 -33.89
C GLY A 2259 -15.79 37.93 -33.47
N ARG A 2260 -16.02 38.64 -32.39
CA ARG A 2260 -17.37 39.02 -31.97
C ARG A 2260 -17.58 40.52 -32.01
N LEU A 2261 -16.70 41.25 -32.67
CA LEU A 2261 -16.70 42.71 -32.67
C LEU A 2261 -16.99 43.21 -34.06
N ASN A 2262 -17.91 44.16 -34.17
CA ASN A 2262 -18.30 44.68 -35.47
C ASN A 2262 -17.53 45.95 -35.78
N PHE A 2263 -17.14 46.10 -37.05
CA PHE A 2263 -16.34 47.23 -37.47
C PHE A 2263 -16.91 47.77 -38.78
N TYR A 2264 -16.74 49.07 -38.98
CA TYR A 2264 -17.24 49.73 -40.17
C TYR A 2264 -16.11 50.41 -40.91
N PHE A 2265 -16.12 50.28 -42.23
CA PHE A 2265 -15.09 50.81 -43.11
C PHE A 2265 -15.75 51.65 -44.20
N ASP A 2266 -15.67 52.97 -44.08
CA ASP A 2266 -16.32 53.88 -45.01
C ASP A 2266 -15.81 53.62 -46.42
N SER A 2267 -16.72 53.30 -47.34
CA SER A 2267 -16.33 53.06 -48.72
C SER A 2267 -15.73 54.29 -49.37
N ASN A 2268 -16.12 55.49 -48.91
CA ASN A 2268 -15.63 56.72 -49.52
C ASN A 2268 -14.31 57.21 -48.95
N ASN A 2269 -13.79 56.57 -47.90
CA ASN A 2269 -12.64 57.11 -47.19
C ASN A 2269 -11.45 56.16 -47.28
N ASP A 2270 -11.13 55.70 -48.50
CA ASP A 2270 -10.07 54.71 -48.72
C ASP A 2270 -10.31 53.43 -47.93
N SER A 2271 -11.57 53.16 -47.58
CA SER A 2271 -11.94 52.00 -46.76
C SER A 2271 -11.28 52.04 -45.39
N LYS A 2272 -10.74 53.19 -44.99
CA LYS A 2272 -10.09 53.31 -43.71
C LYS A 2272 -11.09 53.09 -42.58
N MET A 2273 -10.64 52.41 -41.52
CA MET A 2273 -11.52 52.17 -40.39
C MET A 2273 -11.93 53.49 -39.74
N THR A 2274 -13.22 53.68 -39.57
CA THR A 2274 -13.80 54.91 -39.05
C THR A 2274 -14.57 54.58 -37.77
N THR A 2275 -15.12 55.62 -37.15
CA THR A 2275 -16.05 55.49 -36.04
C THR A 2275 -17.22 56.44 -36.27
N GLY A 2276 -18.39 56.06 -35.77
CA GLY A 2276 -19.54 56.94 -35.88
C GLY A 2276 -20.84 56.18 -35.63
N VAL A 2277 -21.87 56.57 -36.36
CA VAL A 2277 -23.12 55.85 -36.39
C VAL A 2277 -23.38 55.41 -37.83
N PHE A 2278 -23.57 54.11 -38.02
CA PHE A 2278 -23.70 53.57 -39.37
C PHE A 2278 -24.64 52.38 -39.37
N LYS A 2279 -25.27 52.15 -40.52
CA LYS A 2279 -26.31 51.12 -40.63
C LYS A 2279 -25.68 49.74 -40.85
N GLY A 2280 -25.73 48.91 -39.81
CA GLY A 2280 -25.50 47.49 -39.94
C GLY A 2280 -26.82 46.78 -40.19
N PRO A 2281 -26.79 45.44 -40.18
CA PRO A 2281 -27.96 44.68 -40.63
C PRO A 2281 -29.23 44.98 -39.86
N ASN A 2282 -29.13 45.34 -38.59
CA ASN A 2282 -30.30 45.63 -37.77
C ASN A 2282 -30.51 47.11 -37.50
N GLY A 2283 -29.99 47.98 -38.37
CA GLY A 2283 -30.19 49.40 -38.22
C GLY A 2283 -28.90 50.11 -37.89
N PHE A 2284 -29.04 51.38 -37.51
CA PHE A 2284 -27.86 52.17 -37.20
C PHE A 2284 -27.30 51.81 -35.84
N GLU A 2285 -25.97 51.73 -35.78
CA GLU A 2285 -25.23 51.35 -34.59
C GLU A 2285 -24.12 52.36 -34.34
N TYR A 2286 -23.69 52.45 -33.10
CA TYR A 2286 -22.61 53.34 -32.68
C TYR A 2286 -21.31 52.54 -32.63
N PHE A 2287 -20.47 52.72 -33.65
CA PHE A 2287 -19.09 52.24 -33.64
C PHE A 2287 -18.25 53.30 -32.95
N ALA A 2288 -17.93 53.06 -31.70
CA ALA A 2288 -17.34 54.11 -30.89
C ALA A 2288 -15.82 54.12 -31.00
N PRO A 2289 -15.19 55.28 -30.74
CA PRO A 2289 -13.74 55.30 -30.53
C PRO A 2289 -13.31 54.52 -29.30
N ALA A 2290 -12.00 54.44 -29.06
CA ALA A 2290 -11.51 53.70 -27.91
C ALA A 2290 -11.90 54.39 -26.60
N ASN A 2291 -12.07 53.58 -25.57
CA ASN A 2291 -12.30 54.05 -24.19
C ASN A 2291 -13.53 54.95 -24.07
N THR A 2292 -14.58 54.60 -24.82
CA THR A 2292 -15.83 55.32 -24.75
C THR A 2292 -16.64 54.82 -23.55
N TYR A 2293 -17.93 55.19 -23.52
CA TYR A 2293 -18.86 55.02 -22.38
C TYR A 2293 -18.62 53.66 -21.72
N ASN A 2294 -18.61 52.56 -22.45
CA ASN A 2294 -18.34 51.25 -21.85
C ASN A 2294 -17.34 50.43 -22.66
N ASN A 2295 -16.80 50.98 -23.74
CA ASN A 2295 -16.01 50.23 -24.70
C ASN A 2295 -14.64 50.85 -24.84
N ASN A 2296 -13.60 50.01 -24.79
CA ASN A 2296 -12.23 50.46 -24.91
C ASN A 2296 -11.61 50.15 -26.27
N LEU A 2297 -12.31 49.46 -27.16
CA LEU A 2297 -11.79 49.08 -28.46
C LEU A 2297 -12.37 50.00 -29.53
N GLU A 2298 -11.47 50.63 -30.30
CA GLU A 2298 -11.90 51.59 -31.32
C GLU A 2298 -12.61 50.88 -32.46
N GLY A 2299 -13.68 51.50 -32.97
CA GLY A 2299 -14.44 50.95 -34.06
C GLY A 2299 -15.50 49.95 -33.65
N GLN A 2300 -15.46 49.45 -32.42
CA GLN A 2300 -16.36 48.39 -32.00
C GLN A 2300 -17.74 48.95 -31.68
N ALA A 2301 -18.77 48.18 -32.03
CA ALA A 2301 -20.14 48.56 -31.68
C ALA A 2301 -20.35 48.47 -30.19
N ILE A 2302 -20.78 49.55 -29.57
CA ILE A 2302 -21.06 49.60 -28.15
C ILE A 2302 -22.56 49.69 -27.92
N VAL A 2303 -23.02 49.26 -26.75
CA VAL A 2303 -24.43 49.31 -26.39
C VAL A 2303 -24.80 50.70 -25.87
N TYR A 2304 -25.48 51.49 -26.71
CA TYR A 2304 -25.96 52.82 -26.34
C TYR A 2304 -27.47 52.72 -26.19
N GLN A 2305 -27.93 52.56 -24.95
CA GLN A 2305 -29.34 52.32 -24.66
C GLN A 2305 -30.02 53.58 -24.16
N ASN A 2306 -30.98 54.08 -24.94
CA ASN A 2306 -31.89 55.15 -24.51
C ASN A 2306 -31.15 56.44 -24.18
N LYS A 2307 -30.14 56.77 -24.99
CA LYS A 2307 -29.34 57.97 -24.80
C LYS A 2307 -29.20 58.74 -26.10
N PHE A 2308 -28.88 60.02 -25.96
CA PHE A 2308 -28.52 60.85 -27.10
C PHE A 2308 -27.01 60.84 -27.27
N LEU A 2309 -26.56 61.03 -28.50
CA LEU A 2309 -25.15 61.14 -28.84
C LEU A 2309 -24.94 62.25 -29.85
N THR A 2310 -23.93 63.09 -29.61
CA THR A 2310 -23.56 64.14 -30.56
C THR A 2310 -22.13 63.90 -31.02
N ILE A 2311 -21.95 63.76 -32.34
CA ILE A 2311 -20.65 63.54 -32.95
C ILE A 2311 -20.43 64.63 -33.99
N ASN A 2312 -19.39 65.45 -33.78
CA ASN A 2312 -19.08 66.60 -34.64
C ASN A 2312 -20.32 67.43 -34.95
N GLY A 2313 -21.14 67.65 -33.92
CA GLY A 2313 -22.34 68.45 -34.04
C GLY A 2313 -23.58 67.71 -34.46
N LYS A 2314 -23.45 66.57 -35.13
CA LYS A 2314 -24.61 65.80 -35.55
C LYS A 2314 -25.18 65.03 -34.36
N LYS A 2315 -26.47 65.21 -34.10
CA LYS A 2315 -27.12 64.55 -32.98
C LYS A 2315 -27.93 63.34 -33.43
N TYR A 2316 -27.94 62.32 -32.58
CA TYR A 2316 -28.72 61.10 -32.79
C TYR A 2316 -29.26 60.63 -31.45
N TYR A 2317 -30.29 59.81 -31.50
CA TYR A 2317 -30.82 59.14 -30.32
C TYR A 2317 -30.88 57.64 -30.56
N PHE A 2318 -30.68 56.88 -29.50
CA PHE A 2318 -30.68 55.42 -29.61
C PHE A 2318 -31.68 54.84 -28.62
N ASP A 2319 -32.26 53.70 -29.01
CA ASP A 2319 -33.24 53.01 -28.18
C ASP A 2319 -32.59 51.97 -27.28
N ASN A 2320 -33.41 51.07 -26.75
CA ASN A 2320 -32.92 49.96 -25.93
C ASN A 2320 -32.20 48.90 -26.75
N LYS A 2321 -32.29 48.95 -28.08
CA LYS A 2321 -31.61 48.01 -28.95
C LYS A 2321 -30.30 48.59 -29.50
N SER A 2322 -29.85 49.72 -28.96
CA SER A 2322 -28.68 50.43 -29.46
C SER A 2322 -28.80 50.67 -30.97
N LYS A 2323 -29.98 51.14 -31.36
CA LYS A 2323 -30.27 51.47 -32.76
C LYS A 2323 -30.81 52.89 -32.83
N ALA A 2324 -30.41 53.60 -33.88
CA ALA A 2324 -30.93 54.95 -34.09
C ALA A 2324 -32.37 54.90 -34.58
N VAL A 2325 -32.96 56.08 -34.76
CA VAL A 2325 -34.36 56.19 -35.25
C VAL A 2325 -34.49 57.39 -36.19
N THR A 2326 -35.69 57.66 -36.75
CA THR A 2326 -35.99 58.85 -37.61
C THR A 2326 -37.47 59.27 -37.51
N GLY A 2327 -37.77 60.58 -37.48
CA GLY A 2327 -39.15 61.13 -37.64
C GLY A 2327 -39.53 62.21 -36.60
N TRP A 2328 -40.54 61.91 -35.79
CA TRP A 2328 -40.93 62.78 -34.68
C TRP A 2328 -40.65 62.07 -33.35
N GLN A 2329 -40.09 62.80 -32.40
CA GLN A 2329 -39.77 62.26 -31.10
C GLN A 2329 -39.95 63.33 -30.03
N THR A 2330 -40.47 62.91 -28.87
CA THR A 2330 -40.66 63.79 -27.73
C THR A 2330 -39.66 63.39 -26.66
N ILE A 2331 -38.70 64.27 -26.37
CA ILE A 2331 -37.63 64.02 -25.42
C ILE A 2331 -37.71 65.09 -24.33
N ASP A 2332 -37.87 64.65 -23.08
CA ASP A 2332 -37.90 65.56 -21.94
C ASP A 2332 -38.97 66.64 -22.13
N GLY A 2333 -40.09 66.26 -22.73
CA GLY A 2333 -41.16 67.19 -22.98
C GLY A 2333 -40.96 68.10 -24.17
N LYS A 2334 -39.89 67.92 -24.94
CA LYS A 2334 -39.59 68.73 -26.11
C LYS A 2334 -39.66 67.87 -27.36
N LYS A 2335 -40.31 68.39 -28.40
CA LYS A 2335 -40.52 67.66 -29.64
C LYS A 2335 -39.34 67.88 -30.59
N TYR A 2336 -38.85 66.79 -31.15
CA TYR A 2336 -37.76 66.83 -32.12
C TYR A 2336 -38.14 65.99 -33.33
N TYR A 2337 -37.55 66.33 -34.47
CA TYR A 2337 -37.72 65.59 -35.71
C TYR A 2337 -36.36 65.14 -36.22
N PHE A 2338 -36.23 63.85 -36.51
CA PHE A 2338 -35.00 63.27 -37.02
C PHE A 2338 -35.26 62.70 -38.41
N ASN A 2339 -34.33 62.93 -39.32
CA ASN A 2339 -34.52 62.48 -40.70
C ASN A 2339 -34.55 60.95 -40.76
N PRO A 2340 -35.59 60.34 -41.34
CA PRO A 2340 -35.61 58.87 -41.42
C PRO A 2340 -34.43 58.29 -42.17
N ASN A 2341 -33.94 58.97 -43.22
CA ASN A 2341 -32.86 58.45 -44.04
C ASN A 2341 -31.48 58.66 -43.44
N THR A 2342 -31.33 59.59 -42.49
CA THR A 2342 -30.04 59.89 -41.90
C THR A 2342 -30.06 60.03 -40.39
N ALA A 2343 -31.22 60.11 -39.76
CA ALA A 2343 -31.36 60.25 -38.31
C ALA A 2343 -30.77 61.56 -37.79
N ILE A 2344 -30.68 62.58 -38.64
CA ILE A 2344 -30.13 63.87 -38.23
C ILE A 2344 -31.26 64.77 -37.74
N ALA A 2345 -31.07 65.38 -36.57
CA ALA A 2345 -32.09 66.23 -36.00
C ALA A 2345 -32.39 67.41 -36.91
N ALA A 2346 -33.68 67.70 -37.11
CA ALA A 2346 -34.08 68.80 -37.96
C ALA A 2346 -33.67 70.13 -37.34
N MET A 2347 -33.22 71.05 -38.20
CA MET A 2347 -32.84 72.39 -37.76
C MET A 2347 -33.35 73.40 -38.78
N GLY A 2348 -33.77 74.57 -38.28
CA GLY A 2348 -34.24 75.62 -39.15
C GLY A 2348 -35.55 75.27 -39.81
N TRP A 2349 -35.85 76.00 -40.89
CA TRP A 2349 -37.10 75.78 -41.62
C TRP A 2349 -37.07 74.41 -42.30
N GLN A 2350 -38.15 73.64 -42.12
CA GLN A 2350 -38.24 72.31 -42.69
C GLN A 2350 -39.67 72.04 -43.14
N ALA A 2351 -39.80 71.34 -44.27
CA ALA A 2351 -41.09 70.96 -44.81
C ALA A 2351 -41.25 69.45 -44.65
N ILE A 2352 -42.19 69.04 -43.81
CA ILE A 2352 -42.44 67.63 -43.52
C ILE A 2352 -43.88 67.33 -43.90
N ASP A 2353 -44.07 66.41 -44.84
CA ASP A 2353 -45.40 65.98 -45.29
C ASP A 2353 -46.23 67.18 -45.72
N GLY A 2354 -45.60 68.13 -46.40
CA GLY A 2354 -46.28 69.31 -46.88
C GLY A 2354 -46.54 70.38 -45.84
N LYS A 2355 -46.08 70.18 -44.61
CA LYS A 2355 -46.29 71.15 -43.53
C LYS A 2355 -44.96 71.79 -43.15
N LYS A 2356 -45.00 73.09 -42.88
CA LYS A 2356 -43.79 73.86 -42.57
C LYS A 2356 -43.57 73.92 -41.07
N TYR A 2357 -42.37 73.56 -40.64
CA TYR A 2357 -41.97 73.64 -39.24
C TYR A 2357 -40.62 74.34 -39.13
N TYR A 2358 -40.45 75.08 -38.04
CA TYR A 2358 -39.19 75.75 -37.74
C TYR A 2358 -38.59 75.15 -36.48
N PHE A 2359 -37.36 74.66 -36.60
CA PHE A 2359 -36.63 74.06 -35.50
C PHE A 2359 -35.48 74.98 -35.11
N ASN A 2360 -35.27 75.14 -33.81
CA ASN A 2360 -34.21 76.01 -33.32
C ASN A 2360 -32.86 75.51 -33.84
N PRO A 2361 -32.08 76.36 -34.51
CA PRO A 2361 -30.79 75.90 -35.03
C PRO A 2361 -29.86 75.35 -33.96
N ASN A 2362 -29.89 75.91 -32.75
CA ASN A 2362 -28.98 75.49 -31.69
C ASN A 2362 -29.46 74.26 -30.94
N THR A 2363 -30.73 74.22 -30.55
CA THR A 2363 -31.27 73.13 -29.76
C THR A 2363 -32.09 72.13 -30.57
N ALA A 2364 -32.43 72.46 -31.82
CA ALA A 2364 -33.22 71.61 -32.69
C ALA A 2364 -34.63 71.37 -32.15
N ILE A 2365 -35.09 72.21 -31.23
CA ILE A 2365 -36.42 72.06 -30.66
C ILE A 2365 -37.44 72.76 -31.55
N ALA A 2366 -38.51 72.04 -31.88
CA ALA A 2366 -39.57 72.63 -32.69
C ALA A 2366 -40.15 73.85 -31.98
N THR A 2367 -40.31 74.94 -32.73
CA THR A 2367 -40.81 76.19 -32.16
C THR A 2367 -42.33 76.19 -32.13
N THR A 2368 -42.89 76.80 -31.09
CA THR A 2368 -44.33 76.88 -30.88
C THR A 2368 -44.71 78.30 -30.50
N GLY A 2369 -45.95 78.67 -30.83
CA GLY A 2369 -46.45 79.99 -30.51
C GLY A 2369 -45.83 81.05 -31.40
N TRP A 2370 -45.97 82.30 -30.94
CA TRP A 2370 -45.43 83.44 -31.68
C TRP A 2370 -43.91 83.39 -31.69
N GLN A 2371 -43.31 83.67 -32.85
CA GLN A 2371 -41.87 83.68 -33.00
C GLN A 2371 -41.48 84.74 -34.03
N THR A 2372 -40.34 85.37 -33.81
CA THR A 2372 -39.79 86.38 -34.71
C THR A 2372 -38.50 85.85 -35.31
N ILE A 2373 -38.53 85.56 -36.61
CA ILE A 2373 -37.39 84.99 -37.33
C ILE A 2373 -37.01 85.94 -38.45
N ASP A 2374 -35.74 86.35 -38.47
CA ASP A 2374 -35.23 87.25 -39.50
C ASP A 2374 -36.05 88.52 -39.59
N GLY A 2375 -36.52 89.00 -38.43
CA GLY A 2375 -37.31 90.20 -38.36
C GLY A 2375 -38.76 90.05 -38.75
N LYS A 2376 -39.20 88.84 -39.08
CA LYS A 2376 -40.58 88.58 -39.49
C LYS A 2376 -41.28 87.73 -38.44
N LYS A 2377 -42.51 88.12 -38.11
CA LYS A 2377 -43.30 87.45 -37.08
C LYS A 2377 -43.94 86.20 -37.65
N TYR A 2378 -43.92 85.11 -36.89
CA TYR A 2378 -44.56 83.86 -37.27
C TYR A 2378 -45.30 83.30 -36.08
N TYR A 2379 -46.36 82.54 -36.35
CA TYR A 2379 -47.14 81.86 -35.33
C TYR A 2379 -47.14 80.36 -35.62
N PHE A 2380 -46.77 79.57 -34.62
CA PHE A 2380 -46.73 78.12 -34.73
C PHE A 2380 -47.76 77.51 -33.77
N ASN A 2381 -48.50 76.53 -34.26
CA ASN A 2381 -49.55 75.93 -33.44
C ASN A 2381 -48.95 75.31 -32.19
N PRO A 2382 -49.43 75.67 -30.99
CA PRO A 2382 -48.83 75.09 -29.77
C PRO A 2382 -48.89 73.58 -29.72
N ASN A 2383 -49.94 72.98 -30.27
CA ASN A 2383 -50.12 71.53 -30.18
C ASN A 2383 -49.39 70.78 -31.30
N THR A 2384 -49.44 71.31 -32.52
CA THR A 2384 -48.84 70.64 -33.68
C THR A 2384 -47.57 71.32 -34.17
N ALA A 2385 -47.28 72.53 -33.73
CA ALA A 2385 -46.10 73.30 -34.14
C ALA A 2385 -46.12 73.62 -35.63
N ILE A 2386 -47.26 73.49 -36.30
CA ILE A 2386 -47.34 73.78 -37.72
C ILE A 2386 -47.37 75.29 -37.93
N ALA A 2387 -46.58 75.78 -38.89
CA ALA A 2387 -46.57 77.19 -39.18
C ALA A 2387 -47.95 77.66 -39.60
N ALA A 2388 -48.40 78.78 -39.03
CA ALA A 2388 -49.73 79.29 -39.33
C ALA A 2388 -49.79 79.85 -40.75
N THR A 2389 -50.88 79.52 -41.45
CA THR A 2389 -51.10 80.01 -42.81
C THR A 2389 -52.55 80.42 -42.96
N GLY A 2390 -52.78 81.43 -43.80
CA GLY A 2390 -54.13 81.88 -44.04
C GLY A 2390 -54.71 82.59 -42.83
N TRP A 2391 -56.03 82.77 -42.87
CA TRP A 2391 -56.73 83.43 -41.77
C TRP A 2391 -56.66 82.57 -40.52
N GLN A 2392 -56.33 83.20 -39.39
CA GLN A 2392 -56.19 82.50 -38.12
C GLN A 2392 -56.71 83.37 -36.99
N ALA A 2393 -57.47 82.75 -36.09
CA ALA A 2393 -58.02 83.43 -34.92
C ALA A 2393 -57.24 83.00 -33.68
N ILE A 2394 -56.50 83.94 -33.09
CA ILE A 2394 -55.65 83.67 -31.94
C ILE A 2394 -56.06 84.61 -30.81
N ASP A 2395 -56.44 84.04 -29.67
CA ASP A 2395 -56.77 84.82 -28.48
C ASP A 2395 -57.83 85.88 -28.77
N GLY A 2396 -58.81 85.50 -29.59
CA GLY A 2396 -59.89 86.41 -29.95
C GLY A 2396 -59.54 87.43 -31.01
N LYS A 2397 -58.34 87.37 -31.58
CA LYS A 2397 -57.91 88.30 -32.62
C LYS A 2397 -57.65 87.54 -33.91
N LYS A 2398 -57.98 88.18 -35.04
CA LYS A 2398 -57.83 87.57 -36.35
C LYS A 2398 -56.50 87.98 -36.96
N TYR A 2399 -55.75 87.00 -37.46
CA TYR A 2399 -54.48 87.23 -38.14
C TYR A 2399 -54.48 86.48 -39.47
N TYR A 2400 -53.81 87.06 -40.45
CA TYR A 2400 -53.63 86.45 -41.77
C TYR A 2400 -52.16 86.20 -42.00
N PHE A 2401 -51.81 84.95 -42.31
CA PHE A 2401 -50.44 84.54 -42.59
C PHE A 2401 -50.33 84.16 -44.05
N ASN A 2402 -49.27 84.64 -44.70
CA ASN A 2402 -49.09 84.38 -46.12
C ASN A 2402 -49.01 82.89 -46.36
N PRO A 2403 -49.84 82.31 -47.23
CA PRO A 2403 -49.76 80.86 -47.46
C PRO A 2403 -48.40 80.39 -47.93
N ASN A 2404 -47.65 81.24 -48.64
CA ASN A 2404 -46.35 80.86 -49.17
C ASN A 2404 -45.23 81.06 -48.15
N THR A 2405 -45.12 82.25 -47.56
CA THR A 2405 -44.05 82.56 -46.63
C THR A 2405 -44.44 82.42 -45.16
N ALA A 2406 -45.73 82.25 -44.87
CA ALA A 2406 -46.24 82.11 -43.51
C ALA A 2406 -45.98 83.36 -42.65
N THR A 2407 -45.74 84.50 -43.28
CA THR A 2407 -45.48 85.73 -42.54
C THR A 2407 -46.78 86.48 -42.28
N THR A 2408 -46.92 87.01 -41.06
CA THR A 2408 -48.12 87.73 -40.70
C THR A 2408 -48.23 89.02 -41.51
N SER A 2409 -49.44 89.32 -41.97
CA SER A 2409 -49.66 90.51 -42.77
C SER A 2409 -49.64 91.76 -41.91
N ILE A 2410 -49.08 92.83 -42.46
CA ILE A 2410 -49.04 94.13 -41.79
C ILE A 2410 -49.44 95.20 -42.80
N GLY A 2411 -50.23 96.16 -42.34
CA GLY A 2411 -50.65 97.25 -43.20
C GLY A 2411 -51.66 96.79 -44.25
N TYR A 2412 -51.73 97.59 -45.32
CA TYR A 2412 -52.69 97.33 -46.39
C TYR A 2412 -52.32 96.04 -47.11
N THR A 2413 -53.26 95.09 -47.14
CA THR A 2413 -53.04 93.80 -47.79
C THR A 2413 -54.28 93.41 -48.58
N THR A 2414 -54.07 92.86 -49.77
CA THR A 2414 -55.15 92.39 -50.62
C THR A 2414 -55.19 90.86 -50.56
N ILE A 2415 -56.34 90.32 -50.17
CA ILE A 2415 -56.52 88.87 -50.01
C ILE A 2415 -57.72 88.46 -50.85
N ASN A 2416 -57.49 87.59 -51.83
CA ASN A 2416 -58.55 87.08 -52.69
C ASN A 2416 -59.38 88.22 -53.28
N SER A 2417 -58.69 89.23 -53.77
CA SER A 2417 -59.29 90.44 -54.33
C SER A 2417 -60.03 91.26 -53.29
N LYS A 2418 -59.84 90.98 -52.01
CA LYS A 2418 -60.46 91.72 -50.92
C LYS A 2418 -59.38 92.37 -50.07
N ASN A 2419 -59.52 93.66 -49.82
CA ASN A 2419 -58.52 94.43 -49.13
C ASN A 2419 -58.77 94.43 -47.63
N PHE A 2420 -57.70 94.17 -46.87
CA PHE A 2420 -57.75 94.19 -45.41
C PHE A 2420 -56.54 94.96 -44.89
N TYR A 2421 -56.67 95.48 -43.67
CA TYR A 2421 -55.60 96.22 -43.02
C TYR A 2421 -55.20 95.50 -41.74
N PHE A 2422 -53.89 95.34 -41.54
CA PHE A 2422 -53.34 94.72 -40.35
C PHE A 2422 -52.38 95.70 -39.69
N ASN A 2423 -52.50 95.84 -38.37
CA ASN A 2423 -51.64 96.76 -37.64
C ASN A 2423 -50.22 96.22 -37.58
N ASN A 2424 -49.33 96.98 -36.92
CA ASN A 2424 -47.95 96.55 -36.77
C ASN A 2424 -47.82 95.23 -36.02
N ASP A 2425 -48.81 94.86 -35.21
CA ASP A 2425 -48.83 93.58 -34.54
C ASP A 2425 -49.46 92.48 -35.38
N GLY A 2426 -49.91 92.80 -36.59
CA GLY A 2426 -50.55 91.82 -37.45
C GLY A 2426 -52.02 91.61 -37.17
N ILE A 2427 -52.61 92.39 -36.28
CA ILE A 2427 -54.02 92.22 -35.93
C ILE A 2427 -54.88 92.91 -36.98
N MET A 2428 -55.88 92.19 -37.50
CA MET A 2428 -56.85 92.82 -38.39
C MET A 2428 -57.58 93.93 -37.66
N GLN A 2429 -57.72 95.07 -38.33
CA GLN A 2429 -58.30 96.26 -37.72
C GLN A 2429 -59.60 96.65 -38.42
N LEU A 2430 -60.50 97.25 -37.65
CA LEU A 2430 -61.76 97.79 -38.16
C LEU A 2430 -61.72 99.31 -38.06
N GLY A 2431 -62.09 99.98 -39.14
CA GLY A 2431 -62.08 101.43 -39.17
C GLY A 2431 -61.49 102.01 -40.44
N VAL A 2432 -60.80 103.13 -40.30
CA VAL A 2432 -60.26 103.88 -41.42
C VAL A 2432 -58.74 103.82 -41.36
N PHE A 2433 -58.12 103.46 -42.49
CA PHE A 2433 -56.67 103.43 -42.60
C PHE A 2433 -56.28 103.82 -44.02
N LYS A 2434 -55.06 104.32 -44.17
CA LYS A 2434 -54.60 104.86 -45.44
C LYS A 2434 -54.23 103.72 -46.38
N GLY A 2435 -54.91 103.65 -47.52
CA GLY A 2435 -54.58 102.71 -48.56
C GLY A 2435 -53.72 103.35 -49.64
N PRO A 2436 -53.35 102.58 -50.66
CA PRO A 2436 -52.51 103.15 -51.72
C PRO A 2436 -53.13 104.35 -52.42
N ASP A 2437 -54.44 104.32 -52.63
CA ASP A 2437 -55.15 105.41 -53.30
C ASP A 2437 -55.80 106.39 -52.33
N GLY A 2438 -55.60 106.19 -51.02
CA GLY A 2438 -56.16 107.03 -49.99
C GLY A 2438 -56.72 106.20 -48.86
N PHE A 2439 -57.44 106.86 -47.96
CA PHE A 2439 -58.03 106.19 -46.81
C PHE A 2439 -59.22 105.34 -47.24
N GLU A 2440 -59.37 104.18 -46.60
CA GLU A 2440 -60.46 103.24 -46.88
C GLU A 2440 -61.10 102.81 -45.56
N TYR A 2441 -62.37 102.41 -45.64
CA TYR A 2441 -63.13 101.99 -44.48
C TYR A 2441 -63.24 100.46 -44.50
N PHE A 2442 -62.66 99.82 -43.48
CA PHE A 2442 -62.74 98.37 -43.33
C PHE A 2442 -63.84 98.06 -42.34
N ALA A 2443 -65.08 98.04 -42.83
CA ALA A 2443 -66.28 97.97 -42.03
C ALA A 2443 -66.50 96.57 -41.46
N PRO A 2444 -67.33 96.44 -40.42
CA PRO A 2444 -67.65 95.11 -39.89
C PRO A 2444 -68.36 94.24 -40.91
N ALA A 2445 -68.65 93.00 -40.53
CA ALA A 2445 -69.30 92.06 -41.45
C ALA A 2445 -70.73 92.49 -41.73
N ASN A 2446 -71.17 92.27 -42.97
CA ASN A 2446 -72.55 92.54 -43.40
C ASN A 2446 -72.91 94.02 -43.34
N THR A 2447 -71.92 94.91 -43.28
CA THR A 2447 -72.21 96.33 -43.32
C THR A 2447 -72.70 96.76 -44.69
N HIS A 2448 -72.15 96.17 -45.75
CA HIS A 2448 -72.54 96.50 -47.11
C HIS A 2448 -72.33 95.28 -48.01
N ASN A 2449 -73.40 94.84 -48.66
CA ASN A 2449 -73.33 93.74 -49.62
C ASN A 2449 -72.69 92.49 -49.00
N ASN A 2450 -73.06 92.20 -47.77
CA ASN A 2450 -72.57 91.01 -47.06
C ASN A 2450 -71.05 90.97 -47.05
N ASN A 2451 -70.43 92.13 -46.85
CA ASN A 2451 -68.98 92.21 -46.80
C ASN A 2451 -68.45 91.44 -45.60
N GLU A 2452 -67.26 90.86 -45.77
CA GLU A 2452 -66.61 90.15 -44.67
C GLU A 2452 -66.08 91.15 -43.66
N GLU A 2453 -65.92 90.68 -42.42
CA GLU A 2453 -65.39 91.53 -41.36
C GLU A 2453 -63.98 91.98 -41.73
N GLY A 2454 -63.74 93.29 -41.63
CA GLY A 2454 -62.45 93.86 -41.97
C GLY A 2454 -62.22 94.13 -43.44
N GLN A 2455 -63.20 93.82 -44.30
CA GLN A 2455 -63.04 94.06 -45.73
C GLN A 2455 -63.42 95.49 -46.06
N SER A 2456 -62.62 96.12 -46.94
CA SER A 2456 -62.93 97.47 -47.39
C SER A 2456 -64.24 97.46 -48.17
N ILE A 2457 -65.10 98.42 -47.87
CA ILE A 2457 -66.42 98.50 -48.49
C ILE A 2457 -66.57 99.85 -49.19
N THR A 2458 -67.35 99.83 -50.27
CA THR A 2458 -67.67 101.06 -50.98
C THR A 2458 -68.54 101.94 -50.08
N TYR A 2459 -68.02 103.12 -49.73
CA TYR A 2459 -68.67 103.94 -48.69
C TYR A 2459 -68.20 105.38 -48.80
N GLN A 2460 -68.82 106.14 -49.70
CA GLN A 2460 -68.43 107.57 -49.89
C GLN A 2460 -69.67 108.43 -50.13
N ASN A 2461 -69.49 109.75 -50.04
CA ASN A 2461 -70.57 110.75 -50.30
C ASN A 2461 -71.56 110.77 -49.13
N LYS A 2462 -71.08 110.30 -47.97
CA LYS A 2462 -71.76 110.36 -46.67
C LYS A 2462 -70.71 110.32 -45.57
N PHE A 2463 -71.14 110.72 -44.37
CA PHE A 2463 -70.24 110.80 -43.23
C PHE A 2463 -70.04 109.41 -42.62
N LEU A 2464 -69.20 109.36 -41.59
CA LEU A 2464 -68.87 108.12 -40.89
C LEU A 2464 -68.53 108.46 -39.45
N ILE A 2465 -69.31 107.93 -38.51
CA ILE A 2465 -69.03 108.07 -37.08
C ILE A 2465 -68.51 106.72 -36.60
N PHE A 2466 -67.35 106.72 -35.96
CA PHE A 2466 -66.69 105.49 -35.55
C PHE A 2466 -65.90 105.77 -34.28
N ASN A 2467 -66.39 105.26 -33.15
CA ASN A 2467 -65.75 105.48 -31.86
C ASN A 2467 -65.56 106.97 -31.58
N GLU A 2468 -66.62 107.73 -31.83
CA GLU A 2468 -66.64 109.17 -31.56
C GLU A 2468 -65.81 109.95 -32.57
N ASP A 2469 -65.11 109.25 -33.47
CA ASP A 2469 -64.41 109.91 -34.56
C ASP A 2469 -65.38 110.16 -35.70
N VAL A 2470 -65.15 111.25 -36.43
CA VAL A 2470 -65.98 111.62 -37.56
C VAL A 2470 -65.11 111.67 -38.81
N TYR A 2471 -65.63 111.14 -39.91
CA TYR A 2471 -64.94 111.16 -41.18
C TYR A 2471 -65.94 111.53 -42.26
N TYR A 2472 -65.44 111.71 -43.48
CA TYR A 2472 -66.29 111.89 -44.65
C TYR A 2472 -65.59 111.31 -45.87
N PHE A 2473 -66.36 110.64 -46.72
CA PHE A 2473 -65.86 110.02 -47.93
C PHE A 2473 -66.48 110.67 -49.15
N ASP A 2474 -65.66 110.97 -50.15
CA ASP A 2474 -66.14 111.60 -51.37
C ASP A 2474 -66.66 110.56 -52.35
N SER A 2475 -66.88 110.95 -53.60
CA SER A 2475 -67.36 110.01 -54.61
C SER A 2475 -66.36 108.92 -54.95
N SER A 2476 -65.11 109.05 -54.50
CA SER A 2476 -64.08 108.05 -54.75
C SER A 2476 -63.91 107.07 -53.59
N SER A 2477 -64.81 107.11 -52.60
CA SER A 2477 -64.77 106.22 -51.44
C SER A 2477 -63.51 106.41 -50.61
N LYS A 2478 -62.87 107.57 -50.74
CA LYS A 2478 -61.65 107.89 -50.00
C LYS A 2478 -61.94 108.99 -48.99
N ALA A 2479 -61.48 108.79 -47.75
CA ALA A 2479 -61.67 109.79 -46.71
C ALA A 2479 -61.04 111.10 -47.14
N VAL A 2480 -61.76 112.20 -46.93
CA VAL A 2480 -61.30 113.52 -47.33
C VAL A 2480 -60.55 114.16 -46.19
N THR A 2481 -59.54 114.97 -46.54
CA THR A 2481 -58.73 115.68 -45.56
C THR A 2481 -58.60 117.14 -46.01
N GLY A 2482 -58.40 118.01 -45.03
CA GLY A 2482 -58.35 119.44 -45.31
C GLY A 2482 -59.74 120.04 -45.42
N TRP A 2483 -59.78 121.25 -45.97
CA TRP A 2483 -61.05 121.94 -46.14
C TRP A 2483 -61.89 121.23 -47.20
N ARG A 2484 -63.17 121.02 -46.89
CA ARG A 2484 -64.11 120.44 -47.83
C ARG A 2484 -65.49 121.05 -47.56
N THR A 2485 -66.16 121.47 -48.63
CA THR A 2485 -67.47 122.09 -48.54
C THR A 2485 -68.54 121.02 -48.69
N ILE A 2486 -69.18 120.66 -47.59
CA ILE A 2486 -70.24 119.67 -47.57
C ILE A 2486 -71.52 120.37 -47.15
N ASP A 2487 -72.53 120.35 -48.03
CA ASP A 2487 -73.82 120.98 -47.75
C ASP A 2487 -73.64 122.45 -47.39
N ASP A 2488 -72.79 123.14 -48.14
CA ASP A 2488 -72.52 124.57 -47.94
C ASP A 2488 -71.96 124.84 -46.54
N HIS A 2489 -71.24 123.87 -45.99
CA HIS A 2489 -70.52 124.04 -44.73
C HIS A 2489 -69.11 123.51 -44.91
N ARG A 2490 -68.16 124.12 -44.21
CA ARG A 2490 -66.76 123.76 -44.31
C ARG A 2490 -66.33 123.00 -43.08
N PHE A 2491 -65.71 121.84 -43.29
CA PHE A 2491 -65.10 121.06 -42.23
C PHE A 2491 -63.60 120.98 -42.46
N TYR A 2492 -62.86 120.71 -41.39
CA TYR A 2492 -61.42 120.51 -41.47
C TYR A 2492 -61.07 119.20 -40.77
N PHE A 2493 -60.33 118.35 -41.47
CA PHE A 2493 -59.95 117.04 -40.97
C PHE A 2493 -58.42 116.95 -40.92
N GLU A 2494 -57.92 116.35 -39.85
CA GLU A 2494 -56.48 116.32 -39.61
C GLU A 2494 -55.79 115.62 -40.79
N PRO A 2495 -54.73 116.22 -41.35
CA PRO A 2495 -54.03 115.53 -42.46
C PRO A 2495 -53.47 114.17 -42.05
N ASN A 2496 -52.97 114.05 -40.82
CA ASN A 2496 -52.31 112.81 -40.41
C ASN A 2496 -53.29 111.67 -40.24
N THR A 2497 -54.39 111.90 -39.53
CA THR A 2497 -55.32 110.83 -39.18
C THR A 2497 -56.66 110.90 -39.90
N GLY A 2498 -57.06 112.07 -40.41
CA GLY A 2498 -58.33 112.20 -41.10
C GLY A 2498 -59.52 112.39 -40.17
N ILE A 2499 -59.31 112.38 -38.86
CA ILE A 2499 -60.42 112.58 -37.93
C ILE A 2499 -60.92 114.02 -38.03
N GLY A 2500 -62.15 114.23 -37.56
CA GLY A 2500 -62.66 115.59 -37.45
C GLY A 2500 -61.82 116.40 -36.49
N ALA A 2501 -61.64 117.68 -36.81
CA ALA A 2501 -60.82 118.55 -35.99
C ALA A 2501 -61.44 118.77 -34.62
N ASN A 2502 -60.61 119.16 -33.66
CA ASN A 2502 -61.09 119.41 -32.31
C ASN A 2502 -60.19 120.45 -31.64
N GLY A 2503 -60.83 121.46 -31.05
CA GLY A 2503 -60.11 122.46 -30.28
C GLY A 2503 -59.46 123.53 -31.13
N TYR A 2504 -58.80 124.47 -30.44
CA TYR A 2504 -58.16 125.59 -31.10
C TYR A 2504 -57.15 125.08 -32.13
N LYS A 2505 -57.17 125.68 -33.32
CA LYS A 2505 -56.32 125.23 -34.40
C LYS A 2505 -56.02 126.43 -35.31
N THR A 2506 -54.84 127.03 -35.12
CA THR A 2506 -54.40 128.07 -36.03
C THR A 2506 -54.14 127.47 -37.40
N LEU A 2507 -54.57 128.16 -38.46
CA LEU A 2507 -54.41 127.68 -39.81
C LEU A 2507 -54.17 128.85 -40.74
N ASP A 2508 -52.96 128.94 -41.30
CA ASP A 2508 -52.64 129.92 -42.33
C ASP A 2508 -52.95 131.33 -41.86
N GLY A 2509 -52.66 131.61 -40.59
CA GLY A 2509 -52.88 132.92 -40.03
C GLY A 2509 -54.31 133.21 -39.63
N LYS A 2510 -55.21 132.25 -39.80
CA LYS A 2510 -56.61 132.40 -39.42
C LYS A 2510 -56.92 131.37 -38.33
N ASN A 2511 -57.43 131.83 -37.21
CA ASN A 2511 -57.60 131.00 -36.02
C ASN A 2511 -59.07 130.63 -35.85
N PHE A 2512 -59.33 129.35 -35.59
CA PHE A 2512 -60.67 128.82 -35.42
C PHE A 2512 -60.73 128.05 -34.09
N TYR A 2513 -61.89 127.44 -33.83
CA TYR A 2513 -62.06 126.61 -32.64
C TYR A 2513 -63.04 125.49 -33.00
N PHE A 2514 -62.49 124.36 -33.43
CA PHE A 2514 -63.28 123.29 -34.02
C PHE A 2514 -63.87 122.39 -32.95
N ARG A 2515 -65.02 121.81 -33.27
CA ARG A 2515 -65.64 120.75 -32.48
C ARG A 2515 -66.23 119.75 -33.45
N ASN A 2516 -65.63 118.56 -33.53
CA ASN A 2516 -66.01 117.55 -34.50
C ASN A 2516 -65.85 118.05 -35.94
N GLY A 2517 -64.87 118.92 -36.17
CA GLY A 2517 -64.53 119.37 -37.50
C GLY A 2517 -65.33 120.54 -38.03
N LEU A 2518 -66.28 121.06 -37.26
CA LEU A 2518 -67.06 122.21 -37.69
C LEU A 2518 -66.69 123.44 -36.87
N PRO A 2519 -66.22 124.53 -37.46
CA PRO A 2519 -65.86 125.70 -36.66
C PRO A 2519 -67.06 126.20 -35.87
N GLN A 2520 -66.80 126.64 -34.64
CA GLN A 2520 -67.85 127.06 -33.73
C GLN A 2520 -67.90 128.58 -33.65
N PHE A 2521 -69.05 129.07 -33.21
CA PHE A 2521 -69.27 130.50 -33.01
C PHE A 2521 -69.26 130.83 -31.53
N GLY A 2522 -68.63 131.95 -31.18
CA GLY A 2522 -68.63 132.40 -29.80
C GLY A 2522 -67.26 132.72 -29.28
N VAL A 2523 -67.04 132.44 -28.00
CA VAL A 2523 -65.80 132.76 -27.30
C VAL A 2523 -65.22 131.46 -26.78
N PHE A 2524 -63.98 131.16 -27.18
CA PHE A 2524 -63.33 129.94 -26.74
C PHE A 2524 -61.86 130.19 -26.50
N LYS A 2525 -61.35 129.64 -25.39
CA LYS A 2525 -59.98 129.87 -24.97
C LYS A 2525 -59.00 129.28 -25.98
N GLY A 2526 -57.91 130.00 -26.21
CA GLY A 2526 -56.84 129.53 -27.07
C GLY A 2526 -55.49 129.64 -26.38
N PRO A 2527 -54.40 129.50 -27.14
CA PRO A 2527 -53.07 129.60 -26.52
C PRO A 2527 -52.83 130.93 -25.83
N ASP A 2528 -53.40 132.03 -26.34
CA ASP A 2528 -53.24 133.34 -25.72
C ASP A 2528 -54.41 133.73 -24.84
N GLY A 2529 -55.56 133.07 -24.98
CA GLY A 2529 -56.75 133.38 -24.20
C GLY A 2529 -57.99 133.22 -25.05
N PHE A 2530 -59.03 133.93 -24.66
CA PHE A 2530 -60.31 133.84 -25.34
C PHE A 2530 -60.31 134.73 -26.59
N GLU A 2531 -61.18 134.39 -27.54
CA GLU A 2531 -61.32 135.16 -28.77
C GLU A 2531 -62.76 135.09 -29.26
N TYR A 2532 -63.17 136.15 -29.96
CA TYR A 2532 -64.52 136.23 -30.53
C TYR A 2532 -64.50 135.56 -31.89
N PHE A 2533 -64.72 134.24 -31.89
CA PHE A 2533 -64.90 133.52 -33.14
C PHE A 2533 -66.31 133.82 -33.65
N ALA A 2534 -66.39 134.50 -34.78
CA ALA A 2534 -67.61 135.13 -35.25
C ALA A 2534 -68.07 134.55 -36.58
N PRO A 2535 -69.35 134.71 -36.91
CA PRO A 2535 -69.85 134.21 -38.20
C PRO A 2535 -69.17 134.90 -39.38
N ALA A 2536 -69.49 134.41 -40.57
CA ALA A 2536 -68.84 134.89 -41.79
C ALA A 2536 -69.22 136.33 -42.08
N ASN A 2537 -68.27 137.06 -42.67
CA ASN A 2537 -68.47 138.44 -43.08
C ASN A 2537 -68.96 139.32 -41.93
N THR A 2538 -68.56 138.99 -40.71
CA THR A 2538 -68.83 139.86 -39.58
C THR A 2538 -67.83 141.00 -39.47
N HIS A 2539 -66.63 140.84 -40.02
CA HIS A 2539 -65.61 141.87 -39.95
C HIS A 2539 -64.55 141.60 -41.02
N ASN A 2540 -64.45 142.51 -42.00
CA ASN A 2540 -63.37 142.47 -43.00
C ASN A 2540 -63.34 141.15 -43.75
N ASN A 2541 -64.49 140.73 -44.25
CA ASN A 2541 -64.58 139.55 -45.13
C ASN A 2541 -63.97 138.31 -44.48
N ASN A 2542 -64.15 138.19 -43.16
CA ASN A 2542 -63.62 137.05 -42.44
C ASN A 2542 -64.39 135.79 -42.78
N GLU A 2543 -63.69 134.66 -42.84
CA GLU A 2543 -64.34 133.39 -43.15
C GLU A 2543 -65.27 132.99 -42.01
N GLU A 2544 -66.02 131.92 -42.25
CA GLU A 2544 -67.03 131.45 -41.32
C GLU A 2544 -66.35 130.92 -40.06
N GLY A 2545 -66.55 131.60 -38.93
CA GLY A 2545 -65.97 131.19 -37.67
C GLY A 2545 -64.56 131.69 -37.43
N GLN A 2546 -63.94 132.34 -38.40
CA GLN A 2546 -62.59 132.86 -38.23
C GLN A 2546 -62.55 133.88 -37.09
N SER A 2547 -61.45 133.88 -36.35
CA SER A 2547 -61.28 134.86 -35.29
C SER A 2547 -61.07 136.24 -35.89
N ILE A 2548 -61.70 137.25 -35.29
CA ILE A 2548 -61.72 138.59 -35.84
C ILE A 2548 -61.29 139.59 -34.76
N THR A 2549 -60.84 140.76 -35.21
CA THR A 2549 -60.37 141.80 -34.31
C THR A 2549 -61.57 142.49 -33.67
N TYR A 2550 -61.63 142.45 -32.34
CA TYR A 2550 -62.77 142.96 -31.57
C TYR A 2550 -62.22 143.61 -30.32
N GLN A 2551 -61.98 144.91 -30.38
CA GLN A 2551 -61.26 145.63 -29.34
C GLN A 2551 -62.11 146.74 -28.73
N ASN A 2552 -62.10 146.82 -27.41
CA ASN A 2552 -62.77 147.89 -26.66
C ASN A 2552 -64.24 148.02 -27.06
N LYS A 2553 -64.98 146.95 -26.81
CA LYS A 2553 -66.43 146.97 -26.95
C LYS A 2553 -66.97 145.62 -26.48
N PHE A 2554 -68.22 145.64 -26.04
CA PHE A 2554 -68.82 144.43 -25.48
C PHE A 2554 -69.23 143.47 -26.58
N LEU A 2555 -69.38 142.21 -26.19
CA LEU A 2555 -69.95 141.18 -27.05
C LEU A 2555 -71.08 140.50 -26.30
N VAL A 2556 -72.23 140.37 -26.94
CA VAL A 2556 -73.38 139.67 -26.38
C VAL A 2556 -73.67 138.47 -27.27
N PHE A 2557 -73.88 137.32 -26.65
CA PHE A 2557 -73.93 136.06 -27.41
C PHE A 2557 -74.67 135.04 -26.57
N LEU A 2558 -75.88 134.66 -26.99
CA LEU A 2558 -76.71 133.69 -26.28
C LEU A 2558 -76.92 134.09 -24.83
N GLY A 2559 -77.07 135.38 -24.58
CA GLY A 2559 -77.18 135.89 -23.23
C GLY A 2559 -75.87 136.00 -22.50
N ASN A 2560 -74.75 135.64 -23.14
CA ASN A 2560 -73.43 135.79 -22.57
C ASN A 2560 -72.86 137.15 -22.96
N ARG A 2561 -72.43 137.91 -21.97
CA ARG A 2561 -71.86 139.24 -22.21
C ARG A 2561 -70.36 139.17 -21.99
N TYR A 2562 -69.60 139.25 -23.08
CA TYR A 2562 -68.15 139.30 -23.03
C TYR A 2562 -67.68 140.73 -23.25
N TYR A 2563 -66.49 141.04 -22.72
CA TYR A 2563 -65.83 142.31 -22.96
C TYR A 2563 -64.42 142.04 -23.46
N PHE A 2564 -64.03 142.71 -24.52
CA PHE A 2564 -62.71 142.56 -25.12
C PHE A 2564 -61.87 143.81 -24.88
N ASP A 2565 -60.56 143.61 -24.74
CA ASP A 2565 -59.62 144.69 -24.53
C ASP A 2565 -59.05 145.16 -25.86
N SER A 2566 -57.99 145.98 -25.81
CA SER A 2566 -57.41 146.54 -27.02
C SER A 2566 -56.74 145.50 -27.90
N SER A 2567 -56.36 144.35 -27.35
CA SER A 2567 -55.67 143.32 -28.10
C SER A 2567 -56.60 142.30 -28.73
N SER A 2568 -57.92 142.51 -28.63
CA SER A 2568 -58.91 141.58 -29.16
C SER A 2568 -58.88 140.25 -28.41
N LYS A 2569 -58.73 140.33 -27.09
CA LYS A 2569 -58.85 139.19 -26.19
C LYS A 2569 -59.83 139.54 -25.09
N ALA A 2570 -60.69 138.60 -24.74
CA ALA A 2570 -61.69 138.85 -23.71
C ALA A 2570 -61.02 138.94 -22.35
N VAL A 2571 -61.35 139.99 -21.61
CA VAL A 2571 -60.81 140.20 -20.27
C VAL A 2571 -61.41 139.17 -19.33
N THR A 2572 -60.86 139.05 -18.13
CA THR A 2572 -61.36 138.13 -17.12
C THR A 2572 -61.24 138.81 -15.75
N GLY A 2573 -61.81 138.17 -14.74
CA GLY A 2573 -61.79 138.74 -13.40
C GLY A 2573 -62.36 140.14 -13.37
N TRP A 2574 -62.06 140.89 -12.31
CA TRP A 2574 -62.64 142.22 -12.16
C TRP A 2574 -62.18 143.15 -13.28
N GLN A 2575 -63.08 144.03 -13.68
CA GLN A 2575 -62.78 145.04 -14.69
C GLN A 2575 -63.63 146.27 -14.41
N THR A 2576 -63.17 147.42 -14.88
CA THR A 2576 -63.93 148.67 -14.81
C THR A 2576 -63.98 149.27 -16.21
N ILE A 2577 -65.19 149.49 -16.71
CA ILE A 2577 -65.41 149.98 -18.06
C ILE A 2577 -66.43 151.11 -18.00
N ASN A 2578 -66.03 152.30 -18.43
CA ASN A 2578 -66.93 153.46 -18.49
C ASN A 2578 -67.56 153.72 -17.12
N GLY A 2579 -66.77 153.52 -16.07
CA GLY A 2579 -67.23 153.74 -14.71
C GLY A 2579 -68.04 152.60 -14.12
N ASN A 2580 -68.22 151.51 -14.86
CA ASN A 2580 -69.00 150.36 -14.41
C ASN A 2580 -68.07 149.20 -14.12
N THR A 2581 -68.20 148.62 -12.93
CA THR A 2581 -67.34 147.53 -12.49
C THR A 2581 -68.00 146.19 -12.83
N TYR A 2582 -67.24 145.31 -13.48
CA TYR A 2582 -67.72 144.02 -13.94
C TYR A 2582 -66.90 142.91 -13.31
N TYR A 2583 -67.34 141.68 -13.55
CA TYR A 2583 -66.57 140.49 -13.23
C TYR A 2583 -66.85 139.45 -14.31
N PHE A 2584 -65.81 138.75 -14.73
CA PHE A 2584 -65.90 137.80 -15.82
C PHE A 2584 -65.35 136.47 -15.34
N MET A 2585 -66.15 135.41 -15.46
CA MET A 2585 -65.74 134.12 -14.94
C MET A 2585 -64.41 133.70 -15.60
N PRO A 2586 -63.38 133.38 -14.83
CA PRO A 2586 -62.09 133.05 -15.46
C PRO A 2586 -62.16 131.85 -16.40
N ASP A 2587 -62.97 130.84 -16.09
CA ASP A 2587 -63.00 129.64 -16.89
C ASP A 2587 -63.88 129.76 -18.12
N THR A 2588 -64.68 130.82 -18.23
CA THR A 2588 -65.51 131.02 -19.41
C THR A 2588 -65.51 132.45 -19.94
N ALA A 2589 -65.01 133.43 -19.20
CA ALA A 2589 -65.05 134.84 -19.55
C ALA A 2589 -66.47 135.39 -19.59
N ILE A 2590 -67.45 134.62 -19.13
CA ILE A 2590 -68.84 135.07 -19.12
C ILE A 2590 -69.02 136.04 -17.96
N ALA A 2591 -69.64 137.18 -18.25
CA ALA A 2591 -69.80 138.24 -17.27
C ALA A 2591 -70.97 137.91 -16.35
N ALA A 2592 -70.67 137.64 -15.07
CA ALA A 2592 -71.72 137.37 -14.10
C ALA A 2592 -72.82 138.40 -14.22
N ALA A 2593 -74.07 137.95 -14.04
CA ALA A 2593 -75.21 138.84 -14.23
C ALA A 2593 -76.51 138.25 -13.70
N GLY A 2594 -77.30 139.07 -13.02
CA GLY A 2594 -78.65 138.68 -12.65
C GLY A 2594 -78.80 137.90 -11.37
N GLY A 2595 -78.36 138.46 -10.25
CA GLY A 2595 -78.56 137.85 -8.95
C GLY A 2595 -77.27 137.74 -8.17
N PHE A 2596 -77.43 137.30 -6.92
CA PHE A 2596 -76.29 137.17 -6.02
C PHE A 2596 -75.34 136.08 -6.50
N PHE A 2597 -74.05 136.39 -6.49
CA PHE A 2597 -73.01 135.45 -6.89
C PHE A 2597 -71.98 135.35 -5.77
N THR A 2598 -71.39 134.17 -5.63
CA THR A 2598 -70.38 133.90 -4.60
C THR A 2598 -69.01 133.91 -5.27
N ILE A 2599 -68.32 135.05 -5.17
CA ILE A 2599 -67.03 135.26 -5.81
C ILE A 2599 -65.99 135.53 -4.72
N ASP A 2600 -64.86 134.82 -4.79
CA ASP A 2600 -63.76 135.00 -3.85
C ASP A 2600 -64.24 134.88 -2.40
N GLY A 2601 -65.24 134.04 -2.18
CA GLY A 2601 -65.78 133.85 -0.84
C GLY A 2601 -66.47 135.09 -0.31
N ALA A 2602 -67.28 135.73 -1.15
CA ALA A 2602 -68.06 136.89 -0.76
C ALA A 2602 -69.38 136.85 -1.53
N ILE A 2603 -70.13 137.95 -1.46
CA ILE A 2603 -71.40 138.07 -2.17
C ILE A 2603 -71.38 139.34 -3.00
N TYR A 2604 -71.75 139.23 -4.27
CA TYR A 2604 -71.83 140.36 -5.17
C TYR A 2604 -73.08 140.22 -6.03
N PHE A 2605 -73.79 141.32 -6.21
CA PHE A 2605 -75.04 141.33 -6.96
C PHE A 2605 -74.87 142.13 -8.24
N PHE A 2606 -75.19 141.52 -9.37
CA PHE A 2606 -75.01 142.12 -10.69
C PHE A 2606 -76.35 142.22 -11.39
N GLY A 2607 -76.64 143.38 -11.97
CA GLY A 2607 -77.82 143.51 -12.79
C GLY A 2607 -77.72 142.66 -14.04
N ILE A 2608 -78.80 142.43 -14.75
CA ILE A 2608 -78.70 141.50 -15.91
C ILE A 2608 -77.92 142.15 -17.10
N ASP A 2609 -77.70 143.43 -16.99
CA ASP A 2609 -76.71 143.95 -17.92
C ASP A 2609 -75.30 143.49 -17.55
N GLY A 2610 -75.12 142.97 -16.34
CA GLY A 2610 -73.83 142.50 -15.85
C GLY A 2610 -73.16 143.48 -14.91
N VAL A 2611 -73.61 144.75 -14.92
CA VAL A 2611 -73.00 145.75 -14.06
C VAL A 2611 -73.23 145.39 -12.59
N LYS A 2612 -72.20 145.61 -11.78
CA LYS A 2612 -72.29 145.29 -10.36
C LYS A 2612 -73.22 146.24 -9.65
N GLN A 2613 -73.82 145.76 -8.55
CA GLN A 2613 -74.61 146.60 -7.66
C GLN A 2613 -73.84 146.79 -6.37
N PRO A 2614 -73.55 148.03 -5.94
CA PRO A 2614 -72.69 148.22 -4.77
C PRO A 2614 -73.22 147.54 -3.52
N GLY A 2615 -74.42 147.94 -3.09
CA GLY A 2615 -75.05 147.34 -1.92
C GLY A 2615 -74.29 147.56 -0.63
N ILE A 2616 -73.21 148.32 -0.67
CA ILE A 2616 -72.35 148.52 0.49
C ILE A 2616 -71.97 147.18 1.10
N GLY B 74 -111.79 148.00 -39.21
CA GLY B 74 -112.29 147.31 -38.05
C GLY B 74 -111.79 145.89 -37.94
N GLU B 75 -110.48 145.71 -38.12
CA GLU B 75 -109.84 144.41 -38.03
C GLU B 75 -108.98 144.25 -36.79
N ASP B 76 -108.69 145.32 -36.07
CA ASP B 76 -107.92 145.30 -34.83
C ASP B 76 -108.83 145.54 -33.63
N GLU B 77 -110.07 145.06 -33.71
CA GLU B 77 -111.04 145.24 -32.63
C GLU B 77 -112.36 144.54 -32.95
N ASN B 78 -113.09 145.01 -33.96
CA ASN B 78 -114.43 144.50 -34.24
C ASN B 78 -114.41 143.19 -35.01
N ARG B 79 -113.27 142.51 -35.05
CA ARG B 79 -113.19 141.21 -35.71
C ARG B 79 -112.32 140.24 -34.92
N CYS B 80 -112.07 140.54 -33.66
CA CYS B 80 -111.16 139.76 -32.83
C CYS B 80 -111.95 138.72 -32.04
N VAL B 81 -111.59 137.45 -32.20
CA VAL B 81 -112.16 136.35 -31.44
C VAL B 81 -111.11 135.81 -30.48
N ARG B 82 -111.54 135.24 -29.37
CA ARG B 82 -110.63 134.71 -28.37
C ARG B 82 -111.25 133.50 -27.68
N LEU B 83 -110.50 132.40 -27.64
CA LEU B 83 -110.87 131.30 -26.76
C LEU B 83 -110.58 131.69 -25.31
N TYR B 84 -111.38 131.16 -24.39
CA TYR B 84 -111.34 131.59 -23.01
C TYR B 84 -111.36 130.39 -22.07
N GLY B 85 -110.58 130.48 -21.00
CA GLY B 85 -110.66 129.54 -19.90
C GLY B 85 -110.04 128.20 -20.19
N PRO B 86 -110.01 127.33 -19.17
CA PRO B 86 -109.54 125.95 -19.39
C PRO B 86 -110.52 125.08 -20.16
N ASN B 87 -111.70 125.59 -20.51
CA ASN B 87 -112.71 124.84 -21.24
C ASN B 87 -112.82 125.26 -22.69
N PHE B 88 -112.03 126.22 -23.14
CA PHE B 88 -112.02 126.65 -24.54
C PHE B 88 -113.40 127.17 -24.96
N ILE B 89 -113.84 128.21 -24.27
CA ILE B 89 -115.12 128.86 -24.56
C ILE B 89 -114.89 129.98 -25.57
N LEU B 90 -115.46 129.82 -26.77
CA LEU B 90 -115.29 130.82 -27.81
C LEU B 90 -115.96 132.12 -27.43
N GLN B 91 -115.31 133.24 -27.79
CA GLN B 91 -115.84 134.56 -27.51
C GLN B 91 -115.56 135.49 -28.68
N VAL B 92 -116.35 136.56 -28.76
CA VAL B 92 -116.21 137.58 -29.79
C VAL B 92 -116.34 138.94 -29.13
N TYR B 93 -115.47 139.87 -29.52
CA TYR B 93 -115.45 141.20 -28.91
C TYR B 93 -116.63 142.02 -29.39
N SER B 94 -117.23 142.76 -28.45
CA SER B 94 -118.38 143.62 -28.73
C SER B 94 -117.93 145.07 -28.60
N SER B 95 -117.67 145.71 -29.74
CA SER B 95 -117.22 147.10 -29.72
C SER B 95 -118.27 148.03 -29.15
N GLN B 96 -119.55 147.70 -29.33
CA GLN B 96 -120.62 148.58 -28.84
C GLN B 96 -120.54 148.73 -27.33
N ARG B 97 -120.30 147.64 -26.61
CA ARG B 97 -120.22 147.67 -25.15
C ARG B 97 -118.80 147.51 -24.64
N LYS B 98 -117.83 147.28 -25.52
CA LYS B 98 -116.42 147.14 -25.12
C LYS B 98 -116.25 145.96 -24.15
N SER B 99 -116.59 144.77 -24.64
CA SER B 99 -116.55 143.58 -23.80
C SER B 99 -116.33 142.34 -24.65
N TRP B 100 -115.87 141.29 -24.00
CA TRP B 100 -115.78 139.95 -24.59
C TRP B 100 -117.05 139.20 -24.26
N HIS B 101 -117.67 138.59 -25.27
CA HIS B 101 -118.91 137.85 -25.04
C HIS B 101 -118.80 136.44 -25.60
N PRO B 102 -119.46 135.47 -24.99
CA PRO B 102 -119.55 134.13 -25.58
C PRO B 102 -120.58 134.10 -26.69
N VAL B 103 -120.73 132.93 -27.31
CA VAL B 103 -121.62 132.75 -28.45
C VAL B 103 -122.59 131.62 -28.13
N CYS B 104 -123.87 131.86 -28.40
CA CYS B 104 -124.89 130.83 -28.20
C CYS B 104 -124.67 129.66 -29.15
N GLN B 105 -125.02 128.46 -28.70
CA GLN B 105 -124.78 127.26 -29.49
C GLN B 105 -125.78 127.07 -30.62
N ASP B 106 -126.95 127.69 -30.55
CA ASP B 106 -127.96 127.49 -31.58
C ASP B 106 -127.48 128.02 -32.93
N ASP B 107 -127.91 127.37 -34.00
CA ASP B 107 -127.60 127.79 -35.36
C ASP B 107 -126.15 127.50 -35.73
N TRP B 108 -125.36 127.02 -34.76
CA TRP B 108 -123.94 126.86 -34.95
C TRP B 108 -123.62 125.44 -35.44
N ASN B 109 -122.60 125.34 -36.28
CA ASN B 109 -122.17 124.07 -36.84
C ASN B 109 -120.65 124.06 -36.88
N GLU B 110 -120.08 123.10 -37.60
CA GLU B 110 -118.63 122.99 -37.68
C GLU B 110 -118.04 124.07 -38.59
N ASN B 111 -118.78 124.56 -39.58
CA ASN B 111 -118.21 125.52 -40.51
C ASN B 111 -117.84 126.82 -39.82
N TYR B 112 -118.70 127.33 -38.93
CA TYR B 112 -118.37 128.55 -38.23
C TYR B 112 -117.28 128.32 -37.20
N GLY B 113 -117.19 127.12 -36.64
CA GLY B 113 -116.04 126.78 -35.82
C GLY B 113 -114.74 126.85 -36.60
N ARG B 114 -114.75 126.32 -37.82
CA ARG B 114 -113.55 126.39 -38.67
C ARG B 114 -113.23 127.83 -39.02
N ALA B 115 -114.26 128.64 -39.28
CA ALA B 115 -114.01 130.06 -39.58
C ALA B 115 -113.39 130.76 -38.39
N ALA B 116 -113.90 130.51 -37.18
CA ALA B 116 -113.35 131.13 -35.98
C ALA B 116 -111.94 130.65 -35.70
N CYS B 117 -111.63 129.40 -36.03
CA CYS B 117 -110.26 128.90 -35.88
C CYS B 117 -109.33 129.57 -36.87
N ARG B 118 -109.72 129.60 -38.15
CA ARG B 118 -108.88 130.22 -39.18
C ARG B 118 -108.59 131.67 -38.84
N ASP B 119 -109.60 132.41 -38.38
CA ASP B 119 -109.39 133.79 -37.98
C ASP B 119 -108.33 133.91 -36.91
N MET B 120 -108.23 132.90 -36.03
CA MET B 120 -107.31 132.96 -34.91
C MET B 120 -105.89 132.53 -35.28
N GLY B 121 -105.57 132.42 -36.56
CA GLY B 121 -104.23 132.10 -36.99
C GLY B 121 -103.90 130.63 -37.07
N TYR B 122 -104.85 129.75 -36.76
CA TYR B 122 -104.59 128.31 -36.82
C TYR B 122 -104.71 127.74 -38.21
N LYS B 123 -105.10 128.54 -39.19
CA LYS B 123 -105.25 128.09 -40.57
C LYS B 123 -106.22 126.89 -40.63
N ASN B 124 -105.72 125.71 -40.98
CA ASN B 124 -106.57 124.56 -41.25
C ASN B 124 -106.71 123.61 -40.06
N ASN B 125 -106.18 123.98 -38.90
CA ASN B 125 -106.25 123.10 -37.73
C ASN B 125 -107.61 123.24 -37.06
N PHE B 126 -108.38 122.15 -37.04
CA PHE B 126 -109.66 122.10 -36.34
C PHE B 126 -109.78 120.77 -35.63
N TYR B 127 -110.13 120.79 -34.36
CA TYR B 127 -110.17 119.59 -33.53
C TYR B 127 -111.60 119.21 -33.14
N SER B 128 -112.34 120.10 -32.49
CA SER B 128 -113.69 119.74 -32.05
C SER B 128 -114.40 120.98 -31.53
N SER B 129 -115.71 121.05 -31.79
CA SER B 129 -116.58 122.08 -31.23
C SER B 129 -117.84 121.42 -30.69
N GLN B 130 -118.26 121.85 -29.51
CA GLN B 130 -119.46 121.29 -28.88
C GLN B 130 -120.00 122.31 -27.89
N GLY B 131 -121.27 122.15 -27.55
CA GLY B 131 -121.89 123.01 -26.56
C GLY B 131 -121.64 122.52 -25.15
N ILE B 132 -121.39 123.47 -24.25
CA ILE B 132 -121.11 123.18 -22.86
C ILE B 132 -121.97 124.11 -22.00
N VAL B 133 -122.50 123.57 -20.90
CA VAL B 133 -123.37 124.36 -20.04
C VAL B 133 -122.61 125.59 -19.58
N ASP B 134 -123.23 126.76 -19.75
CA ASP B 134 -122.57 128.01 -19.37
C ASP B 134 -122.21 127.99 -17.89
N ASP B 135 -120.98 128.37 -17.57
CA ASP B 135 -120.47 128.37 -16.22
C ASP B 135 -119.88 129.70 -15.78
N SER B 136 -119.45 130.55 -16.71
CA SER B 136 -118.88 131.83 -16.32
C SER B 136 -119.90 132.69 -15.57
N GLY B 137 -121.18 132.50 -15.84
CA GLY B 137 -122.24 133.17 -15.12
C GLY B 137 -122.75 134.44 -15.78
N SER B 138 -122.02 135.01 -16.73
CA SER B 138 -122.46 136.23 -17.40
C SER B 138 -123.68 135.96 -18.26
N THR B 139 -124.58 136.94 -18.32
CA THR B 139 -125.83 136.83 -19.06
C THR B 139 -125.78 137.78 -20.25
N SER B 140 -125.17 137.31 -21.33
CA SER B 140 -125.16 138.03 -22.61
C SER B 140 -124.47 137.15 -23.64
N PHE B 141 -124.89 137.25 -24.90
CA PHE B 141 -124.39 136.34 -25.92
C PHE B 141 -124.37 137.03 -27.27
N MET B 142 -123.36 136.74 -28.07
CA MET B 142 -123.31 137.19 -29.45
C MET B 142 -124.03 136.14 -30.30
N LYS B 143 -125.31 136.35 -30.53
CA LYS B 143 -126.12 135.39 -31.26
C LYS B 143 -125.86 135.49 -32.75
N LEU B 144 -125.89 134.33 -33.41
CA LEU B 144 -125.59 134.24 -34.84
C LEU B 144 -126.83 134.50 -35.69
N ASN B 145 -126.59 134.84 -36.95
CA ASN B 145 -127.64 135.05 -37.93
C ASN B 145 -127.47 134.09 -39.10
N THR B 146 -128.56 133.83 -39.80
CA THR B 146 -128.57 132.94 -40.96
C THR B 146 -128.95 133.64 -42.25
N SER B 147 -129.91 134.57 -42.21
CA SER B 147 -130.43 135.22 -43.40
C SER B 147 -129.68 136.50 -43.75
N ALA B 148 -128.52 136.73 -43.13
CA ALA B 148 -127.73 137.91 -43.47
C ALA B 148 -127.12 137.79 -44.85
N GLY B 149 -127.01 136.57 -45.37
CA GLY B 149 -126.37 136.32 -46.65
C GLY B 149 -124.93 135.86 -46.46
N ASN B 150 -124.28 135.61 -47.60
CA ASN B 150 -122.90 135.15 -47.58
C ASN B 150 -121.98 136.31 -47.20
N VAL B 151 -122.04 136.70 -45.92
CA VAL B 151 -121.31 137.85 -45.42
C VAL B 151 -120.26 137.37 -44.43
N ASP B 152 -119.48 138.30 -43.89
CA ASP B 152 -118.49 137.95 -42.88
C ASP B 152 -119.16 137.26 -41.70
N ILE B 153 -118.50 136.23 -41.17
CA ILE B 153 -119.06 135.48 -40.05
C ILE B 153 -119.34 136.42 -38.88
N TYR B 154 -118.40 137.30 -38.57
CA TYR B 154 -118.54 138.27 -37.49
C TYR B 154 -119.30 139.51 -37.88
N LYS B 155 -119.77 139.59 -39.12
CA LYS B 155 -120.82 140.56 -39.44
C LYS B 155 -122.16 140.12 -38.87
N LYS B 156 -122.30 138.84 -38.56
CA LYS B 156 -123.60 138.31 -38.13
C LYS B 156 -123.76 138.33 -36.62
N LEU B 157 -122.78 137.81 -35.88
CA LEU B 157 -122.91 137.72 -34.42
C LEU B 157 -123.38 139.04 -33.83
N TYR B 158 -124.57 139.02 -33.24
CA TYR B 158 -125.19 140.19 -32.63
C TYR B 158 -125.66 139.83 -31.23
N HIS B 159 -125.97 140.86 -30.45
CA HIS B 159 -126.26 140.67 -29.04
C HIS B 159 -127.62 139.99 -28.86
N SER B 160 -127.86 139.57 -27.62
CA SER B 160 -129.15 139.00 -27.24
C SER B 160 -129.13 138.79 -25.73
N ASP B 161 -130.30 138.93 -25.11
CA ASP B 161 -130.37 138.78 -23.67
C ASP B 161 -130.04 137.36 -23.24
N ALA B 162 -130.63 136.38 -23.91
CA ALA B 162 -130.36 134.98 -23.60
C ALA B 162 -131.00 134.10 -24.67
N CYS B 163 -130.27 133.08 -25.11
CA CYS B 163 -130.79 132.15 -26.08
C CYS B 163 -131.58 131.03 -25.39
N SER B 164 -132.34 130.29 -26.20
CA SER B 164 -133.13 129.19 -25.69
C SER B 164 -132.39 127.86 -25.71
N SER B 165 -131.19 127.82 -26.27
CA SER B 165 -130.42 126.58 -26.30
C SER B 165 -129.74 126.26 -24.98
N LYS B 166 -129.59 127.25 -24.08
CA LYS B 166 -129.01 127.06 -22.76
C LYS B 166 -127.57 126.54 -22.83
N ALA B 167 -126.89 126.72 -23.95
CA ALA B 167 -125.55 126.20 -24.14
C ALA B 167 -124.70 127.22 -24.88
N VAL B 168 -123.45 127.37 -24.42
CA VAL B 168 -122.47 128.22 -25.08
C VAL B 168 -121.50 127.32 -25.84
N VAL B 169 -120.80 127.92 -26.78
CA VAL B 169 -119.93 127.19 -27.69
C VAL B 169 -118.57 127.01 -27.06
N SER B 170 -117.98 125.82 -27.25
CA SER B 170 -116.60 125.55 -26.89
C SER B 170 -115.90 125.03 -28.13
N LEU B 171 -114.73 125.60 -28.44
CA LEU B 171 -114.09 125.38 -29.72
C LEU B 171 -112.60 125.13 -29.50
N ARG B 172 -112.13 123.94 -29.86
CA ARG B 172 -110.72 123.58 -29.80
C ARG B 172 -110.19 123.50 -31.22
N CYS B 173 -109.20 124.34 -31.53
CA CYS B 173 -108.65 124.42 -32.87
C CYS B 173 -107.51 123.46 -33.11
N ILE B 174 -106.96 122.83 -32.08
CA ILE B 174 -105.82 121.94 -32.23
C ILE B 174 -105.81 120.99 -31.04
N ALA B 175 -105.50 119.72 -31.31
CA ALA B 175 -105.37 118.72 -30.26
C ALA B 175 -103.98 118.85 -29.64
N CYS B 176 -103.93 119.08 -28.34
CA CYS B 176 -102.67 119.38 -27.68
C CYS B 176 -102.80 119.07 -26.20
N GLY B 177 -101.64 118.98 -25.54
CA GLY B 177 -101.61 118.84 -24.10
C GLY B 177 -101.82 117.45 -23.57
N VAL B 178 -101.52 116.42 -24.37
CA VAL B 178 -101.67 115.03 -23.95
C VAL B 178 -100.34 114.32 -24.19
N ASN B 179 -99.86 113.62 -23.18
CA ASN B 179 -98.58 112.90 -23.23
C ASN B 179 -98.75 111.49 -22.70
N LEU B 180 -97.77 110.65 -23.01
CA LEU B 180 -97.78 109.28 -22.54
C LEU B 180 -97.63 109.24 -21.02
N ASN B 181 -98.26 108.25 -20.40
CA ASN B 181 -98.20 108.09 -18.95
C ASN B 181 -96.99 107.27 -18.54
N GLU B 192 -83.93 112.59 -12.71
CA GLU B 192 -83.87 111.38 -13.53
C GLU B 192 -84.12 111.70 -15.00
N SER B 193 -83.96 110.69 -15.85
CA SER B 193 -84.19 110.86 -17.27
C SER B 193 -85.68 110.73 -17.59
N ALA B 194 -86.08 111.30 -18.73
CA ALA B 194 -87.45 111.24 -19.19
C ALA B 194 -87.58 110.16 -20.26
N LEU B 195 -88.67 109.39 -20.17
CA LEU B 195 -88.91 108.29 -21.08
C LEU B 195 -89.45 108.79 -22.42
N PRO B 196 -89.36 107.97 -23.47
CA PRO B 196 -89.86 108.41 -24.77
C PRO B 196 -91.34 108.74 -24.72
N GLY B 197 -91.71 109.82 -25.40
CA GLY B 197 -93.10 110.22 -25.48
C GLY B 197 -93.65 110.88 -24.25
N ALA B 198 -92.82 111.25 -23.28
CA ALA B 198 -93.30 111.96 -22.10
C ALA B 198 -93.34 113.47 -22.30
N TRP B 199 -92.43 114.00 -23.11
CA TRP B 199 -92.40 115.43 -23.46
C TRP B 199 -92.28 115.54 -24.97
N PRO B 200 -93.33 115.15 -25.69
CA PRO B 200 -93.24 115.15 -27.16
C PRO B 200 -93.07 116.54 -27.75
N TRP B 201 -93.33 117.59 -26.98
CA TRP B 201 -93.26 118.96 -27.46
C TRP B 201 -91.89 119.59 -27.29
N GLN B 202 -90.91 118.84 -26.77
CA GLN B 202 -89.58 119.38 -26.58
C GLN B 202 -88.76 119.25 -27.86
N VAL B 203 -88.01 120.30 -28.18
CA VAL B 203 -87.11 120.28 -29.33
C VAL B 203 -85.77 120.86 -28.91
N SER B 204 -84.74 120.47 -29.65
CA SER B 204 -83.37 120.93 -29.45
C SER B 204 -82.93 121.69 -30.69
N LEU B 205 -82.36 122.87 -30.49
CA LEU B 205 -81.95 123.74 -31.58
C LEU B 205 -80.44 123.68 -31.73
N HIS B 206 -79.98 123.46 -32.96
CA HIS B 206 -78.58 123.18 -33.25
C HIS B 206 -77.99 124.30 -34.10
N VAL B 207 -77.16 125.13 -33.50
CA VAL B 207 -76.35 126.12 -34.22
C VAL B 207 -74.96 125.51 -34.37
N GLN B 208 -74.60 125.12 -35.58
CA GLN B 208 -73.31 124.50 -35.86
C GLN B 208 -73.15 123.18 -35.09
N ASN B 209 -74.14 122.31 -35.26
CA ASN B 209 -74.07 120.92 -34.81
C ASN B 209 -73.96 120.77 -33.30
N VAL B 210 -74.23 121.83 -32.53
CA VAL B 210 -74.08 121.79 -31.08
C VAL B 210 -75.35 122.36 -30.45
N HIS B 211 -75.84 121.68 -29.42
CA HIS B 211 -77.08 122.09 -28.76
C HIS B 211 -76.89 123.42 -28.07
N VAL B 212 -77.66 124.41 -28.48
CA VAL B 212 -77.55 125.77 -27.96
C VAL B 212 -78.80 126.19 -27.19
N CYS B 213 -79.98 125.92 -27.74
CA CYS B 213 -81.23 126.32 -27.10
C CYS B 213 -82.27 125.22 -27.34
N GLY B 214 -83.28 125.20 -26.46
CA GLY B 214 -84.42 124.32 -26.61
C GLY B 214 -85.57 124.99 -27.33
N GLY B 215 -86.77 124.45 -27.13
CA GLY B 215 -87.93 124.99 -27.77
C GLY B 215 -89.21 124.36 -27.26
N SER B 216 -90.31 124.65 -27.95
CA SER B 216 -91.61 124.12 -27.58
C SER B 216 -92.54 124.20 -28.78
N ILE B 217 -93.01 123.05 -29.24
CA ILE B 217 -93.95 122.99 -30.36
C ILE B 217 -95.29 123.57 -29.94
N ILE B 218 -95.87 124.41 -30.78
CA ILE B 218 -97.22 124.91 -30.53
C ILE B 218 -98.14 124.55 -31.71
N THR B 219 -97.57 124.43 -32.90
CA THR B 219 -98.30 123.92 -34.05
C THR B 219 -97.34 123.09 -34.90
N PRO B 220 -97.80 122.49 -36.00
CA PRO B 220 -96.89 121.68 -36.84
C PRO B 220 -95.73 122.47 -37.42
N GLU B 221 -95.80 123.81 -37.45
CA GLU B 221 -94.75 124.58 -38.10
C GLU B 221 -94.41 125.85 -37.32
N TRP B 222 -94.52 125.80 -35.99
CA TRP B 222 -94.13 126.94 -35.16
C TRP B 222 -93.56 126.42 -33.85
N ILE B 223 -92.44 127.02 -33.44
CA ILE B 223 -91.73 126.64 -32.23
C ILE B 223 -91.43 127.88 -31.43
N VAL B 224 -91.68 127.83 -30.13
CA VAL B 224 -91.43 128.96 -29.24
C VAL B 224 -90.05 128.81 -28.62
N THR B 225 -89.35 129.92 -28.46
CA THR B 225 -88.05 129.93 -27.82
C THR B 225 -87.78 131.35 -27.32
N ALA B 226 -86.53 131.64 -26.99
CA ALA B 226 -86.15 132.93 -26.41
C ALA B 226 -85.53 133.83 -27.46
N ALA B 227 -85.61 135.14 -27.19
CA ALA B 227 -85.05 136.14 -28.09
C ALA B 227 -83.53 136.23 -27.98
N HIS B 228 -82.97 136.05 -26.79
CA HIS B 228 -81.53 136.10 -26.67
C HIS B 228 -80.86 134.92 -27.36
N CYS B 229 -81.60 133.87 -27.69
CA CYS B 229 -81.03 132.76 -28.44
C CYS B 229 -80.74 133.17 -29.89
N VAL B 230 -81.60 133.99 -30.50
CA VAL B 230 -81.53 134.29 -31.91
C VAL B 230 -81.08 135.72 -32.19
N GLU B 231 -80.71 136.46 -31.14
CA GLU B 231 -80.25 137.84 -31.32
C GLU B 231 -79.07 137.89 -32.28
N LYS B 232 -78.86 139.15 -32.61
CA LYS B 232 -77.95 139.89 -33.50
C LYS B 232 -76.96 139.13 -34.30
N PRO B 233 -75.88 138.52 -33.78
CA PRO B 233 -74.98 137.79 -34.58
C PRO B 233 -75.65 136.55 -35.14
N LEU B 234 -76.49 135.93 -34.39
CA LEU B 234 -76.95 134.60 -34.80
C LEU B 234 -78.33 134.73 -35.37
N ASN B 235 -78.65 135.47 -36.43
CA ASN B 235 -80.10 135.71 -36.63
C ASN B 235 -80.56 135.29 -37.96
N ASN B 236 -79.77 134.56 -38.62
CA ASN B 236 -80.27 134.14 -39.90
C ASN B 236 -80.99 132.89 -39.68
N PRO B 237 -82.17 132.60 -40.21
CA PRO B 237 -82.70 131.26 -40.27
C PRO B 237 -81.93 130.09 -40.90
N TRP B 238 -80.67 130.18 -41.05
CA TRP B 238 -79.95 129.29 -41.90
C TRP B 238 -78.90 128.77 -41.00
N HIS B 239 -78.81 129.39 -39.91
CA HIS B 239 -77.90 128.93 -38.87
C HIS B 239 -78.51 127.82 -38.03
N TRP B 240 -79.83 127.81 -37.88
CA TRP B 240 -80.52 126.97 -36.91
C TRP B 240 -81.04 125.68 -37.53
N THR B 241 -81.32 124.72 -36.65
CA THR B 241 -81.87 123.42 -37.03
C THR B 241 -82.48 122.80 -35.78
N ALA B 242 -83.61 122.11 -35.95
CA ALA B 242 -84.40 121.60 -34.82
C ALA B 242 -84.53 120.09 -34.90
N PHE B 243 -84.54 119.46 -33.72
CA PHE B 243 -84.69 118.01 -33.58
C PHE B 243 -85.79 117.71 -32.58
N ALA B 244 -86.75 116.89 -32.97
CA ALA B 244 -87.92 116.59 -32.15
C ALA B 244 -88.11 115.08 -32.04
N GLY B 245 -88.47 114.62 -30.85
CA GLY B 245 -88.72 113.21 -30.61
C GLY B 245 -87.49 112.38 -30.35
N ILE B 246 -86.31 112.98 -30.35
CA ILE B 246 -85.04 112.30 -30.10
C ILE B 246 -84.58 112.67 -28.70
N LEU B 247 -84.24 111.66 -27.91
CA LEU B 247 -83.88 111.88 -26.51
C LEU B 247 -82.40 112.05 -26.26
N ARG B 248 -81.55 111.46 -27.09
CA ARG B 248 -80.10 111.43 -26.86
C ARG B 248 -79.43 112.46 -27.76
N GLN B 249 -78.64 113.35 -27.14
CA GLN B 249 -77.87 114.30 -27.92
C GLN B 249 -76.97 113.60 -28.92
N SER B 250 -76.44 112.44 -28.54
CA SER B 250 -75.58 111.68 -29.46
C SER B 250 -76.36 111.24 -30.70
N PHE B 251 -77.68 111.11 -30.59
CA PHE B 251 -78.51 110.64 -31.68
C PHE B 251 -79.09 111.76 -32.52
N MET B 252 -78.73 113.02 -32.25
CA MET B 252 -79.15 114.13 -33.09
C MET B 252 -78.06 114.35 -34.15
N PHE B 253 -78.17 113.60 -35.24
CA PHE B 253 -77.16 113.62 -36.28
C PHE B 253 -77.18 114.92 -37.07
N TYR B 254 -76.12 115.12 -37.85
CA TYR B 254 -76.07 116.23 -38.80
C TYR B 254 -76.92 115.91 -40.02
N GLY B 255 -77.65 116.91 -40.49
CA GLY B 255 -78.49 116.75 -41.67
C GLY B 255 -79.80 116.03 -41.43
N ALA B 256 -80.16 115.78 -40.17
CA ALA B 256 -81.41 115.09 -39.84
C ALA B 256 -82.43 115.98 -39.16
N GLY B 257 -82.05 117.20 -38.77
CA GLY B 257 -82.98 118.11 -38.14
C GLY B 257 -83.87 118.82 -39.12
N TYR B 258 -84.68 119.73 -38.61
CA TYR B 258 -85.61 120.50 -39.42
C TYR B 258 -85.10 121.93 -39.59
N GLN B 259 -85.00 122.37 -40.84
CA GLN B 259 -84.44 123.68 -41.14
C GLN B 259 -85.44 124.77 -40.82
N VAL B 260 -84.97 125.82 -40.16
CA VAL B 260 -85.83 126.94 -39.77
C VAL B 260 -85.86 127.96 -40.90
N GLU B 261 -87.04 128.26 -41.41
CA GLU B 261 -87.21 129.12 -42.57
C GLU B 261 -87.51 130.56 -42.21
N LYS B 262 -87.53 130.90 -40.92
CA LYS B 262 -87.73 132.29 -40.52
C LYS B 262 -87.49 132.40 -39.02
N VAL B 263 -87.01 133.57 -38.60
CA VAL B 263 -86.74 133.85 -37.20
C VAL B 263 -87.40 135.18 -36.87
N ILE B 264 -88.30 135.17 -35.88
CA ILE B 264 -89.09 136.33 -35.51
C ILE B 264 -88.89 136.58 -34.04
N SER B 265 -88.24 137.68 -33.70
CA SER B 265 -88.04 138.12 -32.33
C SER B 265 -89.02 139.24 -32.00
N HIS B 266 -89.38 139.33 -30.74
CA HIS B 266 -90.34 140.33 -30.32
C HIS B 266 -89.74 141.72 -30.51
N PRO B 267 -90.44 142.65 -31.18
CA PRO B 267 -89.85 143.98 -31.40
C PRO B 267 -89.48 144.70 -30.12
N ASN B 268 -90.23 144.51 -29.03
CA ASN B 268 -89.92 145.18 -27.76
C ASN B 268 -88.64 144.66 -27.14
N TYR B 269 -88.22 143.44 -27.47
CA TYR B 269 -87.06 142.82 -26.83
C TYR B 269 -85.93 143.82 -26.64
N ASP B 270 -85.43 143.90 -25.41
CA ASP B 270 -84.35 144.81 -25.04
C ASP B 270 -83.13 143.96 -24.66
N SER B 271 -82.05 144.10 -25.43
CA SER B 271 -80.92 143.20 -25.29
C SER B 271 -80.29 143.25 -23.89
N LYS B 272 -80.49 144.34 -23.15
CA LYS B 272 -79.91 144.45 -21.82
C LYS B 272 -80.78 143.79 -20.76
N THR B 273 -82.05 144.15 -20.69
CA THR B 273 -82.95 143.69 -19.64
C THR B 273 -83.61 142.36 -19.96
N LYS B 274 -83.32 141.99 -21.13
CA LYS B 274 -83.91 140.87 -21.84
C LYS B 274 -85.40 140.75 -21.71
N ASN B 275 -86.15 141.86 -21.40
CA ASN B 275 -87.59 141.99 -21.33
C ASN B 275 -88.23 141.53 -22.62
N ASN B 276 -89.36 140.82 -22.50
CA ASN B 276 -90.08 140.29 -23.66
C ASN B 276 -89.24 139.26 -24.41
N ASP B 277 -88.48 138.46 -23.66
CA ASP B 277 -87.56 137.48 -24.24
C ASP B 277 -88.37 136.29 -24.75
N ILE B 278 -88.83 136.40 -25.99
CA ILE B 278 -89.56 135.34 -26.65
C ILE B 278 -89.36 135.49 -28.15
N ALA B 279 -89.20 134.36 -28.84
CA ALA B 279 -88.98 134.37 -30.28
C ALA B 279 -89.76 133.24 -30.91
N LEU B 280 -90.16 133.46 -32.16
CA LEU B 280 -90.88 132.47 -32.94
C LEU B 280 -89.99 131.98 -34.07
N MET B 281 -89.93 130.67 -34.27
CA MET B 281 -89.02 130.06 -35.23
C MET B 281 -89.84 129.13 -36.12
N LYS B 282 -90.23 129.62 -37.29
CA LYS B 282 -91.11 128.90 -38.19
C LYS B 282 -90.30 127.90 -39.02
N LEU B 283 -90.65 126.62 -38.90
CA LEU B 283 -89.93 125.58 -39.63
C LEU B 283 -90.29 125.63 -41.11
N GLN B 284 -89.37 125.12 -41.93
CA GLN B 284 -89.58 125.09 -43.38
C GLN B 284 -90.59 124.01 -43.78
N LYS B 285 -90.72 122.95 -42.97
CA LYS B 285 -91.66 121.88 -43.24
C LYS B 285 -92.46 121.58 -41.98
N PRO B 286 -93.72 121.16 -42.10
CA PRO B 286 -94.52 120.90 -40.90
C PRO B 286 -93.99 119.71 -40.12
N LEU B 287 -94.22 119.75 -38.81
CA LEU B 287 -93.90 118.62 -37.95
C LEU B 287 -95.01 117.58 -38.02
N THR B 288 -94.61 116.32 -38.18
CA THR B 288 -95.56 115.20 -38.17
C THR B 288 -95.73 114.76 -36.72
N PHE B 289 -96.98 114.71 -36.27
CA PHE B 289 -97.30 114.45 -34.88
C PHE B 289 -97.62 112.99 -34.66
N ASN B 290 -97.05 112.43 -33.60
CA ASN B 290 -97.24 111.02 -33.25
C ASN B 290 -97.17 110.91 -31.73
N ASP B 291 -96.97 109.69 -31.23
CA ASP B 291 -96.86 109.51 -29.78
C ASP B 291 -95.67 110.26 -29.21
N LEU B 292 -94.60 110.42 -29.97
CA LEU B 292 -93.39 111.07 -29.51
C LEU B 292 -93.34 112.56 -29.84
N VAL B 293 -94.20 113.05 -30.74
CA VAL B 293 -94.25 114.47 -31.09
C VAL B 293 -95.70 114.93 -31.01
N LYS B 294 -95.94 115.99 -30.25
CA LYS B 294 -97.29 116.50 -30.02
C LYS B 294 -97.17 117.94 -29.56
N PRO B 295 -98.15 118.78 -29.86
CA PRO B 295 -98.11 120.18 -29.39
C PRO B 295 -98.35 120.29 -27.90
N VAL B 296 -98.10 121.50 -27.40
CA VAL B 296 -98.43 121.88 -26.03
C VAL B 296 -99.36 123.08 -26.12
N CYS B 297 -100.51 123.01 -25.45
CA CYS B 297 -101.50 124.06 -25.59
C CYS B 297 -100.99 125.36 -25.00
N LEU B 298 -101.49 126.46 -25.54
CA LEU B 298 -101.16 127.78 -25.05
C LEU B 298 -102.04 128.15 -23.87
N PRO B 299 -101.60 129.06 -23.01
CA PRO B 299 -102.45 129.49 -21.88
C PRO B 299 -103.61 130.33 -22.38
N ASN B 300 -104.82 129.86 -22.12
CA ASN B 300 -106.02 130.62 -22.44
C ASN B 300 -106.25 131.70 -21.38
N PRO B 301 -106.91 132.80 -21.73
CA PRO B 301 -107.20 133.83 -20.72
C PRO B 301 -108.09 133.28 -19.61
N GLY B 302 -107.82 133.74 -18.39
CA GLY B 302 -108.59 133.31 -17.24
C GLY B 302 -108.26 131.89 -16.80
N MET B 303 -107.03 131.67 -16.35
CA MET B 303 -106.58 130.36 -15.89
C MET B 303 -106.44 130.26 -14.38
N MET B 304 -106.26 131.38 -13.68
CA MET B 304 -106.21 131.39 -12.22
C MET B 304 -105.09 130.49 -11.68
N LEU B 305 -103.86 130.84 -12.05
CA LEU B 305 -102.71 130.12 -11.53
C LEU B 305 -102.66 130.25 -10.02
N GLN B 306 -102.60 129.11 -9.33
CA GLN B 306 -102.50 129.14 -7.88
C GLN B 306 -101.14 129.67 -7.47
N PRO B 307 -101.01 130.18 -6.24
CA PRO B 307 -99.77 130.88 -5.87
C PRO B 307 -98.51 130.05 -6.09
N GLU B 308 -98.56 128.75 -5.85
CA GLU B 308 -97.36 127.91 -6.02
C GLU B 308 -97.82 126.60 -6.67
N GLN B 309 -97.76 126.55 -7.99
CA GLN B 309 -98.22 125.41 -8.75
C GLN B 309 -97.25 124.24 -8.56
N LEU B 310 -97.48 123.16 -9.30
CA LEU B 310 -96.54 122.05 -9.40
C LEU B 310 -96.28 121.87 -10.90
N CYS B 311 -95.25 122.56 -11.39
CA CYS B 311 -94.88 122.52 -12.79
C CYS B 311 -93.80 121.48 -13.02
N TRP B 312 -93.39 121.33 -14.27
CA TRP B 312 -92.25 120.50 -14.61
C TRP B 312 -91.36 121.29 -15.55
N ILE B 313 -90.06 120.99 -15.52
CA ILE B 313 -89.08 121.63 -16.39
C ILE B 313 -88.28 120.53 -17.09
N SER B 314 -88.12 120.67 -18.40
CA SER B 314 -87.44 119.68 -19.22
C SER B 314 -86.40 120.37 -20.09
N GLY B 315 -85.37 119.61 -20.45
CA GLY B 315 -84.35 120.08 -21.36
C GLY B 315 -83.03 119.40 -21.10
N TRP B 316 -82.12 119.54 -22.08
CA TRP B 316 -80.79 118.98 -21.98
C TRP B 316 -79.88 120.01 -21.31
N GLY B 317 -79.37 119.66 -20.14
CA GLY B 317 -78.47 120.55 -19.43
C GLY B 317 -77.39 119.80 -18.68
N ALA B 318 -77.20 120.14 -17.40
CA ALA B 318 -76.28 119.40 -16.54
C ALA B 318 -76.72 119.62 -15.09
N THR B 319 -77.35 118.61 -14.50
CA THR B 319 -77.66 118.68 -13.07
C THR B 319 -76.41 119.03 -12.28
N GLU B 320 -75.28 118.45 -12.66
CA GLU B 320 -74.00 118.79 -12.05
C GLU B 320 -73.55 120.17 -12.51
N GLU B 321 -73.17 121.03 -11.58
CA GLU B 321 -72.63 122.32 -11.95
C GLU B 321 -71.24 122.13 -12.56
N LYS B 322 -70.73 123.18 -13.19
CA LYS B 322 -69.50 123.09 -13.97
C LYS B 322 -69.65 122.06 -15.09
N GLY B 323 -70.87 121.93 -15.62
CA GLY B 323 -71.21 120.91 -16.56
C GLY B 323 -71.37 121.42 -17.98
N LYS B 324 -72.09 120.65 -18.78
CA LYS B 324 -72.23 120.88 -20.21
C LYS B 324 -73.63 120.43 -20.62
N THR B 325 -73.83 120.23 -21.92
CA THR B 325 -75.10 119.69 -22.40
C THR B 325 -75.20 118.21 -22.02
N SER B 326 -76.20 117.87 -21.22
CA SER B 326 -76.35 116.50 -20.77
C SER B 326 -76.58 115.57 -21.95
N GLU B 327 -76.03 114.36 -21.84
CA GLU B 327 -76.24 113.34 -22.87
C GLU B 327 -77.69 112.90 -22.95
N VAL B 328 -78.47 113.12 -21.89
CA VAL B 328 -79.83 112.64 -21.79
C VAL B 328 -80.76 113.81 -21.48
N LEU B 329 -82.01 113.68 -21.90
CA LEU B 329 -83.03 114.65 -21.56
C LEU B 329 -83.62 114.31 -20.20
N ASN B 330 -83.61 115.28 -19.30
CA ASN B 330 -84.09 115.09 -17.93
C ASN B 330 -85.36 115.91 -17.72
N ALA B 331 -85.94 115.77 -16.53
CA ALA B 331 -87.12 116.50 -16.16
C ALA B 331 -87.13 116.67 -14.66
N ALA B 332 -87.50 117.85 -14.18
CA ALA B 332 -87.41 118.18 -12.77
C ALA B 332 -88.67 118.90 -12.34
N LYS B 333 -89.32 118.40 -11.29
CA LYS B 333 -90.46 119.09 -10.71
C LYS B 333 -90.02 120.44 -10.18
N VAL B 334 -90.77 121.48 -10.50
CA VAL B 334 -90.46 122.83 -10.02
C VAL B 334 -91.73 123.44 -9.47
N LEU B 335 -91.57 124.41 -8.58
CA LEU B 335 -92.67 125.07 -7.91
C LEU B 335 -92.65 126.56 -8.26
N LEU B 336 -93.78 127.08 -8.73
CA LEU B 336 -93.84 128.49 -9.07
C LEU B 336 -93.55 129.33 -7.84
N ILE B 337 -93.19 130.58 -8.08
CA ILE B 337 -92.87 131.52 -7.02
C ILE B 337 -93.58 132.84 -7.31
N GLU B 338 -94.19 133.40 -6.29
CA GLU B 338 -94.93 134.64 -6.46
C GLU B 338 -93.99 135.79 -6.84
N THR B 339 -94.41 136.59 -7.80
CA THR B 339 -93.58 137.70 -8.26
C THR B 339 -93.32 138.72 -7.17
N GLN B 340 -94.15 138.77 -6.13
CA GLN B 340 -93.89 139.67 -5.02
C GLN B 340 -92.78 139.13 -4.12
N ARG B 341 -92.54 137.82 -4.17
CA ARG B 341 -91.44 137.23 -3.43
C ARG B 341 -90.17 137.15 -4.27
N CYS B 342 -90.31 136.82 -5.56
CA CYS B 342 -89.14 136.70 -6.43
C CYS B 342 -88.48 138.03 -6.70
N ASN B 343 -89.17 139.15 -6.52
CA ASN B 343 -88.60 140.47 -6.68
C ASN B 343 -88.16 141.09 -5.36
N SER B 344 -88.13 140.24 -4.38
CA SER B 344 -87.71 140.74 -3.06
C SER B 344 -86.22 141.14 -3.03
N ARG B 345 -85.77 141.72 -1.92
CA ARG B 345 -84.30 141.88 -1.90
C ARG B 345 -83.64 140.70 -1.23
N TYR B 346 -83.80 139.50 -1.70
CA TYR B 346 -82.94 138.45 -1.20
C TYR B 346 -83.04 137.66 -2.40
N VAL B 347 -83.86 138.15 -3.29
CA VAL B 347 -83.87 137.25 -4.43
C VAL B 347 -83.36 137.96 -5.67
N TYR B 348 -84.08 138.99 -6.13
CA TYR B 348 -83.70 139.69 -7.34
C TYR B 348 -83.86 141.19 -7.27
N ASP B 349 -84.34 141.76 -6.17
CA ASP B 349 -84.58 143.23 -6.01
C ASP B 349 -85.12 143.95 -7.26
N ASN B 350 -86.32 143.66 -7.65
CA ASN B 350 -87.00 144.28 -8.82
C ASN B 350 -86.34 143.97 -10.13
N LEU B 351 -85.70 142.85 -10.25
CA LEU B 351 -85.13 142.62 -11.58
C LEU B 351 -86.28 142.13 -12.43
N ILE B 352 -87.39 141.57 -11.87
CA ILE B 352 -88.35 140.80 -12.67
C ILE B 352 -89.50 141.71 -13.08
N THR B 353 -89.80 141.73 -14.37
CA THR B 353 -90.83 142.57 -14.95
C THR B 353 -92.12 141.78 -15.11
N PRO B 354 -93.22 142.44 -15.50
CA PRO B 354 -94.50 141.73 -15.59
C PRO B 354 -94.50 140.56 -16.57
N ALA B 355 -93.62 140.56 -17.56
CA ALA B 355 -93.58 139.49 -18.55
C ALA B 355 -92.65 138.34 -18.16
N MET B 356 -92.29 138.23 -16.89
CA MET B 356 -91.35 137.23 -16.42
C MET B 356 -91.96 136.43 -15.27
N ILE B 357 -91.53 135.17 -15.16
CA ILE B 357 -92.07 134.23 -14.17
C ILE B 357 -90.94 133.42 -13.56
N CYS B 358 -91.00 133.21 -12.25
CA CYS B 358 -90.03 132.42 -11.51
C CYS B 358 -90.60 131.05 -11.17
N ALA B 359 -89.75 130.02 -11.22
CA ALA B 359 -90.16 128.67 -10.84
C ALA B 359 -88.92 127.93 -10.33
N GLY B 360 -88.74 127.90 -9.02
CA GLY B 360 -87.63 127.22 -8.38
C GLY B 360 -88.04 125.88 -7.81
N PHE B 361 -87.33 125.46 -6.76
CA PHE B 361 -87.72 124.29 -5.99
C PHE B 361 -87.12 124.39 -4.60
N LEU B 362 -87.96 124.33 -3.57
CA LEU B 362 -87.49 124.45 -2.21
C LEU B 362 -86.52 123.32 -1.88
N GLN B 363 -85.51 123.63 -1.09
CA GLN B 363 -84.41 122.71 -0.74
C GLN B 363 -83.42 122.60 -1.90
N GLY B 364 -83.64 123.37 -2.96
CA GLY B 364 -82.77 123.29 -4.12
C GLY B 364 -82.81 121.90 -4.72
N ASN B 365 -81.64 121.41 -5.15
CA ASN B 365 -81.49 120.06 -5.68
C ASN B 365 -82.20 119.89 -7.02
N VAL B 366 -82.88 120.93 -7.50
CA VAL B 366 -83.55 120.85 -8.80
C VAL B 366 -83.84 122.26 -9.33
N ASP B 367 -83.47 122.49 -10.57
CA ASP B 367 -83.75 123.74 -11.28
C ASP B 367 -83.32 123.53 -12.73
N SER B 368 -83.38 124.58 -13.54
CA SER B 368 -82.95 124.52 -14.93
C SER B 368 -81.42 124.55 -14.96
N CYS B 369 -80.85 124.69 -16.16
CA CYS B 369 -79.40 124.77 -16.32
C CYS B 369 -79.10 125.11 -17.77
N GLN B 370 -77.81 125.31 -18.05
CA GLN B 370 -77.38 125.68 -19.40
C GLN B 370 -77.78 124.60 -20.39
N GLY B 371 -78.20 125.04 -21.58
CA GLY B 371 -78.84 124.16 -22.52
C GLY B 371 -80.33 123.98 -22.29
N ASP B 372 -80.83 124.41 -21.14
CA ASP B 372 -82.26 124.47 -20.87
C ASP B 372 -82.75 125.90 -20.96
N SER B 373 -82.01 126.75 -21.65
CA SER B 373 -82.42 128.13 -21.92
C SER B 373 -83.15 128.15 -23.25
N GLY B 374 -84.39 128.64 -23.23
CA GLY B 374 -85.29 128.45 -24.33
C GLY B 374 -86.11 127.19 -24.25
N GLY B 375 -86.19 126.56 -23.08
CA GLY B 375 -86.94 125.35 -22.90
C GLY B 375 -88.31 125.60 -22.29
N PRO B 376 -89.18 124.61 -22.33
CA PRO B 376 -90.57 124.82 -21.89
C PRO B 376 -90.81 124.57 -20.40
N LEU B 377 -91.49 125.51 -19.74
CA LEU B 377 -92.05 125.30 -18.42
C LEU B 377 -93.54 125.04 -18.56
N VAL B 378 -94.00 123.87 -18.10
CA VAL B 378 -95.37 123.45 -18.32
C VAL B 378 -95.98 122.94 -17.02
N THR B 379 -97.31 122.97 -16.96
CA THR B 379 -98.07 122.48 -15.83
C THR B 379 -99.27 121.70 -16.34
N SER B 380 -99.94 121.01 -15.42
CA SER B 380 -101.17 120.27 -15.72
C SER B 380 -102.30 120.84 -14.88
N LYS B 381 -103.32 121.38 -15.55
CA LYS B 381 -104.52 121.88 -14.89
C LYS B 381 -105.72 121.46 -15.73
N ASN B 382 -106.70 120.86 -15.08
CA ASN B 382 -107.91 120.38 -15.75
C ASN B 382 -107.55 119.38 -16.85
N ASN B 383 -106.56 118.53 -16.60
CA ASN B 383 -106.21 117.40 -17.45
C ASN B 383 -105.50 117.80 -18.74
N ILE B 384 -104.97 119.02 -18.82
CA ILE B 384 -104.31 119.51 -20.03
C ILE B 384 -102.96 120.10 -19.65
N TRP B 385 -101.92 119.72 -20.40
CA TRP B 385 -100.59 120.31 -20.22
C TRP B 385 -100.56 121.69 -20.85
N TRP B 386 -100.31 122.72 -20.03
CA TRP B 386 -100.27 124.10 -20.49
C TRP B 386 -98.82 124.59 -20.52
N LEU B 387 -98.55 125.54 -21.41
CA LEU B 387 -97.24 126.17 -21.53
C LEU B 387 -97.25 127.46 -20.72
N ILE B 388 -96.41 127.53 -19.68
CA ILE B 388 -96.39 128.72 -18.83
C ILE B 388 -95.41 129.75 -19.37
N GLY B 389 -94.21 129.31 -19.73
CA GLY B 389 -93.19 130.23 -20.18
C GLY B 389 -92.03 129.51 -20.83
N ASP B 390 -90.96 130.25 -21.06
CA ASP B 390 -89.71 129.69 -21.55
C ASP B 390 -88.55 130.33 -20.81
N THR B 391 -87.45 129.59 -20.71
CA THR B 391 -86.35 129.97 -19.82
C THR B 391 -85.68 131.27 -20.28
N SER B 392 -85.35 132.11 -19.29
CA SER B 392 -84.67 133.37 -19.57
C SER B 392 -83.27 133.43 -18.95
N TRP B 393 -83.15 133.29 -17.64
CA TRP B 393 -81.85 133.43 -16.99
C TRP B 393 -81.97 133.06 -15.51
N GLY B 394 -80.83 132.91 -14.86
CA GLY B 394 -80.77 132.54 -13.46
C GLY B 394 -79.43 132.93 -12.84
N SER B 395 -79.28 132.61 -11.56
CA SER B 395 -78.10 132.98 -10.80
C SER B 395 -77.58 131.84 -9.92
N GLY B 396 -77.40 130.65 -10.49
CA GLY B 396 -76.90 129.52 -9.74
C GLY B 396 -77.48 128.18 -10.14
N CYS B 397 -78.70 128.15 -10.68
CA CYS B 397 -79.14 126.99 -11.45
C CYS B 397 -79.02 125.68 -10.65
N ALA B 398 -79.92 125.48 -9.68
CA ALA B 398 -79.80 124.40 -8.69
C ALA B 398 -78.91 124.84 -7.53
N LYS B 399 -78.79 126.15 -7.35
CA LYS B 399 -78.21 126.76 -6.15
C LYS B 399 -79.26 127.71 -5.57
N ALA B 400 -80.45 127.16 -5.33
CA ALA B 400 -81.65 127.95 -5.10
C ALA B 400 -81.45 128.95 -3.97
N TYR B 401 -82.45 129.82 -3.81
CA TYR B 401 -82.33 131.15 -3.22
C TYR B 401 -81.81 132.10 -4.29
N ARG B 402 -81.54 131.56 -5.48
CA ARG B 402 -81.30 132.34 -6.70
C ARG B 402 -81.90 131.53 -7.84
N PRO B 403 -83.23 131.41 -7.88
CA PRO B 403 -83.86 130.52 -8.87
C PRO B 403 -83.87 131.07 -10.29
N GLY B 404 -84.41 130.27 -11.22
CA GLY B 404 -84.47 130.66 -12.61
C GLY B 404 -85.64 131.56 -12.92
N VAL B 405 -85.67 132.05 -14.15
CA VAL B 405 -86.71 132.97 -14.61
C VAL B 405 -87.14 132.56 -16.01
N TYR B 406 -88.44 132.70 -16.29
CA TYR B 406 -89.00 132.36 -17.57
C TYR B 406 -89.92 133.48 -18.04
N GLY B 407 -90.01 133.65 -19.36
CA GLY B 407 -90.92 134.63 -19.92
C GLY B 407 -92.36 134.17 -19.86
N ASN B 408 -93.26 135.13 -19.81
CA ASN B 408 -94.69 134.86 -19.60
C ASN B 408 -95.36 134.65 -20.95
N VAL B 409 -95.64 133.38 -21.27
CA VAL B 409 -96.23 133.04 -22.56
C VAL B 409 -97.62 133.63 -22.69
N MET B 410 -98.37 133.67 -21.58
CA MET B 410 -99.73 134.19 -21.63
C MET B 410 -99.75 135.64 -22.11
N VAL B 411 -98.79 136.45 -21.66
CA VAL B 411 -98.78 137.86 -22.02
C VAL B 411 -98.49 138.03 -23.51
N PHE B 412 -97.64 137.18 -24.09
CA PHE B 412 -97.29 137.29 -25.50
C PHE B 412 -98.24 136.55 -26.43
N THR B 413 -99.17 135.76 -25.88
CA THR B 413 -100.00 134.90 -26.72
C THR B 413 -100.69 135.68 -27.84
N ASP B 414 -101.11 136.92 -27.58
CA ASP B 414 -101.77 137.70 -28.62
C ASP B 414 -100.82 138.04 -29.77
N TRP B 415 -99.58 138.42 -29.44
CA TRP B 415 -98.58 138.66 -30.48
C TRP B 415 -98.26 137.37 -31.22
N ILE B 416 -98.25 136.24 -30.52
CA ILE B 416 -98.04 134.95 -31.19
C ILE B 416 -99.15 134.71 -32.20
N TYR B 417 -100.40 134.95 -31.80
CA TYR B 417 -101.53 134.77 -32.71
C TYR B 417 -101.40 135.70 -33.91
N ARG B 418 -101.02 136.96 -33.66
CA ARG B 418 -100.88 137.90 -34.77
C ARG B 418 -99.79 137.46 -35.75
N GLN B 419 -98.67 136.98 -35.24
CA GLN B 419 -97.58 136.54 -36.13
C GLN B 419 -98.00 135.32 -36.93
N MET B 420 -98.69 134.38 -36.31
CA MET B 420 -99.22 133.24 -37.07
C MET B 420 -100.24 133.69 -38.10
N ARG B 421 -101.06 134.68 -37.75
CA ARG B 421 -102.13 135.14 -38.64
C ARG B 421 -101.57 135.83 -39.86
N ALA B 422 -100.61 136.73 -39.68
CA ALA B 422 -100.04 137.45 -40.81
C ALA B 422 -99.34 136.51 -41.78
N ASP B 423 -98.59 135.53 -41.24
CA ASP B 423 -97.89 134.58 -42.09
C ASP B 423 -98.83 133.76 -42.95
N GLY B 424 -100.10 133.66 -42.58
CA GLY B 424 -101.06 132.88 -43.36
C GLY B 424 -101.53 133.58 -44.61
ZN ZN C . 51.26 -71.38 60.10
#